data_3ZXV
#
_entry.id   3ZXV
#
_cell.length_a   132.590
_cell.length_b   227.150
_cell.length_c   201.620
_cell.angle_alpha   90.00
_cell.angle_beta   90.00
_cell.angle_gamma   90.00
#
_symmetry.space_group_name_H-M   'C 2 2 21'
#
loop_
_entity.id
_entity.type
_entity.pdbx_description
1 polymer 'GLUTAMINE SYNTHETASE 1'
2 non-polymer 4-(2-TERT-BUTYL-4-(6-METHOXYNAPHTHALEN-2-YL)-3H-IMIDAZOL-4-YL)PYRIDIN-2-AMINE
3 non-polymer 'MAGNESIUM ION'
4 non-polymer 'L-METHIONINE-S-SULFOXIMINE PHOSPHATE'
5 non-polymer 'PHOSPHATE ION'
6 non-polymer 'CHLORIDE ION'
7 water water
#
_entity_poly.entity_id   1
_entity_poly.type   'polypeptide(L)'
_entity_poly.pdbx_seq_one_letter_code
;MAHHHHHHGTEKTPDDVFKLAKDEKVEYVDVRFCDLPGIMQHFTIPASAFDKSVFDDGLAFDGSSIRGFQSIHESDMLLL
PDPETARIDPFRAAKTLNINFFVHDPFTLEPYSRDPRNIARKAENYLISTGIADTAYFGAEAEFYIFDSVSFDSRANGSF
YEVDAISGWWNTGAATEADGSPNRGYKVRHKGGYFPVAPNDQYVDLRDKMLTNLINSGFILEKGHHEVGSGGQAEINYQF
NSLLHAADDMQLYKYIIKNTAWQNGKTVTFMPKPLFGDNGSGMHCHQSLWKDGAPLMYDETGYAGLSDTARHYIGGLLHH
APSLLAFTNPTVNSYKRLVPGYEAPINLVYSQRNRSACVRIPITGSNPKAKRLEFRSPDSSGNPYLAFSAMLMAGLDGIK
NKIEPQAPVDKDLYELPPEEAASIPQTPTQLSDVIDRLEADHEYLTEGGVFTNDLIETWISFKRENEIEPVNIRPHPYEF
ALYYDV
;
_entity_poly.pdbx_strand_id   A,B,C,D,E,F
#
loop_
_chem_comp.id
_chem_comp.type
_chem_comp.name
_chem_comp.formula
CL non-polymer 'CHLORIDE ION' 'Cl -1'
MG non-polymer 'MAGNESIUM ION' 'Mg 2'
MXI non-polymer 4-(2-TERT-BUTYL-4-(6-METHOXYNAPHTHALEN-2-YL)-3H-IMIDAZOL-4-YL)PYRIDIN-2-AMINE 'C23 H24 N4 O'
P3S non-polymer 'L-METHIONINE-S-SULFOXIMINE PHOSPHATE' 'C5 H13 N2 O6 P S'
PO4 non-polymer 'PHOSPHATE ION' 'O4 P -3'
#
# COMPACT_ATOMS: atom_id res chain seq x y z
N LYS A 12 50.46 2.34 -4.90
CA LYS A 12 50.04 1.65 -3.65
C LYS A 12 50.86 0.37 -3.40
N THR A 13 50.94 -0.03 -2.14
CA THR A 13 51.70 -1.21 -1.71
C THR A 13 50.74 -2.19 -1.00
N PRO A 14 51.19 -3.43 -0.73
CA PRO A 14 50.39 -4.33 0.10
C PRO A 14 49.90 -3.70 1.43
N ASP A 15 50.78 -3.04 2.17
CA ASP A 15 50.42 -2.43 3.46
C ASP A 15 49.41 -1.29 3.34
N ASP A 16 49.48 -0.55 2.24
CA ASP A 16 48.48 0.48 1.95
C ASP A 16 47.07 -0.12 1.88
N VAL A 17 46.96 -1.28 1.24
CA VAL A 17 45.67 -1.94 1.05
C VAL A 17 45.14 -2.52 2.37
N PHE A 18 46.02 -3.10 3.17
CA PHE A 18 45.65 -3.59 4.50
C PHE A 18 45.16 -2.45 5.38
N LYS A 19 45.83 -1.30 5.29
CA LYS A 19 45.45 -0.14 6.09
C LYS A 19 44.08 0.36 5.64
N LEU A 20 43.89 0.44 4.33
CA LEU A 20 42.60 0.86 3.78
C LEU A 20 41.46 -0.06 4.24
N ALA A 21 41.70 -1.37 4.15
CA ALA A 21 40.72 -2.38 4.57
C ALA A 21 40.37 -2.24 6.06
N LYS A 22 41.38 -1.98 6.88
CA LYS A 22 41.19 -1.83 8.31
C LYS A 22 40.48 -0.51 8.65
N ASP A 23 40.89 0.59 8.01
CA ASP A 23 40.30 1.91 8.26
C ASP A 23 38.86 2.02 7.81
N GLU A 24 38.52 1.31 6.72
CA GLU A 24 37.16 1.33 6.18
C GLU A 24 36.25 0.30 6.83
N LYS A 25 36.81 -0.46 7.78
CA LYS A 25 36.08 -1.53 8.48
C LYS A 25 35.38 -2.47 7.47
N VAL A 26 36.17 -2.92 6.49
CA VAL A 26 35.75 -3.80 5.43
C VAL A 26 35.39 -5.22 5.95
N GLU A 27 34.22 -5.71 5.57
CA GLU A 27 33.80 -7.08 5.92
C GLU A 27 34.25 -8.10 4.87
N TYR A 28 34.25 -7.70 3.59
CA TYR A 28 34.59 -8.64 2.52
C TYR A 28 35.56 -8.06 1.50
N VAL A 29 36.39 -8.92 0.93
CA VAL A 29 37.21 -8.52 -0.19
C VAL A 29 36.74 -9.25 -1.44
N ASP A 30 36.50 -8.49 -2.51
CA ASP A 30 36.07 -9.06 -3.77
C ASP A 30 37.26 -9.16 -4.70
N VAL A 31 37.60 -10.38 -5.09
CA VAL A 31 38.77 -10.72 -5.91
C VAL A 31 38.31 -10.76 -7.36
N ARG A 32 38.85 -9.86 -8.17
CA ARG A 32 38.42 -9.70 -9.57
C ARG A 32 39.55 -9.92 -10.58
N PHE A 33 39.18 -10.48 -11.73
CA PHE A 33 40.08 -10.60 -12.88
C PHE A 33 39.25 -10.60 -14.17
N CYS A 34 39.92 -10.48 -15.31
CA CYS A 34 39.22 -10.30 -16.57
C CYS A 34 39.22 -11.58 -17.38
N ASP A 35 38.06 -12.00 -17.89
CA ASP A 35 38.04 -13.12 -18.83
C ASP A 35 38.50 -12.63 -20.20
N LEU A 36 38.72 -13.54 -21.13
CA LEU A 36 39.26 -13.15 -22.43
C LEU A 36 38.33 -12.19 -23.24
N PRO A 37 37.02 -12.52 -23.35
CA PRO A 37 36.13 -11.60 -24.09
C PRO A 37 36.01 -10.20 -23.48
N GLY A 38 36.16 -10.07 -22.17
CA GLY A 38 36.22 -8.75 -21.52
C GLY A 38 35.22 -8.49 -20.40
N ILE A 39 34.68 -9.54 -19.80
CA ILE A 39 33.80 -9.40 -18.65
C ILE A 39 34.59 -9.72 -17.35
N MET A 40 34.48 -8.85 -16.36
CA MET A 40 35.13 -9.08 -15.08
C MET A 40 34.48 -10.24 -14.31
N GLN A 41 35.33 -11.01 -13.67
CA GLN A 41 34.94 -12.19 -12.94
C GLN A 41 35.27 -11.90 -11.49
N HIS A 42 34.55 -12.53 -10.57
CA HIS A 42 34.81 -12.30 -9.15
C HIS A 42 34.39 -13.44 -8.22
N PHE A 43 35.07 -13.50 -7.09
CA PHE A 43 34.58 -14.21 -5.92
C PHE A 43 34.92 -13.42 -4.68
N THR A 44 34.33 -13.80 -3.55
CA THR A 44 34.43 -13.02 -2.34
C THR A 44 35.13 -13.85 -1.26
N ILE A 45 36.03 -13.19 -0.53
CA ILE A 45 36.65 -13.77 0.64
C ILE A 45 36.35 -12.87 1.85
N PRO A 46 36.25 -13.44 3.06
CA PRO A 46 36.07 -12.55 4.22
C PRO A 46 37.33 -11.71 4.45
N ALA A 47 37.16 -10.55 5.09
CA ALA A 47 38.28 -9.71 5.48
C ALA A 47 39.31 -10.45 6.30
N SER A 48 38.83 -11.36 7.17
CA SER A 48 39.70 -12.20 7.98
C SER A 48 40.58 -13.16 7.17
N ALA A 49 40.23 -13.41 5.91
CA ALA A 49 41.06 -14.26 5.04
C ALA A 49 41.93 -13.43 4.11
N PHE A 50 41.85 -12.10 4.25
CA PHE A 50 42.68 -11.24 3.44
C PHE A 50 43.96 -10.89 4.18
N ASP A 51 45.03 -11.66 3.93
CA ASP A 51 46.29 -11.54 4.66
C ASP A 51 47.50 -11.56 3.71
N LYS A 52 48.70 -11.63 4.29
CA LYS A 52 49.93 -11.64 3.51
C LYS A 52 49.96 -12.80 2.53
N SER A 53 49.38 -13.92 2.95
CA SER A 53 49.33 -15.11 2.14
C SER A 53 48.68 -14.88 0.77
N VAL A 54 47.69 -13.98 0.72
CA VAL A 54 47.03 -13.61 -0.53
C VAL A 54 48.05 -13.00 -1.50
N PHE A 55 49.00 -12.24 -0.94
CA PHE A 55 50.08 -11.66 -1.75
C PHE A 55 51.21 -12.63 -2.07
N ASP A 56 51.54 -13.51 -1.13
CA ASP A 56 52.67 -14.42 -1.29
C ASP A 56 52.34 -15.67 -2.09
N ASP A 57 51.21 -16.29 -1.78
CA ASP A 57 50.80 -17.57 -2.37
C ASP A 57 49.73 -17.41 -3.46
N GLY A 58 48.91 -16.37 -3.34
CA GLY A 58 47.84 -16.17 -4.30
C GLY A 58 46.58 -16.96 -3.97
N LEU A 59 45.63 -16.94 -4.90
CA LEU A 59 44.35 -17.64 -4.73
C LEU A 59 44.04 -18.42 -5.99
N ALA A 60 43.32 -19.53 -5.83
CA ALA A 60 43.00 -20.42 -6.94
C ALA A 60 41.58 -20.22 -7.47
N PHE A 61 41.39 -20.60 -8.73
CA PHE A 61 40.07 -20.68 -9.33
C PHE A 61 40.06 -21.74 -10.44
N ASP A 62 38.88 -21.96 -11.01
CA ASP A 62 38.67 -22.94 -12.08
C ASP A 62 38.84 -22.27 -13.46
N GLY A 63 40.03 -22.41 -14.03
CA GLY A 63 40.35 -21.84 -15.35
C GLY A 63 39.49 -22.37 -16.48
N SER A 64 38.91 -23.55 -16.31
CA SER A 64 38.09 -24.15 -17.35
C SER A 64 36.67 -23.58 -17.44
N SER A 65 36.23 -22.86 -16.43
CA SER A 65 34.92 -22.24 -16.47
C SER A 65 34.97 -20.78 -16.96
N ILE A 66 36.18 -20.28 -17.18
CA ILE A 66 36.38 -18.92 -17.70
C ILE A 66 36.63 -18.96 -19.20
N ARG A 67 35.95 -18.09 -19.94
CA ARG A 67 36.02 -18.11 -21.39
C ARG A 67 37.41 -17.70 -21.90
N GLY A 68 37.96 -18.53 -22.77
CA GLY A 68 39.24 -18.26 -23.40
C GLY A 68 40.43 -18.67 -22.55
N PHE A 69 40.18 -19.33 -21.42
CA PHE A 69 41.27 -19.74 -20.53
C PHE A 69 41.64 -21.21 -20.74
N GLN A 70 41.33 -22.07 -19.77
CA GLN A 70 41.88 -23.43 -19.74
C GLN A 70 40.90 -24.50 -20.18
N SER A 71 41.44 -25.64 -20.57
CA SER A 71 40.64 -26.86 -20.72
C SER A 71 40.42 -27.49 -19.33
N ILE A 72 39.45 -28.39 -19.25
CA ILE A 72 39.05 -28.99 -17.96
C ILE A 72 40.15 -29.80 -17.24
N HIS A 73 41.00 -30.49 -18.00
CA HIS A 73 42.05 -31.31 -17.40
C HIS A 73 43.27 -30.50 -16.95
N GLU A 74 43.33 -29.24 -17.37
CA GLU A 74 44.36 -28.31 -16.90
C GLU A 74 43.71 -27.11 -16.22
N SER A 75 42.68 -27.38 -15.41
CA SER A 75 41.80 -26.32 -14.91
C SER A 75 42.40 -25.34 -13.91
N ASP A 76 43.08 -25.83 -12.86
CA ASP A 76 43.52 -24.94 -11.76
C ASP A 76 44.36 -23.79 -12.31
N MET A 77 44.01 -22.57 -11.89
CA MET A 77 44.83 -21.39 -12.18
C MET A 77 45.02 -20.57 -10.92
N LEU A 78 45.99 -19.67 -10.94
CA LEU A 78 46.33 -18.86 -9.77
C LEU A 78 46.06 -17.37 -10.01
N LEU A 79 45.77 -16.64 -8.94
CA LEU A 79 45.59 -15.19 -9.00
C LEU A 79 46.51 -14.50 -8.01
N LEU A 80 47.14 -13.41 -8.45
CA LEU A 80 48.01 -12.57 -7.58
C LEU A 80 47.53 -11.12 -7.65
N PRO A 81 47.40 -10.46 -6.48
CA PRO A 81 46.75 -9.15 -6.38
C PRO A 81 47.55 -8.01 -7.02
N ASP A 82 46.80 -6.98 -7.45
CA ASP A 82 47.38 -5.72 -7.92
C ASP A 82 46.87 -4.60 -7.00
N PRO A 83 47.69 -4.23 -6.00
CA PRO A 83 47.29 -3.27 -4.95
C PRO A 83 46.86 -1.89 -5.47
N GLU A 84 47.32 -1.50 -6.66
CA GLU A 84 46.90 -0.21 -7.25
C GLU A 84 45.41 -0.14 -7.55
N THR A 85 44.78 -1.30 -7.77
CA THR A 85 43.40 -1.34 -8.19
C THR A 85 42.38 -1.35 -7.03
N ALA A 86 42.85 -1.28 -5.78
CA ALA A 86 41.95 -1.43 -4.62
C ALA A 86 40.98 -0.25 -4.50
N ARG A 87 39.68 -0.55 -4.50
CA ARG A 87 38.64 0.47 -4.31
C ARG A 87 37.51 -0.07 -3.46
N ILE A 88 36.88 0.79 -2.68
CA ILE A 88 35.67 0.42 -1.93
C ILE A 88 34.50 0.28 -2.90
N ASP A 89 33.74 -0.80 -2.76
CA ASP A 89 32.54 -1.01 -3.56
C ASP A 89 31.41 -0.09 -3.07
N PRO A 90 30.82 0.69 -3.99
CA PRO A 90 29.73 1.61 -3.61
C PRO A 90 28.37 0.91 -3.38
N PHE A 91 28.25 -0.35 -3.77
CA PHE A 91 26.93 -0.97 -3.87
C PHE A 91 26.57 -1.92 -2.75
N ARG A 92 27.55 -2.69 -2.28
CA ARG A 92 27.24 -3.80 -1.38
C ARG A 92 26.95 -3.31 0.05
N ALA A 93 25.84 -3.78 0.63
CA ALA A 93 25.43 -3.41 2.00
C ALA A 93 26.49 -3.82 3.01
N ALA A 94 27.07 -5.01 2.84
CA ALA A 94 28.22 -5.42 3.62
C ALA A 94 29.46 -4.76 3.01
N LYS A 95 30.13 -3.90 3.77
CA LYS A 95 31.31 -3.15 3.28
C LYS A 95 32.34 -4.03 2.60
N THR A 96 32.68 -3.70 1.36
CA THR A 96 33.47 -4.55 0.49
C THR A 96 34.58 -3.78 -0.22
N LEU A 97 35.75 -4.39 -0.28
CA LEU A 97 36.89 -3.85 -0.99
C LEU A 97 37.13 -4.67 -2.26
N ASN A 98 37.10 -4.02 -3.42
CA ASN A 98 37.36 -4.67 -4.70
C ASN A 98 38.84 -4.54 -5.07
N ILE A 99 39.44 -5.62 -5.53
CA ILE A 99 40.83 -5.63 -5.96
C ILE A 99 40.95 -6.49 -7.21
N ASN A 100 41.60 -5.95 -8.23
CA ASN A 100 41.94 -6.71 -9.45
C ASN A 100 43.20 -7.55 -9.28
N PHE A 101 43.21 -8.70 -9.95
CA PHE A 101 44.30 -9.63 -9.84
C PHE A 101 44.85 -9.95 -11.22
N PHE A 102 46.10 -10.39 -11.24
CA PHE A 102 46.71 -10.97 -12.44
C PHE A 102 46.61 -12.50 -12.40
N VAL A 103 46.37 -13.12 -13.53
CA VAL A 103 46.29 -14.58 -13.62
C VAL A 103 47.68 -15.16 -13.84
N HIS A 104 48.05 -16.19 -13.08
CA HIS A 104 49.37 -16.83 -13.21
C HIS A 104 49.26 -18.35 -13.31
N ASP A 105 50.27 -18.95 -13.95
CA ASP A 105 50.41 -20.40 -13.97
C ASP A 105 50.62 -20.89 -12.55
N PRO A 106 49.89 -21.95 -12.14
CA PRO A 106 49.99 -22.40 -10.75
C PRO A 106 51.28 -23.16 -10.42
N PHE A 107 51.97 -23.70 -11.41
CA PHE A 107 53.25 -24.42 -11.21
C PHE A 107 54.45 -23.46 -11.22
N THR A 108 54.58 -22.69 -12.30
CA THR A 108 55.76 -21.83 -12.50
C THR A 108 55.58 -20.43 -11.92
N LEU A 109 54.33 -20.05 -11.65
CA LEU A 109 53.95 -18.68 -11.26
C LEU A 109 54.20 -17.64 -12.35
N GLU A 110 54.48 -18.09 -13.57
CA GLU A 110 54.62 -17.22 -14.73
C GLU A 110 53.27 -16.55 -15.06
N PRO A 111 53.30 -15.27 -15.51
CA PRO A 111 52.07 -14.59 -15.91
C PRO A 111 51.37 -15.33 -17.06
N TYR A 112 50.04 -15.40 -17.00
CA TYR A 112 49.28 -16.15 -18.00
C TYR A 112 49.27 -15.43 -19.34
N SER A 113 49.46 -16.19 -20.42
CA SER A 113 49.52 -15.59 -21.75
C SER A 113 48.16 -15.13 -22.27
N ARG A 114 47.08 -15.57 -21.61
CA ARG A 114 45.75 -15.17 -22.02
C ARG A 114 45.01 -14.34 -20.94
N ASP A 115 45.79 -13.76 -20.03
CA ASP A 115 45.30 -12.79 -19.06
C ASP A 115 45.33 -11.40 -19.75
N PRO A 116 44.15 -10.82 -20.01
CA PRO A 116 44.07 -9.50 -20.65
C PRO A 116 44.85 -8.46 -19.87
N ARG A 117 44.83 -8.52 -18.53
CA ARG A 117 45.63 -7.59 -17.73
C ARG A 117 47.13 -7.76 -17.95
N ASN A 118 47.57 -8.98 -18.26
CA ASN A 118 48.97 -9.23 -18.57
C ASN A 118 49.38 -8.65 -19.94
N ILE A 119 48.47 -8.73 -20.91
CA ILE A 119 48.69 -8.15 -22.23
C ILE A 119 48.94 -6.65 -22.15
N ALA A 120 48.12 -5.97 -21.34
CA ALA A 120 48.27 -4.55 -21.11
C ALA A 120 49.62 -4.25 -20.44
N ARG A 121 50.01 -5.09 -19.48
CA ARG A 121 51.30 -5.00 -18.78
C ARG A 121 52.46 -5.12 -19.79
N LYS A 122 52.36 -6.12 -20.66
CA LYS A 122 53.37 -6.37 -21.68
C LYS A 122 53.46 -5.24 -22.70
N ALA A 123 52.31 -4.69 -23.10
CA ALA A 123 52.29 -3.56 -24.04
C ALA A 123 53.05 -2.37 -23.46
N GLU A 124 52.80 -2.04 -22.20
CA GLU A 124 53.46 -0.91 -21.57
C GLU A 124 54.97 -1.09 -21.51
N ASN A 125 55.42 -2.32 -21.24
CA ASN A 125 56.84 -2.62 -21.17
C ASN A 125 57.51 -2.62 -22.52
N TYR A 126 56.79 -3.12 -23.54
CA TYR A 126 57.27 -3.12 -24.89
C TYR A 126 57.45 -1.68 -25.40
N LEU A 127 56.50 -0.81 -25.07
CA LEU A 127 56.62 0.61 -25.42
C LEU A 127 57.95 1.17 -24.93
N ILE A 128 58.23 0.98 -23.64
CA ILE A 128 59.46 1.50 -23.04
C ILE A 128 60.68 0.96 -23.80
N SER A 129 60.67 -0.35 -24.08
CA SER A 129 61.81 -1.03 -24.73
C SER A 129 62.10 -0.56 -26.16
N THR A 130 61.14 0.08 -26.83
CA THR A 130 61.39 0.60 -28.18
C THR A 130 62.16 1.92 -28.14
N GLY A 131 62.16 2.61 -27.01
CA GLY A 131 62.77 3.94 -26.92
C GLY A 131 61.93 5.05 -27.52
N ILE A 132 60.81 4.71 -28.16
CA ILE A 132 59.96 5.70 -28.81
C ILE A 132 59.28 6.63 -27.79
N ALA A 133 58.83 6.05 -26.70
CA ALA A 133 58.16 6.80 -25.61
C ALA A 133 58.23 5.96 -24.36
N ASP A 134 57.85 6.55 -23.23
CA ASP A 134 57.73 5.74 -22.01
C ASP A 134 56.28 5.59 -21.51
N THR A 135 55.37 6.40 -22.06
CA THR A 135 53.96 6.41 -21.62
C THR A 135 52.96 6.60 -22.79
N ALA A 136 51.96 5.74 -22.84
CA ALA A 136 50.84 5.88 -23.76
C ALA A 136 49.58 6.24 -22.95
N TYR A 137 49.06 7.43 -23.16
CA TYR A 137 47.86 7.88 -22.46
C TYR A 137 46.59 7.62 -23.29
N PHE A 138 45.58 7.09 -22.63
CA PHE A 138 44.29 6.78 -23.22
C PHE A 138 43.19 7.52 -22.46
N GLY A 139 42.43 8.31 -23.19
CA GLY A 139 41.19 8.89 -22.70
C GLY A 139 40.05 8.25 -23.49
N ALA A 140 39.09 7.68 -22.78
CA ALA A 140 38.03 6.94 -23.45
C ALA A 140 36.65 7.55 -23.22
N GLU A 141 35.78 7.40 -24.22
CA GLU A 141 34.40 7.82 -24.09
C GLU A 141 33.52 6.61 -24.32
N ALA A 142 33.11 5.95 -23.24
CA ALA A 142 32.24 4.80 -23.38
C ALA A 142 30.78 5.24 -23.22
N GLU A 143 30.10 5.35 -24.36
CA GLU A 143 28.68 5.72 -24.36
C GLU A 143 27.85 4.50 -23.98
N PHE A 144 26.64 4.72 -23.47
CA PHE A 144 25.75 3.60 -23.11
C PHE A 144 24.28 4.04 -23.18
N TYR A 145 23.37 3.06 -23.15
CA TYR A 145 21.94 3.38 -23.07
C TYR A 145 21.39 3.01 -21.71
N ILE A 146 20.60 3.89 -21.14
CA ILE A 146 19.88 3.59 -19.91
C ILE A 146 18.45 3.17 -20.25
N PHE A 147 18.22 1.85 -20.37
CA PHE A 147 16.90 1.33 -20.75
C PHE A 147 16.06 1.00 -19.50
N ASP A 148 14.76 0.74 -19.70
CA ASP A 148 13.87 0.27 -18.64
C ASP A 148 13.75 -1.26 -18.63
N SER A 149 13.89 -1.87 -19.79
CA SER A 149 13.67 -3.31 -19.91
C SER A 149 14.24 -3.85 -21.20
N VAL A 150 14.40 -5.17 -21.22
CA VAL A 150 14.87 -5.88 -22.39
C VAL A 150 14.40 -7.32 -22.26
N SER A 151 13.98 -7.90 -23.38
CA SER A 151 13.74 -9.32 -23.46
C SER A 151 14.03 -9.80 -24.87
N PHE A 152 14.30 -11.08 -25.00
CA PHE A 152 14.67 -11.65 -26.28
C PHE A 152 14.61 -13.17 -26.14
N ASP A 153 14.44 -13.86 -27.26
CA ASP A 153 14.64 -15.31 -27.29
C ASP A 153 14.82 -15.80 -28.70
N SER A 154 15.12 -17.09 -28.82
CA SER A 154 15.46 -17.69 -30.10
C SER A 154 14.99 -19.12 -30.01
N ARG A 155 13.97 -19.46 -30.82
CA ARG A 155 13.34 -20.79 -30.80
C ARG A 155 13.35 -21.36 -32.19
N ALA A 156 12.85 -22.60 -32.36
CA ALA A 156 12.77 -23.25 -33.69
C ALA A 156 11.91 -22.44 -34.67
N ASN A 157 10.78 -21.95 -34.16
CA ASN A 157 9.76 -21.30 -34.99
C ASN A 157 9.63 -19.78 -34.85
N GLY A 158 10.62 -19.15 -34.19
CA GLY A 158 10.53 -17.73 -33.93
C GLY A 158 11.63 -17.18 -33.06
N SER A 159 11.79 -15.86 -33.13
CA SER A 159 12.85 -15.16 -32.43
C SER A 159 12.45 -13.70 -32.30
N PHE A 160 12.84 -13.07 -31.19
CA PHE A 160 12.55 -11.66 -30.99
C PHE A 160 13.52 -10.99 -30.05
N TYR A 161 13.62 -9.67 -30.17
CA TYR A 161 14.13 -8.86 -29.06
C TYR A 161 13.25 -7.62 -28.94
N GLU A 162 13.30 -7.02 -27.76
CA GLU A 162 12.73 -5.73 -27.54
C GLU A 162 13.47 -5.06 -26.41
N VAL A 163 13.90 -3.83 -26.64
CA VAL A 163 14.34 -2.97 -25.56
C VAL A 163 13.31 -1.86 -25.40
N ASP A 164 13.22 -1.31 -24.21
CA ASP A 164 12.26 -0.26 -23.95
C ASP A 164 12.80 0.75 -22.94
N ALA A 165 12.27 1.97 -23.06
CA ALA A 165 12.72 3.13 -22.30
C ALA A 165 11.59 4.14 -22.35
N ILE A 166 11.34 4.78 -21.21
CA ILE A 166 10.23 5.71 -21.10
C ILE A 166 10.40 6.86 -22.11
N SER A 167 11.62 7.31 -22.29
CA SER A 167 11.91 8.44 -23.17
C SER A 167 12.03 8.06 -24.66
N GLY A 168 11.88 6.77 -24.97
CA GLY A 168 11.91 6.29 -26.35
C GLY A 168 10.82 6.92 -27.22
N TRP A 169 11.22 7.38 -28.42
CA TRP A 169 10.28 8.07 -29.32
C TRP A 169 9.17 7.13 -29.79
N TRP A 170 9.47 5.83 -29.84
CA TRP A 170 8.47 4.81 -30.17
C TRP A 170 7.28 4.79 -29.20
N ASN A 171 7.42 5.48 -28.06
CA ASN A 171 6.37 5.53 -27.05
C ASN A 171 5.52 6.79 -27.03
N THR A 172 5.67 7.69 -28.00
CA THR A 172 4.91 8.95 -27.95
C THR A 172 3.39 8.73 -27.93
N GLY A 173 2.93 7.64 -28.53
CA GLY A 173 1.51 7.32 -28.65
C GLY A 173 0.97 6.38 -27.59
N ALA A 174 1.82 6.00 -26.63
CA ALA A 174 1.40 5.12 -25.54
C ALA A 174 0.29 5.77 -24.69
N ALA A 175 -0.74 4.98 -24.38
CA ALA A 175 -1.89 5.47 -23.61
C ALA A 175 -1.50 5.73 -22.17
N THR A 176 -0.57 4.91 -21.66
CA THR A 176 -0.02 5.08 -20.33
C THR A 176 1.45 4.58 -20.30
N GLU A 177 2.14 4.89 -19.21
CA GLU A 177 3.46 4.31 -18.97
C GLU A 177 3.36 2.86 -18.48
N ALA A 178 4.49 2.16 -18.43
CA ALA A 178 4.56 0.73 -18.03
C ALA A 178 3.84 0.41 -16.73
N ASP A 179 3.92 1.33 -15.77
CA ASP A 179 3.23 1.19 -14.48
C ASP A 179 1.76 1.70 -14.46
N GLY A 180 1.23 2.09 -15.61
CA GLY A 180 -0.16 2.61 -15.65
C GLY A 180 -0.31 4.10 -15.39
N SER A 181 0.79 4.78 -15.07
CA SER A 181 0.75 6.24 -14.89
C SER A 181 0.65 6.93 -16.28
N PRO A 182 0.23 8.21 -16.30
CA PRO A 182 -0.05 8.90 -17.59
C PRO A 182 1.19 9.11 -18.46
N ASN A 183 1.01 9.08 -19.77
CA ASN A 183 2.04 9.55 -20.71
C ASN A 183 2.15 11.07 -20.56
N ARG A 184 3.32 11.58 -20.18
CA ARG A 184 3.47 13.02 -19.98
C ARG A 184 4.30 13.71 -21.08
N GLY A 185 4.62 12.97 -22.17
CA GLY A 185 5.37 13.51 -23.31
C GLY A 185 6.81 13.82 -22.94
N TYR A 186 7.40 14.81 -23.61
CA TYR A 186 8.82 15.14 -23.46
C TYR A 186 9.74 13.93 -23.74
N LYS A 187 9.32 13.07 -24.65
CA LYS A 187 10.17 11.95 -25.05
C LYS A 187 11.21 12.48 -26.03
N VAL A 188 12.26 11.71 -26.25
CA VAL A 188 13.39 12.16 -27.02
C VAL A 188 13.24 11.71 -28.48
N ARG A 189 13.34 12.64 -29.43
CA ARG A 189 13.29 12.30 -30.84
C ARG A 189 14.51 11.48 -31.22
N HIS A 190 14.41 10.66 -32.26
CA HIS A 190 15.56 9.93 -32.76
C HIS A 190 16.61 10.92 -33.23
N LYS A 191 17.85 10.68 -32.82
CA LYS A 191 18.97 11.59 -33.08
C LYS A 191 18.81 12.93 -32.36
N GLY A 192 17.88 13.03 -31.42
CA GLY A 192 17.59 14.29 -30.77
C GLY A 192 17.93 14.41 -29.30
N GLY A 193 18.78 13.51 -28.79
CA GLY A 193 19.04 13.46 -27.35
C GLY A 193 20.18 14.32 -26.86
N TYR A 194 20.95 14.87 -27.80
CA TYR A 194 22.14 15.63 -27.49
C TYR A 194 21.86 17.12 -27.71
N PHE A 195 21.66 17.91 -26.65
CA PHE A 195 21.37 17.47 -25.29
C PHE A 195 20.44 18.50 -24.58
N PRO A 196 19.15 18.50 -24.94
CA PRO A 196 18.20 19.45 -24.36
C PRO A 196 18.04 19.30 -22.83
N VAL A 197 17.68 20.40 -22.17
CA VAL A 197 17.48 20.38 -20.71
C VAL A 197 16.28 19.52 -20.29
N ALA A 198 16.21 19.22 -19.00
CA ALA A 198 15.02 18.58 -18.42
C ALA A 198 13.82 19.48 -18.74
N PRO A 199 12.62 18.89 -18.91
CA PRO A 199 12.31 17.46 -18.74
C PRO A 199 12.55 16.58 -19.96
N ASN A 200 12.94 17.18 -21.09
CA ASN A 200 13.36 16.38 -22.26
C ASN A 200 14.43 15.37 -21.87
N ASP A 201 15.40 15.82 -21.08
CA ASP A 201 16.41 14.96 -20.47
C ASP A 201 15.79 14.38 -19.19
N GLN A 202 15.45 13.10 -19.24
CA GLN A 202 14.76 12.46 -18.12
C GLN A 202 15.72 11.71 -17.20
N TYR A 203 17.02 11.88 -17.41
CA TYR A 203 18.00 11.07 -16.69
C TYR A 203 19.01 11.89 -15.92
N VAL A 204 18.69 13.16 -15.68
CA VAL A 204 19.63 14.03 -14.96
C VAL A 204 20.02 13.52 -13.55
N ASP A 205 19.01 13.18 -12.74
CA ASP A 205 19.25 12.73 -11.37
C ASP A 205 20.01 11.38 -11.36
N LEU A 206 19.63 10.46 -12.24
CA LEU A 206 20.34 9.19 -12.35
C LEU A 206 21.81 9.35 -12.77
N ARG A 207 22.07 10.20 -13.77
CA ARG A 207 23.43 10.44 -14.19
C ARG A 207 24.25 11.14 -13.10
N ASP A 208 23.58 11.97 -12.28
CA ASP A 208 24.22 12.60 -11.13
C ASP A 208 24.70 11.56 -10.14
N LYS A 209 23.85 10.56 -9.88
CA LYS A 209 24.18 9.43 -9.01
C LYS A 209 25.35 8.62 -9.55
N MET A 210 25.37 8.43 -10.87
CA MET A 210 26.48 7.76 -11.52
C MET A 210 27.76 8.55 -11.36
N LEU A 211 27.68 9.87 -11.58
CA LEU A 211 28.81 10.75 -11.39
C LEU A 211 29.35 10.68 -9.97
N THR A 212 28.44 10.67 -8.98
CA THR A 212 28.83 10.68 -7.56
C THR A 212 29.50 9.36 -7.18
N ASN A 213 28.93 8.26 -7.63
CA ASN A 213 29.50 6.94 -7.40
C ASN A 213 30.89 6.84 -7.97
N LEU A 214 31.10 7.39 -9.17
CA LEU A 214 32.43 7.45 -9.78
C LEU A 214 33.40 8.30 -8.95
N ILE A 215 32.96 9.49 -8.53
CA ILE A 215 33.80 10.36 -7.71
C ILE A 215 34.22 9.62 -6.42
N ASN A 216 33.25 8.99 -5.77
CA ASN A 216 33.52 8.23 -4.56
C ASN A 216 34.42 7.01 -4.73
N SER A 217 34.58 6.51 -5.96
CA SER A 217 35.53 5.43 -6.25
C SER A 217 36.87 5.95 -6.78
N GLY A 218 37.13 7.23 -6.58
CA GLY A 218 38.45 7.80 -6.95
C GLY A 218 38.65 8.19 -8.41
N PHE A 219 37.59 8.19 -9.21
CA PHE A 219 37.65 8.76 -10.55
C PHE A 219 37.75 10.28 -10.47
N ILE A 220 38.49 10.86 -11.40
CA ILE A 220 38.51 12.31 -11.56
C ILE A 220 37.63 12.63 -12.77
N LEU A 221 36.55 13.34 -12.50
CA LEU A 221 35.49 13.46 -13.47
C LEU A 221 35.68 14.67 -14.38
N GLU A 222 35.28 14.54 -15.63
CA GLU A 222 35.24 15.70 -16.50
C GLU A 222 33.84 16.19 -16.90
N LYS A 223 32.99 15.28 -17.36
CA LYS A 223 31.62 15.65 -17.69
C LYS A 223 30.67 14.49 -17.86
N GLY A 224 29.40 14.83 -17.91
CA GLY A 224 28.35 13.85 -18.11
C GLY A 224 27.27 14.54 -18.90
N HIS A 225 26.63 13.78 -19.78
CA HIS A 225 25.55 14.32 -20.56
C HIS A 225 24.71 13.24 -21.24
N HIS A 226 23.49 13.64 -21.62
CA HIS A 226 22.65 12.83 -22.48
C HIS A 226 23.33 12.78 -23.85
N GLU A 227 23.28 11.62 -24.50
CA GLU A 227 23.83 11.50 -25.85
C GLU A 227 22.71 11.52 -26.90
N VAL A 228 23.11 11.39 -28.15
CA VAL A 228 22.24 11.65 -29.30
C VAL A 228 21.02 10.71 -29.34
N GLY A 229 21.21 9.45 -28.98
CA GLY A 229 20.14 8.44 -29.09
C GLY A 229 18.94 8.64 -28.17
N SER A 230 17.76 8.42 -28.74
CA SER A 230 16.49 8.34 -28.03
C SER A 230 16.47 7.14 -27.09
N GLY A 231 15.67 7.21 -26.03
CA GLY A 231 15.61 6.10 -25.10
C GLY A 231 16.82 6.01 -24.16
N GLY A 232 17.38 7.17 -23.83
CA GLY A 232 18.29 7.29 -22.71
C GLY A 232 19.77 7.07 -22.96
N GLN A 233 20.26 7.46 -24.14
CA GLN A 233 21.68 7.36 -24.39
C GLN A 233 22.42 8.37 -23.51
N ALA A 234 23.61 7.97 -23.07
CA ALA A 234 24.35 8.76 -22.11
C ALA A 234 25.86 8.64 -22.32
N GLU A 235 26.60 9.57 -21.73
CA GLU A 235 28.04 9.56 -21.78
C GLU A 235 28.59 10.25 -20.54
N ILE A 236 29.56 9.61 -19.90
CA ILE A 236 30.31 10.19 -18.81
C ILE A 236 31.81 10.09 -19.13
N ASN A 237 32.53 11.19 -18.89
CA ASN A 237 33.95 11.27 -19.12
C ASN A 237 34.72 11.43 -17.82
N TYR A 238 35.75 10.62 -17.65
CA TYR A 238 36.71 10.79 -16.57
C TYR A 238 38.11 11.03 -17.15
N GLN A 239 39.01 11.52 -16.31
CA GLN A 239 40.38 11.82 -16.72
C GLN A 239 41.13 10.62 -17.33
N PHE A 240 41.87 10.90 -18.40
CA PHE A 240 42.74 9.94 -19.06
C PHE A 240 43.78 9.36 -18.10
N ASN A 241 44.42 8.28 -18.53
CA ASN A 241 45.48 7.66 -17.76
C ASN A 241 46.35 6.82 -18.68
N SER A 242 47.45 6.29 -18.13
CA SER A 242 48.31 5.39 -18.90
C SER A 242 47.61 4.05 -19.18
N LEU A 243 48.04 3.39 -20.25
CA LEU A 243 47.32 2.23 -20.83
C LEU A 243 46.64 1.31 -19.83
N LEU A 244 47.43 0.62 -19.00
CA LEU A 244 46.89 -0.35 -18.06
C LEU A 244 45.91 0.27 -17.07
N HIS A 245 46.31 1.38 -16.43
CA HIS A 245 45.40 2.08 -15.52
C HIS A 245 44.11 2.48 -16.24
N ALA A 246 44.24 2.94 -17.49
CA ALA A 246 43.06 3.34 -18.27
C ALA A 246 42.12 2.18 -18.52
N ALA A 247 42.67 1.00 -18.78
CA ALA A 247 41.85 -0.19 -19.03
C ALA A 247 41.17 -0.69 -17.74
N ASP A 248 41.89 -0.63 -16.61
CA ASP A 248 41.31 -0.91 -15.30
C ASP A 248 40.17 0.08 -14.97
N ASP A 249 40.38 1.37 -15.25
CA ASP A 249 39.37 2.41 -15.08
C ASP A 249 38.10 2.10 -15.91
N MET A 250 38.30 1.66 -17.15
CA MET A 250 37.17 1.35 -18.04
C MET A 250 36.28 0.25 -17.46
N GLN A 251 36.91 -0.85 -17.03
CA GLN A 251 36.18 -1.97 -16.42
C GLN A 251 35.42 -1.54 -15.17
N LEU A 252 36.07 -0.75 -14.31
CA LEU A 252 35.41 -0.29 -13.10
C LEU A 252 34.24 0.65 -13.45
N TYR A 253 34.47 1.54 -14.39
CA TYR A 253 33.44 2.46 -14.90
C TYR A 253 32.19 1.71 -15.37
N LYS A 254 32.37 0.71 -16.23
CA LYS A 254 31.23 -0.10 -16.70
C LYS A 254 30.46 -0.76 -15.54
N TYR A 255 31.21 -1.35 -14.61
CA TYR A 255 30.63 -1.89 -13.38
C TYR A 255 29.80 -0.86 -12.59
N ILE A 256 30.37 0.33 -12.41
CA ILE A 256 29.67 1.39 -11.64
C ILE A 256 28.43 1.93 -12.38
N ILE A 257 28.58 2.11 -13.68
CA ILE A 257 27.44 2.54 -14.51
C ILE A 257 26.30 1.54 -14.47
N LYS A 258 26.61 0.26 -14.76
CA LYS A 258 25.61 -0.80 -14.83
C LYS A 258 24.87 -0.99 -13.49
N ASN A 259 25.60 -0.93 -12.39
CA ASN A 259 25.03 -1.20 -11.08
C ASN A 259 24.34 -0.02 -10.45
N THR A 260 24.78 1.20 -10.79
CA THR A 260 24.04 2.38 -10.34
C THR A 260 22.68 2.35 -11.01
N ALA A 261 22.66 2.05 -12.31
CA ALA A 261 21.39 1.92 -13.03
C ALA A 261 20.53 0.83 -12.39
N TRP A 262 21.14 -0.33 -12.14
CA TRP A 262 20.42 -1.47 -11.58
C TRP A 262 19.75 -1.17 -10.26
N GLN A 263 20.51 -0.59 -9.33
CA GLN A 263 19.99 -0.20 -8.01
C GLN A 263 18.90 0.85 -8.06
N ASN A 264 18.83 1.58 -9.17
CA ASN A 264 17.80 2.57 -9.37
C ASN A 264 16.69 2.14 -10.35
N GLY A 265 16.58 0.83 -10.56
CA GLY A 265 15.43 0.28 -11.31
C GLY A 265 15.55 0.32 -12.83
N LYS A 266 16.76 0.57 -13.33
CA LYS A 266 16.98 0.69 -14.75
C LYS A 266 17.89 -0.46 -15.20
N THR A 267 18.21 -0.51 -16.49
CA THR A 267 19.09 -1.53 -17.03
C THR A 267 19.92 -0.90 -18.15
N VAL A 268 21.24 -0.97 -18.02
CA VAL A 268 22.13 -0.35 -18.97
C VAL A 268 22.69 -1.36 -19.93
N THR A 269 22.89 -0.93 -21.18
CA THR A 269 23.70 -1.71 -22.11
C THR A 269 24.81 -0.88 -22.76
N PHE A 270 25.97 -1.50 -22.92
CA PHE A 270 27.08 -0.93 -23.65
C PHE A 270 27.17 -1.50 -25.06
N MET A 271 26.17 -2.25 -25.50
CA MET A 271 26.26 -2.84 -26.83
C MET A 271 26.33 -1.74 -27.92
N PRO A 272 27.07 -1.99 -29.02
CA PRO A 272 27.32 -1.00 -30.02
C PRO A 272 26.09 -0.42 -30.72
N LYS A 273 25.09 -1.26 -31.00
CA LYS A 273 23.93 -0.82 -31.77
C LYS A 273 22.63 -1.48 -31.29
N PRO A 274 22.12 -1.06 -30.13
CA PRO A 274 20.86 -1.63 -29.65
C PRO A 274 19.62 -1.11 -30.37
N LEU A 275 19.72 0.08 -30.95
CA LEU A 275 18.58 0.69 -31.66
C LEU A 275 18.87 0.81 -33.15
N PHE A 276 17.91 0.40 -33.97
CA PHE A 276 17.99 0.54 -35.41
C PHE A 276 17.46 1.91 -35.82
N GLY A 277 18.26 2.65 -36.60
CA GLY A 277 17.91 3.98 -37.07
C GLY A 277 18.14 5.04 -36.01
N ASP A 278 19.00 4.76 -35.02
CA ASP A 278 19.44 5.78 -34.08
C ASP A 278 20.90 5.53 -33.74
N ASN A 279 21.54 6.49 -33.07
CA ASN A 279 22.99 6.39 -32.84
C ASN A 279 23.39 5.12 -32.11
N GLY A 280 24.51 4.55 -32.53
CA GLY A 280 25.13 3.48 -31.77
C GLY A 280 25.94 4.04 -30.62
N SER A 281 26.56 3.15 -29.85
CA SER A 281 27.38 3.57 -28.74
C SER A 281 28.83 3.20 -29.06
N GLY A 282 29.68 4.23 -29.11
CA GLY A 282 31.09 4.01 -29.36
C GLY A 282 31.93 4.08 -28.10
N MET A 283 33.21 3.74 -28.27
CA MET A 283 34.25 3.95 -27.27
C MET A 283 35.42 4.68 -27.92
N HIS A 284 35.24 5.97 -28.18
CA HIS A 284 36.30 6.76 -28.78
C HIS A 284 37.50 6.71 -27.88
N CYS A 285 38.66 6.52 -28.46
CA CYS A 285 39.90 6.48 -27.70
C CYS A 285 40.85 7.60 -28.12
N HIS A 286 40.94 8.63 -27.28
CA HIS A 286 41.93 9.68 -27.43
C HIS A 286 43.29 9.12 -26.98
N GLN A 287 44.30 9.27 -27.82
CA GLN A 287 45.61 8.66 -27.56
C GLN A 287 46.76 9.63 -27.79
N SER A 288 47.77 9.55 -26.92
CA SER A 288 49.00 10.32 -27.07
C SER A 288 50.20 9.61 -26.44
N LEU A 289 51.37 9.83 -27.03
CA LEU A 289 52.63 9.31 -26.51
C LEU A 289 53.44 10.43 -25.85
N TRP A 290 54.05 10.09 -24.71
CA TRP A 290 54.87 11.02 -23.95
C TRP A 290 56.19 10.33 -23.63
N LYS A 291 57.25 11.14 -23.53
CA LYS A 291 58.57 10.65 -23.13
C LYS A 291 59.24 11.63 -22.16
N ASP A 292 59.70 11.10 -21.03
CA ASP A 292 60.33 11.87 -19.97
C ASP A 292 59.50 13.07 -19.54
N GLY A 293 58.19 12.88 -19.41
CA GLY A 293 57.32 13.96 -18.99
C GLY A 293 56.97 15.00 -20.04
N ALA A 294 57.39 14.78 -21.29
CA ALA A 294 57.09 15.69 -22.40
C ALA A 294 56.23 15.02 -23.48
N PRO A 295 55.29 15.80 -24.10
CA PRO A 295 54.43 15.26 -25.16
C PRO A 295 55.14 15.10 -26.50
N LEU A 296 54.79 14.08 -27.26
CA LEU A 296 55.41 13.83 -28.57
C LEU A 296 54.49 14.10 -29.78
N MET A 297 53.23 14.41 -29.53
CA MET A 297 52.23 14.47 -30.63
C MET A 297 52.20 15.79 -31.39
N TYR A 298 52.82 16.83 -30.82
CA TYR A 298 52.62 18.18 -31.30
C TYR A 298 53.73 18.73 -32.21
N ASP A 299 53.31 19.35 -33.31
CA ASP A 299 54.20 20.10 -34.18
C ASP A 299 53.35 21.18 -34.84
N GLU A 300 53.65 22.42 -34.49
CA GLU A 300 52.90 23.58 -34.95
C GLU A 300 52.81 23.71 -36.47
N THR A 301 53.76 23.10 -37.17
CA THR A 301 53.82 23.19 -38.61
C THR A 301 53.10 22.05 -39.36
N GLY A 302 52.74 20.97 -38.67
CA GLY A 302 52.01 19.88 -39.32
C GLY A 302 50.52 20.16 -39.45
N TYR A 303 49.87 19.48 -40.39
CA TYR A 303 48.41 19.47 -40.46
C TYR A 303 47.79 19.16 -39.09
N ALA A 304 46.82 19.97 -38.68
CA ALA A 304 46.15 19.85 -37.39
C ALA A 304 47.10 19.81 -36.18
N GLY A 305 48.27 20.43 -36.32
CA GLY A 305 49.23 20.50 -35.23
C GLY A 305 49.91 19.18 -34.89
N LEU A 306 49.96 18.26 -35.86
CA LEU A 306 50.46 16.90 -35.62
C LEU A 306 51.94 16.75 -35.99
N SER A 307 52.72 16.15 -35.09
CA SER A 307 54.09 15.78 -35.38
C SER A 307 54.16 14.56 -36.27
N ASP A 308 55.37 14.26 -36.73
CA ASP A 308 55.61 13.10 -37.57
C ASP A 308 55.26 11.82 -36.81
N THR A 309 55.61 11.80 -35.53
CA THR A 309 55.34 10.66 -34.66
C THR A 309 53.83 10.38 -34.61
N ALA A 310 53.05 11.43 -34.32
CA ALA A 310 51.60 11.37 -34.35
C ALA A 310 51.02 10.91 -35.69
N ARG A 311 51.52 11.48 -36.79
CA ARG A 311 51.06 11.13 -38.14
C ARG A 311 51.36 9.67 -38.50
N HIS A 312 52.54 9.20 -38.11
CA HIS A 312 52.87 7.79 -38.32
C HIS A 312 52.07 6.82 -37.42
N TYR A 313 51.77 7.25 -36.21
CA TYR A 313 50.88 6.50 -35.34
C TYR A 313 49.53 6.33 -36.03
N ILE A 314 48.97 7.43 -36.53
CA ILE A 314 47.71 7.37 -37.29
C ILE A 314 47.84 6.47 -38.52
N GLY A 315 48.96 6.61 -39.24
CA GLY A 315 49.27 5.72 -40.39
C GLY A 315 49.18 4.25 -40.00
N GLY A 316 49.70 3.91 -38.83
CA GLY A 316 49.58 2.56 -38.26
C GLY A 316 48.16 2.12 -37.98
N LEU A 317 47.39 2.96 -37.30
CA LEU A 317 45.97 2.68 -37.00
C LEU A 317 45.17 2.44 -38.28
N LEU A 318 45.30 3.36 -39.24
CA LEU A 318 44.55 3.23 -40.48
C LEU A 318 45.03 2.08 -41.39
N HIS A 319 46.34 1.86 -41.44
CA HIS A 319 46.90 0.72 -42.19
C HIS A 319 46.50 -0.64 -41.61
N HIS A 320 46.52 -0.76 -40.27
CA HIS A 320 46.24 -2.05 -39.63
C HIS A 320 44.78 -2.30 -39.30
N ALA A 321 43.96 -1.25 -39.42
CA ALA A 321 42.51 -1.31 -39.19
C ALA A 321 41.78 -2.60 -39.64
N PRO A 322 42.05 -3.12 -40.87
CA PRO A 322 41.30 -4.30 -41.28
C PRO A 322 41.48 -5.51 -40.34
N SER A 323 42.61 -5.59 -39.64
CA SER A 323 42.77 -6.64 -38.63
C SER A 323 42.60 -6.14 -37.21
N LEU A 324 43.01 -4.90 -36.96
CA LEU A 324 42.91 -4.28 -35.65
C LEU A 324 41.48 -4.24 -35.10
N LEU A 325 40.49 -4.08 -35.99
CA LEU A 325 39.11 -4.03 -35.53
C LEU A 325 38.64 -5.34 -34.89
N ALA A 326 39.39 -6.42 -35.11
CA ALA A 326 39.10 -7.71 -34.45
C ALA A 326 39.18 -7.57 -32.94
N PHE A 327 39.99 -6.63 -32.47
CA PHE A 327 40.09 -6.33 -31.04
C PHE A 327 39.37 -5.06 -30.59
N THR A 328 39.12 -4.12 -31.50
CA THR A 328 38.52 -2.85 -31.12
C THR A 328 37.02 -2.83 -31.41
N ASN A 329 36.62 -3.68 -32.38
CA ASN A 329 35.21 -3.83 -32.79
C ASN A 329 34.87 -5.32 -32.89
N PRO A 330 34.82 -6.01 -31.73
CA PRO A 330 35.00 -7.45 -31.72
C PRO A 330 33.73 -8.30 -31.78
N THR A 331 32.58 -7.67 -32.01
CA THR A 331 31.31 -8.41 -31.99
C THR A 331 30.57 -8.31 -33.32
N VAL A 332 29.59 -9.17 -33.53
CA VAL A 332 28.79 -9.10 -34.74
C VAL A 332 28.03 -7.77 -34.72
N ASN A 333 27.55 -7.36 -33.55
CA ASN A 333 26.80 -6.11 -33.41
C ASN A 333 27.62 -4.86 -33.70
N SER A 334 28.94 -4.95 -33.50
CA SER A 334 29.85 -3.85 -33.80
C SER A 334 29.58 -3.30 -35.20
N TYR A 335 29.39 -4.22 -36.16
CA TYR A 335 29.30 -3.87 -37.58
C TYR A 335 27.96 -3.25 -38.00
N LYS A 336 26.97 -3.37 -37.13
CA LYS A 336 25.72 -2.62 -37.26
C LYS A 336 25.87 -1.14 -36.90
N ARG A 337 26.90 -0.83 -36.14
CA ARG A 337 27.20 0.56 -35.79
C ARG A 337 28.00 1.25 -36.90
N LEU A 338 28.88 0.50 -37.57
CA LEU A 338 29.70 1.08 -38.64
C LEU A 338 28.91 1.27 -39.96
N VAL A 339 27.87 2.10 -39.87
CA VAL A 339 27.01 2.45 -41.01
C VAL A 339 26.88 3.99 -41.10
N PRO A 340 26.65 4.53 -42.32
CA PRO A 340 26.67 6.00 -42.42
C PRO A 340 25.55 6.72 -41.68
N GLY A 341 25.84 7.93 -41.23
CA GLY A 341 24.82 8.87 -40.77
C GLY A 341 24.63 8.96 -39.26
N TYR A 342 25.56 8.39 -38.48
CA TYR A 342 25.38 8.30 -37.02
C TYR A 342 26.64 8.67 -36.21
N GLU A 343 27.52 9.45 -36.82
CA GLU A 343 28.78 9.88 -36.19
C GLU A 343 29.73 8.73 -35.83
N ALA A 344 29.57 7.60 -36.51
CA ALA A 344 30.55 6.52 -36.45
C ALA A 344 31.25 6.40 -37.83
N PRO A 345 32.49 5.89 -37.87
CA PRO A 345 33.25 5.80 -39.14
C PRO A 345 32.69 4.80 -40.14
N ILE A 346 32.75 5.14 -41.41
CA ILE A 346 32.46 4.17 -42.49
C ILE A 346 33.66 3.95 -43.43
N ASN A 347 34.76 4.66 -43.19
CA ASN A 347 35.96 4.50 -44.02
C ASN A 347 37.21 4.95 -43.26
N LEU A 348 38.39 4.68 -43.83
CA LEU A 348 39.65 4.79 -43.10
C LEU A 348 40.38 6.11 -43.38
N VAL A 349 39.82 7.20 -42.87
CA VAL A 349 40.45 8.50 -43.04
C VAL A 349 40.64 9.19 -41.68
N TYR A 350 41.62 10.08 -41.62
CA TYR A 350 41.70 11.03 -40.53
C TYR A 350 41.43 12.46 -40.99
N SER A 351 41.03 13.31 -40.06
CA SER A 351 40.58 14.66 -40.36
C SER A 351 40.32 15.42 -39.06
N GLN A 352 40.76 16.67 -39.00
CA GLN A 352 40.48 17.47 -37.80
C GLN A 352 39.03 17.91 -37.74
N ARG A 353 38.50 17.99 -36.52
CA ARG A 353 37.16 18.54 -36.30
C ARG A 353 36.01 17.67 -36.86
N ASN A 354 36.34 16.49 -37.37
CA ASN A 354 35.43 15.73 -38.23
C ASN A 354 34.85 14.46 -37.59
N ARG A 355 33.59 14.57 -37.16
CA ARG A 355 32.95 13.45 -36.49
C ARG A 355 32.42 12.35 -37.42
N SER A 356 32.65 12.49 -38.74
CA SER A 356 32.35 11.43 -39.72
C SER A 356 33.59 10.60 -40.04
N ALA A 357 34.74 11.01 -39.51
CA ALA A 357 36.00 10.34 -39.79
C ALA A 357 36.34 9.17 -38.84
N CYS A 358 37.29 8.35 -39.28
CA CYS A 358 37.77 7.24 -38.48
C CYS A 358 38.69 7.73 -37.34
N VAL A 359 39.54 8.70 -37.66
CA VAL A 359 40.38 9.38 -36.67
C VAL A 359 40.09 10.87 -36.79
N ARG A 360 39.58 11.45 -35.72
CA ARG A 360 39.35 12.87 -35.65
C ARG A 360 40.46 13.49 -34.79
N ILE A 361 40.94 14.66 -35.21
CA ILE A 361 41.84 15.42 -34.38
C ILE A 361 41.00 16.53 -33.77
N PRO A 362 40.75 16.45 -32.46
CA PRO A 362 39.95 17.49 -31.81
C PRO A 362 40.70 18.82 -31.83
N ILE A 363 39.96 19.92 -31.82
CA ILE A 363 40.56 21.24 -31.84
C ILE A 363 41.00 21.61 -30.42
N THR A 364 42.31 21.71 -30.22
CA THR A 364 42.88 21.95 -28.89
C THR A 364 43.78 23.18 -28.77
N GLY A 365 44.01 23.87 -29.89
CA GLY A 365 44.89 25.07 -29.88
C GLY A 365 46.38 24.76 -29.86
N SER A 366 47.17 25.66 -29.28
CA SER A 366 48.62 25.55 -29.34
C SER A 366 49.28 24.79 -28.18
N ASN A 367 48.51 24.47 -27.13
CA ASN A 367 49.05 23.69 -26.02
C ASN A 367 49.47 22.26 -26.39
N PRO A 368 50.79 21.99 -26.43
CA PRO A 368 51.30 20.68 -26.87
C PRO A 368 50.78 19.53 -26.00
N LYS A 369 50.51 19.79 -24.73
CA LYS A 369 50.04 18.75 -23.80
C LYS A 369 48.64 18.23 -24.14
N ALA A 370 47.86 19.05 -24.84
CA ALA A 370 46.50 18.69 -25.22
C ALA A 370 46.40 17.99 -26.57
N LYS A 371 47.47 18.03 -27.36
CA LYS A 371 47.44 17.47 -28.72
C LYS A 371 47.34 15.95 -28.70
N ARG A 372 46.34 15.43 -29.43
CA ARG A 372 46.11 13.99 -29.52
C ARG A 372 45.19 13.63 -30.67
N LEU A 373 45.13 12.34 -30.97
CA LEU A 373 44.21 11.81 -31.96
C LEU A 373 43.03 11.10 -31.26
N GLU A 374 41.85 11.20 -31.85
CA GLU A 374 40.68 10.45 -31.39
C GLU A 374 40.38 9.32 -32.38
N PHE A 375 40.62 8.09 -31.95
CA PHE A 375 40.25 6.93 -32.73
C PHE A 375 38.78 6.62 -32.42
N ARG A 376 37.92 6.89 -33.41
CA ARG A 376 36.46 6.85 -33.24
C ARG A 376 35.84 5.49 -33.50
N SER A 377 36.58 4.63 -34.17
CA SER A 377 36.11 3.31 -34.57
C SER A 377 35.70 2.35 -33.41
N PRO A 378 36.52 2.26 -32.33
CA PRO A 378 36.25 1.24 -31.28
C PRO A 378 34.90 1.39 -30.60
N ASP A 379 34.38 0.28 -30.07
CA ASP A 379 33.16 0.28 -29.25
C ASP A 379 33.42 -0.43 -27.90
N SER A 380 32.42 -0.44 -27.03
CA SER A 380 32.59 -1.04 -25.69
C SER A 380 32.22 -2.53 -25.64
N SER A 381 32.10 -3.19 -26.79
CA SER A 381 31.63 -4.57 -26.79
C SER A 381 32.69 -5.64 -26.47
N GLY A 382 33.94 -5.23 -26.26
CA GLY A 382 34.98 -6.24 -26.02
C GLY A 382 35.81 -6.03 -24.78
N ASN A 383 37.12 -5.96 -24.98
CA ASN A 383 38.07 -6.03 -23.89
C ASN A 383 38.99 -4.84 -23.98
N PRO A 384 38.89 -3.89 -23.03
CA PRO A 384 39.69 -2.68 -23.10
C PRO A 384 41.19 -2.94 -22.94
N TYR A 385 41.55 -3.95 -22.16
CA TYR A 385 42.97 -4.38 -22.06
C TYR A 385 43.53 -4.77 -23.41
N LEU A 386 42.80 -5.61 -24.14
CA LEU A 386 43.21 -6.04 -25.48
C LEU A 386 43.08 -4.91 -26.51
N ALA A 387 41.95 -4.19 -26.47
CA ALA A 387 41.69 -3.09 -27.42
C ALA A 387 42.76 -1.99 -27.34
N PHE A 388 43.05 -1.48 -26.14
CA PHE A 388 44.05 -0.43 -25.98
C PHE A 388 45.41 -0.96 -26.41
N SER A 389 45.75 -2.17 -25.97
CA SER A 389 47.03 -2.81 -26.36
C SER A 389 47.18 -2.94 -27.86
N ALA A 390 46.13 -3.43 -28.52
CA ALA A 390 46.17 -3.61 -29.98
C ALA A 390 46.35 -2.28 -30.72
N MET A 391 45.66 -1.25 -30.26
CA MET A 391 45.82 0.10 -30.84
C MET A 391 47.26 0.58 -30.71
N LEU A 392 47.85 0.39 -29.54
CA LEU A 392 49.23 0.81 -29.32
C LEU A 392 50.17 0.08 -30.27
N MET A 393 50.00 -1.24 -30.41
CA MET A 393 50.86 -2.06 -31.26
C MET A 393 50.73 -1.66 -32.72
N ALA A 394 49.53 -1.24 -33.15
CA ALA A 394 49.34 -0.74 -34.53
C ALA A 394 50.05 0.61 -34.72
N GLY A 395 49.86 1.51 -33.76
CA GLY A 395 50.50 2.80 -33.80
C GLY A 395 52.02 2.72 -33.79
N LEU A 396 52.57 1.83 -32.96
CA LEU A 396 54.01 1.66 -32.85
C LEU A 396 54.61 1.07 -34.14
N ASP A 397 53.87 0.19 -34.80
CA ASP A 397 54.27 -0.33 -36.08
C ASP A 397 54.30 0.80 -37.10
N GLY A 398 53.34 1.73 -36.97
CA GLY A 398 53.28 2.88 -37.84
C GLY A 398 54.51 3.74 -37.67
N ILE A 399 54.89 4.01 -36.42
CA ILE A 399 56.05 4.85 -36.12
C ILE A 399 57.34 4.18 -36.59
N LYS A 400 57.52 2.91 -36.22
CA LYS A 400 58.70 2.14 -36.55
C LYS A 400 58.92 2.00 -38.07
N ASN A 401 57.83 1.84 -38.84
CA ASN A 401 57.92 1.70 -40.29
C ASN A 401 57.64 3.00 -41.05
N LYS A 402 57.47 4.09 -40.31
CA LYS A 402 57.12 5.41 -40.88
C LYS A 402 55.99 5.31 -41.91
N ILE A 403 54.88 4.69 -41.50
CA ILE A 403 53.72 4.52 -42.36
C ILE A 403 53.00 5.87 -42.53
N GLU A 404 52.94 6.33 -43.77
CA GLU A 404 52.26 7.59 -44.07
C GLU A 404 50.78 7.36 -44.31
N PRO A 405 49.90 8.03 -43.53
CA PRO A 405 48.48 7.89 -43.80
C PRO A 405 48.18 8.59 -45.12
N GLN A 406 47.14 8.14 -45.82
CA GLN A 406 46.69 8.92 -46.95
C GLN A 406 46.18 10.30 -46.44
N ALA A 407 46.15 11.27 -47.35
CA ALA A 407 45.85 12.67 -47.02
C ALA A 407 44.53 12.78 -46.25
N PRO A 408 44.46 13.69 -45.28
CA PRO A 408 43.21 13.93 -44.56
C PRO A 408 42.09 14.39 -45.50
N VAL A 409 40.86 14.01 -45.23
CA VAL A 409 39.72 14.43 -46.05
C VAL A 409 38.77 15.24 -45.15
N ASP A 410 38.79 16.56 -45.34
CA ASP A 410 38.01 17.48 -44.52
C ASP A 410 36.60 17.71 -45.05
N LYS A 411 35.86 16.61 -45.17
CA LYS A 411 34.51 16.65 -45.72
C LYS A 411 33.60 15.76 -44.88
N ASP A 412 32.29 15.94 -45.06
CA ASP A 412 31.28 15.04 -44.51
C ASP A 412 31.46 13.75 -45.29
N LEU A 413 32.15 12.80 -44.69
CA LEU A 413 32.46 11.53 -45.35
C LEU A 413 31.25 10.67 -45.75
N TYR A 414 30.06 10.96 -45.21
CA TYR A 414 28.86 10.20 -45.61
C TYR A 414 28.24 10.75 -46.91
N GLU A 415 28.62 11.97 -47.28
CA GLU A 415 28.05 12.65 -48.44
C GLU A 415 29.05 12.80 -49.60
N LEU A 416 30.03 11.91 -49.68
CA LEU A 416 31.01 11.98 -50.76
C LEU A 416 30.43 11.48 -52.09
N PRO A 417 30.80 12.16 -53.21
CA PRO A 417 30.49 11.65 -54.55
C PRO A 417 31.10 10.25 -54.77
N PRO A 418 30.36 9.37 -55.48
CA PRO A 418 30.76 7.99 -55.86
C PRO A 418 32.23 7.86 -56.27
N GLU A 419 32.69 8.73 -57.17
CA GLU A 419 34.07 8.67 -57.67
C GLU A 419 35.07 8.90 -56.54
N GLU A 420 34.75 9.82 -55.64
CA GLU A 420 35.66 10.14 -54.53
C GLU A 420 35.63 9.06 -53.45
N ALA A 421 34.44 8.64 -53.05
CA ALA A 421 34.24 7.62 -52.03
C ALA A 421 34.95 6.30 -52.37
N ALA A 422 35.00 5.96 -53.65
CA ALA A 422 35.54 4.67 -54.09
C ALA A 422 37.07 4.68 -54.09
N SER A 423 37.66 5.85 -53.98
CA SER A 423 39.11 5.95 -53.83
C SER A 423 39.53 5.92 -52.37
N ILE A 424 38.56 5.72 -51.46
CA ILE A 424 38.87 5.63 -50.03
C ILE A 424 38.54 4.23 -49.49
N PRO A 425 39.50 3.60 -48.79
CA PRO A 425 39.26 2.29 -48.18
C PRO A 425 38.14 2.38 -47.15
N GLN A 426 37.21 1.44 -47.25
CA GLN A 426 36.07 1.34 -46.36
C GLN A 426 36.47 0.62 -45.08
N THR A 427 35.69 0.85 -44.03
CA THR A 427 35.69 -0.02 -42.86
C THR A 427 35.12 -1.37 -43.29
N PRO A 428 35.55 -2.46 -42.60
CA PRO A 428 35.02 -3.79 -42.85
C PRO A 428 33.53 -3.86 -42.64
N THR A 429 32.86 -4.74 -43.39
CA THR A 429 31.40 -4.90 -43.36
C THR A 429 30.92 -5.71 -42.16
N GLN A 430 31.75 -6.65 -41.72
CA GLN A 430 31.29 -7.71 -40.80
C GLN A 430 32.46 -8.36 -40.04
N LEU A 431 32.14 -8.91 -38.86
CA LEU A 431 33.12 -9.51 -37.98
C LEU A 431 33.97 -10.59 -38.65
N SER A 432 33.35 -11.44 -39.46
CA SER A 432 34.07 -12.57 -40.07
C SER A 432 35.23 -12.10 -40.92
N ASP A 433 35.05 -10.97 -41.61
CA ASP A 433 36.10 -10.37 -42.43
C ASP A 433 37.31 -9.91 -41.61
N VAL A 434 37.07 -9.30 -40.45
CA VAL A 434 38.20 -8.80 -39.65
C VAL A 434 38.89 -9.95 -38.94
N ILE A 435 38.13 -10.99 -38.61
CA ILE A 435 38.70 -12.17 -37.98
C ILE A 435 39.57 -12.90 -39.00
N ASP A 436 39.06 -13.04 -40.24
CA ASP A 436 39.84 -13.60 -41.35
C ASP A 436 41.13 -12.85 -41.57
N ARG A 437 41.04 -11.51 -41.59
CA ARG A 437 42.20 -10.68 -41.79
C ARG A 437 43.21 -10.77 -40.63
N LEU A 438 42.71 -10.81 -39.39
CA LEU A 438 43.57 -11.00 -38.23
C LEU A 438 44.37 -12.29 -38.33
N GLU A 439 43.71 -13.34 -38.81
CA GLU A 439 44.34 -14.65 -38.96
C GLU A 439 45.47 -14.59 -39.98
N ALA A 440 45.25 -13.84 -41.05
CA ALA A 440 46.20 -13.73 -42.15
C ALA A 440 47.35 -12.81 -41.80
N ASP A 441 47.08 -11.78 -41.01
CA ASP A 441 48.08 -10.76 -40.78
C ASP A 441 48.01 -10.15 -39.39
N HIS A 442 48.89 -10.62 -38.51
CA HIS A 442 48.88 -10.20 -37.11
C HIS A 442 50.28 -10.04 -36.54
N GLU A 443 51.28 -9.87 -37.42
CA GLU A 443 52.67 -9.81 -36.96
C GLU A 443 52.97 -8.61 -36.05
N TYR A 444 52.34 -7.47 -36.35
CA TYR A 444 52.49 -6.24 -35.55
C TYR A 444 52.02 -6.40 -34.08
N LEU A 445 51.10 -7.34 -33.86
CA LEU A 445 50.59 -7.61 -32.52
C LEU A 445 51.54 -8.51 -31.73
N THR A 446 52.22 -9.42 -32.42
CA THR A 446 53.15 -10.35 -31.79
C THR A 446 54.54 -9.75 -31.50
N GLU A 447 54.80 -8.53 -31.99
CA GLU A 447 56.08 -7.85 -31.74
C GLU A 447 56.34 -7.82 -30.24
N GLY A 448 57.55 -8.23 -29.86
CA GLY A 448 57.96 -8.24 -28.45
C GLY A 448 57.19 -9.22 -27.58
N GLY A 449 56.45 -10.12 -28.23
CA GLY A 449 55.64 -11.09 -27.51
C GLY A 449 54.48 -10.49 -26.72
N VAL A 450 54.09 -9.25 -27.05
CA VAL A 450 52.94 -8.59 -26.42
C VAL A 450 51.64 -9.43 -26.59
N PHE A 451 51.27 -9.73 -27.83
CA PHE A 451 50.25 -10.77 -28.09
C PHE A 451 51.03 -12.01 -28.50
N THR A 452 50.57 -13.18 -28.09
CA THR A 452 51.17 -14.44 -28.56
C THR A 452 50.20 -15.17 -29.50
N ASN A 453 50.71 -16.16 -30.24
CA ASN A 453 49.87 -16.89 -31.18
C ASN A 453 48.73 -17.64 -30.53
N ASP A 454 48.96 -18.16 -29.32
CA ASP A 454 47.91 -18.86 -28.60
C ASP A 454 46.73 -17.95 -28.25
N LEU A 455 47.01 -16.70 -27.87
CA LEU A 455 45.94 -15.74 -27.60
C LEU A 455 45.17 -15.44 -28.89
N ILE A 456 45.91 -15.17 -29.96
CA ILE A 456 45.31 -14.80 -31.23
C ILE A 456 44.45 -15.94 -31.78
N GLU A 457 44.98 -17.16 -31.74
CA GLU A 457 44.25 -18.34 -32.19
C GLU A 457 43.02 -18.66 -31.36
N THR A 458 43.11 -18.44 -30.05
CA THR A 458 41.97 -18.65 -29.16
C THR A 458 40.88 -17.63 -29.48
N TRP A 459 41.28 -16.38 -29.67
CA TRP A 459 40.37 -15.29 -30.00
C TRP A 459 39.58 -15.57 -31.28
N ILE A 460 40.32 -15.96 -32.33
CA ILE A 460 39.76 -16.22 -33.65
C ILE A 460 38.75 -17.34 -33.54
N SER A 461 39.18 -18.41 -32.87
CA SER A 461 38.39 -19.61 -32.66
C SER A 461 37.13 -19.29 -31.85
N PHE A 462 37.30 -18.54 -30.76
CA PHE A 462 36.16 -18.14 -29.92
C PHE A 462 35.10 -17.38 -30.71
N LYS A 463 35.52 -16.40 -31.51
CA LYS A 463 34.59 -15.56 -32.26
C LYS A 463 33.86 -16.34 -33.36
N ARG A 464 34.56 -17.27 -33.99
CA ARG A 464 33.94 -18.06 -35.04
C ARG A 464 32.87 -18.99 -34.51
N GLU A 465 33.22 -19.71 -33.45
CA GLU A 465 32.37 -20.76 -32.90
C GLU A 465 31.23 -20.23 -32.04
N ASN A 466 31.48 -19.15 -31.30
CA ASN A 466 30.49 -18.66 -30.34
C ASN A 466 29.67 -17.46 -30.81
N GLU A 467 30.13 -16.79 -31.87
CA GLU A 467 29.49 -15.56 -32.32
C GLU A 467 29.12 -15.58 -33.81
N ILE A 468 30.13 -15.62 -34.68
CA ILE A 468 29.90 -15.59 -36.14
C ILE A 468 28.96 -16.71 -36.63
N GLU A 469 29.32 -17.95 -36.34
CA GLU A 469 28.53 -19.08 -36.80
C GLU A 469 27.10 -19.11 -36.20
N PRO A 470 26.96 -18.92 -34.86
CA PRO A 470 25.61 -18.93 -34.26
C PRO A 470 24.63 -17.90 -34.84
N VAL A 471 25.14 -16.70 -35.17
CA VAL A 471 24.31 -15.67 -35.79
C VAL A 471 24.00 -16.01 -37.26
N ASN A 472 25.01 -16.51 -37.98
CA ASN A 472 24.84 -16.87 -39.40
C ASN A 472 23.82 -17.96 -39.70
N ILE A 473 23.66 -18.91 -38.78
CA ILE A 473 22.75 -20.03 -39.01
C ILE A 473 21.31 -19.72 -38.58
N ARG A 474 21.13 -18.63 -37.84
CA ARG A 474 19.81 -18.26 -37.33
C ARG A 474 19.08 -17.29 -38.24
N PRO A 475 17.88 -17.67 -38.71
CA PRO A 475 17.09 -16.73 -39.54
C PRO A 475 16.79 -15.39 -38.84
N HIS A 476 16.96 -14.31 -39.59
CA HIS A 476 16.75 -12.95 -39.13
C HIS A 476 15.26 -12.64 -39.37
N PRO A 477 14.58 -11.97 -38.41
CA PRO A 477 13.17 -11.58 -38.59
C PRO A 477 12.91 -10.81 -39.87
N TYR A 478 13.85 -9.95 -40.30
CA TYR A 478 13.62 -9.22 -41.54
C TYR A 478 13.62 -10.10 -42.81
N GLU A 479 14.20 -11.30 -42.71
CA GLU A 479 14.12 -12.28 -43.82
C GLU A 479 12.67 -12.74 -44.04
N PHE A 480 11.89 -12.77 -42.96
CA PHE A 480 10.46 -13.10 -43.05
C PHE A 480 9.69 -12.01 -43.72
N ALA A 481 10.06 -10.75 -43.42
CA ALA A 481 9.52 -9.57 -44.09
C ALA A 481 9.81 -9.61 -45.59
N LEU A 482 11.03 -10.05 -45.92
CA LEU A 482 11.44 -10.09 -47.31
C LEU A 482 10.95 -11.30 -48.07
N TYR A 483 10.90 -12.46 -47.40
CA TYR A 483 10.83 -13.72 -48.15
C TYR A 483 9.69 -14.70 -47.85
N TYR A 484 8.87 -14.44 -46.84
CA TYR A 484 7.83 -15.40 -46.50
C TYR A 484 6.97 -15.78 -47.72
N ASP A 485 6.65 -14.79 -48.54
CA ASP A 485 5.79 -14.97 -49.71
C ASP A 485 6.55 -15.25 -51.02
N VAL A 486 7.81 -15.70 -50.95
CA VAL A 486 8.54 -16.00 -52.21
C VAL A 486 7.87 -17.09 -53.08
N LYS B 12 34.71 -27.56 24.57
CA LYS B 12 33.66 -27.01 25.49
C LYS B 12 33.18 -28.04 26.52
N THR B 13 32.69 -27.56 27.65
CA THR B 13 32.19 -28.39 28.76
C THR B 13 30.74 -28.01 29.10
N PRO B 14 30.04 -28.82 29.93
CA PRO B 14 28.67 -28.47 30.34
C PRO B 14 28.53 -27.03 30.87
N ASP B 15 29.44 -26.64 31.75
CA ASP B 15 29.41 -25.29 32.33
C ASP B 15 29.68 -24.16 31.33
N ASP B 16 30.55 -24.39 30.34
CA ASP B 16 30.71 -23.45 29.23
C ASP B 16 29.38 -23.13 28.57
N VAL B 17 28.58 -24.18 28.31
CA VAL B 17 27.29 -24.02 27.63
C VAL B 17 26.25 -23.29 28.50
N PHE B 18 26.20 -23.62 29.79
CA PHE B 18 25.36 -22.88 30.73
C PHE B 18 25.73 -21.39 30.81
N LYS B 19 27.03 -21.10 30.81
CA LYS B 19 27.50 -19.71 30.86
C LYS B 19 27.10 -18.99 29.57
N LEU B 20 27.31 -19.64 28.42
CA LEU B 20 26.91 -19.07 27.13
C LEU B 20 25.40 -18.75 27.11
N ALA B 21 24.60 -19.71 27.57
CA ALA B 21 23.14 -19.55 27.61
C ALA B 21 22.69 -18.37 28.48
N LYS B 22 23.34 -18.24 29.63
CA LYS B 22 23.06 -17.16 30.56
C LYS B 22 23.57 -15.81 30.04
N ASP B 23 24.79 -15.77 29.50
CA ASP B 23 25.37 -14.51 28.94
C ASP B 23 24.61 -13.99 27.72
N GLU B 24 24.10 -14.90 26.88
CA GLU B 24 23.35 -14.53 25.68
C GLU B 24 21.86 -14.30 25.96
N LYS B 25 21.46 -14.47 27.21
CA LYS B 25 20.07 -14.28 27.66
C LYS B 25 19.10 -15.11 26.80
N VAL B 26 19.44 -16.38 26.65
CA VAL B 26 18.73 -17.31 25.80
C VAL B 26 17.35 -17.63 26.39
N GLU B 27 16.32 -17.61 25.54
CA GLU B 27 14.98 -17.98 25.98
C GLU B 27 14.67 -19.47 25.76
N TYR B 28 15.25 -20.05 24.70
CA TYR B 28 14.94 -21.43 24.34
C TYR B 28 16.19 -22.19 23.94
N VAL B 29 16.17 -23.50 24.19
CA VAL B 29 17.22 -24.36 23.70
C VAL B 29 16.63 -25.35 22.69
N ASP B 30 17.25 -25.42 21.52
CA ASP B 30 16.81 -26.29 20.45
C ASP B 30 17.68 -27.55 20.47
N VAL B 31 17.03 -28.68 20.70
CA VAL B 31 17.66 -29.99 20.82
C VAL B 31 17.64 -30.67 19.45
N ARG B 32 18.82 -30.93 18.90
CA ARG B 32 18.94 -31.44 17.54
C ARG B 32 19.68 -32.75 17.45
N PHE B 33 19.25 -33.60 16.51
CA PHE B 33 19.98 -34.84 16.20
C PHE B 33 19.72 -35.18 14.74
N CYS B 34 20.44 -36.14 14.21
CA CYS B 34 20.36 -36.44 12.81
C CYS B 34 19.59 -37.73 12.55
N ASP B 35 18.59 -37.69 11.66
CA ASP B 35 17.95 -38.93 11.23
C ASP B 35 18.88 -39.72 10.30
N LEU B 36 18.48 -40.94 9.95
CA LEU B 36 19.38 -41.78 9.17
C LEU B 36 19.64 -41.23 7.74
N PRO B 37 18.59 -40.79 7.02
CA PRO B 37 18.89 -40.25 5.66
C PRO B 37 19.76 -38.98 5.64
N GLY B 38 19.70 -38.20 6.71
CA GLY B 38 20.60 -37.07 6.88
C GLY B 38 19.98 -35.72 7.11
N ILE B 39 18.70 -35.69 7.54
CA ILE B 39 18.01 -34.44 7.86
C ILE B 39 18.06 -34.22 9.36
N MET B 40 18.48 -33.03 9.81
CA MET B 40 18.40 -32.71 11.23
C MET B 40 16.96 -32.59 11.78
N GLN B 41 16.79 -33.10 13.00
CA GLN B 41 15.51 -33.14 13.67
C GLN B 41 15.64 -32.27 14.89
N HIS B 42 14.51 -31.76 15.41
CA HIS B 42 14.59 -30.85 16.56
C HIS B 42 13.30 -30.75 17.36
N PHE B 43 13.45 -30.42 18.62
CA PHE B 43 12.38 -29.91 19.46
C PHE B 43 12.97 -28.84 20.39
N THR B 44 12.10 -28.08 21.01
CA THR B 44 12.51 -26.92 21.76
C THR B 44 12.13 -27.11 23.24
N ILE B 45 13.05 -26.72 24.12
CA ILE B 45 12.77 -26.68 25.55
C ILE B 45 13.04 -25.27 26.03
N PRO B 46 12.32 -24.81 27.05
CA PRO B 46 12.63 -23.49 27.60
C PRO B 46 14.01 -23.45 28.27
N ALA B 47 14.63 -22.28 28.32
CA ALA B 47 15.93 -22.12 29.00
C ALA B 47 15.84 -22.62 30.42
N SER B 48 14.73 -22.32 31.09
CA SER B 48 14.48 -22.80 32.45
C SER B 48 14.43 -24.33 32.61
N ALA B 49 14.32 -25.09 31.52
CA ALA B 49 14.37 -26.55 31.60
C ALA B 49 15.74 -27.07 31.18
N PHE B 50 16.63 -26.16 30.82
CA PHE B 50 17.98 -26.54 30.43
C PHE B 50 18.93 -26.53 31.64
N ASP B 51 19.05 -27.69 32.29
CA ASP B 51 19.84 -27.83 33.52
C ASP B 51 20.74 -29.06 33.48
N LYS B 52 21.39 -29.35 34.62
CA LYS B 52 22.29 -30.51 34.73
C LYS B 52 21.63 -31.82 34.34
N SER B 53 20.35 -31.93 34.64
CA SER B 53 19.55 -33.11 34.34
C SER B 53 19.59 -33.48 32.85
N VAL B 54 19.57 -32.46 31.99
CA VAL B 54 19.69 -32.67 30.55
C VAL B 54 21.00 -33.43 30.24
N PHE B 55 22.06 -33.14 30.99
CA PHE B 55 23.35 -33.82 30.79
C PHE B 55 23.43 -35.19 31.49
N ASP B 56 22.79 -35.30 32.65
CA ASP B 56 22.86 -36.52 33.44
C ASP B 56 21.84 -37.56 33.00
N ASP B 57 20.60 -37.15 32.77
CA ASP B 57 19.53 -38.08 32.46
C ASP B 57 19.17 -38.11 30.97
N GLY B 58 19.44 -37.01 30.26
CA GLY B 58 19.07 -36.90 28.85
C GLY B 58 17.60 -36.55 28.62
N LEU B 59 17.19 -36.59 27.36
CA LEU B 59 15.81 -36.28 26.98
C LEU B 59 15.28 -37.38 26.08
N ALA B 60 13.97 -37.57 26.11
CA ALA B 60 13.32 -38.61 25.31
C ALA B 60 12.69 -38.08 24.01
N PHE B 61 12.53 -38.97 23.04
CA PHE B 61 11.74 -38.68 21.84
C PHE B 61 11.15 -39.98 21.28
N ASP B 62 10.34 -39.86 20.21
CA ASP B 62 9.71 -41.00 19.55
C ASP B 62 10.62 -41.53 18.42
N GLY B 63 11.37 -42.58 18.73
CA GLY B 63 12.26 -43.20 17.76
C GLY B 63 11.54 -43.78 16.55
N SER B 64 10.24 -44.04 16.67
CA SER B 64 9.48 -44.67 15.57
C SER B 64 9.03 -43.69 14.52
N SER B 65 9.05 -42.38 14.85
CA SER B 65 8.70 -41.34 13.89
C SER B 65 9.92 -40.82 13.11
N ILE B 66 11.11 -41.30 13.48
CA ILE B 66 12.34 -40.89 12.82
C ILE B 66 12.78 -41.96 11.82
N ARG B 67 13.09 -41.53 10.60
CA ARG B 67 13.40 -42.45 9.51
C ARG B 67 14.67 -43.24 9.79
N GLY B 68 14.56 -44.56 9.69
CA GLY B 68 15.69 -45.47 9.88
C GLY B 68 16.00 -45.77 11.34
N PHE B 69 15.14 -45.34 12.25
CA PHE B 69 15.35 -45.59 13.67
C PHE B 69 14.57 -46.81 14.18
N GLN B 70 13.59 -46.58 15.05
CA GLN B 70 12.89 -47.66 15.76
C GLN B 70 11.54 -48.06 15.15
N SER B 71 11.08 -49.26 15.51
CA SER B 71 9.68 -49.66 15.28
C SER B 71 8.82 -49.06 16.38
N ILE B 72 7.50 -49.07 16.18
CA ILE B 72 6.56 -48.43 17.07
C ILE B 72 6.52 -49.05 18.46
N HIS B 73 6.69 -50.37 18.54
CA HIS B 73 6.61 -51.04 19.83
C HIS B 73 7.88 -50.91 20.66
N GLU B 74 8.94 -50.36 20.05
CA GLU B 74 10.19 -50.08 20.75
C GLU B 74 10.59 -48.63 20.57
N SER B 75 9.59 -47.75 20.67
CA SER B 75 9.71 -46.38 20.21
C SER B 75 10.63 -45.49 21.05
N ASP B 76 10.46 -45.47 22.37
CA ASP B 76 11.23 -44.53 23.21
C ASP B 76 12.72 -44.60 22.93
N MET B 77 13.33 -43.44 22.72
CA MET B 77 14.78 -43.33 22.60
C MET B 77 15.28 -42.17 23.45
N LEU B 78 16.58 -42.12 23.70
CA LEU B 78 17.16 -41.10 24.56
C LEU B 78 18.19 -40.23 23.82
N LEU B 79 18.33 -38.99 24.26
CA LEU B 79 19.30 -38.06 23.71
C LEU B 79 20.23 -37.51 24.79
N LEU B 80 21.52 -37.48 24.49
CA LEU B 80 22.51 -36.87 25.40
C LEU B 80 23.27 -35.77 24.66
N PRO B 81 23.47 -34.62 25.31
CA PRO B 81 24.04 -33.44 24.62
C PRO B 81 25.52 -33.57 24.27
N ASP B 82 25.91 -32.86 23.20
CA ASP B 82 27.29 -32.66 22.80
C ASP B 82 27.59 -31.16 22.90
N PRO B 83 28.18 -30.73 24.03
CA PRO B 83 28.45 -29.32 24.32
C PRO B 83 29.34 -28.57 23.30
N GLU B 84 30.16 -29.30 22.53
CA GLU B 84 30.98 -28.67 21.48
C GLU B 84 30.14 -28.02 20.36
N THR B 85 28.91 -28.50 20.17
CA THR B 85 28.09 -28.10 19.04
C THR B 85 27.19 -26.89 19.34
N ALA B 86 27.25 -26.37 20.56
CA ALA B 86 26.35 -25.28 20.97
C ALA B 86 26.61 -23.98 20.21
N ARG B 87 25.59 -23.49 19.50
CA ARG B 87 25.65 -22.23 18.76
C ARG B 87 24.35 -21.44 18.94
N ILE B 88 24.44 -20.11 18.92
CA ILE B 88 23.25 -19.26 18.92
C ILE B 88 22.60 -19.33 17.53
N ASP B 89 21.28 -19.47 17.51
CA ASP B 89 20.53 -19.50 16.25
C ASP B 89 20.37 -18.10 15.68
N PRO B 90 20.81 -17.89 14.42
CA PRO B 90 20.74 -16.56 13.82
C PRO B 90 19.32 -16.12 13.40
N PHE B 91 18.37 -17.05 13.39
CA PHE B 91 17.08 -16.78 12.76
C PHE B 91 15.90 -16.47 13.67
N ARG B 92 15.82 -17.14 14.81
CA ARG B 92 14.63 -17.07 15.65
C ARG B 92 14.55 -15.78 16.45
N ALA B 93 13.40 -15.13 16.40
CA ALA B 93 13.14 -13.88 17.12
C ALA B 93 13.27 -14.04 18.64
N ALA B 94 12.80 -15.18 19.16
CA ALA B 94 13.09 -15.53 20.55
C ALA B 94 14.48 -16.16 20.63
N LYS B 95 15.38 -15.55 21.38
CA LYS B 95 16.78 -15.97 21.41
C LYS B 95 16.92 -17.48 21.72
N THR B 96 17.61 -18.19 20.85
CA THR B 96 17.66 -19.64 20.91
C THR B 96 19.08 -20.18 20.77
N LEU B 97 19.40 -21.17 21.61
CA LEU B 97 20.67 -21.87 21.55
C LEU B 97 20.46 -23.26 20.97
N ASN B 98 21.14 -23.55 19.86
CA ASN B 98 21.09 -24.88 19.21
C ASN B 98 22.19 -25.79 19.75
N ILE B 99 21.81 -27.02 20.10
CA ILE B 99 22.79 -28.02 20.54
C ILE B 99 22.47 -29.35 19.88
N ASN B 100 23.51 -29.99 19.30
CA ASN B 100 23.39 -31.36 18.79
C ASN B 100 23.51 -32.41 19.90
N PHE B 101 22.75 -33.48 19.77
CA PHE B 101 22.77 -34.57 20.73
C PHE B 101 23.19 -35.89 20.07
N PHE B 102 23.65 -36.84 20.88
CA PHE B 102 23.82 -38.23 20.46
C PHE B 102 22.59 -39.02 20.89
N VAL B 103 22.20 -40.00 20.08
CA VAL B 103 21.07 -40.87 20.40
C VAL B 103 21.57 -42.09 21.19
N HIS B 104 20.89 -42.42 22.28
CA HIS B 104 21.28 -43.54 23.15
C HIS B 104 20.09 -44.46 23.45
N ASP B 105 20.40 -45.73 23.73
CA ASP B 105 19.41 -46.70 24.19
C ASP B 105 18.88 -46.25 25.54
N PRO B 106 17.55 -46.29 25.72
CA PRO B 106 17.04 -45.70 26.95
C PRO B 106 17.19 -46.63 28.16
N PHE B 107 17.44 -47.92 27.94
CA PHE B 107 17.67 -48.88 29.04
C PHE B 107 19.13 -48.93 29.46
N THR B 108 20.01 -49.22 28.51
CA THR B 108 21.43 -49.44 28.77
C THR B 108 22.25 -48.14 28.72
N LEU B 109 21.70 -47.11 28.08
CA LEU B 109 22.43 -45.86 27.77
C LEU B 109 23.61 -46.04 26.79
N GLU B 110 23.66 -47.18 26.12
CA GLU B 110 24.62 -47.43 25.06
C GLU B 110 24.31 -46.50 23.88
N PRO B 111 25.36 -46.03 23.18
CA PRO B 111 25.18 -45.27 21.95
C PRO B 111 24.40 -46.06 20.92
N TYR B 112 23.50 -45.40 20.21
CA TYR B 112 22.66 -46.05 19.20
C TYR B 112 23.47 -46.41 17.96
N SER B 113 23.23 -47.60 17.43
CA SER B 113 23.98 -48.11 16.29
C SER B 113 23.55 -47.43 15.00
N ARG B 114 22.38 -46.80 15.02
CA ARG B 114 21.91 -46.10 13.82
C ARG B 114 21.84 -44.57 14.00
N ASP B 115 22.59 -44.08 14.99
CA ASP B 115 22.84 -42.63 15.14
C ASP B 115 24.02 -42.24 14.25
N PRO B 116 23.77 -41.42 13.20
CA PRO B 116 24.84 -41.01 12.28
C PRO B 116 25.98 -40.32 13.01
N ARG B 117 25.65 -39.52 14.03
CA ARG B 117 26.70 -38.88 14.82
C ARG B 117 27.57 -39.91 15.57
N ASN B 118 26.98 -41.03 15.94
CA ASN B 118 27.73 -42.12 16.56
C ASN B 118 28.68 -42.80 15.57
N ILE B 119 28.25 -42.93 14.31
CA ILE B 119 29.06 -43.57 13.28
C ILE B 119 30.33 -42.77 13.07
N ALA B 120 30.17 -41.44 13.02
CA ALA B 120 31.28 -40.52 12.86
C ALA B 120 32.25 -40.60 14.06
N ARG B 121 31.68 -40.71 15.27
CA ARG B 121 32.44 -40.88 16.50
C ARG B 121 33.26 -42.18 16.42
N LYS B 122 32.60 -43.27 16.02
CA LYS B 122 33.25 -44.56 15.88
C LYS B 122 34.36 -44.55 14.83
N ALA B 123 34.14 -43.87 13.71
CA ALA B 123 35.13 -43.80 12.64
C ALA B 123 36.40 -43.11 13.12
N GLU B 124 36.22 -42.02 13.87
CA GLU B 124 37.37 -41.31 14.40
C GLU B 124 38.21 -42.16 15.37
N ASN B 125 37.54 -42.91 16.24
CA ASN B 125 38.22 -43.81 17.18
C ASN B 125 38.90 -44.98 16.48
N TYR B 126 38.22 -45.53 15.48
CA TYR B 126 38.80 -46.61 14.70
C TYR B 126 40.08 -46.17 14.01
N LEU B 127 40.07 -44.95 13.46
CA LEU B 127 41.27 -44.41 12.83
C LEU B 127 42.46 -44.44 13.81
N ILE B 128 42.24 -43.93 15.02
CA ILE B 128 43.30 -43.89 16.02
C ILE B 128 43.80 -45.33 16.28
N SER B 129 42.87 -46.27 16.43
CA SER B 129 43.20 -47.63 16.80
C SER B 129 44.02 -48.37 15.75
N THR B 130 44.01 -47.91 14.49
CA THR B 130 44.83 -48.55 13.45
C THR B 130 46.29 -48.14 13.54
N GLY B 131 46.56 -47.03 14.21
CA GLY B 131 47.91 -46.48 14.27
C GLY B 131 48.36 -45.79 12.99
N ILE B 132 47.52 -45.84 11.95
CA ILE B 132 47.85 -45.20 10.68
C ILE B 132 47.96 -43.67 10.82
N ALA B 133 47.04 -43.09 11.60
CA ALA B 133 46.98 -41.63 11.80
C ALA B 133 46.11 -41.38 13.00
N ASP B 134 46.09 -40.14 13.50
CA ASP B 134 45.15 -39.81 14.58
C ASP B 134 44.02 -38.85 14.17
N THR B 135 44.19 -38.22 13.01
CA THR B 135 43.22 -37.22 12.53
C THR B 135 42.92 -37.33 11.04
N ALA B 136 41.64 -37.33 10.69
CA ALA B 136 41.19 -37.24 9.31
C ALA B 136 40.50 -35.89 9.10
N TYR B 137 41.12 -35.02 8.30
CA TYR B 137 40.56 -33.70 8.02
C TYR B 137 39.73 -33.72 6.74
N PHE B 138 38.55 -33.11 6.84
CA PHE B 138 37.64 -32.99 5.70
C PHE B 138 37.34 -31.54 5.42
N GLY B 139 37.61 -31.14 4.18
CA GLY B 139 37.15 -29.86 3.64
C GLY B 139 36.07 -30.15 2.61
N ALA B 140 34.94 -29.49 2.74
CA ALA B 140 33.80 -29.79 1.85
C ALA B 140 33.34 -28.58 1.05
N GLU B 141 32.86 -28.83 -0.17
CA GLU B 141 32.31 -27.76 -0.98
C GLU B 141 30.88 -28.16 -1.33
N ALA B 142 29.94 -27.71 -0.52
CA ALA B 142 28.54 -28.02 -0.79
C ALA B 142 27.92 -26.91 -1.64
N GLU B 143 27.77 -27.20 -2.92
CA GLU B 143 27.14 -26.26 -3.83
C GLU B 143 25.62 -26.33 -3.69
N PHE B 144 24.92 -25.27 -4.08
CA PHE B 144 23.46 -25.22 -3.97
C PHE B 144 22.89 -24.25 -4.99
N TYR B 145 21.57 -24.31 -5.21
CA TYR B 145 20.88 -23.35 -6.07
C TYR B 145 19.96 -22.47 -5.23
N ILE B 146 19.97 -21.18 -5.52
CA ILE B 146 19.07 -20.23 -4.88
C ILE B 146 17.93 -19.94 -5.84
N PHE B 147 16.83 -20.67 -5.70
CA PHE B 147 15.69 -20.53 -6.60
C PHE B 147 14.68 -19.55 -6.03
N ASP B 148 13.70 -19.15 -6.85
CA ASP B 148 12.56 -18.33 -6.41
C ASP B 148 11.35 -19.17 -6.05
N SER B 149 11.18 -20.29 -6.75
CA SER B 149 10.03 -21.13 -6.55
C SER B 149 10.25 -22.57 -6.99
N VAL B 150 9.35 -23.43 -6.51
CA VAL B 150 9.31 -24.82 -6.91
C VAL B 150 7.92 -25.35 -6.69
N SER B 151 7.45 -26.16 -7.63
CA SER B 151 6.25 -26.95 -7.43
C SER B 151 6.34 -28.25 -8.21
N PHE B 152 5.58 -29.23 -7.76
CA PHE B 152 5.63 -30.57 -8.37
C PHE B 152 4.46 -31.34 -7.84
N ASP B 153 4.02 -32.35 -8.60
CA ASP B 153 3.08 -33.34 -8.09
C ASP B 153 3.12 -34.60 -8.92
N SER B 154 2.36 -35.59 -8.50
CA SER B 154 2.36 -36.91 -9.11
C SER B 154 0.97 -37.49 -8.92
N ARG B 155 0.25 -37.67 -10.02
CA ARG B 155 -1.14 -38.10 -10.00
C ARG B 155 -1.31 -39.31 -10.92
N ALA B 156 -2.50 -39.91 -10.95
CA ALA B 156 -2.75 -41.06 -11.81
C ALA B 156 -2.49 -40.74 -13.28
N ASN B 157 -2.90 -39.55 -13.71
CA ASN B 157 -2.95 -39.17 -15.12
C ASN B 157 -1.92 -38.10 -15.51
N GLY B 158 -1.03 -37.76 -14.60
CA GLY B 158 -0.02 -36.77 -14.91
C GLY B 158 0.94 -36.49 -13.78
N SER B 159 2.01 -35.78 -14.10
CA SER B 159 3.06 -35.47 -13.14
C SER B 159 3.85 -34.28 -13.66
N PHE B 160 4.40 -33.48 -12.76
CA PHE B 160 5.21 -32.34 -13.19
C PHE B 160 6.15 -31.87 -12.11
N TYR B 161 7.20 -31.16 -12.51
CA TYR B 161 7.92 -30.31 -11.59
C TYR B 161 8.28 -29.06 -12.35
N GLU B 162 8.52 -28.01 -11.61
CA GLU B 162 9.08 -26.80 -12.17
C GLU B 162 9.86 -26.07 -11.08
N VAL B 163 11.10 -25.71 -11.38
CA VAL B 163 11.80 -24.76 -10.54
C VAL B 163 11.93 -23.44 -11.30
N ASP B 164 12.02 -22.34 -10.58
CA ASP B 164 12.17 -21.04 -11.24
C ASP B 164 13.10 -20.10 -10.47
N ALA B 165 13.70 -19.18 -11.22
CA ALA B 165 14.69 -18.28 -10.68
C ALA B 165 14.72 -17.08 -11.62
N ILE B 166 14.80 -15.87 -11.07
CA ILE B 166 14.81 -14.68 -11.93
C ILE B 166 15.97 -14.72 -12.94
N SER B 167 17.13 -15.21 -12.52
CA SER B 167 18.33 -15.22 -13.35
C SER B 167 18.39 -16.41 -14.29
N GLY B 168 17.37 -17.25 -14.28
CA GLY B 168 17.31 -18.40 -15.18
C GLY B 168 17.28 -18.01 -16.66
N TRP B 169 18.12 -18.65 -17.45
CA TRP B 169 18.21 -18.34 -18.88
C TRP B 169 16.90 -18.62 -19.62
N TRP B 170 16.12 -19.57 -19.11
CA TRP B 170 14.79 -19.87 -19.67
C TRP B 170 13.87 -18.64 -19.63
N ASN B 171 14.23 -17.63 -18.84
CA ASN B 171 13.39 -16.46 -18.67
C ASN B 171 13.79 -15.24 -19.53
N THR B 172 14.76 -15.38 -20.43
CA THR B 172 15.19 -14.21 -21.19
C THR B 172 14.07 -13.55 -21.97
N GLY B 173 13.10 -14.34 -22.43
CA GLY B 173 11.97 -13.84 -23.21
C GLY B 173 10.73 -13.42 -22.42
N ALA B 174 10.82 -13.48 -21.12
CA ALA B 174 9.67 -13.14 -20.26
C ALA B 174 9.27 -11.66 -20.43
N ALA B 175 7.96 -11.44 -20.60
CA ALA B 175 7.45 -10.09 -20.76
C ALA B 175 7.63 -9.27 -19.50
N THR B 176 7.55 -9.92 -18.34
CA THR B 176 7.74 -9.28 -17.05
C THR B 176 8.26 -10.32 -16.06
N GLU B 177 8.74 -9.86 -14.91
CA GLU B 177 9.08 -10.76 -13.81
C GLU B 177 7.82 -11.26 -13.09
N ALA B 178 7.99 -12.23 -12.19
CA ALA B 178 6.87 -12.85 -11.45
C ALA B 178 5.95 -11.84 -10.77
N ASP B 179 6.51 -10.74 -10.29
CA ASP B 179 5.71 -9.71 -9.61
C ASP B 179 5.16 -8.65 -10.57
N GLY B 180 5.36 -8.83 -11.88
CA GLY B 180 4.86 -7.86 -12.86
C GLY B 180 5.84 -6.74 -13.18
N SER B 181 6.96 -6.67 -12.46
CA SER B 181 8.00 -5.68 -12.79
C SER B 181 8.74 -6.06 -14.09
N PRO B 182 9.42 -5.09 -14.73
CA PRO B 182 10.00 -5.32 -16.07
C PRO B 182 11.14 -6.35 -16.08
N ASN B 183 11.26 -7.07 -17.19
CA ASN B 183 12.40 -7.92 -17.42
C ASN B 183 13.58 -7.01 -17.70
N ARG B 184 14.63 -7.09 -16.89
CA ARG B 184 15.78 -6.21 -17.07
C ARG B 184 17.05 -6.89 -17.62
N GLY B 185 16.92 -8.12 -18.12
CA GLY B 185 18.04 -8.85 -18.69
C GLY B 185 19.12 -9.18 -17.67
N TYR B 186 20.35 -9.37 -18.14
CA TYR B 186 21.47 -9.80 -17.30
C TYR B 186 21.22 -11.18 -16.66
N LYS B 187 20.46 -12.02 -17.35
CA LYS B 187 20.20 -13.37 -16.84
C LYS B 187 21.44 -14.22 -17.12
N VAL B 188 21.57 -15.34 -16.42
CA VAL B 188 22.80 -16.13 -16.52
C VAL B 188 22.64 -17.21 -17.60
N ARG B 189 23.58 -17.25 -18.54
CA ARG B 189 23.61 -18.30 -19.55
C ARG B 189 23.84 -19.66 -18.89
N HIS B 190 23.31 -20.72 -19.51
CA HIS B 190 23.61 -22.08 -19.06
C HIS B 190 25.12 -22.29 -19.08
N LYS B 191 25.65 -22.80 -17.97
CA LYS B 191 27.08 -23.04 -17.79
C LYS B 191 27.85 -21.73 -17.74
N GLY B 192 27.14 -20.61 -17.54
CA GLY B 192 27.78 -19.28 -17.59
C GLY B 192 27.78 -18.49 -16.30
N GLY B 193 27.57 -19.13 -15.17
CA GLY B 193 27.41 -18.39 -13.91
C GLY B 193 28.70 -18.24 -13.10
N TYR B 194 29.76 -18.91 -13.54
CA TYR B 194 31.05 -18.86 -12.85
C TYR B 194 32.03 -17.96 -13.61
N PHE B 195 32.27 -16.71 -13.18
CA PHE B 195 31.48 -15.99 -12.18
C PHE B 195 31.50 -14.47 -12.44
N PRO B 196 30.77 -14.02 -13.47
CA PRO B 196 30.79 -12.60 -13.86
C PRO B 196 30.26 -11.70 -12.75
N VAL B 197 30.73 -10.46 -12.73
CA VAL B 197 30.31 -9.46 -11.75
C VAL B 197 28.82 -9.08 -11.87
N ALA B 198 28.28 -8.46 -10.82
CA ALA B 198 26.94 -7.88 -10.87
C ALA B 198 26.92 -6.88 -12.03
N PRO B 199 25.75 -6.70 -12.67
CA PRO B 199 24.45 -7.28 -12.33
C PRO B 199 24.19 -8.67 -12.91
N ASN B 200 25.12 -9.23 -13.67
CA ASN B 200 25.01 -10.65 -14.10
C ASN B 200 24.86 -11.60 -12.92
N ASP B 201 25.69 -11.39 -11.90
CA ASP B 201 25.56 -12.03 -10.60
C ASP B 201 24.48 -11.27 -9.83
N GLN B 202 23.30 -11.87 -9.70
CA GLN B 202 22.17 -11.20 -9.04
C GLN B 202 22.04 -11.55 -7.56
N TYR B 203 22.99 -12.31 -7.02
CA TYR B 203 22.88 -12.83 -5.66
C TYR B 203 23.98 -12.36 -4.72
N VAL B 204 24.70 -11.32 -5.11
CA VAL B 204 25.83 -10.83 -4.30
C VAL B 204 25.41 -10.49 -2.85
N ASP B 205 24.38 -9.65 -2.70
CA ASP B 205 23.89 -9.22 -1.37
C ASP B 205 23.37 -10.38 -0.51
N LEU B 206 22.62 -11.28 -1.13
CA LEU B 206 22.14 -12.47 -0.44
C LEU B 206 23.29 -13.38 0.04
N ARG B 207 24.26 -13.64 -0.83
CA ARG B 207 25.39 -14.48 -0.44
C ARG B 207 26.22 -13.81 0.65
N ASP B 208 26.25 -12.47 0.66
CA ASP B 208 26.93 -11.72 1.70
C ASP B 208 26.25 -11.98 3.01
N LYS B 209 24.91 -12.01 3.00
CA LYS B 209 24.12 -12.28 4.22
C LYS B 209 24.34 -13.71 4.73
N MET B 210 24.51 -14.63 3.78
CA MET B 210 24.81 -16.01 4.12
C MET B 210 26.20 -16.10 4.76
N LEU B 211 27.16 -15.40 4.16
CA LEU B 211 28.52 -15.34 4.69
C LEU B 211 28.54 -14.75 6.10
N THR B 212 27.76 -13.70 6.34
CA THR B 212 27.72 -13.05 7.65
C THR B 212 27.09 -13.98 8.71
N ASN B 213 25.97 -14.61 8.37
CA ASN B 213 25.31 -15.54 9.28
C ASN B 213 26.23 -16.70 9.65
N LEU B 214 27.03 -17.16 8.70
CA LEU B 214 28.00 -18.21 8.98
C LEU B 214 29.09 -17.72 9.96
N ILE B 215 29.68 -16.57 9.66
CA ILE B 215 30.70 -15.97 10.52
C ILE B 215 30.16 -15.79 11.94
N ASN B 216 28.92 -15.29 12.04
CA ASN B 216 28.28 -15.11 13.34
C ASN B 216 27.93 -16.40 14.09
N SER B 217 27.94 -17.55 13.40
CA SER B 217 27.77 -18.86 14.05
C SER B 217 29.10 -19.54 14.23
N GLY B 218 30.20 -18.79 14.13
CA GLY B 218 31.52 -19.32 14.46
C GLY B 218 32.22 -20.09 13.37
N PHE B 219 31.69 -20.02 12.14
CA PHE B 219 32.42 -20.58 11.01
C PHE B 219 33.62 -19.70 10.68
N ILE B 220 34.72 -20.31 10.25
CA ILE B 220 35.84 -19.57 9.69
C ILE B 220 35.75 -19.67 8.16
N LEU B 221 35.48 -18.53 7.54
CA LEU B 221 35.11 -18.50 6.13
C LEU B 221 36.33 -18.41 5.24
N GLU B 222 36.25 -19.03 4.07
CA GLU B 222 37.27 -18.86 3.06
C GLU B 222 36.84 -18.08 1.82
N LYS B 223 35.70 -18.47 1.23
CA LYS B 223 35.18 -17.79 0.07
C LYS B 223 33.70 -18.07 -0.24
N GLY B 224 33.14 -17.20 -1.07
CA GLY B 224 31.78 -17.34 -1.57
C GLY B 224 31.76 -16.88 -3.03
N HIS B 225 30.97 -17.56 -3.85
CA HIS B 225 30.83 -17.17 -5.24
C HIS B 225 29.62 -17.79 -5.92
N HIS B 226 29.19 -17.16 -7.01
CA HIS B 226 28.22 -17.77 -7.91
C HIS B 226 28.90 -18.99 -8.52
N GLU B 227 28.13 -20.03 -8.77
CA GLU B 227 28.67 -21.19 -9.48
C GLU B 227 28.17 -21.25 -10.91
N VAL B 228 28.62 -22.28 -11.63
CA VAL B 228 28.45 -22.41 -13.06
C VAL B 228 26.96 -22.34 -13.49
N GLY B 229 26.09 -22.99 -12.74
CA GLY B 229 24.69 -23.11 -13.14
C GLY B 229 23.90 -21.82 -13.25
N SER B 230 23.07 -21.72 -14.28
CA SER B 230 22.13 -20.63 -14.43
C SER B 230 21.04 -20.75 -13.37
N GLY B 231 20.37 -19.65 -13.05
CA GLY B 231 19.30 -19.71 -12.06
C GLY B 231 19.78 -19.78 -10.62
N GLY B 232 20.97 -19.24 -10.36
CA GLY B 232 21.38 -18.93 -9.01
C GLY B 232 22.22 -19.97 -8.29
N GLN B 233 23.06 -20.70 -9.02
CA GLN B 233 23.93 -21.65 -8.35
C GLN B 233 24.97 -20.91 -7.53
N ALA B 234 25.36 -21.48 -6.41
CA ALA B 234 26.26 -20.79 -5.49
C ALA B 234 27.16 -21.77 -4.75
N GLU B 235 28.21 -21.24 -4.14
CA GLU B 235 29.14 -22.03 -3.34
C GLU B 235 29.78 -21.14 -2.29
N ILE B 236 29.75 -21.61 -1.06
CA ILE B 236 30.49 -21.00 0.04
C ILE B 236 31.42 -22.05 0.67
N ASN B 237 32.65 -21.63 0.98
CA ASN B 237 33.65 -22.49 1.58
C ASN B 237 34.02 -21.97 2.94
N TYR B 238 34.06 -22.86 3.92
CA TYR B 238 34.55 -22.56 5.26
C TYR B 238 35.71 -23.51 5.56
N GLN B 239 36.50 -23.18 6.58
CA GLN B 239 37.66 -23.96 6.96
C GLN B 239 37.36 -25.43 7.27
N PHE B 240 38.25 -26.30 6.79
CA PHE B 240 38.21 -27.73 7.06
C PHE B 240 38.25 -28.04 8.57
N ASN B 241 37.93 -29.28 8.92
CA ASN B 241 38.00 -29.71 10.30
C ASN B 241 38.14 -31.22 10.34
N SER B 242 38.31 -31.79 11.53
CA SER B 242 38.32 -33.25 11.68
C SER B 242 36.93 -33.83 11.41
N LEU B 243 36.91 -35.09 10.97
CA LEU B 243 35.68 -35.75 10.50
C LEU B 243 34.38 -35.35 11.20
N LEU B 244 34.26 -35.62 12.50
CA LEU B 244 32.99 -35.41 13.19
C LEU B 244 32.61 -33.93 13.22
N HIS B 245 33.56 -33.08 13.59
CA HIS B 245 33.35 -31.64 13.57
C HIS B 245 32.96 -31.15 12.16
N ALA B 246 33.61 -31.71 11.13
CA ALA B 246 33.31 -31.36 9.75
C ALA B 246 31.86 -31.72 9.37
N ALA B 247 31.42 -32.89 9.83
CA ALA B 247 30.06 -33.31 9.51
C ALA B 247 29.01 -32.46 10.25
N ASP B 248 29.31 -32.09 11.50
CA ASP B 248 28.46 -31.15 12.25
C ASP B 248 28.41 -29.78 11.59
N ASP B 249 29.57 -29.29 11.16
CA ASP B 249 29.68 -28.05 10.37
C ASP B 249 28.80 -28.09 9.11
N MET B 250 28.85 -29.19 8.37
CA MET B 250 28.06 -29.35 7.15
C MET B 250 26.55 -29.21 7.41
N GLN B 251 26.06 -29.86 8.45
CA GLN B 251 24.65 -29.82 8.80
C GLN B 251 24.19 -28.45 9.22
N LEU B 252 25.02 -27.78 10.02
CA LEU B 252 24.74 -26.39 10.41
C LEU B 252 24.81 -25.43 9.20
N TYR B 253 25.79 -25.63 8.33
CA TYR B 253 25.91 -24.86 7.09
C TYR B 253 24.62 -24.96 6.24
N LYS B 254 24.12 -26.18 6.01
CA LYS B 254 22.93 -26.33 5.16
C LYS B 254 21.75 -25.61 5.77
N TYR B 255 21.61 -25.72 7.08
CA TYR B 255 20.55 -25.05 7.82
C TYR B 255 20.65 -23.53 7.69
N ILE B 256 21.87 -23.00 7.77
CA ILE B 256 22.06 -21.54 7.68
C ILE B 256 21.82 -21.04 6.25
N ILE B 257 22.32 -21.79 5.28
CA ILE B 257 22.07 -21.43 3.89
C ILE B 257 20.57 -21.44 3.58
N LYS B 258 19.90 -22.54 3.93
CA LYS B 258 18.49 -22.70 3.59
C LYS B 258 17.62 -21.62 4.19
N ASN B 259 17.92 -21.26 5.44
CA ASN B 259 17.07 -20.34 6.19
C ASN B 259 17.38 -18.87 5.96
N THR B 260 18.64 -18.56 5.63
CA THR B 260 18.98 -17.22 5.16
C THR B 260 18.22 -16.96 3.87
N ALA B 261 18.24 -17.94 2.98
CA ALA B 261 17.47 -17.84 1.74
C ALA B 261 15.98 -17.66 2.02
N TRP B 262 15.45 -18.48 2.92
CA TRP B 262 14.03 -18.44 3.27
C TRP B 262 13.60 -17.10 3.81
N GLN B 263 14.39 -16.56 4.76
CA GLN B 263 14.06 -15.27 5.38
C GLN B 263 14.15 -14.09 4.41
N ASN B 264 14.87 -14.30 3.32
CA ASN B 264 15.00 -13.30 2.27
C ASN B 264 14.18 -13.59 1.01
N GLY B 265 13.14 -14.42 1.14
CA GLY B 265 12.16 -14.61 0.08
C GLY B 265 12.55 -15.60 -1.00
N LYS B 266 13.61 -16.37 -0.76
CA LYS B 266 14.10 -17.33 -1.77
C LYS B 266 13.88 -18.77 -1.28
N THR B 267 14.33 -19.73 -2.06
CA THR B 267 14.24 -21.13 -1.68
C THR B 267 15.44 -21.89 -2.24
N VAL B 268 16.19 -22.54 -1.36
CA VAL B 268 17.43 -23.19 -1.74
C VAL B 268 17.22 -24.70 -1.83
N THR B 269 17.86 -25.32 -2.82
CA THR B 269 17.96 -26.77 -2.86
C THR B 269 19.41 -27.22 -2.99
N PHE B 270 19.72 -28.30 -2.28
CA PHE B 270 21.02 -28.96 -2.33
C PHE B 270 20.93 -30.22 -3.17
N MET B 271 19.82 -30.41 -3.88
CA MET B 271 19.69 -31.65 -4.66
C MET B 271 20.75 -31.69 -5.75
N PRO B 272 21.22 -32.89 -6.12
CA PRO B 272 22.36 -33.01 -7.02
C PRO B 272 22.11 -32.47 -8.42
N LYS B 273 20.93 -32.66 -8.97
CA LYS B 273 20.67 -32.26 -10.35
C LYS B 273 19.26 -31.67 -10.55
N PRO B 274 19.03 -30.42 -10.11
CA PRO B 274 17.70 -29.83 -10.27
C PRO B 274 17.43 -29.32 -11.69
N LEU B 275 18.50 -29.09 -12.46
CA LEU B 275 18.40 -28.55 -13.82
C LEU B 275 18.98 -29.51 -14.80
N PHE B 276 18.23 -29.72 -15.87
CA PHE B 276 18.66 -30.59 -16.96
C PHE B 276 19.42 -29.73 -17.95
N GLY B 277 20.63 -30.15 -18.29
CA GLY B 277 21.43 -29.44 -19.28
C GLY B 277 22.25 -28.33 -18.66
N ASP B 278 22.42 -28.37 -17.35
CA ASP B 278 23.28 -27.39 -16.66
C ASP B 278 23.93 -28.07 -15.48
N ASN B 279 24.91 -27.42 -14.86
CA ASN B 279 25.71 -28.08 -13.82
C ASN B 279 24.86 -28.59 -12.66
N GLY B 280 25.21 -29.77 -12.17
CA GLY B 280 24.66 -30.28 -10.94
C GLY B 280 25.36 -29.63 -9.76
N SER B 281 24.97 -30.05 -8.54
CA SER B 281 25.56 -29.55 -7.31
C SER B 281 26.27 -30.70 -6.60
N GLY B 282 27.58 -30.57 -6.45
CA GLY B 282 28.37 -31.60 -5.79
C GLY B 282 28.73 -31.23 -4.36
N MET B 283 29.32 -32.20 -3.66
CA MET B 283 29.91 -31.96 -2.37
C MET B 283 31.32 -32.53 -2.41
N HIS B 284 32.20 -31.87 -3.13
CA HIS B 284 33.59 -32.29 -3.19
C HIS B 284 34.15 -32.40 -1.78
N CYS B 285 34.91 -33.48 -1.52
CA CYS B 285 35.49 -33.68 -0.20
C CYS B 285 37.00 -33.76 -0.28
N HIS B 286 37.65 -32.69 0.15
CA HIS B 286 39.11 -32.64 0.24
C HIS B 286 39.49 -33.38 1.51
N GLN B 287 40.39 -34.35 1.40
CA GLN B 287 40.72 -35.22 2.52
C GLN B 287 42.20 -35.37 2.75
N SER B 288 42.62 -35.38 4.02
CA SER B 288 44.01 -35.65 4.37
C SER B 288 44.12 -36.31 5.75
N LEU B 289 45.11 -37.19 5.89
CA LEU B 289 45.44 -37.83 7.17
C LEU B 289 46.65 -37.20 7.84
N TRP B 290 46.55 -37.02 9.17
CA TRP B 290 47.61 -36.38 9.97
C TRP B 290 47.91 -37.27 11.17
N LYS B 291 49.16 -37.27 11.61
CA LYS B 291 49.56 -38.00 12.81
C LYS B 291 50.55 -37.20 13.67
N ASP B 292 50.21 -37.04 14.95
CA ASP B 292 51.02 -36.26 15.92
C ASP B 292 51.33 -34.85 15.39
N GLY B 293 50.30 -34.19 14.83
CA GLY B 293 50.46 -32.85 14.30
C GLY B 293 51.22 -32.71 12.99
N ALA B 294 51.53 -33.83 12.32
CA ALA B 294 52.26 -33.79 11.04
C ALA B 294 51.45 -34.43 9.91
N PRO B 295 51.55 -33.86 8.69
CA PRO B 295 50.80 -34.36 7.54
C PRO B 295 51.39 -35.66 6.96
N LEU B 296 50.51 -36.55 6.48
CA LEU B 296 50.98 -37.82 5.89
C LEU B 296 50.82 -37.93 4.36
N MET B 297 50.20 -36.93 3.73
CA MET B 297 49.83 -37.07 2.33
C MET B 297 50.96 -36.72 1.36
N TYR B 298 52.00 -36.06 1.84
CA TYR B 298 52.99 -35.44 0.95
C TYR B 298 54.28 -36.24 0.74
N ASP B 299 54.67 -36.33 -0.53
CA ASP B 299 55.98 -36.87 -0.91
C ASP B 299 56.35 -36.17 -2.20
N GLU B 300 57.41 -35.39 -2.13
CA GLU B 300 57.87 -34.58 -3.24
C GLU B 300 58.20 -35.42 -4.48
N THR B 301 58.50 -36.70 -4.29
CA THR B 301 58.92 -37.57 -5.40
C THR B 301 57.75 -38.29 -6.09
N GLY B 302 56.59 -38.30 -5.45
CA GLY B 302 55.43 -38.97 -6.03
C GLY B 302 54.74 -38.13 -7.11
N TYR B 303 53.97 -38.79 -7.97
CA TYR B 303 53.09 -38.11 -8.90
C TYR B 303 52.20 -37.16 -8.09
N ALA B 304 52.09 -35.92 -8.57
CA ALA B 304 51.29 -34.86 -7.92
C ALA B 304 51.63 -34.65 -6.44
N GLY B 305 52.88 -34.97 -6.07
CA GLY B 305 53.35 -34.75 -4.70
C GLY B 305 52.73 -35.65 -3.66
N LEU B 306 52.28 -36.83 -4.09
CA LEU B 306 51.53 -37.74 -3.22
C LEU B 306 52.41 -38.82 -2.63
N SER B 307 52.29 -39.01 -1.31
CA SER B 307 52.94 -40.13 -0.60
C SER B 307 52.23 -41.46 -0.93
N ASP B 308 52.86 -42.56 -0.51
CA ASP B 308 52.29 -43.89 -0.68
C ASP B 308 50.97 -44.01 0.08
N THR B 309 50.94 -43.44 1.29
CA THR B 309 49.75 -43.44 2.13
C THR B 309 48.59 -42.78 1.39
N ALA B 310 48.83 -41.58 0.86
CA ALA B 310 47.86 -40.87 0.02
C ALA B 310 47.42 -41.70 -1.19
N ARG B 311 48.39 -42.28 -1.90
CA ARG B 311 48.07 -43.02 -3.12
C ARG B 311 47.22 -44.24 -2.80
N HIS B 312 47.52 -44.91 -1.68
CA HIS B 312 46.75 -46.10 -1.28
C HIS B 312 45.35 -45.74 -0.79
N TYR B 313 45.23 -44.57 -0.13
CA TYR B 313 43.94 -44.00 0.25
C TYR B 313 43.09 -43.83 -1.01
N ILE B 314 43.66 -43.22 -2.04
CA ILE B 314 42.96 -43.05 -3.32
C ILE B 314 42.59 -44.40 -3.92
N GLY B 315 43.54 -45.32 -3.90
CA GLY B 315 43.31 -46.70 -4.32
C GLY B 315 42.06 -47.27 -3.67
N GLY B 316 41.87 -46.98 -2.37
CA GLY B 316 40.71 -47.46 -1.63
C GLY B 316 39.41 -46.82 -2.09
N LEU B 317 39.39 -45.49 -2.19
CA LEU B 317 38.26 -44.76 -2.73
C LEU B 317 37.83 -45.28 -4.08
N LEU B 318 38.77 -45.40 -5.02
CA LEU B 318 38.43 -45.84 -6.37
C LEU B 318 38.04 -47.31 -6.47
N HIS B 319 38.70 -48.16 -5.68
CA HIS B 319 38.36 -49.58 -5.62
C HIS B 319 36.99 -49.83 -4.98
N HIS B 320 36.67 -49.11 -3.92
CA HIS B 320 35.40 -49.36 -3.22
C HIS B 320 34.23 -48.55 -3.76
N ALA B 321 34.53 -47.60 -4.64
CA ALA B 321 33.53 -46.70 -5.23
C ALA B 321 32.20 -47.35 -5.61
N PRO B 322 32.21 -48.53 -6.30
CA PRO B 322 30.92 -49.13 -6.69
C PRO B 322 29.92 -49.36 -5.53
N SER B 323 30.43 -49.54 -4.30
CA SER B 323 29.57 -49.66 -3.12
C SER B 323 29.57 -48.39 -2.27
N LEU B 324 30.72 -47.71 -2.22
CA LEU B 324 30.90 -46.48 -1.45
C LEU B 324 29.87 -45.41 -1.83
N LEU B 325 29.53 -45.36 -3.12
CA LEU B 325 28.61 -44.33 -3.61
C LEU B 325 27.22 -44.47 -3.02
N ALA B 326 26.92 -45.63 -2.43
CA ALA B 326 25.66 -45.83 -1.72
C ALA B 326 25.53 -44.87 -0.55
N PHE B 327 26.66 -44.41 -0.02
CA PHE B 327 26.66 -43.41 1.06
C PHE B 327 27.09 -42.00 0.62
N THR B 328 27.82 -41.87 -0.48
CA THR B 328 28.30 -40.56 -0.91
C THR B 328 27.37 -39.94 -1.98
N ASN B 329 26.69 -40.81 -2.75
CA ASN B 329 25.75 -40.43 -3.82
C ASN B 329 24.45 -41.23 -3.65
N PRO B 330 23.71 -40.94 -2.55
CA PRO B 330 22.74 -41.92 -2.06
C PRO B 330 21.31 -41.79 -2.58
N THR B 331 21.11 -40.98 -3.61
CA THR B 331 19.74 -40.75 -4.10
C THR B 331 19.60 -41.11 -5.57
N VAL B 332 18.37 -41.27 -6.05
CA VAL B 332 18.14 -41.52 -7.46
C VAL B 332 18.67 -40.34 -8.27
N ASN B 333 18.41 -39.12 -7.78
CA ASN B 333 18.83 -37.90 -8.47
C ASN B 333 20.33 -37.74 -8.56
N SER B 334 21.05 -38.32 -7.60
CA SER B 334 22.52 -38.36 -7.64
C SER B 334 23.04 -38.77 -9.00
N TYR B 335 22.41 -39.75 -9.62
CA TYR B 335 22.94 -40.37 -10.85
C TYR B 335 22.63 -39.56 -12.11
N LYS B 336 21.72 -38.59 -11.98
CA LYS B 336 21.52 -37.58 -13.03
C LYS B 336 22.63 -36.53 -13.09
N ARG B 337 23.38 -36.38 -12.01
CA ARG B 337 24.54 -35.52 -11.99
C ARG B 337 25.79 -36.20 -12.59
N LEU B 338 25.94 -37.51 -12.37
CA LEU B 338 27.11 -38.27 -12.88
C LEU B 338 26.98 -38.58 -14.38
N VAL B 339 26.91 -37.50 -15.17
CA VAL B 339 26.83 -37.57 -16.64
C VAL B 339 27.90 -36.64 -17.21
N PRO B 340 28.38 -36.90 -18.44
CA PRO B 340 29.53 -36.13 -18.91
C PRO B 340 29.22 -34.64 -19.22
N GLY B 341 30.24 -33.78 -19.09
CA GLY B 341 30.18 -32.41 -19.56
C GLY B 341 29.86 -31.34 -18.53
N TYR B 342 29.86 -31.68 -17.24
CA TYR B 342 29.42 -30.75 -16.18
C TYR B 342 30.34 -30.70 -14.94
N GLU B 343 31.58 -31.11 -15.13
CA GLU B 343 32.60 -31.08 -14.08
C GLU B 343 32.30 -32.03 -12.93
N ALA B 344 31.50 -33.05 -13.22
CA ALA B 344 31.27 -34.14 -12.29
C ALA B 344 31.90 -35.42 -12.90
N PRO B 345 32.26 -36.43 -12.06
CA PRO B 345 32.95 -37.62 -12.58
C PRO B 345 32.04 -38.56 -13.37
N ILE B 346 32.61 -39.25 -14.37
CA ILE B 346 31.90 -40.30 -15.10
C ILE B 346 32.70 -41.60 -15.11
N ASN B 347 33.88 -41.59 -14.50
CA ASN B 347 34.67 -42.80 -14.40
C ASN B 347 35.64 -42.74 -13.23
N LEU B 348 36.25 -43.87 -12.90
CA LEU B 348 37.01 -44.01 -11.65
C LEU B 348 38.50 -43.75 -11.83
N VAL B 349 38.86 -42.48 -12.01
CA VAL B 349 40.27 -42.12 -12.16
C VAL B 349 40.65 -40.96 -11.26
N TYR B 350 41.94 -40.88 -10.93
CA TYR B 350 42.48 -39.69 -10.28
C TYR B 350 43.48 -38.99 -11.20
N SER B 351 43.66 -37.70 -11.00
CA SER B 351 44.45 -36.86 -11.89
C SER B 351 44.60 -35.48 -11.29
N GLN B 352 45.82 -34.94 -11.31
CA GLN B 352 46.02 -33.61 -10.79
C GLN B 352 45.42 -32.56 -11.72
N ARG B 353 44.90 -31.48 -11.12
CA ARG B 353 44.44 -30.31 -11.85
C ARG B 353 43.17 -30.58 -12.68
N ASN B 354 42.61 -31.79 -12.57
CA ASN B 354 41.62 -32.30 -13.54
C ASN B 354 40.17 -32.36 -13.00
N ARG B 355 39.35 -31.40 -13.43
CA ARG B 355 37.97 -31.28 -12.95
C ARG B 355 36.99 -32.26 -13.64
N SER B 356 37.51 -33.08 -14.56
CA SER B 356 36.71 -34.14 -15.19
C SER B 356 36.93 -35.49 -14.50
N ALA B 357 37.83 -35.50 -13.51
CA ALA B 357 38.20 -36.74 -12.82
C ALA B 357 37.37 -37.01 -11.58
N CYS B 358 37.41 -38.26 -11.12
CA CYS B 358 36.76 -38.67 -9.89
C CYS B 358 37.48 -38.18 -8.63
N VAL B 359 38.82 -38.26 -8.67
CA VAL B 359 39.66 -37.66 -7.63
C VAL B 359 40.61 -36.70 -8.32
N ARG B 360 40.51 -35.44 -7.95
CA ARG B 360 41.42 -34.42 -8.44
C ARG B 360 42.43 -34.11 -7.33
N ILE B 361 43.70 -33.94 -7.71
CA ILE B 361 44.69 -33.42 -6.80
C ILE B 361 44.89 -31.94 -7.11
N PRO B 362 44.39 -31.06 -6.23
CA PRO B 362 44.55 -29.61 -6.48
C PRO B 362 46.03 -29.21 -6.45
N ILE B 363 46.38 -28.18 -7.20
CA ILE B 363 47.76 -27.71 -7.26
C ILE B 363 48.05 -26.86 -6.04
N THR B 364 48.93 -27.36 -5.18
CA THR B 364 49.20 -26.71 -3.88
C THR B 364 50.69 -26.38 -3.63
N GLY B 365 51.56 -26.76 -4.57
CA GLY B 365 52.99 -26.49 -4.42
C GLY B 365 53.67 -27.43 -3.43
N SER B 366 54.73 -26.94 -2.80
CA SER B 366 55.60 -27.79 -1.99
C SER B 366 55.24 -27.87 -0.51
N ASN B 367 54.29 -27.05 -0.05
CA ASN B 367 53.86 -27.07 1.35
C ASN B 367 53.15 -28.39 1.68
N PRO B 368 53.77 -29.24 2.53
CA PRO B 368 53.19 -30.54 2.87
C PRO B 368 51.84 -30.45 3.57
N LYS B 369 51.60 -29.36 4.31
CA LYS B 369 50.35 -29.20 5.05
C LYS B 369 49.14 -28.98 4.14
N ALA B 370 49.39 -28.54 2.90
CA ALA B 370 48.32 -28.25 1.96
C ALA B 370 48.01 -29.41 1.04
N LYS B 371 48.86 -30.44 1.04
CA LYS B 371 48.67 -31.57 0.13
C LYS B 371 47.48 -32.42 0.54
N ARG B 372 46.60 -32.73 -0.43
CA ARG B 372 45.39 -33.51 -0.19
C ARG B 372 44.75 -33.99 -1.49
N LEU B 373 43.80 -34.90 -1.37
CA LEU B 373 43.03 -35.34 -2.53
C LEU B 373 41.61 -34.72 -2.44
N GLU B 374 41.05 -34.39 -3.61
CA GLU B 374 39.66 -33.94 -3.72
C GLU B 374 38.81 -35.04 -4.33
N PHE B 375 37.92 -35.62 -3.53
CA PHE B 375 37.00 -36.66 -3.99
C PHE B 375 35.77 -35.90 -4.52
N ARG B 376 35.60 -35.95 -5.84
CA ARG B 376 34.65 -35.06 -6.52
C ARG B 376 33.29 -35.71 -6.66
N SER B 377 33.25 -37.03 -6.51
CA SER B 377 32.03 -37.80 -6.72
C SER B 377 30.87 -37.47 -5.77
N PRO B 378 31.11 -37.23 -4.46
CA PRO B 378 29.98 -37.06 -3.54
C PRO B 378 29.07 -35.85 -3.82
N ASP B 379 27.84 -35.93 -3.34
CA ASP B 379 26.90 -34.81 -3.45
C ASP B 379 26.24 -34.59 -2.07
N SER B 380 25.43 -33.54 -1.95
CA SER B 380 24.84 -33.14 -0.68
C SER B 380 23.49 -33.80 -0.39
N SER B 381 23.11 -34.79 -1.18
CA SER B 381 21.77 -35.38 -1.03
C SER B 381 21.60 -36.42 0.09
N GLY B 382 22.67 -36.70 0.83
CA GLY B 382 22.56 -37.68 1.92
C GLY B 382 22.98 -37.18 3.29
N ASN B 383 23.90 -37.93 3.89
CA ASN B 383 24.21 -37.77 5.30
C ASN B 383 25.71 -37.62 5.41
N PRO B 384 26.18 -36.44 5.84
CA PRO B 384 27.61 -36.17 5.87
C PRO B 384 28.37 -37.02 6.90
N TYR B 385 27.73 -37.31 8.05
CA TYR B 385 28.27 -38.24 9.04
C TYR B 385 28.58 -39.60 8.43
N LEU B 386 27.63 -40.18 7.69
CA LEU B 386 27.85 -41.47 7.05
C LEU B 386 28.79 -41.35 5.86
N ALA B 387 28.64 -40.31 5.06
CA ALA B 387 29.46 -40.15 3.87
C ALA B 387 30.94 -39.98 4.20
N PHE B 388 31.26 -39.04 5.09
CA PHE B 388 32.63 -38.86 5.54
C PHE B 388 33.21 -40.15 6.16
N SER B 389 32.44 -40.78 7.05
CA SER B 389 32.83 -42.05 7.65
C SER B 389 33.09 -43.13 6.60
N ALA B 390 32.17 -43.31 5.64
CA ALA B 390 32.36 -44.33 4.61
C ALA B 390 33.63 -44.07 3.77
N MET B 391 33.88 -42.81 3.42
CA MET B 391 35.07 -42.45 2.65
C MET B 391 36.33 -42.81 3.41
N LEU B 392 36.36 -42.49 4.70
CA LEU B 392 37.48 -42.83 5.55
C LEU B 392 37.70 -44.35 5.56
N MET B 393 36.63 -45.12 5.77
CA MET B 393 36.74 -46.58 5.85
C MET B 393 37.27 -47.17 4.53
N ALA B 394 36.83 -46.61 3.39
CA ALA B 394 37.36 -47.02 2.10
C ALA B 394 38.84 -46.69 1.94
N GLY B 395 39.23 -45.49 2.35
CA GLY B 395 40.62 -45.06 2.26
C GLY B 395 41.54 -45.87 3.16
N LEU B 396 41.08 -46.15 4.38
CA LEU B 396 41.84 -46.95 5.34
C LEU B 396 42.02 -48.40 4.85
N ASP B 397 41.00 -48.95 4.21
CA ASP B 397 41.12 -50.28 3.60
C ASP B 397 42.18 -50.25 2.49
N GLY B 398 42.21 -49.16 1.74
CA GLY B 398 43.23 -48.97 0.72
C GLY B 398 44.64 -48.96 1.31
N ILE B 399 44.83 -48.24 2.41
CA ILE B 399 46.15 -48.15 3.06
C ILE B 399 46.55 -49.52 3.63
N LYS B 400 45.64 -50.13 4.39
CA LYS B 400 45.85 -51.41 5.05
C LYS B 400 46.17 -52.53 4.07
N ASN B 401 45.53 -52.51 2.90
CA ASN B 401 45.77 -53.54 1.88
C ASN B 401 46.71 -53.09 0.77
N LYS B 402 47.26 -51.89 0.92
CA LYS B 402 48.14 -51.28 -0.09
C LYS B 402 47.54 -51.37 -1.50
N ILE B 403 46.30 -50.89 -1.65
CA ILE B 403 45.61 -50.96 -2.94
C ILE B 403 46.17 -49.88 -3.86
N GLU B 404 46.72 -50.32 -4.98
CA GLU B 404 47.29 -49.41 -5.96
C GLU B 404 46.20 -48.93 -6.91
N PRO B 405 45.99 -47.60 -7.01
CA PRO B 405 45.03 -47.10 -7.99
C PRO B 405 45.60 -47.34 -9.38
N GLN B 406 44.75 -47.46 -10.40
CA GLN B 406 45.29 -47.48 -11.74
C GLN B 406 45.93 -46.11 -12.06
N ALA B 407 46.84 -46.10 -13.04
CA ALA B 407 47.61 -44.90 -13.38
C ALA B 407 46.71 -43.68 -13.59
N PRO B 408 47.19 -42.50 -13.17
CA PRO B 408 46.42 -41.27 -13.40
C PRO B 408 46.23 -41.01 -14.90
N VAL B 409 45.10 -40.41 -15.26
CA VAL B 409 44.86 -40.06 -16.65
C VAL B 409 44.69 -38.53 -16.75
N ASP B 410 45.73 -37.87 -17.28
CA ASP B 410 45.76 -36.41 -17.37
C ASP B 410 45.15 -35.87 -18.66
N LYS B 411 43.89 -36.21 -18.89
CA LYS B 411 43.19 -35.82 -20.11
C LYS B 411 41.75 -35.40 -19.79
N ASP B 412 41.13 -34.76 -20.76
CA ASP B 412 39.71 -34.50 -20.69
C ASP B 412 38.97 -35.83 -20.79
N LEU B 413 38.48 -36.30 -19.65
CA LEU B 413 37.85 -37.60 -19.53
C LEU B 413 36.50 -37.74 -20.25
N TYR B 414 35.89 -36.63 -20.67
CA TYR B 414 34.64 -36.68 -21.47
C TYR B 414 34.90 -36.89 -22.95
N GLU B 415 36.09 -36.53 -23.40
CA GLU B 415 36.48 -36.57 -24.80
C GLU B 415 37.36 -37.77 -25.14
N LEU B 416 37.39 -38.78 -24.28
CA LEU B 416 38.22 -39.96 -24.54
C LEU B 416 37.73 -40.76 -25.76
N PRO B 417 38.66 -41.15 -26.67
CA PRO B 417 38.27 -42.11 -27.75
C PRO B 417 37.76 -43.44 -27.15
N PRO B 418 36.66 -44.00 -27.71
CA PRO B 418 36.00 -45.27 -27.34
C PRO B 418 36.90 -46.40 -26.81
N GLU B 419 37.95 -46.74 -27.55
CA GLU B 419 38.84 -47.85 -27.17
C GLU B 419 39.42 -47.57 -25.79
N GLU B 420 39.81 -46.32 -25.57
CA GLU B 420 40.39 -45.91 -24.29
C GLU B 420 39.33 -45.59 -23.22
N ALA B 421 38.19 -45.08 -23.64
CA ALA B 421 37.09 -44.74 -22.71
C ALA B 421 36.50 -45.97 -22.04
N ALA B 422 36.55 -47.10 -22.73
CA ALA B 422 35.94 -48.33 -22.26
C ALA B 422 36.97 -49.28 -21.63
N SER B 423 38.18 -48.78 -21.44
CA SER B 423 39.20 -49.54 -20.73
C SER B 423 39.37 -48.97 -19.30
N ILE B 424 38.57 -47.96 -18.97
CA ILE B 424 38.56 -47.36 -17.64
C ILE B 424 37.22 -47.67 -17.00
N PRO B 425 37.23 -48.11 -15.72
CA PRO B 425 35.96 -48.40 -15.04
C PRO B 425 35.09 -47.15 -14.91
N GLN B 426 33.81 -47.31 -15.24
CA GLN B 426 32.84 -46.22 -15.18
C GLN B 426 32.29 -46.05 -13.76
N THR B 427 31.81 -44.85 -13.47
CA THR B 427 30.92 -44.63 -12.33
C THR B 427 29.63 -45.42 -12.56
N PRO B 428 28.98 -45.85 -11.49
CA PRO B 428 27.67 -46.52 -11.60
C PRO B 428 26.62 -45.63 -12.27
N THR B 429 25.71 -46.28 -13.00
CA THR B 429 24.68 -45.62 -13.78
C THR B 429 23.51 -45.15 -12.91
N GLN B 430 23.21 -45.89 -11.85
CA GLN B 430 21.97 -45.69 -11.10
C GLN B 430 22.08 -46.20 -9.67
N LEU B 431 21.24 -45.63 -8.79
CA LEU B 431 21.22 -45.98 -7.36
C LEU B 431 21.08 -47.47 -7.05
N SER B 432 20.17 -48.16 -7.74
CA SER B 432 19.94 -49.58 -7.52
C SER B 432 21.21 -50.43 -7.66
N ASP B 433 22.09 -50.07 -8.60
CA ASP B 433 23.36 -50.76 -8.79
C ASP B 433 24.30 -50.60 -7.60
N VAL B 434 24.43 -49.39 -7.08
CA VAL B 434 25.31 -49.17 -5.91
C VAL B 434 24.74 -49.81 -4.65
N ILE B 435 23.41 -49.83 -4.54
CA ILE B 435 22.76 -50.46 -3.40
C ILE B 435 22.97 -51.98 -3.46
N ASP B 436 22.81 -52.55 -4.65
CA ASP B 436 23.06 -53.99 -4.87
C ASP B 436 24.49 -54.33 -4.49
N ARG B 437 25.43 -53.50 -4.96
CA ARG B 437 26.85 -53.71 -4.69
C ARG B 437 27.20 -53.55 -3.19
N LEU B 438 26.57 -52.60 -2.51
CA LEU B 438 26.75 -52.40 -1.07
C LEU B 438 26.31 -53.65 -0.31
N GLU B 439 25.20 -54.23 -0.74
CA GLU B 439 24.65 -55.42 -0.12
C GLU B 439 25.61 -56.61 -0.29
N ALA B 440 26.22 -56.71 -1.47
CA ALA B 440 27.13 -57.80 -1.81
C ALA B 440 28.49 -57.64 -1.14
N ASP B 441 28.93 -56.41 -0.98
CA ASP B 441 30.29 -56.16 -0.50
C ASP B 441 30.38 -54.91 0.38
N HIS B 442 30.43 -55.11 1.69
CA HIS B 442 30.49 -53.99 2.63
C HIS B 442 31.43 -54.24 3.80
N GLU B 443 32.33 -55.20 3.66
CA GLU B 443 33.18 -55.60 4.80
C GLU B 443 34.09 -54.49 5.32
N TYR B 444 34.64 -53.70 4.40
CA TYR B 444 35.48 -52.54 4.75
C TYR B 444 34.78 -51.51 5.63
N LEU B 445 33.44 -51.41 5.51
CA LEU B 445 32.65 -50.50 6.35
C LEU B 445 32.43 -51.03 7.75
N THR B 446 32.34 -52.35 7.88
CA THR B 446 32.09 -53.00 9.16
C THR B 446 33.35 -53.20 10.02
N GLU B 447 34.53 -52.93 9.45
CA GLU B 447 35.79 -53.03 10.19
C GLU B 447 35.70 -52.20 11.45
N GLY B 448 36.09 -52.81 12.58
CA GLY B 448 36.04 -52.17 13.89
C GLY B 448 34.64 -51.83 14.40
N GLY B 449 33.61 -52.38 13.73
CA GLY B 449 32.21 -52.09 14.10
C GLY B 449 31.79 -50.65 13.86
N VAL B 450 32.52 -49.94 12.99
CA VAL B 450 32.19 -48.53 12.64
C VAL B 450 30.80 -48.47 12.04
N PHE B 451 30.58 -49.19 10.94
CA PHE B 451 29.23 -49.48 10.45
C PHE B 451 28.86 -50.88 10.94
N THR B 452 27.61 -51.07 11.35
CA THR B 452 27.13 -52.41 11.71
C THR B 452 26.14 -52.92 10.66
N ASN B 453 25.87 -54.21 10.66
CA ASN B 453 24.99 -54.80 9.65
C ASN B 453 23.56 -54.26 9.71
N ASP B 454 23.08 -53.98 10.92
CA ASP B 454 21.76 -53.40 11.08
C ASP B 454 21.62 -52.04 10.37
N LEU B 455 22.65 -51.19 10.45
CA LEU B 455 22.65 -49.91 9.75
C LEU B 455 22.66 -50.09 8.24
N ILE B 456 23.55 -50.96 7.77
CA ILE B 456 23.67 -51.24 6.35
C ILE B 456 22.38 -51.83 5.77
N GLU B 457 21.79 -52.80 6.47
CA GLU B 457 20.54 -53.43 6.03
C GLU B 457 19.34 -52.49 6.06
N THR B 458 19.31 -51.59 7.04
CA THR B 458 18.26 -50.57 7.12
C THR B 458 18.38 -49.59 5.97
N TRP B 459 19.62 -49.24 5.64
CA TRP B 459 19.93 -48.28 4.59
C TRP B 459 19.47 -48.83 3.26
N ILE B 460 19.86 -50.08 3.00
CA ILE B 460 19.56 -50.73 1.75
C ILE B 460 18.06 -50.82 1.56
N SER B 461 17.38 -51.20 2.64
CA SER B 461 15.96 -51.44 2.63
C SER B 461 15.23 -50.10 2.46
N PHE B 462 15.67 -49.07 3.18
CA PHE B 462 15.11 -47.72 3.03
C PHE B 462 15.17 -47.21 1.59
N LYS B 463 16.33 -47.37 0.96
CA LYS B 463 16.52 -46.84 -0.39
C LYS B 463 15.67 -47.57 -1.42
N ARG B 464 15.57 -48.89 -1.27
CA ARG B 464 14.79 -49.71 -2.19
C ARG B 464 13.31 -49.40 -2.11
N GLU B 465 12.78 -49.36 -0.89
CA GLU B 465 11.34 -49.19 -0.68
C GLU B 465 10.82 -47.76 -0.82
N ASN B 466 11.63 -46.78 -0.43
CA ASN B 466 11.18 -45.37 -0.43
C ASN B 466 11.64 -44.52 -1.59
N GLU B 467 12.63 -45.01 -2.34
CA GLU B 467 13.25 -44.24 -3.40
C GLU B 467 13.34 -44.99 -4.75
N ILE B 468 14.13 -46.05 -4.82
CA ILE B 468 14.29 -46.80 -6.07
C ILE B 468 12.95 -47.28 -6.66
N GLU B 469 12.17 -48.01 -5.86
CA GLU B 469 10.93 -48.56 -6.34
C GLU B 469 9.88 -47.49 -6.70
N PRO B 470 9.66 -46.50 -5.82
CA PRO B 470 8.70 -45.44 -6.15
C PRO B 470 8.97 -44.66 -7.46
N VAL B 471 10.23 -44.40 -7.76
CA VAL B 471 10.62 -43.76 -9.01
C VAL B 471 10.46 -44.72 -10.19
N ASN B 472 10.82 -45.97 -10.02
CA ASN B 472 10.75 -46.97 -11.10
C ASN B 472 9.36 -47.28 -11.61
N ILE B 473 8.36 -47.18 -10.73
CA ILE B 473 7.01 -47.55 -11.12
C ILE B 473 6.23 -46.37 -11.69
N ARG B 474 6.80 -45.16 -11.59
CA ARG B 474 6.13 -43.94 -12.05
C ARG B 474 6.59 -43.52 -13.45
N PRO B 475 5.67 -43.45 -14.42
CA PRO B 475 6.04 -43.00 -15.75
C PRO B 475 6.71 -41.62 -15.75
N HIS B 476 7.78 -41.51 -16.53
CA HIS B 476 8.56 -40.30 -16.72
C HIS B 476 7.90 -39.47 -17.85
N PRO B 477 7.79 -38.13 -17.69
CA PRO B 477 7.19 -37.30 -18.75
C PRO B 477 7.84 -37.48 -20.12
N TYR B 478 9.15 -37.72 -20.16
CA TYR B 478 9.83 -37.91 -21.43
C TYR B 478 9.44 -39.23 -22.13
N GLU B 479 8.88 -40.18 -21.39
CA GLU B 479 8.31 -41.40 -22.00
C GLU B 479 7.08 -41.08 -22.85
N PHE B 480 6.36 -40.01 -22.49
CA PHE B 480 5.25 -39.54 -23.30
C PHE B 480 5.74 -38.88 -24.57
N ALA B 481 6.82 -38.10 -24.43
CA ALA B 481 7.47 -37.55 -25.62
C ALA B 481 7.92 -38.66 -26.58
N LEU B 482 8.42 -39.76 -26.04
CA LEU B 482 8.95 -40.85 -26.86
C LEU B 482 7.86 -41.80 -27.39
N TYR B 483 6.83 -42.05 -26.60
CA TYR B 483 5.98 -43.23 -26.80
C TYR B 483 4.49 -43.03 -26.96
N TYR B 484 3.97 -41.83 -26.73
CA TYR B 484 2.52 -41.67 -26.79
C TYR B 484 1.96 -42.22 -28.12
N ASP B 485 2.65 -41.91 -29.21
CA ASP B 485 2.22 -42.30 -30.54
C ASP B 485 2.79 -43.65 -31.05
N VAL B 486 3.21 -44.56 -30.16
CA VAL B 486 3.68 -45.87 -30.62
C VAL B 486 2.63 -46.72 -31.36
N LYS C 12 -3.77 -19.63 46.68
CA LYS C 12 -4.20 -18.20 46.60
C LYS C 12 -5.50 -17.95 47.38
N THR C 13 -5.68 -16.72 47.84
CA THR C 13 -6.84 -16.30 48.63
C THR C 13 -7.58 -15.15 47.90
N PRO C 14 -8.78 -14.78 48.38
CA PRO C 14 -9.45 -13.59 47.81
C PRO C 14 -8.58 -12.33 47.77
N ASP C 15 -7.87 -12.05 48.87
CA ASP C 15 -6.98 -10.88 48.94
C ASP C 15 -5.78 -10.92 47.99
N ASP C 16 -5.24 -12.12 47.76
CA ASP C 16 -4.21 -12.32 46.75
C ASP C 16 -4.65 -11.85 45.38
N VAL C 17 -5.90 -12.17 45.03
CA VAL C 17 -6.45 -11.83 43.72
C VAL C 17 -6.74 -10.33 43.59
N PHE C 18 -7.27 -9.73 44.65
CA PHE C 18 -7.45 -8.28 44.68
C PHE C 18 -6.13 -7.52 44.52
N LYS C 19 -5.09 -7.99 45.21
CA LYS C 19 -3.76 -7.40 45.12
C LYS C 19 -3.20 -7.52 43.70
N LEU C 20 -3.34 -8.71 43.11
CA LEU C 20 -2.91 -8.95 41.73
C LEU C 20 -3.61 -8.02 40.74
N ALA C 21 -4.93 -7.87 40.91
CA ALA C 21 -5.75 -7.01 40.06
C ALA C 21 -5.32 -5.55 40.17
N LYS C 22 -5.01 -5.12 41.39
CA LYS C 22 -4.59 -3.74 41.65
C LYS C 22 -3.17 -3.50 41.14
N ASP C 23 -2.26 -4.44 41.39
CA ASP C 23 -0.87 -4.32 40.96
C ASP C 23 -0.68 -4.37 39.45
N GLU C 24 -1.53 -5.14 38.77
CA GLU C 24 -1.47 -5.24 37.31
C GLU C 24 -2.28 -4.16 36.60
N LYS C 25 -2.92 -3.28 37.38
CA LYS C 25 -3.77 -2.20 36.87
C LYS C 25 -4.81 -2.73 35.87
N VAL C 26 -5.45 -3.81 36.28
CA VAL C 26 -6.47 -4.50 35.49
C VAL C 26 -7.72 -3.62 35.26
N GLU C 27 -8.18 -3.57 34.01
CA GLU C 27 -9.39 -2.82 33.67
C GLU C 27 -10.64 -3.69 33.75
N TYR C 28 -10.49 -4.99 33.42
CA TYR C 28 -11.62 -5.91 33.33
C TYR C 28 -11.32 -7.26 33.93
N VAL C 29 -12.35 -7.88 34.51
CA VAL C 29 -12.24 -9.25 34.98
C VAL C 29 -13.14 -10.11 34.12
N ASP C 30 -12.55 -11.18 33.59
CA ASP C 30 -13.29 -12.15 32.78
C ASP C 30 -13.69 -13.36 33.64
N VAL C 31 -15.00 -13.52 33.82
CA VAL C 31 -15.59 -14.57 34.62
C VAL C 31 -15.84 -15.79 33.75
N ARG C 32 -15.16 -16.89 34.05
CA ARG C 32 -15.20 -18.10 33.22
C ARG C 32 -15.71 -19.32 33.97
N PHE C 33 -16.42 -20.20 33.25
CA PHE C 33 -16.85 -21.48 33.75
C PHE C 33 -16.97 -22.47 32.57
N CYS C 34 -17.14 -23.75 32.86
CA CYS C 34 -17.11 -24.77 31.80
C CYS C 34 -18.49 -25.29 31.49
N ASP C 35 -18.89 -25.33 30.23
CA ASP C 35 -20.17 -25.98 29.90
C ASP C 35 -19.98 -27.50 29.93
N LEU C 36 -21.06 -28.25 29.78
CA LEU C 36 -20.95 -29.68 29.93
C LEU C 36 -20.06 -30.33 28.85
N PRO C 37 -20.25 -29.99 27.55
CA PRO C 37 -19.40 -30.64 26.52
C PRO C 37 -17.90 -30.33 26.65
N GLY C 38 -17.56 -29.18 27.19
CA GLY C 38 -16.18 -28.86 27.51
C GLY C 38 -15.59 -27.59 26.93
N ILE C 39 -16.44 -26.63 26.56
CA ILE C 39 -16.02 -25.31 26.08
C ILE C 39 -16.16 -24.30 27.20
N MET C 40 -15.14 -23.48 27.43
CA MET C 40 -15.23 -22.43 28.45
C MET C 40 -16.14 -21.29 28.02
N GLN C 41 -16.91 -20.78 28.97
CA GLN C 41 -17.89 -19.73 28.76
C GLN C 41 -17.41 -18.53 29.52
N HIS C 42 -17.82 -17.33 29.11
CA HIS C 42 -17.33 -16.13 29.80
C HIS C 42 -18.23 -14.92 29.65
N PHE C 43 -18.13 -14.04 30.63
CA PHE C 43 -18.60 -12.68 30.51
C PHE C 43 -17.63 -11.76 31.28
N THR C 44 -17.69 -10.47 30.97
CA THR C 44 -16.75 -9.50 31.48
C THR C 44 -17.42 -8.54 32.45
N ILE C 45 -16.73 -8.26 33.55
CA ILE C 45 -17.17 -7.21 34.49
C ILE C 45 -16.05 -6.18 34.61
N PRO C 46 -16.40 -4.93 34.91
CA PRO C 46 -15.31 -3.96 35.10
C PRO C 46 -14.55 -4.25 36.39
N ALA C 47 -13.27 -3.89 36.44
CA ALA C 47 -12.49 -3.99 37.67
C ALA C 47 -13.21 -3.34 38.85
N SER C 48 -13.91 -2.24 38.61
CA SER C 48 -14.66 -1.54 39.64
C SER C 48 -15.84 -2.37 40.22
N ALA C 49 -16.26 -3.42 39.51
CA ALA C 49 -17.34 -4.26 40.01
C ALA C 49 -16.78 -5.52 40.66
N PHE C 50 -15.46 -5.65 40.64
CA PHE C 50 -14.83 -6.83 41.19
C PHE C 50 -14.48 -6.57 42.66
N ASP C 51 -15.40 -6.94 43.56
CA ASP C 51 -15.25 -6.67 44.99
C ASP C 51 -15.54 -7.92 45.83
N LYS C 52 -15.61 -7.74 47.15
CA LYS C 52 -15.94 -8.83 48.10
C LYS C 52 -17.25 -9.51 47.80
N SER C 53 -18.22 -8.72 47.37
CA SER C 53 -19.53 -9.23 46.97
C SER C 53 -19.45 -10.38 45.94
N VAL C 54 -18.49 -10.31 45.02
CA VAL C 54 -18.30 -11.35 44.01
C VAL C 54 -17.97 -12.69 44.71
N PHE C 55 -17.21 -12.61 45.80
CA PHE C 55 -16.90 -13.80 46.61
C PHE C 55 -18.02 -14.24 47.55
N ASP C 56 -18.73 -13.27 48.15
CA ASP C 56 -19.78 -13.57 49.13
C ASP C 56 -21.11 -13.95 48.50
N ASP C 57 -21.54 -13.19 47.48
CA ASP C 57 -22.86 -13.37 46.86
C ASP C 57 -22.81 -14.08 45.52
N GLY C 58 -21.69 -13.97 44.81
CA GLY C 58 -21.55 -14.61 43.51
C GLY C 58 -22.14 -13.80 42.38
N LEU C 59 -22.19 -14.41 41.19
CA LEU C 59 -22.70 -13.73 39.99
C LEU C 59 -23.67 -14.64 39.27
N ALA C 60 -24.65 -14.05 38.61
CA ALA C 60 -25.70 -14.81 37.93
C ALA C 60 -25.42 -14.98 36.44
N PHE C 61 -26.04 -16.00 35.86
CA PHE C 61 -26.07 -16.18 34.41
C PHE C 61 -27.29 -16.99 33.99
N ASP C 62 -27.47 -17.16 32.68
CA ASP C 62 -28.58 -17.90 32.12
C ASP C 62 -28.17 -19.36 31.89
N GLY C 63 -28.53 -20.21 32.84
CA GLY C 63 -28.23 -21.63 32.74
C GLY C 63 -28.92 -22.35 31.59
N SER C 64 -29.99 -21.76 31.04
CA SER C 64 -30.70 -22.41 29.94
C SER C 64 -30.01 -22.20 28.57
N SER C 65 -29.11 -21.24 28.49
CA SER C 65 -28.35 -21.02 27.25
C SER C 65 -27.07 -21.83 27.22
N ILE C 66 -26.74 -22.50 28.32
CA ILE C 66 -25.51 -23.28 28.40
C ILE C 66 -25.82 -24.76 28.18
N ARG C 67 -25.03 -25.39 27.32
CA ARG C 67 -25.28 -26.79 26.95
C ARG C 67 -25.13 -27.73 28.13
N GLY C 68 -26.14 -28.58 28.33
CA GLY C 68 -26.12 -29.57 29.38
C GLY C 68 -26.49 -29.05 30.77
N PHE C 69 -26.93 -27.78 30.84
CA PHE C 69 -27.27 -27.18 32.14
C PHE C 69 -28.78 -27.20 32.38
N GLN C 70 -29.41 -26.03 32.43
CA GLN C 70 -30.81 -25.88 32.88
C GLN C 70 -31.83 -25.78 31.76
N SER C 71 -33.09 -26.05 32.10
CA SER C 71 -34.19 -25.73 31.21
C SER C 71 -34.56 -24.25 31.41
N ILE C 72 -35.33 -23.71 30.47
CA ILE C 72 -35.64 -22.29 30.44
C ILE C 72 -36.39 -21.77 31.66
N HIS C 73 -37.30 -22.59 32.21
CA HIS C 73 -38.11 -22.17 33.35
C HIS C 73 -37.36 -22.27 34.68
N GLU C 74 -36.21 -22.92 34.66
CA GLU C 74 -35.32 -22.96 35.81
C GLU C 74 -33.93 -22.40 35.46
N SER C 75 -33.94 -21.28 34.73
CA SER C 75 -32.74 -20.74 34.07
C SER C 75 -31.65 -20.16 35.01
N ASP C 76 -32.02 -19.26 35.90
CA ASP C 76 -31.01 -18.60 36.76
C ASP C 76 -30.05 -19.61 37.40
N MET C 77 -28.75 -19.36 37.29
CA MET C 77 -27.73 -20.10 38.03
C MET C 77 -26.71 -19.11 38.61
N LEU C 78 -25.90 -19.61 39.54
CA LEU C 78 -24.98 -18.75 40.29
C LEU C 78 -23.55 -19.20 40.06
N LEU C 79 -22.62 -18.25 40.13
CA LEU C 79 -21.20 -18.55 40.00
C LEU C 79 -20.43 -18.04 41.22
N LEU C 80 -19.50 -18.86 41.71
CA LEU C 80 -18.63 -18.47 42.83
C LEU C 80 -17.17 -18.69 42.45
N PRO C 81 -16.31 -17.68 42.72
CA PRO C 81 -14.94 -17.68 42.17
C PRO C 81 -14.04 -18.75 42.75
N ASP C 82 -13.05 -19.16 41.95
CA ASP C 82 -11.94 -19.99 42.41
C ASP C 82 -10.62 -19.21 42.25
N PRO C 83 -10.17 -18.55 43.34
CA PRO C 83 -8.99 -17.67 43.32
C PRO C 83 -7.67 -18.31 42.81
N GLU C 84 -7.54 -19.63 42.89
CA GLU C 84 -6.32 -20.28 42.40
C GLU C 84 -6.17 -20.15 40.89
N THR C 85 -7.27 -19.90 40.19
CA THR C 85 -7.25 -19.91 38.73
C THR C 85 -7.00 -18.53 38.12
N ALA C 86 -6.82 -17.50 38.95
CA ALA C 86 -6.63 -16.14 38.45
C ALA C 86 -5.34 -16.00 37.62
N ARG C 87 -5.48 -15.60 36.35
CA ARG C 87 -4.34 -15.29 35.48
C ARG C 87 -4.63 -14.05 34.64
N ILE C 88 -3.58 -13.31 34.30
CA ILE C 88 -3.68 -12.18 33.38
C ILE C 88 -3.82 -12.71 31.95
N ASP C 89 -4.74 -12.11 31.21
CA ASP C 89 -5.01 -12.50 29.84
C ASP C 89 -3.93 -11.92 28.95
N PRO C 90 -3.27 -12.77 28.15
CA PRO C 90 -2.19 -12.30 27.26
C PRO C 90 -2.67 -11.56 26.00
N PHE C 91 -3.96 -11.63 25.69
CA PHE C 91 -4.45 -11.19 24.38
C PHE C 91 -5.15 -9.83 24.37
N ARG C 92 -5.93 -9.52 25.40
CA ARG C 92 -6.81 -8.37 25.34
C ARG C 92 -6.06 -7.06 25.54
N ALA C 93 -6.34 -6.08 24.66
CA ALA C 93 -5.67 -4.77 24.70
C ALA C 93 -6.02 -4.03 25.97
N ALA C 94 -7.27 -4.15 26.43
CA ALA C 94 -7.64 -3.67 27.75
C ALA C 94 -7.21 -4.73 28.75
N LYS C 95 -6.35 -4.36 29.71
CA LYS C 95 -5.81 -5.33 30.69
C LYS C 95 -6.92 -6.11 31.41
N THR C 96 -6.82 -7.44 31.35
CA THR C 96 -7.88 -8.30 31.81
C THR C 96 -7.35 -9.46 32.68
N LEU C 97 -8.08 -9.73 33.76
CA LEU C 97 -7.76 -10.82 34.65
C LEU C 97 -8.83 -11.90 34.49
N ASN C 98 -8.39 -13.10 34.09
CA ASN C 98 -9.29 -14.25 33.92
C ASN C 98 -9.39 -15.02 35.22
N ILE C 99 -10.62 -15.38 35.61
CA ILE C 99 -10.82 -16.22 36.79
C ILE C 99 -11.89 -17.27 36.46
N ASN C 100 -11.62 -18.53 36.82
CA ASN C 100 -12.62 -19.61 36.74
C ASN C 100 -13.52 -19.65 37.96
N PHE C 101 -14.78 -20.01 37.73
CA PHE C 101 -15.80 -20.09 38.76
C PHE C 101 -16.40 -21.49 38.84
N PHE C 102 -16.97 -21.80 40.01
CA PHE C 102 -17.82 -22.97 40.19
C PHE C 102 -19.27 -22.54 40.03
N VAL C 103 -20.07 -23.44 39.46
CA VAL C 103 -21.50 -23.18 39.28
C VAL C 103 -22.24 -23.72 40.51
N HIS C 104 -23.16 -22.92 41.05
CA HIS C 104 -23.94 -23.28 42.25
C HIS C 104 -25.44 -23.06 42.04
N ASP C 105 -26.24 -23.83 42.77
CA ASP C 105 -27.69 -23.60 42.84
C ASP C 105 -27.95 -22.21 43.46
N PRO C 106 -28.83 -21.41 42.84
CA PRO C 106 -29.01 -20.04 43.33
C PRO C 106 -29.85 -19.96 44.63
N PHE C 107 -30.62 -20.99 44.95
CA PHE C 107 -31.40 -21.02 46.19
C PHE C 107 -30.60 -21.56 47.38
N THR C 108 -30.05 -22.78 47.21
CA THR C 108 -29.35 -23.49 48.29
C THR C 108 -27.85 -23.19 48.38
N LEU C 109 -27.29 -22.67 47.28
CA LEU C 109 -25.85 -22.43 47.13
C LEU C 109 -25.04 -23.73 47.09
N GLU C 110 -25.74 -24.85 46.92
CA GLU C 110 -25.11 -26.15 46.72
C GLU C 110 -24.38 -26.19 45.39
N PRO C 111 -23.21 -26.87 45.34
CA PRO C 111 -22.51 -27.04 44.08
C PRO C 111 -23.39 -27.77 43.06
N TYR C 112 -23.33 -27.33 41.80
CA TYR C 112 -24.13 -27.87 40.72
C TYR C 112 -23.65 -29.27 40.31
N SER C 113 -24.61 -30.18 40.12
CA SER C 113 -24.28 -31.57 39.80
C SER C 113 -23.78 -31.72 38.35
N ARG C 114 -23.98 -30.70 37.54
CA ARG C 114 -23.53 -30.75 36.15
C ARG C 114 -22.47 -29.68 35.82
N ASP C 115 -21.84 -29.14 36.86
CA ASP C 115 -20.62 -28.34 36.71
C ASP C 115 -19.41 -29.28 36.63
N PRO C 116 -18.75 -29.31 35.46
CA PRO C 116 -17.57 -30.17 35.26
C PRO C 116 -16.47 -29.87 36.28
N ARG C 117 -16.35 -28.61 36.70
CA ARG C 117 -15.34 -28.28 37.70
C ARG C 117 -15.70 -28.90 39.05
N ASN C 118 -16.99 -29.05 39.32
CA ASN C 118 -17.44 -29.70 40.53
C ASN C 118 -17.15 -31.21 40.52
N ILE C 119 -17.26 -31.82 39.34
CA ILE C 119 -16.98 -33.25 39.20
C ILE C 119 -15.53 -33.55 39.54
N ALA C 120 -14.61 -32.75 38.98
CA ALA C 120 -13.21 -32.84 39.28
C ALA C 120 -12.95 -32.64 40.77
N ARG C 121 -13.67 -31.69 41.38
CA ARG C 121 -13.55 -31.42 42.82
C ARG C 121 -13.95 -32.68 43.61
N LYS C 122 -15.09 -33.26 43.21
CA LYS C 122 -15.62 -34.46 43.84
C LYS C 122 -14.69 -35.66 43.70
N ALA C 123 -14.13 -35.84 42.51
CA ALA C 123 -13.18 -36.91 42.25
C ALA C 123 -11.98 -36.84 43.18
N GLU C 124 -11.44 -35.64 43.37
CA GLU C 124 -10.27 -35.48 44.24
C GLU C 124 -10.62 -35.84 45.69
N ASN C 125 -11.80 -35.43 46.17
CA ASN C 125 -12.23 -35.74 47.52
C ASN C 125 -12.55 -37.20 47.73
N TYR C 126 -13.19 -37.82 46.75
CA TYR C 126 -13.40 -39.25 46.75
C TYR C 126 -12.09 -40.05 46.84
N LEU C 127 -11.08 -39.64 46.08
CA LEU C 127 -9.79 -40.32 46.11
C LEU C 127 -9.24 -40.34 47.54
N ILE C 128 -9.24 -39.18 48.19
CA ILE C 128 -8.77 -39.09 49.58
C ILE C 128 -9.57 -40.02 50.48
N SER C 129 -10.89 -40.03 50.31
CA SER C 129 -11.79 -40.83 51.18
C SER C 129 -11.61 -42.37 51.05
N THR C 130 -11.03 -42.85 49.94
CA THR C 130 -10.77 -44.29 49.79
C THR C 130 -9.56 -44.75 50.61
N GLY C 131 -8.69 -43.81 50.98
CA GLY C 131 -7.43 -44.14 51.67
C GLY C 131 -6.37 -44.70 50.74
N ILE C 132 -6.70 -44.91 49.46
CA ILE C 132 -5.76 -45.46 48.49
C ILE C 132 -4.58 -44.51 48.21
N ALA C 133 -4.89 -43.22 48.07
CA ALA C 133 -3.90 -42.19 47.81
C ALA C 133 -4.52 -40.88 48.20
N ASP C 134 -3.72 -39.82 48.23
CA ASP C 134 -4.28 -38.49 48.45
C ASP C 134 -4.19 -37.56 47.21
N THR C 135 -3.39 -37.95 46.22
CA THR C 135 -3.15 -37.13 45.02
C THR C 135 -3.06 -37.96 43.74
N ALA C 136 -3.83 -37.54 42.74
CA ALA C 136 -3.75 -38.11 41.40
C ALA C 136 -3.14 -37.09 40.46
N TYR C 137 -1.94 -37.37 39.97
CA TYR C 137 -1.24 -36.47 39.05
C TYR C 137 -1.55 -36.79 37.59
N PHE C 138 -1.84 -35.74 36.82
CA PHE C 138 -2.10 -35.87 35.38
C PHE C 138 -1.16 -35.01 34.56
N GLY C 139 -0.45 -35.66 33.65
CA GLY C 139 0.37 -34.98 32.65
C GLY C 139 -0.31 -35.22 31.32
N ALA C 140 -0.59 -34.15 30.58
CA ALA C 140 -1.35 -34.30 29.35
C ALA C 140 -0.56 -33.82 28.11
N GLU C 141 -0.84 -34.44 26.97
CA GLU C 141 -0.23 -34.02 25.72
C GLU C 141 -1.36 -33.75 24.74
N ALA C 142 -1.77 -32.49 24.66
CA ALA C 142 -2.85 -32.13 23.75
C ALA C 142 -2.26 -31.66 22.43
N GLU C 143 -2.28 -32.53 21.44
CA GLU C 143 -1.79 -32.20 20.10
C GLU C 143 -2.84 -31.38 19.37
N PHE C 144 -2.41 -30.59 18.39
CA PHE C 144 -3.32 -29.74 17.62
C PHE C 144 -2.75 -29.48 16.22
N TYR C 145 -3.59 -29.01 15.30
CA TYR C 145 -3.13 -28.58 13.97
C TYR C 145 -3.21 -27.07 13.85
N ILE C 146 -2.15 -26.47 13.30
CA ILE C 146 -2.14 -25.06 12.98
C ILE C 146 -2.47 -24.88 11.50
N PHE C 147 -3.75 -24.64 11.20
CA PHE C 147 -4.20 -24.50 9.81
C PHE C 147 -4.22 -23.02 9.39
N ASP C 148 -4.34 -22.77 8.08
CA ASP C 148 -4.53 -21.42 7.52
C ASP C 148 -6.01 -21.10 7.33
N SER C 149 -6.81 -22.11 7.01
CA SER C 149 -8.24 -21.90 6.71
C SER C 149 -9.07 -23.16 6.88
N VAL C 150 -10.36 -22.95 7.01
CA VAL C 150 -11.33 -24.03 7.08
C VAL C 150 -12.67 -23.51 6.59
N SER C 151 -13.40 -24.34 5.86
CA SER C 151 -14.78 -24.03 5.53
C SER C 151 -15.51 -25.34 5.32
N PHE C 152 -16.83 -25.28 5.49
CA PHE C 152 -17.66 -26.46 5.44
C PHE C 152 -19.11 -26.01 5.37
N ASP C 153 -19.98 -26.87 4.84
CA ASP C 153 -21.42 -26.66 4.94
C ASP C 153 -22.17 -27.93 4.67
N SER C 154 -23.48 -27.84 4.81
CA SER C 154 -24.36 -29.01 4.76
C SER C 154 -25.71 -28.53 4.26
N ARG C 155 -26.07 -28.92 3.04
CA ARG C 155 -27.29 -28.48 2.38
C ARG C 155 -28.11 -29.69 1.89
N ALA C 156 -29.30 -29.43 1.35
CA ALA C 156 -30.15 -30.52 0.86
C ALA C 156 -29.47 -31.35 -0.21
N ASN C 157 -28.74 -30.67 -1.12
CA ASN C 157 -28.17 -31.28 -2.32
C ASN C 157 -26.65 -31.41 -2.34
N GLY C 158 -26.01 -31.14 -1.20
CA GLY C 158 -24.57 -31.26 -1.11
C GLY C 158 -24.01 -30.85 0.24
N SER C 159 -22.74 -31.19 0.42
CA SER C 159 -22.02 -30.96 1.65
C SER C 159 -20.53 -31.00 1.37
N PHE C 160 -19.75 -30.24 2.14
CA PHE C 160 -18.29 -30.23 1.98
C PHE C 160 -17.58 -29.78 3.22
N TYR C 161 -16.31 -30.17 3.33
CA TYR C 161 -15.39 -29.46 4.19
C TYR C 161 -14.06 -29.34 3.45
N GLU C 162 -13.27 -28.36 3.87
CA GLU C 162 -11.90 -28.27 3.46
C GLU C 162 -11.11 -27.56 4.53
N VAL C 163 -9.95 -28.15 4.86
CA VAL C 163 -8.98 -27.44 5.67
C VAL C 163 -7.75 -27.18 4.79
N ASP C 164 -7.03 -26.13 5.11
CA ASP C 164 -5.87 -25.84 4.33
C ASP C 164 -4.73 -25.29 5.18
N ALA C 165 -3.51 -25.49 4.68
CA ALA C 165 -2.31 -25.11 5.40
C ALA C 165 -1.20 -25.02 4.36
N ILE C 166 -0.39 -23.95 4.46
CA ILE C 166 0.70 -23.76 3.53
C ILE C 166 1.61 -25.01 3.46
N SER C 167 1.88 -25.62 4.62
CA SER C 167 2.81 -26.76 4.67
C SER C 167 2.18 -28.09 4.27
N GLY C 168 0.90 -28.06 3.90
CA GLY C 168 0.17 -29.29 3.56
C GLY C 168 0.71 -29.94 2.29
N TRP C 169 0.95 -31.24 2.34
CA TRP C 169 1.55 -31.93 1.20
C TRP C 169 0.65 -31.88 -0.02
N TRP C 170 -0.67 -31.73 0.19
CA TRP C 170 -1.62 -31.57 -0.94
C TRP C 170 -1.34 -30.32 -1.77
N ASN C 171 -0.47 -29.43 -1.26
CA ASN C 171 -0.11 -28.18 -1.94
C ASN C 171 1.21 -28.16 -2.72
N THR C 172 1.88 -29.30 -2.86
CA THR C 172 3.20 -29.28 -3.51
C THR C 172 3.12 -28.78 -4.95
N GLY C 173 1.99 -29.05 -5.60
CA GLY C 173 1.78 -28.66 -6.99
C GLY C 173 1.16 -27.30 -7.22
N ALA C 174 0.86 -26.56 -6.14
CA ALA C 174 0.26 -25.23 -6.24
C ALA C 174 1.14 -24.25 -7.01
N ALA C 175 0.53 -23.50 -7.93
CA ALA C 175 1.26 -22.54 -8.76
C ALA C 175 1.74 -21.37 -7.90
N THR C 176 0.93 -21.00 -6.90
CA THR C 176 1.25 -19.93 -6.00
C THR C 176 0.61 -20.22 -4.63
N GLU C 177 1.01 -19.46 -3.61
CA GLU C 177 0.39 -19.54 -2.30
C GLU C 177 -0.93 -18.75 -2.31
N ALA C 178 -1.70 -18.87 -1.24
CA ALA C 178 -3.03 -18.27 -1.14
C ALA C 178 -3.05 -16.77 -1.47
N ASP C 179 -1.99 -16.06 -1.08
CA ASP C 179 -1.85 -14.63 -1.31
C ASP C 179 -1.21 -14.30 -2.68
N GLY C 180 -0.96 -15.30 -3.51
CA GLY C 180 -0.31 -15.07 -4.81
C GLY C 180 1.21 -15.08 -4.79
N SER C 181 1.83 -15.15 -3.61
CA SER C 181 3.29 -15.30 -3.56
C SER C 181 3.74 -16.71 -4.04
N PRO C 182 5.03 -16.87 -4.36
CA PRO C 182 5.47 -18.13 -5.00
C PRO C 182 5.42 -19.36 -4.08
N ASN C 183 5.24 -20.53 -4.68
CA ASN C 183 5.38 -21.80 -3.97
C ASN C 183 6.87 -22.00 -3.73
N ARG C 184 7.29 -22.11 -2.48
CA ARG C 184 8.73 -22.26 -2.21
C ARG C 184 9.14 -23.69 -1.76
N GLY C 185 8.23 -24.66 -1.91
CA GLY C 185 8.48 -26.02 -1.44
C GLY C 185 8.66 -26.12 0.06
N TYR C 186 9.44 -27.12 0.50
CA TYR C 186 9.63 -27.45 1.93
C TYR C 186 8.32 -27.74 2.68
N LYS C 187 7.36 -28.27 1.96
CA LYS C 187 6.12 -28.70 2.56
C LYS C 187 6.34 -30.05 3.27
N VAL C 188 5.47 -30.38 4.22
CA VAL C 188 5.63 -31.54 5.07
C VAL C 188 4.93 -32.75 4.43
N ARG C 189 5.69 -33.84 4.25
CA ARG C 189 5.14 -35.11 3.79
C ARG C 189 4.12 -35.66 4.80
N HIS C 190 3.14 -36.42 4.32
CA HIS C 190 2.21 -37.08 5.23
C HIS C 190 2.99 -38.03 6.15
N LYS C 191 2.70 -37.96 7.44
CA LYS C 191 3.42 -38.71 8.47
C LYS C 191 4.90 -38.25 8.62
N GLY C 192 5.25 -37.11 8.03
CA GLY C 192 6.66 -36.70 7.97
C GLY C 192 7.00 -35.44 8.75
N GLY C 193 6.09 -34.99 9.62
CA GLY C 193 6.30 -33.71 10.32
C GLY C 193 7.06 -33.77 11.65
N TYR C 194 7.34 -34.98 12.12
CA TYR C 194 8.05 -35.19 13.37
C TYR C 194 9.49 -35.64 13.10
N PHE C 195 10.47 -34.74 13.23
CA PHE C 195 10.31 -33.29 13.34
C PHE C 195 11.53 -32.56 12.73
N PRO C 196 11.59 -32.51 11.40
CA PRO C 196 12.74 -31.90 10.73
C PRO C 196 12.88 -30.40 11.04
N VAL C 197 14.10 -29.88 10.95
CA VAL C 197 14.39 -28.47 11.22
C VAL C 197 13.75 -27.56 10.16
N ALA C 198 13.69 -26.26 10.46
CA ALA C 198 13.29 -25.26 9.47
C ALA C 198 14.25 -25.35 8.27
N PRO C 199 13.77 -25.02 7.06
CA PRO C 199 12.43 -24.49 6.74
C PRO C 199 11.33 -25.55 6.55
N ASN C 200 11.67 -26.84 6.61
CA ASN C 200 10.62 -27.89 6.62
C ASN C 200 9.60 -27.64 7.72
N ASP C 201 10.09 -27.34 8.92
CA ASP C 201 9.27 -26.85 10.02
C ASP C 201 8.97 -25.36 9.78
N GLN C 202 7.75 -25.06 9.37
CA GLN C 202 7.39 -23.67 9.05
C GLN C 202 6.70 -22.97 10.22
N TYR C 203 6.69 -23.58 11.40
CA TYR C 203 5.92 -23.01 12.52
C TYR C 203 6.78 -22.70 13.74
N VAL C 204 8.10 -22.65 13.56
CA VAL C 204 9.01 -22.45 14.71
C VAL C 204 8.72 -21.15 15.50
N ASP C 205 8.65 -20.01 14.79
CA ASP C 205 8.38 -18.72 15.42
C ASP C 205 7.01 -18.64 16.07
N LEU C 206 5.98 -19.16 15.40
CA LEU C 206 4.65 -19.19 16.01
C LEU C 206 4.60 -20.06 17.25
N ARG C 207 5.21 -21.25 17.22
CA ARG C 207 5.22 -22.11 18.41
C ARG C 207 6.00 -21.44 19.55
N ASP C 208 7.07 -20.72 19.21
CA ASP C 208 7.81 -19.94 20.19
C ASP C 208 6.89 -18.94 20.89
N LYS C 209 6.02 -18.28 20.13
CA LYS C 209 5.08 -17.30 20.67
C LYS C 209 4.06 -17.97 21.57
N MET C 210 3.64 -19.17 21.19
CA MET C 210 2.75 -19.98 22.03
C MET C 210 3.46 -20.35 23.33
N LEU C 211 4.72 -20.79 23.22
CA LEU C 211 5.51 -21.09 24.41
C LEU C 211 5.60 -19.88 25.35
N THR C 212 5.91 -18.73 24.79
CA THR C 212 6.09 -17.50 25.58
C THR C 212 4.79 -17.08 26.25
N ASN C 213 3.67 -17.15 25.53
CA ASN C 213 2.38 -16.82 26.13
C ASN C 213 2.03 -17.75 27.28
N LEU C 214 2.34 -19.03 27.13
CA LEU C 214 2.15 -20.00 28.21
C LEU C 214 3.03 -19.67 29.44
N ILE C 215 4.31 -19.41 29.23
CA ILE C 215 5.21 -19.06 30.31
C ILE C 215 4.69 -17.83 31.04
N ASN C 216 4.28 -16.82 30.28
CA ASN C 216 3.76 -15.60 30.86
C ASN C 216 2.41 -15.76 31.57
N SER C 217 1.69 -16.85 31.30
CA SER C 217 0.51 -17.18 32.12
C SER C 217 0.78 -18.17 33.26
N GLY C 218 2.04 -18.31 33.65
CA GLY C 218 2.39 -19.16 34.78
C GLY C 218 2.54 -20.66 34.53
N PHE C 219 2.52 -21.09 33.27
CA PHE C 219 2.79 -22.48 32.97
C PHE C 219 4.28 -22.77 33.16
N ILE C 220 4.59 -23.97 33.63
CA ILE C 220 5.97 -24.42 33.64
C ILE C 220 6.14 -25.34 32.44
N LEU C 221 6.96 -24.89 31.51
CA LEU C 221 7.05 -25.54 30.21
C LEU C 221 8.08 -26.65 30.20
N GLU C 222 7.80 -27.68 29.40
CA GLU C 222 8.76 -28.75 29.20
C GLU C 222 9.29 -28.83 27.79
N LYS C 223 8.41 -28.86 26.80
CA LYS C 223 8.83 -28.83 25.40
C LYS C 223 7.76 -28.43 24.40
N GLY C 224 8.22 -28.14 23.19
CA GLY C 224 7.34 -27.88 22.07
C GLY C 224 7.98 -28.44 20.82
N HIS C 225 7.13 -28.98 19.94
CA HIS C 225 7.65 -29.48 18.67
C HIS C 225 6.56 -29.61 17.60
N HIS C 226 7.00 -29.75 16.35
CA HIS C 226 6.11 -30.12 15.26
C HIS C 226 5.74 -31.59 15.53
N GLU C 227 4.51 -31.95 15.19
CA GLU C 227 4.12 -33.34 15.29
C GLU C 227 4.10 -34.00 13.92
N VAL C 228 3.78 -35.29 13.91
CA VAL C 228 3.81 -36.15 12.73
C VAL C 228 3.01 -35.62 11.52
N GLY C 229 1.84 -35.05 11.77
CA GLY C 229 0.94 -34.65 10.69
C GLY C 229 1.40 -33.52 9.79
N SER C 230 1.17 -33.69 8.49
CA SER C 230 1.38 -32.63 7.50
C SER C 230 0.40 -31.50 7.75
N GLY C 231 0.73 -30.31 7.28
CA GLY C 231 -0.17 -29.19 7.43
C GLY C 231 -0.22 -28.62 8.84
N GLY C 232 0.89 -28.74 9.56
CA GLY C 232 1.11 -27.95 10.77
C GLY C 232 0.71 -28.55 12.10
N GLN C 233 0.81 -29.87 12.23
CA GLN C 233 0.55 -30.50 13.51
C GLN C 233 1.62 -30.09 14.53
N ALA C 234 1.20 -29.92 15.77
CA ALA C 234 2.09 -29.40 16.80
C ALA C 234 1.77 -30.03 18.15
N GLU C 235 2.73 -29.95 19.07
CA GLU C 235 2.55 -30.37 20.44
C GLU C 235 3.39 -29.52 21.37
N ILE C 236 2.79 -29.11 22.49
CA ILE C 236 3.50 -28.41 23.54
C ILE C 236 3.16 -29.09 24.87
N ASN C 237 4.17 -29.23 25.72
CA ASN C 237 4.05 -29.95 26.99
C ASN C 237 4.38 -29.00 28.12
N TYR C 238 3.51 -28.96 29.11
CA TYR C 238 3.76 -28.22 30.32
C TYR C 238 3.72 -29.21 31.50
N GLN C 239 4.25 -28.80 32.64
CA GLN C 239 4.37 -29.65 33.83
C GLN C 239 3.03 -30.19 34.34
N PHE C 240 3.06 -31.48 34.72
CA PHE C 240 1.92 -32.18 35.29
C PHE C 240 1.39 -31.47 36.53
N ASN C 241 0.20 -31.85 36.99
CA ASN C 241 -0.37 -31.31 38.22
C ASN C 241 -1.44 -32.26 38.74
N SER C 242 -1.99 -31.95 39.90
CA SER C 242 -3.09 -32.75 40.43
C SER C 242 -4.36 -32.55 39.61
N LEU C 243 -5.25 -33.54 39.63
CA LEU C 243 -6.40 -33.62 38.72
C LEU C 243 -7.09 -32.29 38.37
N LEU C 244 -7.69 -31.63 39.36
CA LEU C 244 -8.43 -30.38 39.09
C LEU C 244 -7.54 -29.30 38.49
N HIS C 245 -6.37 -29.05 39.09
CA HIS C 245 -5.44 -28.07 38.55
C HIS C 245 -5.05 -28.43 37.10
N ALA C 246 -4.83 -29.71 36.84
CA ALA C 246 -4.44 -30.16 35.52
C ALA C 246 -5.54 -29.88 34.49
N ALA C 247 -6.80 -30.05 34.90
CA ALA C 247 -7.89 -29.84 33.97
C ALA C 247 -8.07 -28.33 33.71
N ASP C 248 -7.88 -27.51 34.75
CA ASP C 248 -7.90 -26.07 34.59
C ASP C 248 -6.74 -25.65 33.66
N ASP C 249 -5.57 -26.24 33.84
CA ASP C 249 -4.42 -25.97 32.98
C ASP C 249 -4.72 -26.31 31.51
N MET C 250 -5.36 -27.44 31.27
CA MET C 250 -5.74 -27.85 29.92
C MET C 250 -6.64 -26.81 29.22
N GLN C 251 -7.66 -26.34 29.93
CA GLN C 251 -8.62 -25.38 29.37
C GLN C 251 -7.96 -24.08 29.02
N LEU C 252 -7.07 -23.61 29.91
CA LEU C 252 -6.31 -22.39 29.68
C LEU C 252 -5.32 -22.56 28.53
N TYR C 253 -4.66 -23.72 28.49
CA TYR C 253 -3.75 -24.07 27.39
C TYR C 253 -4.45 -23.98 26.03
N LYS C 254 -5.61 -24.63 25.89
CA LYS C 254 -6.35 -24.59 24.62
C LYS C 254 -6.70 -23.17 24.19
N TYR C 255 -7.17 -22.38 25.14
CA TYR C 255 -7.44 -20.97 24.93
C TYR C 255 -6.21 -20.19 24.46
N ILE C 256 -5.07 -20.40 25.10
CA ILE C 256 -3.84 -19.71 24.72
C ILE C 256 -3.31 -20.15 23.33
N ILE C 257 -3.34 -21.45 23.08
CA ILE C 257 -2.95 -21.97 21.77
C ILE C 257 -3.85 -21.40 20.65
N LYS C 258 -5.17 -21.51 20.82
CA LYS C 258 -6.12 -21.10 19.79
C LYS C 258 -6.01 -19.62 19.49
N ASN C 259 -5.81 -18.80 20.54
CA ASN C 259 -5.81 -17.35 20.38
C ASN C 259 -4.47 -16.77 19.96
N THR C 260 -3.37 -17.45 20.31
CA THR C 260 -2.06 -17.06 19.80
C THR C 260 -2.07 -17.27 18.29
N ALA C 261 -2.56 -18.43 17.86
CA ALA C 261 -2.73 -18.73 16.45
C ALA C 261 -3.58 -17.68 15.77
N TRP C 262 -4.71 -17.35 16.40
CA TRP C 262 -5.69 -16.40 15.83
C TRP C 262 -5.08 -15.03 15.61
N GLN C 263 -4.38 -14.51 16.64
CA GLN C 263 -3.77 -13.18 16.58
C GLN C 263 -2.62 -13.13 15.57
N ASN C 264 -2.13 -14.30 15.18
CA ASN C 264 -1.05 -14.38 14.19
C ASN C 264 -1.54 -14.90 12.82
N GLY C 265 -2.84 -14.76 12.56
CA GLY C 265 -3.40 -15.03 11.23
C GLY C 265 -3.59 -16.51 10.88
N LYS C 266 -3.55 -17.37 11.90
CA LYS C 266 -3.77 -18.81 11.70
C LYS C 266 -5.09 -19.24 12.36
N THR C 267 -5.38 -20.54 12.28
CA THR C 267 -6.56 -21.12 12.90
C THR C 267 -6.25 -22.54 13.35
N VAL C 268 -6.48 -22.80 14.62
CA VAL C 268 -6.06 -24.05 15.25
C VAL C 268 -7.28 -24.94 15.48
N THR C 269 -7.10 -26.24 15.28
CA THR C 269 -8.12 -27.19 15.70
C THR C 269 -7.55 -28.29 16.57
N PHE C 270 -8.31 -28.62 17.62
CA PHE C 270 -7.98 -29.74 18.50
C PHE C 270 -8.80 -30.98 18.16
N MET C 271 -9.52 -30.96 17.05
CA MET C 271 -10.35 -32.11 16.70
C MET C 271 -9.46 -33.32 16.46
N PRO C 272 -9.97 -34.52 16.82
CA PRO C 272 -9.19 -35.75 16.80
C PRO C 272 -8.63 -36.14 15.42
N LYS C 273 -9.41 -35.96 14.37
CA LYS C 273 -8.99 -36.44 13.05
C LYS C 273 -9.43 -35.50 11.90
N PRO C 274 -8.72 -34.36 11.74
CA PRO C 274 -9.11 -33.42 10.70
C PRO C 274 -8.58 -33.83 9.33
N LEU C 275 -7.56 -34.67 9.32
CA LEU C 275 -6.96 -35.10 8.08
C LEU C 275 -7.14 -36.61 7.90
N PHE C 276 -7.61 -36.99 6.72
CA PHE C 276 -7.71 -38.40 6.35
C PHE C 276 -6.38 -38.90 5.79
N GLY C 277 -5.84 -39.98 6.38
CA GLY C 277 -4.62 -40.57 5.89
C GLY C 277 -3.37 -39.91 6.45
N ASP C 278 -3.54 -39.19 7.56
CA ASP C 278 -2.41 -38.66 8.33
C ASP C 278 -2.77 -38.70 9.82
N ASN C 279 -1.80 -38.44 10.70
CA ASN C 279 -2.02 -38.64 12.13
C ASN C 279 -3.17 -37.80 12.68
N GLY C 280 -3.91 -38.39 13.62
CA GLY C 280 -4.90 -37.67 14.37
C GLY C 280 -4.23 -36.93 15.51
N SER C 281 -5.04 -36.19 16.28
CA SER C 281 -4.51 -35.49 17.43
C SER C 281 -5.07 -36.13 18.69
N GLY C 282 -4.17 -36.62 19.53
CA GLY C 282 -4.54 -37.25 20.81
C GLY C 282 -4.35 -36.32 22.01
N MET C 283 -4.81 -36.79 23.17
CA MET C 283 -4.55 -36.17 24.45
C MET C 283 -4.06 -37.26 25.40
N HIS C 284 -2.86 -37.76 25.16
CA HIS C 284 -2.30 -38.78 26.05
C HIS C 284 -2.31 -38.26 27.47
N CYS C 285 -2.75 -39.09 28.40
CA CYS C 285 -2.77 -38.74 29.82
C CYS C 285 -1.84 -39.64 30.63
N HIS C 286 -0.72 -39.07 31.05
CA HIS C 286 0.21 -39.74 31.95
C HIS C 286 -0.36 -39.60 33.36
N GLN C 287 -0.53 -40.73 34.05
CA GLN C 287 -1.18 -40.74 35.37
C GLN C 287 -0.38 -41.47 36.44
N SER C 288 -0.44 -40.95 37.65
CA SER C 288 0.17 -41.59 38.82
C SER C 288 -0.53 -41.20 40.13
N LEU C 289 -0.55 -42.14 41.07
CA LEU C 289 -1.08 -41.90 42.40
C LEU C 289 0.07 -41.73 43.41
N TRP C 290 -0.11 -40.76 44.30
CA TRP C 290 0.84 -40.46 45.36
C TRP C 290 0.11 -40.41 46.69
N LYS C 291 0.81 -40.81 47.75
CA LYS C 291 0.27 -40.72 49.10
C LYS C 291 1.34 -40.23 50.08
N ASP C 292 0.98 -39.19 50.85
CA ASP C 292 1.86 -38.58 51.83
C ASP C 292 3.20 -38.18 51.23
N GLY C 293 3.15 -37.63 50.01
CA GLY C 293 4.35 -37.18 49.32
C GLY C 293 5.22 -38.29 48.75
N ALA C 294 4.72 -39.52 48.73
CA ALA C 294 5.44 -40.65 48.15
C ALA C 294 4.70 -41.31 46.98
N PRO C 295 5.43 -41.74 45.94
CA PRO C 295 4.83 -42.36 44.76
C PRO C 295 4.36 -43.80 45.01
N LEU C 296 3.24 -44.20 44.40
CA LEU C 296 2.70 -45.56 44.57
C LEU C 296 2.84 -46.47 43.34
N MET C 297 3.31 -45.93 42.22
CA MET C 297 3.27 -46.67 40.95
C MET C 297 4.44 -47.64 40.77
N TYR C 298 5.48 -47.51 41.59
CA TYR C 298 6.77 -48.16 41.30
C TYR C 298 7.06 -49.42 42.10
N ASP C 299 7.49 -50.47 41.40
CA ASP C 299 7.98 -51.69 42.01
C ASP C 299 8.98 -52.27 41.04
N GLU C 300 10.24 -52.28 41.46
CA GLU C 300 11.37 -52.71 40.64
C GLU C 300 11.21 -54.16 40.13
N THR C 301 10.39 -54.95 40.82
CA THR C 301 10.22 -56.35 40.46
C THR C 301 9.09 -56.60 39.44
N GLY C 302 8.19 -55.62 39.28
CA GLY C 302 7.08 -55.75 38.33
C GLY C 302 7.50 -55.55 36.89
N TYR C 303 6.73 -56.12 35.95
CA TYR C 303 6.84 -55.78 34.53
C TYR C 303 6.83 -54.26 34.37
N ALA C 304 7.82 -53.76 33.61
CA ALA C 304 7.98 -52.31 33.34
C ALA C 304 8.05 -51.45 34.63
N GLY C 305 8.51 -52.06 35.73
CA GLY C 305 8.68 -51.37 37.01
C GLY C 305 7.37 -50.96 37.68
N LEU C 306 6.29 -51.69 37.40
CA LEU C 306 4.98 -51.30 37.89
C LEU C 306 4.59 -52.06 39.16
N SER C 307 4.08 -51.33 40.14
CA SER C 307 3.55 -51.92 41.37
C SER C 307 2.19 -52.56 41.11
N ASP C 308 1.69 -53.28 42.10
CA ASP C 308 0.36 -53.88 42.03
C ASP C 308 -0.72 -52.82 41.90
N THR C 309 -0.54 -51.72 42.63
CA THR C 309 -1.49 -50.60 42.57
C THR C 309 -1.59 -50.05 41.15
N ALA C 310 -0.43 -49.81 40.53
CA ALA C 310 -0.33 -49.35 39.15
C ALA C 310 -1.00 -50.33 38.20
N ARG C 311 -0.66 -51.62 38.34
CA ARG C 311 -1.17 -52.66 37.46
C ARG C 311 -2.69 -52.75 37.55
N HIS C 312 -3.23 -52.63 38.77
CA HIS C 312 -4.68 -52.69 38.96
C HIS C 312 -5.40 -51.44 38.42
N TYR C 313 -4.73 -50.30 38.52
CA TYR C 313 -5.22 -49.08 37.89
C TYR C 313 -5.33 -49.32 36.38
N ILE C 314 -4.27 -49.87 35.78
CA ILE C 314 -4.33 -50.21 34.36
C ILE C 314 -5.47 -51.19 34.08
N GLY C 315 -5.62 -52.19 34.95
CA GLY C 315 -6.72 -53.14 34.86
C GLY C 315 -8.07 -52.45 34.78
N GLY C 316 -8.24 -51.41 35.59
CA GLY C 316 -9.47 -50.60 35.60
C GLY C 316 -9.73 -49.86 34.30
N LEU C 317 -8.70 -49.16 33.82
CA LEU C 317 -8.76 -48.43 32.56
C LEU C 317 -9.13 -49.36 31.40
N LEU C 318 -8.45 -50.49 31.29
CA LEU C 318 -8.71 -51.40 30.18
C LEU C 318 -10.05 -52.16 30.30
N HIS C 319 -10.41 -52.53 31.53
CA HIS C 319 -11.69 -53.18 31.79
C HIS C 319 -12.87 -52.24 31.55
N HIS C 320 -12.75 -50.98 31.97
CA HIS C 320 -13.89 -50.04 31.83
C HIS C 320 -13.91 -49.27 30.51
N ALA C 321 -12.87 -49.44 29.70
CA ALA C 321 -12.69 -48.72 28.43
C ALA C 321 -13.93 -48.66 27.54
N PRO C 322 -14.67 -49.77 27.39
CA PRO C 322 -15.86 -49.69 26.52
C PRO C 322 -16.89 -48.61 26.91
N SER C 323 -16.94 -48.22 28.19
CA SER C 323 -17.84 -47.14 28.62
C SER C 323 -17.07 -45.86 28.92
N LEU C 324 -15.85 -46.01 29.41
CA LEU C 324 -14.99 -44.89 29.78
C LEU C 324 -14.73 -43.99 28.56
N LEU C 325 -14.61 -44.58 27.37
CA LEU C 325 -14.37 -43.76 26.18
C LEU C 325 -15.50 -42.75 25.88
N ALA C 326 -16.67 -42.95 26.49
CA ALA C 326 -17.75 -41.97 26.37
C ALA C 326 -17.39 -40.61 26.92
N PHE C 327 -16.46 -40.60 27.86
CA PHE C 327 -15.91 -39.34 28.38
C PHE C 327 -14.48 -38.97 27.89
N THR C 328 -13.70 -39.95 27.44
CA THR C 328 -12.33 -39.66 27.03
C THR C 328 -12.24 -39.49 25.49
N ASN C 329 -13.17 -40.13 24.78
CA ASN C 329 -13.26 -40.07 23.32
C ASN C 329 -14.70 -39.76 22.94
N PRO C 330 -15.18 -38.55 23.25
CA PRO C 330 -16.63 -38.31 23.33
C PRO C 330 -17.31 -37.82 22.06
N THR C 331 -16.63 -37.83 20.92
CA THR C 331 -17.23 -37.29 19.68
C THR C 331 -17.30 -38.36 18.59
N VAL C 332 -18.10 -38.10 17.55
CA VAL C 332 -18.11 -38.99 16.41
C VAL C 332 -16.73 -39.02 15.74
N ASN C 333 -16.09 -37.87 15.68
CA ASN C 333 -14.78 -37.74 15.04
C ASN C 333 -13.67 -38.50 15.79
N SER C 334 -13.86 -38.68 17.10
CA SER C 334 -12.93 -39.45 17.92
C SER C 334 -12.64 -40.80 17.30
N TYR C 335 -13.68 -41.44 16.76
CA TYR C 335 -13.56 -42.82 16.27
C TYR C 335 -12.89 -42.95 14.90
N LYS C 336 -12.73 -41.80 14.23
CA LYS C 336 -11.91 -41.73 13.00
C LYS C 336 -10.40 -41.76 13.31
N ARG C 337 -10.05 -41.39 14.54
CA ARG C 337 -8.66 -41.44 14.97
C ARG C 337 -8.27 -42.85 15.42
N LEU C 338 -9.21 -43.58 16.03
CA LEU C 338 -8.94 -44.94 16.50
C LEU C 338 -8.92 -45.98 15.36
N VAL C 339 -7.99 -45.78 14.42
CA VAL C 339 -7.79 -46.64 13.25
C VAL C 339 -6.30 -46.96 13.18
N PRO C 340 -5.92 -48.13 12.59
CA PRO C 340 -4.52 -48.55 12.69
C PRO C 340 -3.55 -47.70 11.86
N GLY C 341 -2.29 -47.63 12.31
CA GLY C 341 -1.19 -47.04 11.53
C GLY C 341 -0.79 -45.60 11.88
N TYR C 342 -1.39 -45.02 12.93
CA TYR C 342 -1.16 -43.58 13.22
C TYR C 342 -0.78 -43.26 14.68
N GLU C 343 -0.20 -44.25 15.35
CA GLU C 343 0.22 -44.13 16.75
C GLU C 343 -0.93 -43.85 17.72
N ALA C 344 -2.15 -44.19 17.33
CA ALA C 344 -3.29 -44.20 18.25
C ALA C 344 -3.69 -45.68 18.48
N PRO C 345 -4.36 -45.99 19.61
CA PRO C 345 -4.76 -47.37 19.93
C PRO C 345 -5.88 -47.94 19.06
N ILE C 346 -5.80 -49.24 18.75
CA ILE C 346 -6.90 -49.97 18.11
C ILE C 346 -7.40 -51.17 18.95
N ASN C 347 -6.77 -51.38 20.10
CA ASN C 347 -7.17 -52.47 20.98
C ASN C 347 -6.75 -52.19 22.43
N LEU C 348 -7.26 -53.00 23.36
CA LEU C 348 -7.15 -52.73 24.79
C LEU C 348 -5.98 -53.44 25.43
N VAL C 349 -4.76 -53.00 25.15
CA VAL C 349 -3.59 -53.61 25.76
C VAL C 349 -2.67 -52.56 26.34
N TYR C 350 -1.87 -52.96 27.33
CA TYR C 350 -0.76 -52.13 27.80
C TYR C 350 0.58 -52.77 27.44
N SER C 351 1.62 -51.94 27.36
CA SER C 351 2.92 -52.40 26.93
C SER C 351 3.92 -51.27 27.11
N GLN C 352 5.11 -51.60 27.62
CA GLN C 352 6.12 -50.56 27.77
C GLN C 352 6.72 -50.19 26.42
N ARG C 353 7.07 -48.91 26.27
CA ARG C 353 7.79 -48.41 25.09
C ARG C 353 6.95 -48.44 23.80
N ASN C 354 5.66 -48.77 23.91
CA ASN C 354 4.87 -49.17 22.75
C ASN C 354 3.80 -48.16 22.30
N ARG C 355 4.10 -47.41 21.25
CA ARG C 355 3.21 -46.34 20.82
C ARG C 355 2.02 -46.82 19.97
N SER C 356 1.92 -48.15 19.79
CA SER C 356 0.74 -48.76 19.15
C SER C 356 -0.30 -49.23 20.18
N ALA C 357 0.03 -49.11 21.46
CA ALA C 357 -0.76 -49.69 22.55
C ALA C 357 -1.73 -48.69 23.14
N CYS C 358 -2.71 -49.20 23.87
CA CYS C 358 -3.71 -48.35 24.53
C CYS C 358 -3.14 -47.66 25.77
N VAL C 359 -2.31 -48.39 26.51
CA VAL C 359 -1.56 -47.83 27.62
C VAL C 359 -0.10 -48.17 27.37
N ARG C 360 0.71 -47.13 27.26
CA ARG C 360 2.15 -47.27 27.13
C ARG C 360 2.78 -46.92 28.47
N ILE C 361 3.77 -47.70 28.86
CA ILE C 361 4.59 -47.34 30.00
C ILE C 361 5.86 -46.76 29.43
N PRO C 362 6.05 -45.44 29.60
CA PRO C 362 7.27 -44.80 29.09
C PRO C 362 8.51 -45.31 29.84
N ILE C 363 9.66 -45.33 29.17
CA ILE C 363 10.90 -45.78 29.79
C ILE C 363 11.50 -44.69 30.68
N THR C 364 11.47 -44.90 31.98
CA THR C 364 11.86 -43.86 32.94
C THR C 364 12.98 -44.27 33.89
N GLY C 365 13.44 -45.52 33.80
CA GLY C 365 14.53 -46.00 34.66
C GLY C 365 14.09 -46.32 36.09
N SER C 366 14.98 -46.14 37.06
CA SER C 366 14.75 -46.63 38.41
C SER C 366 14.14 -45.61 39.37
N ASN C 367 14.03 -44.36 38.94
CA ASN C 367 13.45 -43.30 39.76
C ASN C 367 11.95 -43.52 39.99
N PRO C 368 11.56 -43.87 41.24
CA PRO C 368 10.14 -44.14 41.54
C PRO C 368 9.20 -42.96 41.27
N LYS C 369 9.72 -41.74 41.35
CA LYS C 369 8.91 -40.53 41.16
C LYS C 369 8.48 -40.32 39.72
N ALA C 370 9.21 -40.93 38.78
CA ALA C 370 8.96 -40.77 37.36
C ALA C 370 8.06 -41.87 36.80
N LYS C 371 7.83 -42.92 37.59
CA LYS C 371 7.07 -44.06 37.12
C LYS C 371 5.60 -43.71 36.95
N ARG C 372 5.05 -44.00 35.77
CA ARG C 372 3.64 -43.73 35.48
C ARG C 372 3.17 -44.45 34.22
N LEU C 373 1.85 -44.47 34.02
CA LEU C 373 1.24 -45.04 32.83
C LEU C 373 0.76 -43.92 31.92
N GLU C 374 0.88 -44.14 30.61
CA GLU C 374 0.37 -43.22 29.59
C GLU C 374 -0.86 -43.84 28.95
N PHE C 375 -2.02 -43.25 29.22
CA PHE C 375 -3.26 -43.66 28.58
C PHE C 375 -3.33 -42.89 27.27
N ARG C 376 -3.21 -43.60 26.16
CA ARG C 376 -3.04 -43.00 24.84
C ARG C 376 -4.38 -42.79 24.15
N SER C 377 -5.41 -43.46 24.65
CA SER C 377 -6.71 -43.42 24.01
C SER C 377 -7.40 -42.04 23.93
N PRO C 378 -7.40 -41.25 25.02
CA PRO C 378 -8.15 -39.98 25.02
C PRO C 378 -7.74 -38.98 23.94
N ASP C 379 -8.66 -38.09 23.59
CA ASP C 379 -8.39 -36.99 22.68
C ASP C 379 -8.90 -35.68 23.29
N SER C 380 -8.68 -34.57 22.61
CA SER C 380 -9.02 -33.25 23.14
C SER C 380 -10.43 -32.77 22.76
N SER C 381 -11.28 -33.67 22.26
CA SER C 381 -12.57 -33.27 21.74
C SER C 381 -13.68 -33.11 22.78
N GLY C 382 -13.34 -33.36 24.06
CA GLY C 382 -14.37 -33.25 25.08
C GLY C 382 -14.06 -32.33 26.25
N ASN C 383 -14.17 -32.88 27.45
CA ASN C 383 -14.14 -32.12 28.67
C ASN C 383 -13.10 -32.72 29.62
N PRO C 384 -12.00 -31.99 29.83
CA PRO C 384 -10.89 -32.55 30.59
C PRO C 384 -11.26 -32.81 32.06
N TYR C 385 -12.17 -32.00 32.61
CA TYR C 385 -12.63 -32.21 33.97
C TYR C 385 -13.30 -33.59 34.06
N LEU C 386 -14.20 -33.89 33.12
CA LEU C 386 -14.91 -35.15 33.10
C LEU C 386 -14.00 -36.30 32.68
N ALA C 387 -13.15 -36.06 31.70
CA ALA C 387 -12.26 -37.10 31.21
C ALA C 387 -11.28 -37.56 32.29
N PHE C 388 -10.60 -36.60 32.93
CA PHE C 388 -9.65 -36.94 33.99
C PHE C 388 -10.37 -37.64 35.13
N SER C 389 -11.52 -37.11 35.55
CA SER C 389 -12.32 -37.71 36.62
C SER C 389 -12.75 -39.14 36.28
N ALA C 390 -13.20 -39.36 35.05
CA ALA C 390 -13.68 -40.69 34.66
C ALA C 390 -12.53 -41.69 34.65
N MET C 391 -11.35 -41.27 34.19
CA MET C 391 -10.16 -42.15 34.18
C MET C 391 -9.77 -42.54 35.60
N LEU C 392 -9.80 -41.57 36.52
CA LEU C 392 -9.51 -41.84 37.92
C LEU C 392 -10.52 -42.84 38.50
N MET C 393 -11.82 -42.60 38.26
CA MET C 393 -12.84 -43.51 38.74
C MET C 393 -12.65 -44.95 38.22
N ALA C 394 -12.25 -45.10 36.96
CA ALA C 394 -11.99 -46.42 36.38
C ALA C 394 -10.76 -47.05 37.02
N GLY C 395 -9.74 -46.23 37.26
CA GLY C 395 -8.50 -46.74 37.86
C GLY C 395 -8.68 -47.18 39.30
N LEU C 396 -9.51 -46.45 40.04
CA LEU C 396 -9.81 -46.75 41.44
C LEU C 396 -10.69 -47.99 41.58
N ASP C 397 -11.62 -48.18 40.66
CA ASP C 397 -12.39 -49.40 40.63
C ASP C 397 -11.45 -50.59 40.39
N GLY C 398 -10.45 -50.38 39.54
CA GLY C 398 -9.45 -51.41 39.27
C GLY C 398 -8.65 -51.80 40.51
N ILE C 399 -8.24 -50.79 41.28
CA ILE C 399 -7.48 -51.01 42.51
C ILE C 399 -8.38 -51.67 43.58
N LYS C 400 -9.57 -51.11 43.77
CA LYS C 400 -10.50 -51.62 44.75
C LYS C 400 -10.93 -53.07 44.50
N ASN C 401 -11.06 -53.45 43.23
CA ASN C 401 -11.48 -54.81 42.86
C ASN C 401 -10.33 -55.68 42.41
N LYS C 402 -9.11 -55.17 42.53
CA LYS C 402 -7.90 -55.86 42.10
C LYS C 402 -8.04 -56.46 40.70
N ILE C 403 -8.49 -55.63 39.75
CA ILE C 403 -8.69 -56.08 38.37
C ILE C 403 -7.34 -56.28 37.70
N GLU C 404 -7.07 -57.53 37.30
CA GLU C 404 -5.83 -57.87 36.61
C GLU C 404 -5.96 -57.61 35.12
N PRO C 405 -5.10 -56.74 34.56
CA PRO C 405 -5.13 -56.57 33.11
C PRO C 405 -4.68 -57.86 32.44
N GLN C 406 -5.10 -58.09 31.20
CA GLN C 406 -4.49 -59.19 30.47
C GLN C 406 -3.00 -58.88 30.21
N ALA C 407 -2.21 -59.92 29.92
CA ALA C 407 -0.76 -59.79 29.81
C ALA C 407 -0.37 -58.72 28.80
N PRO C 408 0.70 -57.97 29.08
CA PRO C 408 1.19 -56.98 28.11
C PRO C 408 1.57 -57.64 26.78
N VAL C 409 1.41 -56.92 25.68
CA VAL C 409 1.79 -57.42 24.36
C VAL C 409 2.83 -56.48 23.77
N ASP C 410 4.08 -56.95 23.76
CA ASP C 410 5.23 -56.12 23.32
C ASP C 410 5.51 -56.27 21.82
N LYS C 411 4.49 -55.99 21.03
CA LYS C 411 4.54 -56.11 19.59
C LYS C 411 3.94 -54.88 18.92
N ASP C 412 4.23 -54.74 17.63
CA ASP C 412 3.55 -53.75 16.80
C ASP C 412 2.09 -54.23 16.69
N LEU C 413 1.19 -53.54 17.38
CA LEU C 413 -0.17 -54.02 17.48
C LEU C 413 -0.99 -53.84 16.20
N TYR C 414 -0.45 -53.10 15.23
CA TYR C 414 -1.11 -52.92 13.93
C TYR C 414 -0.76 -54.07 13.01
N GLU C 415 0.26 -54.83 13.34
CA GLU C 415 0.77 -55.88 12.45
C GLU C 415 0.63 -57.29 13.02
N LEU C 416 -0.36 -57.48 13.90
CA LEU C 416 -0.57 -58.78 14.56
C LEU C 416 -1.19 -59.80 13.64
N PRO C 417 -0.71 -61.06 13.69
CA PRO C 417 -1.33 -62.14 12.89
C PRO C 417 -2.81 -62.29 13.24
N PRO C 418 -3.65 -62.66 12.24
CA PRO C 418 -5.13 -62.71 12.32
C PRO C 418 -5.70 -63.39 13.56
N GLU C 419 -5.07 -64.48 13.96
CA GLU C 419 -5.49 -65.25 15.13
C GLU C 419 -5.27 -64.44 16.40
N GLU C 420 -4.01 -64.08 16.65
CA GLU C 420 -3.63 -63.32 17.83
C GLU C 420 -4.42 -62.01 17.99
N ALA C 421 -4.74 -61.37 16.87
CA ALA C 421 -5.48 -60.09 16.87
C ALA C 421 -6.90 -60.24 17.44
N ALA C 422 -7.57 -61.32 17.06
CA ALA C 422 -8.93 -61.60 17.55
C ALA C 422 -8.90 -62.01 19.03
N SER C 423 -7.77 -62.54 19.47
CA SER C 423 -7.53 -62.86 20.88
C SER C 423 -7.59 -61.62 21.81
N ILE C 424 -7.63 -60.43 21.22
CA ILE C 424 -7.50 -59.19 21.99
C ILE C 424 -8.72 -58.30 21.78
N PRO C 425 -9.30 -57.80 22.89
CA PRO C 425 -10.45 -56.91 22.77
C PRO C 425 -10.08 -55.64 22.02
N GLN C 426 -10.94 -55.26 21.08
CA GLN C 426 -10.75 -54.09 20.24
C GLN C 426 -11.24 -52.83 20.96
N THR C 427 -10.72 -51.68 20.56
CA THR C 427 -11.36 -50.41 20.88
C THR C 427 -12.73 -50.36 20.17
N PRO C 428 -13.68 -49.60 20.71
CA PRO C 428 -14.97 -49.43 20.07
C PRO C 428 -14.86 -48.78 18.69
N THR C 429 -15.76 -49.15 17.80
CA THR C 429 -15.80 -48.67 16.40
C THR C 429 -16.38 -47.26 16.29
N GLN C 430 -17.32 -46.91 17.15
CA GLN C 430 -18.12 -45.69 16.97
C GLN C 430 -18.74 -45.20 18.28
N LEU C 431 -19.07 -43.91 18.30
CA LEU C 431 -19.57 -43.24 19.51
C LEU C 431 -20.83 -43.87 20.08
N SER C 432 -21.75 -44.28 19.21
CA SER C 432 -23.04 -44.81 19.64
C SER C 432 -22.85 -46.05 20.49
N ASP C 433 -21.81 -46.83 20.19
CA ASP C 433 -21.52 -48.05 20.95
C ASP C 433 -21.05 -47.73 22.36
N VAL C 434 -20.13 -46.78 22.50
CA VAL C 434 -19.65 -46.40 23.85
C VAL C 434 -20.74 -45.71 24.66
N ILE C 435 -21.61 -44.94 23.99
CA ILE C 435 -22.71 -44.28 24.67
C ILE C 435 -23.72 -45.33 25.17
N ASP C 436 -24.04 -46.32 24.31
CA ASP C 436 -24.87 -47.46 24.70
C ASP C 436 -24.29 -48.19 25.90
N ARG C 437 -22.99 -48.47 25.85
CA ARG C 437 -22.33 -49.16 26.94
C ARG C 437 -22.29 -48.32 28.23
N LEU C 438 -22.11 -47.01 28.10
CA LEU C 438 -22.14 -46.11 29.28
C LEU C 438 -23.49 -46.17 29.97
N GLU C 439 -24.54 -46.22 29.16
CA GLU C 439 -25.91 -46.28 29.66
C GLU C 439 -26.14 -47.58 30.42
N ALA C 440 -25.59 -48.67 29.91
CA ALA C 440 -25.79 -50.01 30.49
C ALA C 440 -24.96 -50.20 31.75
N ASP C 441 -23.77 -49.60 31.78
CA ASP C 441 -22.82 -49.90 32.85
C ASP C 441 -22.00 -48.67 33.23
N HIS C 442 -22.41 -48.01 34.31
CA HIS C 442 -21.71 -46.80 34.76
C HIS C 442 -21.56 -46.69 36.27
N GLU C 443 -21.61 -47.84 36.96
CA GLU C 443 -21.63 -47.82 38.42
C GLU C 443 -20.32 -47.31 39.03
N TYR C 444 -19.20 -47.61 38.38
CA TYR C 444 -17.90 -47.16 38.83
C TYR C 444 -17.75 -45.64 38.84
N LEU C 445 -18.49 -44.97 37.97
CA LEU C 445 -18.49 -43.51 37.87
C LEU C 445 -19.31 -42.88 39.00
N THR C 446 -20.39 -43.56 39.39
CA THR C 446 -21.31 -43.04 40.41
C THR C 446 -20.83 -43.31 41.83
N GLU C 447 -19.77 -44.11 42.00
CA GLU C 447 -19.17 -44.33 43.31
C GLU C 447 -18.90 -43.00 44.01
N GLY C 448 -19.30 -42.92 45.27
CA GLY C 448 -19.11 -41.72 46.08
C GLY C 448 -19.87 -40.49 45.57
N GLY C 449 -20.79 -40.68 44.63
CA GLY C 449 -21.52 -39.57 44.00
C GLY C 449 -20.68 -38.61 43.15
N VAL C 450 -19.50 -39.05 42.72
CA VAL C 450 -18.60 -38.25 41.85
C VAL C 450 -19.29 -37.88 40.54
N PHE C 451 -19.79 -38.88 39.83
CA PHE C 451 -20.73 -38.64 38.76
C PHE C 451 -22.11 -39.00 39.31
N THR C 452 -23.12 -38.25 38.94
CA THR C 452 -24.48 -38.58 39.32
C THR C 452 -25.25 -39.05 38.09
N ASN C 453 -26.42 -39.67 38.30
CA ASN C 453 -27.23 -40.18 37.19
C ASN C 453 -27.77 -39.11 36.26
N ASP C 454 -28.12 -37.94 36.81
CA ASP C 454 -28.56 -36.80 36.00
C ASP C 454 -27.46 -36.34 35.01
N LEU C 455 -26.19 -36.35 35.44
CA LEU C 455 -25.11 -35.95 34.57
C LEU C 455 -24.95 -36.98 33.45
N ILE C 456 -24.99 -38.26 33.82
CA ILE C 456 -24.76 -39.33 32.88
C ILE C 456 -25.89 -39.38 31.87
N GLU C 457 -27.12 -39.23 32.37
CA GLU C 457 -28.29 -39.22 31.49
C GLU C 457 -28.33 -38.03 30.55
N THR C 458 -27.85 -36.88 31.02
CA THR C 458 -27.79 -35.67 30.19
C THR C 458 -26.74 -35.82 29.11
N TRP C 459 -25.60 -36.39 29.49
CA TRP C 459 -24.51 -36.65 28.56
C TRP C 459 -24.97 -37.56 27.45
N ILE C 460 -25.58 -38.69 27.80
CA ILE C 460 -26.01 -39.70 26.84
C ILE C 460 -27.00 -39.07 25.87
N SER C 461 -27.96 -38.34 26.43
CA SER C 461 -29.01 -37.69 25.67
C SER C 461 -28.45 -36.63 24.71
N PHE C 462 -27.52 -35.81 25.22
CA PHE C 462 -26.89 -34.79 24.43
C PHE C 462 -26.15 -35.38 23.22
N LYS C 463 -25.39 -36.46 23.43
CA LYS C 463 -24.59 -37.04 22.36
C LYS C 463 -25.46 -37.67 21.28
N ARG C 464 -26.58 -38.28 21.70
CA ARG C 464 -27.46 -38.97 20.77
C ARG C 464 -28.19 -37.96 19.90
N GLU C 465 -28.72 -36.92 20.53
CA GLU C 465 -29.58 -35.97 19.82
C GLU C 465 -28.82 -34.93 19.03
N ASN C 466 -27.64 -34.53 19.51
CA ASN C 466 -26.88 -33.46 18.88
C ASN C 466 -25.70 -33.91 18.01
N GLU C 467 -25.31 -35.18 18.14
CA GLU C 467 -24.10 -35.65 17.46
C GLU C 467 -24.30 -36.94 16.66
N ILE C 468 -24.66 -38.02 17.35
CA ILE C 468 -24.82 -39.33 16.70
C ILE C 468 -25.90 -39.28 15.61
N GLU C 469 -27.09 -38.84 15.98
CA GLU C 469 -28.21 -38.85 15.06
C GLU C 469 -27.98 -37.89 13.86
N PRO C 470 -27.57 -36.64 14.13
CA PRO C 470 -27.35 -35.69 13.03
C PRO C 470 -26.32 -36.14 11.98
N VAL C 471 -25.27 -36.85 12.41
CA VAL C 471 -24.28 -37.39 11.47
C VAL C 471 -24.83 -38.62 10.75
N ASN C 472 -25.54 -39.48 11.47
CA ASN C 472 -26.16 -40.68 10.87
C ASN C 472 -27.18 -40.43 9.76
N ILE C 473 -27.91 -39.33 9.84
CA ILE C 473 -28.98 -39.09 8.86
C ILE C 473 -28.46 -38.36 7.62
N ARG C 474 -27.23 -37.84 7.68
CA ARG C 474 -26.65 -37.05 6.62
C ARG C 474 -25.78 -37.88 5.69
N PRO C 475 -26.11 -37.91 4.39
CA PRO C 475 -25.27 -38.65 3.44
C PRO C 475 -23.82 -38.16 3.43
N HIS C 476 -22.90 -39.12 3.41
CA HIS C 476 -21.46 -38.90 3.40
C HIS C 476 -21.04 -38.75 1.93
N PRO C 477 -20.12 -37.81 1.63
CA PRO C 477 -19.62 -37.64 0.25
C PRO C 477 -19.09 -38.93 -0.39
N TYR C 478 -18.47 -39.78 0.40
CA TYR C 478 -17.92 -40.99 -0.15
C TYR C 478 -18.99 -42.01 -0.58
N GLU C 479 -20.22 -41.88 -0.04
CA GLU C 479 -21.36 -42.67 -0.50
C GLU C 479 -21.73 -42.33 -1.94
N PHE C 480 -21.43 -41.10 -2.37
CA PHE C 480 -21.65 -40.72 -3.75
C PHE C 480 -20.60 -41.33 -4.68
N ALA C 481 -19.36 -41.40 -4.18
CA ALA C 481 -18.28 -42.12 -4.86
C ALA C 481 -18.62 -43.58 -5.04
N LEU C 482 -19.21 -44.20 -4.02
CA LEU C 482 -19.58 -45.61 -4.02
C LEU C 482 -20.86 -45.94 -4.78
N TYR C 483 -21.87 -45.07 -4.68
CA TYR C 483 -23.23 -45.49 -5.01
C TYR C 483 -24.02 -44.66 -6.02
N TYR C 484 -23.49 -43.54 -6.49
CA TYR C 484 -24.26 -42.72 -7.42
C TYR C 484 -24.76 -43.54 -8.64
N ASP C 485 -23.89 -44.41 -9.14
CA ASP C 485 -24.19 -45.22 -10.33
C ASP C 485 -24.72 -46.64 -10.02
N VAL C 486 -25.32 -46.86 -8.84
CA VAL C 486 -25.90 -48.19 -8.54
C VAL C 486 -27.04 -48.57 -9.48
N LYS D 12 -26.49 18.44 39.25
CA LYS D 12 -25.68 19.48 38.53
C LYS D 12 -26.47 20.77 38.32
N THR D 13 -25.74 21.88 38.25
CA THR D 13 -26.32 23.22 38.05
C THR D 13 -25.78 23.86 36.75
N PRO D 14 -26.38 24.98 36.30
CA PRO D 14 -25.77 25.71 35.17
C PRO D 14 -24.25 25.96 35.31
N ASP D 15 -23.82 26.45 36.48
CA ASP D 15 -22.39 26.77 36.70
C ASP D 15 -21.49 25.54 36.66
N ASP D 16 -21.99 24.40 37.14
CA ASP D 16 -21.25 23.12 37.01
C ASP D 16 -20.91 22.80 35.56
N VAL D 17 -21.88 23.02 34.67
CA VAL D 17 -21.71 22.73 33.26
C VAL D 17 -20.74 23.70 32.59
N PHE D 18 -20.85 24.99 32.89
CA PHE D 18 -19.88 25.99 32.42
C PHE D 18 -18.44 25.67 32.86
N LYS D 19 -18.29 25.27 34.13
CA LYS D 19 -16.99 24.87 34.66
C LYS D 19 -16.44 23.65 33.91
N LEU D 20 -17.31 22.65 33.70
CA LEU D 20 -16.94 21.43 32.97
C LEU D 20 -16.48 21.76 31.55
N ALA D 21 -17.24 22.62 30.88
CA ALA D 21 -16.92 23.06 29.51
C ALA D 21 -15.57 23.78 29.44
N LYS D 22 -15.32 24.64 30.42
CA LYS D 22 -14.08 25.40 30.49
C LYS D 22 -12.89 24.51 30.86
N ASP D 23 -13.05 23.64 31.86
CA ASP D 23 -12.00 22.71 32.29
C ASP D 23 -11.63 21.68 31.23
N GLU D 24 -12.60 21.19 30.47
CA GLU D 24 -12.34 20.24 29.39
C GLU D 24 -11.89 20.90 28.07
N LYS D 25 -11.80 22.23 28.07
CA LYS D 25 -11.43 23.03 26.88
C LYS D 25 -12.27 22.67 25.66
N VAL D 26 -13.58 22.65 25.89
CA VAL D 26 -14.58 22.25 24.92
C VAL D 26 -14.68 23.26 23.77
N GLU D 27 -14.61 22.77 22.53
CA GLU D 27 -14.77 23.62 21.35
C GLU D 27 -16.26 23.77 20.94
N TYR D 28 -17.04 22.71 21.11
CA TYR D 28 -18.44 22.70 20.66
C TYR D 28 -19.38 22.14 21.68
N VAL D 29 -20.60 22.61 21.65
CA VAL D 29 -21.66 22.03 22.46
C VAL D 29 -22.71 21.47 21.52
N ASP D 30 -23.06 20.21 21.74
CA ASP D 30 -24.07 19.52 20.97
C ASP D 30 -25.37 19.53 21.75
N VAL D 31 -26.39 20.15 21.16
CA VAL D 31 -27.70 20.34 21.77
C VAL D 31 -28.61 19.22 21.29
N ARG D 32 -29.06 18.40 22.23
CA ARG D 32 -29.83 17.19 21.91
C ARG D 32 -31.22 17.18 22.50
N PHE D 33 -32.15 16.57 21.77
CA PHE D 33 -33.48 16.31 22.28
C PHE D 33 -34.04 15.07 21.58
N CYS D 34 -35.17 14.57 22.06
CA CYS D 34 -35.74 13.33 21.56
C CYS D 34 -36.94 13.57 20.65
N ASP D 35 -36.95 12.97 19.47
CA ASP D 35 -38.16 12.97 18.65
C ASP D 35 -39.18 11.96 19.20
N LEU D 36 -40.40 12.00 18.69
CA LEU D 36 -41.46 11.18 19.26
C LEU D 36 -41.17 9.66 19.12
N PRO D 37 -40.76 9.19 17.91
CA PRO D 37 -40.48 7.76 17.77
C PRO D 37 -39.32 7.25 18.63
N GLY D 38 -38.36 8.12 18.94
CA GLY D 38 -37.33 7.78 19.91
C GLY D 38 -35.88 7.88 19.46
N ILE D 39 -35.63 8.65 18.40
CA ILE D 39 -34.29 8.94 17.91
C ILE D 39 -33.85 10.32 18.42
N MET D 40 -32.65 10.39 19.00
CA MET D 40 -32.11 11.68 19.42
C MET D 40 -31.74 12.58 18.23
N GLN D 41 -32.04 13.87 18.38
CA GLN D 41 -31.85 14.91 17.37
C GLN D 41 -30.80 15.85 17.90
N HIS D 42 -30.05 16.51 17.00
CA HIS D 42 -29.00 17.39 17.47
C HIS D 42 -28.62 18.49 16.50
N PHE D 43 -28.11 19.58 17.07
CA PHE D 43 -27.32 20.54 16.34
C PHE D 43 -26.17 21.05 17.20
N THR D 44 -25.22 21.74 16.57
CA THR D 44 -23.99 22.12 17.24
C THR D 44 -23.89 23.65 17.34
N ILE D 45 -23.47 24.14 18.50
CA ILE D 45 -23.14 25.55 18.67
C ILE D 45 -21.68 25.62 19.12
N PRO D 46 -20.98 26.72 18.80
CA PRO D 46 -19.62 26.87 19.32
C PRO D 46 -19.64 27.09 20.83
N ALA D 47 -18.56 26.70 21.50
CA ALA D 47 -18.42 26.96 22.94
C ALA D 47 -18.64 28.43 23.26
N SER D 48 -18.18 29.31 22.38
CA SER D 48 -18.35 30.74 22.56
C SER D 48 -19.82 31.22 22.55
N ALA D 49 -20.73 30.41 22.00
CA ALA D 49 -22.15 30.71 22.03
C ALA D 49 -22.86 30.05 23.20
N PHE D 50 -22.11 29.26 23.99
CA PHE D 50 -22.73 28.58 25.12
C PHE D 50 -22.62 29.44 26.39
N ASP D 51 -23.67 30.21 26.66
CA ASP D 51 -23.66 31.19 27.76
C ASP D 51 -24.93 31.13 28.57
N LYS D 52 -25.11 32.07 29.50
CA LYS D 52 -26.32 32.13 30.33
C LYS D 52 -27.61 32.21 29.53
N SER D 53 -27.53 32.89 28.39
CA SER D 53 -28.67 33.07 27.50
C SER D 53 -29.29 31.73 27.06
N VAL D 54 -28.44 30.73 26.85
CA VAL D 54 -28.88 29.37 26.51
C VAL D 54 -29.82 28.83 27.60
N PHE D 55 -29.50 29.13 28.86
CA PHE D 55 -30.37 28.75 29.98
C PHE D 55 -31.60 29.66 30.18
N ASP D 56 -31.44 30.96 29.94
CA ASP D 56 -32.53 31.92 30.20
C ASP D 56 -33.53 32.00 29.07
N ASP D 57 -33.02 32.05 27.83
CA ASP D 57 -33.86 32.26 26.65
C ASP D 57 -34.10 31.00 25.84
N GLY D 58 -33.16 30.07 25.90
CA GLY D 58 -33.26 28.81 25.17
C GLY D 58 -32.76 28.89 23.74
N LEU D 59 -33.04 27.86 22.96
CA LEU D 59 -32.63 27.80 21.55
C LEU D 59 -33.80 27.35 20.70
N ALA D 60 -33.83 27.80 19.45
CA ALA D 60 -34.92 27.49 18.54
C ALA D 60 -34.57 26.38 17.53
N PHE D 61 -35.60 25.68 17.06
CA PHE D 61 -35.45 24.70 15.99
C PHE D 61 -36.76 24.59 15.22
N ASP D 62 -36.71 23.82 14.13
CA ASP D 62 -37.87 23.62 13.26
C ASP D 62 -38.63 22.39 13.70
N GLY D 63 -39.71 22.62 14.46
CA GLY D 63 -40.55 21.55 14.95
C GLY D 63 -41.26 20.77 13.85
N SER D 64 -41.44 21.37 12.68
CA SER D 64 -42.13 20.66 11.60
C SER D 64 -41.27 19.59 10.89
N SER D 65 -39.95 19.66 11.07
CA SER D 65 -39.05 18.61 10.52
C SER D 65 -38.82 17.46 11.49
N ILE D 66 -39.41 17.54 12.68
CA ILE D 66 -39.22 16.50 13.68
C ILE D 66 -40.47 15.64 13.74
N ARG D 67 -40.29 14.33 13.70
CA ARG D 67 -41.41 13.40 13.65
C ARG D 67 -42.26 13.47 14.92
N GLY D 68 -43.57 13.63 14.73
CA GLY D 68 -44.51 13.66 15.84
C GLY D 68 -44.66 15.01 16.53
N PHE D 69 -44.03 16.05 15.98
CA PHE D 69 -44.03 17.35 16.62
C PHE D 69 -45.02 18.26 15.89
N GLN D 70 -44.53 19.30 15.23
CA GLN D 70 -45.39 20.38 14.73
C GLN D 70 -45.75 20.28 13.26
N SER D 71 -46.83 20.96 12.88
CA SER D 71 -47.12 21.24 11.48
C SER D 71 -46.28 22.45 11.01
N ILE D 72 -46.17 22.62 9.70
CA ILE D 72 -45.25 23.61 9.13
C ILE D 72 -45.60 25.07 9.45
N HIS D 73 -46.89 25.38 9.54
CA HIS D 73 -47.31 26.73 9.89
C HIS D 73 -47.14 27.08 11.36
N GLU D 74 -46.84 26.09 12.20
CA GLU D 74 -46.62 26.32 13.61
C GLU D 74 -45.25 25.75 13.98
N SER D 75 -44.28 26.00 13.12
CA SER D 75 -43.03 25.25 13.15
C SER D 75 -42.10 25.57 14.33
N ASP D 76 -41.82 26.86 14.59
CA ASP D 76 -40.85 27.23 15.63
C ASP D 76 -41.14 26.55 16.97
N MET D 77 -40.10 25.93 17.53
CA MET D 77 -40.16 25.41 18.89
C MET D 77 -38.93 25.85 19.69
N LEU D 78 -38.97 25.66 21.00
CA LEU D 78 -37.91 26.14 21.88
C LEU D 78 -37.28 24.99 22.66
N LEU D 79 -36.01 25.14 23.02
CA LEU D 79 -35.30 24.13 23.79
C LEU D 79 -34.66 24.77 25.01
N LEU D 80 -34.82 24.13 26.18
CA LEU D 80 -34.17 24.57 27.41
C LEU D 80 -33.34 23.45 27.96
N PRO D 81 -32.11 23.75 28.40
CA PRO D 81 -31.14 22.70 28.78
C PRO D 81 -31.48 21.94 30.07
N ASP D 82 -31.00 20.70 30.14
CA ASP D 82 -31.03 19.91 31.36
C ASP D 82 -29.58 19.62 31.76
N PRO D 83 -29.01 20.45 32.64
CA PRO D 83 -27.61 20.34 33.08
C PRO D 83 -27.16 18.97 33.64
N GLU D 84 -28.08 18.18 34.17
CA GLU D 84 -27.73 16.83 34.66
C GLU D 84 -27.21 15.89 33.54
N THR D 85 -27.58 16.17 32.29
CA THR D 85 -27.27 15.27 31.21
C THR D 85 -25.94 15.62 30.50
N ALA D 86 -25.23 16.64 30.97
CA ALA D 86 -24.00 17.06 30.31
C ALA D 86 -22.90 15.99 30.36
N ARG D 87 -22.44 15.54 29.18
CA ARG D 87 -21.32 14.58 29.08
C ARG D 87 -20.39 14.98 27.94
N ILE D 88 -19.10 14.69 28.09
CA ILE D 88 -18.13 14.85 27.01
C ILE D 88 -18.36 13.77 25.96
N ASP D 89 -18.38 14.16 24.70
CA ASP D 89 -18.54 13.19 23.61
C ASP D 89 -17.23 12.45 23.38
N PRO D 90 -17.27 11.10 23.39
CA PRO D 90 -16.06 10.28 23.20
C PRO D 90 -15.56 10.22 21.74
N PHE D 91 -16.36 10.67 20.77
CA PHE D 91 -16.08 10.36 19.37
C PHE D 91 -15.53 11.50 18.57
N ARG D 92 -16.02 12.71 18.80
CA ARG D 92 -15.66 13.85 17.95
C ARG D 92 -14.22 14.39 18.17
N ALA D 93 -13.49 14.54 17.08
CA ALA D 93 -12.11 15.04 17.11
C ALA D 93 -12.05 16.44 17.73
N ALA D 94 -13.00 17.30 17.35
CA ALA D 94 -13.14 18.58 18.04
C ALA D 94 -13.89 18.38 19.35
N LYS D 95 -13.25 18.70 20.46
CA LYS D 95 -13.80 18.41 21.80
C LYS D 95 -15.22 18.96 21.95
N THR D 96 -16.15 18.07 22.32
CA THR D 96 -17.56 18.41 22.31
C THR D 96 -18.25 17.96 23.59
N LEU D 97 -19.10 18.86 24.09
CA LEU D 97 -19.95 18.59 25.23
C LEU D 97 -21.39 18.37 24.76
N ASN D 98 -21.94 17.19 25.03
CA ASN D 98 -23.35 16.86 24.74
C ASN D 98 -24.25 17.21 25.91
N ILE D 99 -25.37 17.87 25.62
CA ILE D 99 -26.39 18.19 26.64
C ILE D 99 -27.78 17.91 26.07
N ASN D 100 -28.62 17.22 26.84
CA ASN D 100 -30.03 17.03 26.50
C ASN D 100 -30.89 18.22 26.90
N PHE D 101 -31.90 18.51 26.09
CA PHE D 101 -32.79 19.64 26.32
C PHE D 101 -34.24 19.18 26.42
N PHE D 102 -35.07 19.99 27.07
CA PHE D 102 -36.52 19.81 27.09
C PHE D 102 -37.09 20.73 26.02
N VAL D 103 -38.12 20.24 25.34
CA VAL D 103 -38.82 21.04 24.32
C VAL D 103 -39.94 21.87 24.98
N HIS D 104 -40.01 23.16 24.64
CA HIS D 104 -41.00 24.07 25.21
C HIS D 104 -41.72 24.88 24.12
N ASP D 105 -42.94 25.29 24.43
CA ASP D 105 -43.70 26.20 23.59
C ASP D 105 -42.95 27.52 23.54
N PRO D 106 -42.79 28.11 22.33
CA PRO D 106 -41.99 29.34 22.21
C PRO D 106 -42.72 30.62 22.67
N PHE D 107 -44.05 30.58 22.78
CA PHE D 107 -44.83 31.73 23.32
C PHE D 107 -44.96 31.68 24.84
N THR D 108 -45.46 30.56 25.36
CA THR D 108 -45.80 30.44 26.79
C THR D 108 -44.66 29.87 27.63
N LEU D 109 -43.69 29.26 26.96
CA LEU D 109 -42.58 28.53 27.61
C LEU D 109 -43.04 27.30 28.39
N GLU D 110 -44.29 26.90 28.17
CA GLU D 110 -44.83 25.68 28.75
C GLU D 110 -44.12 24.44 28.17
N PRO D 111 -43.91 23.40 29.02
CA PRO D 111 -43.31 22.16 28.51
C PRO D 111 -44.19 21.54 27.42
N TYR D 112 -43.56 21.03 26.37
CA TYR D 112 -44.27 20.48 25.22
C TYR D 112 -44.95 19.16 25.59
N SER D 113 -46.19 18.99 25.16
CA SER D 113 -46.95 17.78 25.46
C SER D 113 -46.43 16.56 24.68
N ARG D 114 -45.66 16.79 23.63
CA ARG D 114 -45.13 15.66 22.85
C ARG D 114 -43.60 15.54 22.93
N ASP D 115 -43.02 16.18 23.94
CA ASP D 115 -41.62 15.97 24.29
C ASP D 115 -41.52 14.71 25.16
N PRO D 116 -40.87 13.63 24.65
CA PRO D 116 -40.74 12.39 25.40
C PRO D 116 -40.06 12.58 26.75
N ARG D 117 -39.09 13.49 26.81
CA ARG D 117 -38.42 13.78 28.08
C ARG D 117 -39.37 14.45 29.08
N ASN D 118 -40.37 15.17 28.58
CA ASN D 118 -41.38 15.77 29.44
C ASN D 118 -42.32 14.71 30.01
N ILE D 119 -42.60 13.68 29.21
CA ILE D 119 -43.48 12.61 29.64
C ILE D 119 -42.87 11.88 30.82
N ALA D 120 -41.57 11.61 30.72
CA ALA D 120 -40.82 10.98 31.79
C ALA D 120 -40.78 11.86 33.05
N ARG D 121 -40.60 13.16 32.86
CA ARG D 121 -40.68 14.15 33.96
C ARG D 121 -42.06 14.07 34.64
N LYS D 122 -43.12 14.07 33.83
CA LYS D 122 -44.48 14.01 34.35
C LYS D 122 -44.75 12.72 35.09
N ALA D 123 -44.27 11.61 34.56
CA ALA D 123 -44.45 10.29 35.18
C ALA D 123 -43.84 10.25 36.56
N GLU D 124 -42.62 10.76 36.68
CA GLU D 124 -41.96 10.83 37.99
C GLU D 124 -42.75 11.65 39.01
N ASN D 125 -43.28 12.79 38.58
CA ASN D 125 -44.06 13.65 39.47
C ASN D 125 -45.40 13.07 39.87
N TYR D 126 -46.07 12.42 38.92
CA TYR D 126 -47.30 11.72 39.21
C TYR D 126 -47.08 10.60 40.21
N LEU D 127 -46.00 9.84 40.08
CA LEU D 127 -45.69 8.80 41.06
C LEU D 127 -45.68 9.38 42.48
N ILE D 128 -44.90 10.45 42.70
CA ILE D 128 -44.82 11.12 44.00
C ILE D 128 -46.24 11.51 44.49
N SER D 129 -47.04 12.11 43.61
CA SER D 129 -48.37 12.61 43.97
C SER D 129 -49.39 11.52 44.37
N THR D 130 -49.14 10.26 44.00
CA THR D 130 -50.03 9.17 44.43
C THR D 130 -49.76 8.73 45.88
N GLY D 131 -48.60 9.10 46.42
CA GLY D 131 -48.17 8.65 47.74
C GLY D 131 -47.74 7.19 47.80
N ILE D 132 -47.84 6.47 46.68
CA ILE D 132 -47.48 5.05 46.65
C ILE D 132 -45.97 4.84 46.85
N ALA D 133 -45.17 5.69 46.20
CA ALA D 133 -43.71 5.64 46.28
C ALA D 133 -43.17 6.99 45.88
N ASP D 134 -41.87 7.21 46.07
CA ASP D 134 -41.29 8.44 45.56
C ASP D 134 -40.31 8.21 44.40
N THR D 135 -39.92 6.95 44.18
CA THR D 135 -38.91 6.61 43.17
C THR D 135 -39.22 5.30 42.45
N ALA D 136 -39.16 5.35 41.12
CA ALA D 136 -39.24 4.14 40.30
C ALA D 136 -37.86 3.88 39.66
N TYR D 137 -37.25 2.75 39.99
CA TYR D 137 -35.94 2.41 39.46
C TYR D 137 -36.05 1.46 38.28
N PHE D 138 -35.35 1.80 37.21
CA PHE D 138 -35.33 0.99 36.01
C PHE D 138 -33.93 0.50 35.73
N GLY D 139 -33.79 -0.80 35.57
CA GLY D 139 -32.55 -1.40 35.09
C GLY D 139 -32.90 -2.02 33.74
N ALA D 140 -32.12 -1.71 32.72
CA ALA D 140 -32.45 -2.15 31.37
C ALA D 140 -31.36 -3.02 30.75
N GLU D 141 -31.76 -3.94 29.89
CA GLU D 141 -30.79 -4.75 29.17
C GLU D 141 -31.09 -4.60 27.70
N ALA D 142 -30.41 -3.67 27.04
CA ALA D 142 -30.64 -3.43 25.62
C ALA D 142 -29.65 -4.26 24.82
N GLU D 143 -30.13 -5.37 24.27
CA GLU D 143 -29.28 -6.22 23.43
C GLU D 143 -29.14 -5.63 22.02
N PHE D 144 -28.09 -5.99 21.31
CA PHE D 144 -27.87 -5.49 19.95
C PHE D 144 -27.02 -6.46 19.12
N TYR D 145 -27.01 -6.27 17.80
CA TYR D 145 -26.17 -7.07 16.93
C TYR D 145 -25.04 -6.23 16.36
N ILE D 146 -23.83 -6.75 16.43
CA ILE D 146 -22.70 -6.07 15.79
C ILE D 146 -22.49 -6.71 14.42
N PHE D 147 -23.05 -6.09 13.38
CA PHE D 147 -22.93 -6.61 12.00
C PHE D 147 -21.75 -5.96 11.26
N ASP D 148 -21.38 -6.53 10.12
CA ASP D 148 -20.39 -5.95 9.18
C ASP D 148 -21.03 -5.10 8.08
N SER D 149 -22.24 -5.47 7.66
CA SER D 149 -22.90 -4.76 6.57
C SER D 149 -24.41 -5.00 6.61
N VAL D 150 -25.12 -4.16 5.86
CA VAL D 150 -26.56 -4.28 5.66
C VAL D 150 -26.89 -3.56 4.37
N SER D 151 -27.81 -4.13 3.61
CA SER D 151 -28.38 -3.45 2.47
C SER D 151 -29.78 -3.97 2.25
N PHE D 152 -30.61 -3.15 1.59
CA PHE D 152 -32.01 -3.45 1.40
C PHE D 152 -32.59 -2.44 0.41
N ASP D 153 -33.68 -2.82 -0.24
CA ASP D 153 -34.44 -1.89 -1.06
C ASP D 153 -35.84 -2.45 -1.35
N SER D 154 -36.64 -1.64 -2.03
CA SER D 154 -38.05 -1.93 -2.22
C SER D 154 -38.43 -1.21 -3.51
N ARG D 155 -38.73 -1.98 -4.55
CA ARG D 155 -38.96 -1.48 -5.91
C ARG D 155 -40.24 -2.07 -6.44
N ALA D 156 -40.69 -1.64 -7.61
CA ALA D 156 -41.95 -2.14 -8.17
C ALA D 156 -41.94 -3.66 -8.34
N ASN D 157 -40.81 -4.17 -8.82
CA ASN D 157 -40.68 -5.58 -9.25
C ASN D 157 -39.80 -6.45 -8.35
N GLY D 158 -39.46 -5.95 -7.17
CA GLY D 158 -38.62 -6.69 -6.26
C GLY D 158 -38.23 -5.94 -5.02
N SER D 159 -37.71 -6.70 -4.06
CA SER D 159 -37.35 -6.18 -2.77
C SER D 159 -36.37 -7.14 -2.09
N PHE D 160 -35.45 -6.63 -1.30
CA PHE D 160 -34.53 -7.51 -0.57
C PHE D 160 -34.01 -6.83 0.69
N TYR D 161 -33.49 -7.64 1.61
CA TYR D 161 -32.56 -7.16 2.62
C TYR D 161 -31.47 -8.20 2.78
N GLU D 162 -30.32 -7.78 3.26
CA GLU D 162 -29.31 -8.71 3.72
C GLU D 162 -28.49 -8.04 4.81
N VAL D 163 -28.33 -8.74 5.92
CA VAL D 163 -27.35 -8.34 6.89
C VAL D 163 -26.23 -9.36 6.85
N ASP D 164 -25.03 -8.96 7.23
CA ASP D 164 -23.90 -9.89 7.21
C ASP D 164 -22.95 -9.59 8.37
N ALA D 165 -22.20 -10.63 8.76
CA ALA D 165 -21.29 -10.61 9.90
C ALA D 165 -20.32 -11.75 9.70
N ILE D 166 -19.05 -11.51 9.96
CA ILE D 166 -18.03 -12.52 9.78
C ILE D 166 -18.38 -13.78 10.59
N SER D 167 -18.87 -13.60 11.81
CA SER D 167 -19.20 -14.72 12.71
C SER D 167 -20.53 -15.42 12.42
N GLY D 168 -21.28 -14.94 11.43
CA GLY D 168 -22.55 -15.54 11.03
C GLY D 168 -22.41 -16.99 10.56
N TRP D 169 -23.25 -17.87 11.12
CA TRP D 169 -23.18 -19.28 10.78
C TRP D 169 -23.46 -19.55 9.29
N TRP D 170 -24.19 -18.63 8.64
CA TRP D 170 -24.44 -18.71 7.19
C TRP D 170 -23.16 -18.63 6.37
N ASN D 171 -22.06 -18.23 7.00
CA ASN D 171 -20.79 -18.06 6.29
C ASN D 171 -19.78 -19.20 6.50
N THR D 172 -20.19 -20.32 7.10
CA THR D 172 -19.21 -21.41 7.36
C THR D 172 -18.58 -21.95 6.08
N GLY D 173 -19.33 -21.88 4.97
CA GLY D 173 -18.91 -22.42 3.68
C GLY D 173 -18.24 -21.40 2.76
N ALA D 174 -18.12 -20.15 3.19
CA ALA D 174 -17.46 -19.09 2.42
C ALA D 174 -16.02 -19.46 2.07
N ALA D 175 -15.66 -19.26 0.80
CA ALA D 175 -14.28 -19.54 0.34
C ALA D 175 -13.29 -18.55 0.93
N THR D 176 -13.72 -17.31 1.12
CA THR D 176 -12.87 -16.29 1.74
C THR D 176 -13.77 -15.32 2.50
N GLU D 177 -13.16 -14.47 3.31
CA GLU D 177 -13.89 -13.38 3.97
C GLU D 177 -14.14 -12.24 2.97
N ALA D 178 -14.95 -11.26 3.39
CA ALA D 178 -15.32 -10.11 2.53
C ALA D 178 -14.13 -9.41 1.88
N ASP D 179 -13.02 -9.31 2.61
CA ASP D 179 -11.81 -8.67 2.11
C ASP D 179 -10.86 -9.62 1.32
N GLY D 180 -11.28 -10.86 1.11
CA GLY D 180 -10.44 -11.81 0.39
C GLY D 180 -9.51 -12.62 1.26
N SER D 181 -9.42 -12.29 2.55
CA SER D 181 -8.62 -13.09 3.48
C SER D 181 -9.29 -14.47 3.76
N PRO D 182 -8.53 -15.43 4.30
CA PRO D 182 -9.08 -16.81 4.42
C PRO D 182 -10.21 -16.97 5.45
N ASN D 183 -11.09 -17.92 5.20
CA ASN D 183 -12.07 -18.34 6.17
C ASN D 183 -11.36 -19.12 7.28
N ARG D 184 -11.41 -18.60 8.51
CA ARG D 184 -10.70 -19.26 9.61
C ARG D 184 -11.62 -20.03 10.59
N GLY D 185 -12.90 -20.18 10.23
CA GLY D 185 -13.86 -20.87 11.08
C GLY D 185 -14.13 -20.16 12.40
N TYR D 186 -14.53 -20.93 13.42
CA TYR D 186 -14.88 -20.40 14.75
C TYR D 186 -16.09 -19.46 14.67
N LYS D 187 -16.97 -19.74 13.72
CA LYS D 187 -18.16 -18.94 13.55
C LYS D 187 -19.18 -19.40 14.60
N VAL D 188 -20.17 -18.57 14.87
CA VAL D 188 -21.08 -18.84 15.96
C VAL D 188 -22.29 -19.60 15.44
N ARG D 189 -22.62 -20.73 16.08
CA ARG D 189 -23.80 -21.50 15.72
C ARG D 189 -25.05 -20.69 16.05
N HIS D 190 -26.14 -20.91 15.31
CA HIS D 190 -27.41 -20.30 15.66
C HIS D 190 -27.80 -20.72 17.07
N LYS D 191 -28.20 -19.73 17.88
CA LYS D 191 -28.53 -19.92 19.31
C LYS D 191 -27.31 -20.35 20.13
N GLY D 192 -26.11 -20.19 19.56
CA GLY D 192 -24.91 -20.68 20.24
C GLY D 192 -23.89 -19.65 20.65
N GLY D 193 -24.29 -18.38 20.68
CA GLY D 193 -23.33 -17.31 20.99
C GLY D 193 -23.17 -16.94 22.47
N TYR D 194 -24.01 -17.50 23.32
CA TYR D 194 -23.98 -17.24 24.76
C TYR D 194 -23.34 -18.43 25.51
N PHE D 195 -22.09 -18.32 25.95
CA PHE D 195 -21.11 -17.30 25.54
C PHE D 195 -19.69 -17.84 25.56
N PRO D 196 -19.34 -18.67 24.55
CA PRO D 196 -18.01 -19.30 24.52
C PRO D 196 -16.87 -18.28 24.45
N VAL D 197 -15.70 -18.66 24.96
CA VAL D 197 -14.50 -17.80 24.90
C VAL D 197 -14.01 -17.56 23.46
N ALA D 198 -13.15 -16.55 23.29
CA ALA D 198 -12.44 -16.38 22.03
C ALA D 198 -11.66 -17.65 21.70
N PRO D 199 -11.46 -17.94 20.40
CA PRO D 199 -11.85 -17.14 19.24
C PRO D 199 -13.29 -17.29 18.73
N ASN D 200 -14.08 -18.20 19.31
CA ASN D 200 -15.52 -18.28 19.01
C ASN D 200 -16.21 -16.92 19.19
N ASP D 201 -15.88 -16.24 20.28
CA ASP D 201 -16.29 -14.85 20.54
C ASP D 201 -15.30 -13.94 19.81
N GLN D 202 -15.74 -13.40 18.69
CA GLN D 202 -14.87 -12.60 17.85
C GLN D 202 -15.00 -11.10 18.15
N TYR D 203 -15.70 -10.73 19.22
CA TYR D 203 -15.97 -9.31 19.48
C TYR D 203 -15.48 -8.83 20.85
N VAL D 204 -14.56 -9.57 21.46
CA VAL D 204 -14.08 -9.25 22.81
C VAL D 204 -13.46 -7.84 22.87
N ASP D 205 -12.51 -7.56 21.98
CA ASP D 205 -11.81 -6.26 21.94
C ASP D 205 -12.77 -5.08 21.64
N LEU D 206 -13.67 -5.28 20.69
CA LEU D 206 -14.65 -4.26 20.38
C LEU D 206 -15.60 -3.99 21.55
N ARG D 207 -16.08 -5.04 22.23
CA ARG D 207 -16.96 -4.83 23.38
C ARG D 207 -16.21 -4.16 24.53
N ASP D 208 -14.92 -4.47 24.66
CA ASP D 208 -14.06 -3.80 25.65
C ASP D 208 -14.03 -2.30 25.37
N LYS D 209 -13.91 -1.92 24.10
CA LYS D 209 -13.89 -0.50 23.70
C LYS D 209 -15.24 0.18 23.99
N MET D 210 -16.32 -0.55 23.80
CA MET D 210 -17.65 -0.08 24.15
C MET D 210 -17.74 0.12 25.66
N LEU D 211 -17.24 -0.85 26.42
CA LEU D 211 -17.23 -0.76 27.87
C LEU D 211 -16.46 0.47 28.36
N THR D 212 -15.28 0.69 27.78
CA THR D 212 -14.40 1.80 28.15
C THR D 212 -15.03 3.17 27.81
N ASN D 213 -15.64 3.27 26.64
CA ASN D 213 -16.33 4.47 26.21
C ASN D 213 -17.48 4.81 27.12
N LEU D 214 -18.18 3.78 27.59
CA LEU D 214 -19.27 3.97 28.55
C LEU D 214 -18.74 4.44 29.91
N ILE D 215 -17.69 3.80 30.39
CA ILE D 215 -17.08 4.20 31.67
C ILE D 215 -16.63 5.66 31.63
N ASN D 216 -15.98 6.02 30.54
CA ASN D 216 -15.52 7.39 30.31
C ASN D 216 -16.64 8.43 30.15
N SER D 217 -17.87 7.99 29.85
CA SER D 217 -19.04 8.88 29.85
C SER D 217 -19.82 8.81 31.15
N GLY D 218 -19.21 8.30 32.21
CA GLY D 218 -19.84 8.32 33.53
C GLY D 218 -20.84 7.22 33.82
N PHE D 219 -20.91 6.20 32.97
CA PHE D 219 -21.72 5.03 33.28
C PHE D 219 -21.03 4.22 34.36
N ILE D 220 -21.81 3.62 35.24
CA ILE D 220 -21.31 2.63 36.17
C ILE D 220 -21.64 1.24 35.61
N LEU D 221 -20.61 0.50 35.26
CA LEU D 221 -20.79 -0.71 34.48
C LEU D 221 -20.98 -1.93 35.33
N GLU D 222 -21.78 -2.86 34.86
CA GLU D 222 -21.92 -4.13 35.53
C GLU D 222 -21.33 -5.31 34.78
N LYS D 223 -21.70 -5.47 33.51
CA LYS D 223 -21.14 -6.53 32.69
C LYS D 223 -21.31 -6.35 31.20
N GLY D 224 -20.58 -7.17 30.45
CA GLY D 224 -20.62 -7.22 29.00
C GLY D 224 -20.41 -8.64 28.57
N HIS D 225 -21.20 -9.06 27.58
CA HIS D 225 -21.02 -10.39 27.01
C HIS D 225 -21.60 -10.54 25.62
N HIS D 226 -21.12 -11.56 24.91
CA HIS D 226 -21.76 -12.03 23.70
C HIS D 226 -23.14 -12.56 24.10
N GLU D 227 -24.11 -12.40 23.22
CA GLU D 227 -25.42 -12.97 23.46
C GLU D 227 -25.68 -14.16 22.56
N VAL D 228 -26.89 -14.72 22.68
CA VAL D 228 -27.26 -15.99 22.06
C VAL D 228 -27.10 -16.01 20.53
N GLY D 229 -27.46 -14.91 19.89
CA GLY D 229 -27.49 -14.86 18.44
C GLY D 229 -26.16 -14.96 17.72
N SER D 230 -26.16 -15.70 16.62
CA SER D 230 -25.04 -15.80 15.71
C SER D 230 -24.88 -14.47 15.00
N GLY D 231 -23.67 -14.17 14.54
CA GLY D 231 -23.45 -12.94 13.83
C GLY D 231 -23.34 -11.73 14.73
N GLY D 232 -22.86 -11.93 15.94
CA GLY D 232 -22.37 -10.85 16.80
C GLY D 232 -23.36 -10.21 17.74
N GLN D 233 -24.30 -10.99 18.27
CA GLN D 233 -25.21 -10.45 19.26
C GLN D 233 -24.44 -10.14 20.55
N ALA D 234 -24.83 -9.06 21.21
CA ALA D 234 -24.11 -8.58 22.37
C ALA D 234 -25.04 -7.95 23.39
N GLU D 235 -24.55 -7.85 24.62
CA GLU D 235 -25.26 -7.19 25.71
C GLU D 235 -24.26 -6.56 26.66
N ILE D 236 -24.55 -5.31 27.02
CA ILE D 236 -23.80 -4.61 28.06
C ILE D 236 -24.81 -4.07 29.09
N ASN D 237 -24.47 -4.23 30.36
CA ASN D 237 -25.31 -3.76 31.46
C ASN D 237 -24.62 -2.66 32.25
N TYR D 238 -25.37 -1.61 32.54
CA TYR D 238 -24.90 -0.55 33.43
C TYR D 238 -25.89 -0.41 34.58
N GLN D 239 -25.47 0.26 35.64
CA GLN D 239 -26.28 0.43 36.84
C GLN D 239 -27.62 1.08 36.59
N PHE D 240 -28.63 0.53 37.25
CA PHE D 240 -30.01 1.05 37.23
C PHE D 240 -30.08 2.52 37.70
N ASN D 241 -31.21 3.17 37.45
CA ASN D 241 -31.42 4.52 37.92
C ASN D 241 -32.91 4.82 38.00
N SER D 242 -33.25 6.00 38.52
CA SER D 242 -34.64 6.44 38.51
C SER D 242 -35.11 6.73 37.07
N LEU D 243 -36.41 6.60 36.83
CA LEU D 243 -37.01 6.61 35.49
C LEU D 243 -36.37 7.54 34.45
N LEU D 244 -36.42 8.85 34.68
CA LEU D 244 -35.93 9.82 33.71
C LEU D 244 -34.42 9.68 33.45
N HIS D 245 -33.61 9.60 34.51
CA HIS D 245 -32.18 9.34 34.36
C HIS D 245 -31.91 8.04 33.60
N ALA D 246 -32.72 7.02 33.86
CA ALA D 246 -32.56 5.72 33.20
C ALA D 246 -32.84 5.83 31.70
N ALA D 247 -33.84 6.62 31.33
CA ALA D 247 -34.17 6.78 29.92
C ALA D 247 -33.10 7.61 29.20
N ASP D 248 -32.56 8.64 29.87
CA ASP D 248 -31.44 9.41 29.35
C ASP D 248 -30.19 8.54 29.19
N ASP D 249 -29.93 7.65 30.15
CA ASP D 249 -28.85 6.67 30.09
C ASP D 249 -29.01 5.74 28.88
N MET D 250 -30.23 5.25 28.66
CA MET D 250 -30.50 4.39 27.50
C MET D 250 -30.15 5.05 26.16
N GLN D 251 -30.63 6.28 25.94
CA GLN D 251 -30.35 7.01 24.72
C GLN D 251 -28.86 7.22 24.51
N LEU D 252 -28.16 7.63 25.57
CA LEU D 252 -26.70 7.81 25.47
C LEU D 252 -25.99 6.49 25.21
N TYR D 253 -26.43 5.43 25.90
CA TYR D 253 -25.88 4.10 25.67
C TYR D 253 -25.96 3.68 24.18
N LYS D 254 -27.15 3.82 23.57
CA LYS D 254 -27.35 3.45 22.18
C LYS D 254 -26.41 4.22 21.27
N TYR D 255 -26.32 5.53 21.53
CA TYR D 255 -25.38 6.38 20.83
C TYR D 255 -23.95 5.89 20.95
N ILE D 256 -23.51 5.57 22.15
CA ILE D 256 -22.13 5.14 22.35
C ILE D 256 -21.89 3.76 21.71
N ILE D 257 -22.86 2.87 21.81
CA ILE D 257 -22.70 1.56 21.19
C ILE D 257 -22.59 1.67 19.68
N LYS D 258 -23.52 2.41 19.07
CA LYS D 258 -23.59 2.52 17.62
C LYS D 258 -22.33 3.17 17.05
N ASN D 259 -21.83 4.19 17.75
CA ASN D 259 -20.70 4.94 17.24
C ASN D 259 -19.34 4.32 17.52
N THR D 260 -19.23 3.57 18.62
CA THR D 260 -18.01 2.80 18.89
C THR D 260 -17.90 1.79 17.76
N ALA D 261 -19.01 1.12 17.47
CA ALA D 261 -19.05 0.16 16.38
C ALA D 261 -18.65 0.83 15.05
N TRP D 262 -19.27 1.98 14.78
CA TRP D 262 -19.04 2.70 13.53
C TRP D 262 -17.57 3.07 13.32
N GLN D 263 -16.96 3.63 14.36
CA GLN D 263 -15.54 4.05 14.32
C GLN D 263 -14.59 2.87 14.19
N ASN D 264 -15.07 1.68 14.51
CA ASN D 264 -14.25 0.47 14.38
C ASN D 264 -14.67 -0.39 13.21
N GLY D 265 -15.37 0.21 12.24
CA GLY D 265 -15.63 -0.45 10.97
C GLY D 265 -16.81 -1.37 10.93
N LYS D 266 -17.64 -1.37 11.98
CA LYS D 266 -18.80 -2.27 12.06
C LYS D 266 -20.07 -1.45 11.96
N THR D 267 -21.22 -2.12 12.07
CA THR D 267 -22.52 -1.46 12.06
C THR D 267 -23.44 -2.21 13.01
N VAL D 268 -23.99 -1.48 13.97
CA VAL D 268 -24.87 -2.06 15.00
C VAL D 268 -26.34 -1.82 14.70
N THR D 269 -27.18 -2.82 15.00
CA THR D 269 -28.60 -2.59 15.01
C THR D 269 -29.22 -3.01 16.34
N PHE D 270 -30.19 -2.21 16.80
CA PHE D 270 -31.01 -2.53 17.97
C PHE D 270 -32.40 -3.05 17.56
N MET D 271 -32.58 -3.34 16.28
CA MET D 271 -33.90 -3.79 15.86
C MET D 271 -34.23 -5.13 16.53
N PRO D 272 -35.52 -5.36 16.83
CA PRO D 272 -35.94 -6.53 17.62
C PRO D 272 -35.61 -7.87 16.99
N LYS D 273 -35.77 -8.01 15.67
CA LYS D 273 -35.56 -9.32 15.05
C LYS D 273 -34.89 -9.23 13.66
N PRO D 274 -33.57 -8.98 13.61
CA PRO D 274 -32.89 -8.87 12.32
C PRO D 274 -32.61 -10.23 11.68
N LEU D 275 -32.58 -11.28 12.49
CA LEU D 275 -32.28 -12.61 11.98
C LEU D 275 -33.48 -13.53 12.18
N PHE D 276 -33.82 -14.27 11.13
CA PHE D 276 -34.90 -15.22 11.18
C PHE D 276 -34.31 -16.55 11.63
N GLY D 277 -34.91 -17.14 12.65
CA GLY D 277 -34.44 -18.43 13.17
C GLY D 277 -33.29 -18.30 14.17
N ASP D 278 -33.07 -17.11 14.72
CA ASP D 278 -32.13 -16.93 15.83
C ASP D 278 -32.69 -15.86 16.77
N ASN D 279 -32.08 -15.69 17.92
CA ASN D 279 -32.64 -14.81 18.95
C ASN D 279 -32.86 -13.38 18.49
N GLY D 280 -33.95 -12.78 18.93
CA GLY D 280 -34.19 -11.36 18.75
C GLY D 280 -33.41 -10.57 19.81
N SER D 281 -33.57 -9.25 19.78
CA SER D 281 -32.94 -8.39 20.75
C SER D 281 -34.03 -7.72 21.58
N GLY D 282 -33.97 -7.94 22.87
CA GLY D 282 -34.96 -7.37 23.76
C GLY D 282 -34.37 -6.21 24.55
N MET D 283 -35.26 -5.55 25.27
CA MET D 283 -34.91 -4.54 26.25
C MET D 283 -35.61 -4.90 27.56
N HIS D 284 -35.16 -5.97 28.21
CA HIS D 284 -35.73 -6.34 29.51
C HIS D 284 -35.64 -5.15 30.47
N CYS D 285 -36.73 -4.90 31.20
CA CYS D 285 -36.75 -3.80 32.14
C CYS D 285 -37.02 -4.32 33.54
N HIS D 286 -35.96 -4.29 34.36
CA HIS D 286 -36.06 -4.61 35.77
C HIS D 286 -36.58 -3.34 36.46
N GLN D 287 -37.62 -3.52 37.28
CA GLN D 287 -38.37 -2.40 37.87
C GLN D 287 -38.61 -2.62 39.34
N SER D 288 -38.50 -1.54 40.12
CA SER D 288 -38.85 -1.56 41.53
C SER D 288 -39.26 -0.18 42.05
N LEU D 289 -40.17 -0.17 43.01
CA LEU D 289 -40.62 1.05 43.67
C LEU D 289 -39.98 1.20 45.04
N TRP D 290 -39.56 2.42 45.35
CA TRP D 290 -38.94 2.75 46.62
C TRP D 290 -39.67 3.93 47.24
N LYS D 291 -39.74 3.96 48.56
CA LYS D 291 -40.27 5.12 49.26
C LYS D 291 -39.45 5.48 50.50
N ASP D 292 -39.05 6.76 50.59
CA ASP D 292 -38.19 7.27 51.67
C ASP D 292 -36.94 6.42 51.86
N GLY D 293 -36.30 6.06 50.76
CA GLY D 293 -35.07 5.28 50.83
C GLY D 293 -35.22 3.82 51.20
N ALA D 294 -36.46 3.32 51.23
CA ALA D 294 -36.71 1.89 51.51
C ALA D 294 -37.43 1.19 50.35
N PRO D 295 -37.09 -0.09 50.10
CA PRO D 295 -37.71 -0.85 49.02
C PRO D 295 -39.13 -1.30 49.35
N LEU D 296 -40.01 -1.37 48.34
CA LEU D 296 -41.39 -1.78 48.52
C LEU D 296 -41.75 -3.15 47.90
N MET D 297 -40.82 -3.75 47.18
CA MET D 297 -41.14 -4.95 46.39
C MET D 297 -41.08 -6.26 47.16
N TYR D 298 -40.48 -6.23 48.33
CA TYR D 298 -40.14 -7.46 49.05
C TYR D 298 -41.10 -7.88 50.17
N ASP D 299 -41.48 -9.15 50.15
CA ASP D 299 -42.20 -9.78 51.25
C ASP D 299 -41.76 -11.25 51.27
N GLU D 300 -41.05 -11.62 52.32
CA GLU D 300 -40.51 -12.96 52.48
C GLU D 300 -41.58 -14.08 52.38
N THR D 301 -42.84 -13.72 52.66
CA THR D 301 -43.92 -14.71 52.66
C THR D 301 -44.62 -14.86 51.32
N GLY D 302 -44.41 -13.92 50.40
CA GLY D 302 -45.03 -14.00 49.07
C GLY D 302 -44.32 -14.96 48.13
N TYR D 303 -45.04 -15.42 47.11
CA TYR D 303 -44.42 -16.16 46.00
C TYR D 303 -43.24 -15.36 45.43
N ALA D 304 -42.10 -16.04 45.27
CA ALA D 304 -40.85 -15.41 44.78
C ALA D 304 -40.45 -14.14 45.56
N GLY D 305 -40.84 -14.09 46.84
CA GLY D 305 -40.45 -12.97 47.72
C GLY D 305 -41.09 -11.64 47.36
N LEU D 306 -42.26 -11.69 46.73
CA LEU D 306 -42.94 -10.48 46.26
C LEU D 306 -44.00 -9.96 47.23
N SER D 307 -43.96 -8.66 47.49
CA SER D 307 -44.99 -7.99 48.27
C SER D 307 -46.28 -7.84 47.47
N ASP D 308 -47.33 -7.40 48.14
CA ASP D 308 -48.61 -7.13 47.48
C ASP D 308 -48.47 -6.01 46.46
N THR D 309 -47.72 -4.98 46.84
CA THR D 309 -47.42 -3.85 45.95
C THR D 309 -46.78 -4.34 44.65
N ALA D 310 -45.75 -5.17 44.77
CA ALA D 310 -45.09 -5.79 43.63
C ALA D 310 -46.05 -6.62 42.77
N ARG D 311 -46.85 -7.47 43.44
CA ARG D 311 -47.76 -8.38 42.76
C ARG D 311 -48.80 -7.62 41.95
N HIS D 312 -49.34 -6.56 42.55
CA HIS D 312 -50.31 -5.70 41.90
C HIS D 312 -49.72 -4.90 40.75
N TYR D 313 -48.46 -4.47 40.90
CA TYR D 313 -47.72 -3.81 39.80
C TYR D 313 -47.65 -4.78 38.62
N ILE D 314 -47.29 -6.03 38.88
CA ILE D 314 -47.26 -7.07 37.85
C ILE D 314 -48.64 -7.27 37.24
N GLY D 315 -49.66 -7.26 38.09
CA GLY D 315 -51.03 -7.41 37.64
C GLY D 315 -51.38 -6.33 36.65
N GLY D 316 -50.91 -5.10 36.90
CA GLY D 316 -51.11 -3.97 36.00
C GLY D 316 -50.40 -4.14 34.65
N LEU D 317 -49.12 -4.53 34.69
CA LEU D 317 -48.36 -4.82 33.47
C LEU D 317 -49.06 -5.87 32.62
N LEU D 318 -49.40 -7.01 33.22
CA LEU D 318 -50.05 -8.09 32.48
C LEU D 318 -51.48 -7.75 32.03
N HIS D 319 -52.23 -7.02 32.86
CA HIS D 319 -53.59 -6.61 32.50
C HIS D 319 -53.61 -5.59 31.36
N HIS D 320 -52.68 -4.64 31.39
CA HIS D 320 -52.64 -3.58 30.39
C HIS D 320 -51.80 -3.90 29.16
N ALA D 321 -51.09 -5.03 29.21
CA ALA D 321 -50.20 -5.46 28.10
C ALA D 321 -50.78 -5.30 26.69
N PRO D 322 -52.07 -5.66 26.48
CA PRO D 322 -52.56 -5.55 25.10
C PRO D 322 -52.48 -4.13 24.50
N SER D 323 -52.53 -3.09 25.33
CA SER D 323 -52.34 -1.72 24.83
C SER D 323 -50.96 -1.16 25.16
N LEU D 324 -50.39 -1.59 26.28
CA LEU D 324 -49.08 -1.14 26.75
C LEU D 324 -47.95 -1.45 25.74
N LEU D 325 -48.09 -2.55 25.01
CA LEU D 325 -47.09 -2.93 24.05
C LEU D 325 -46.98 -1.96 22.88
N ALA D 326 -47.97 -1.06 22.74
CA ALA D 326 -47.92 -0.02 21.72
C ALA D 326 -46.76 0.93 21.98
N PHE D 327 -46.36 1.02 23.24
CA PHE D 327 -45.20 1.81 23.64
C PHE D 327 -43.94 1.00 24.00
N THR D 328 -44.09 -0.27 24.36
CA THR D 328 -42.91 -1.05 24.73
C THR D 328 -42.40 -1.89 23.56
N ASN D 329 -43.30 -2.20 22.62
CA ASN D 329 -43.00 -3.03 21.44
C ASN D 329 -43.60 -2.35 20.24
N PRO D 330 -43.08 -1.16 19.90
CA PRO D 330 -43.84 -0.24 19.08
C PRO D 330 -43.67 -0.33 17.56
N THR D 331 -42.98 -1.35 17.08
CA THR D 331 -42.73 -1.49 15.63
C THR D 331 -43.31 -2.77 15.05
N VAL D 332 -43.44 -2.84 13.73
CA VAL D 332 -43.90 -4.07 13.08
C VAL D 332 -42.91 -5.20 13.36
N ASN D 333 -41.63 -4.90 13.32
CA ASN D 333 -40.58 -5.90 13.58
C ASN D 333 -40.62 -6.46 15.01
N SER D 334 -41.13 -5.67 15.94
CA SER D 334 -41.30 -6.12 17.33
C SER D 334 -41.99 -7.48 17.42
N TYR D 335 -43.04 -7.63 16.63
CA TYR D 335 -43.88 -8.84 16.65
C TYR D 335 -43.27 -10.09 16.02
N LYS D 336 -42.20 -9.91 15.24
CA LYS D 336 -41.38 -11.03 14.76
C LYS D 336 -40.50 -11.62 15.87
N ARG D 337 -40.24 -10.86 16.92
CA ARG D 337 -39.48 -11.35 18.07
C ARG D 337 -40.38 -12.12 19.05
N LEU D 338 -41.65 -11.71 19.17
CA LEU D 338 -42.59 -12.37 20.06
C LEU D 338 -43.14 -13.68 19.48
N VAL D 339 -42.22 -14.62 19.26
CA VAL D 339 -42.52 -15.94 18.74
C VAL D 339 -41.80 -16.96 19.63
N PRO D 340 -42.32 -18.21 19.69
CA PRO D 340 -41.75 -19.14 20.68
C PRO D 340 -40.34 -19.63 20.38
N GLY D 341 -39.58 -19.93 21.43
CA GLY D 341 -38.30 -20.64 21.31
C GLY D 341 -37.03 -19.80 21.36
N TYR D 342 -37.15 -18.52 21.72
CA TYR D 342 -36.00 -17.60 21.66
C TYR D 342 -35.86 -16.71 22.90
N GLU D 343 -36.42 -17.16 24.01
CA GLU D 343 -36.31 -16.47 25.31
C GLU D 343 -37.00 -15.12 25.33
N ALA D 344 -37.96 -14.95 24.43
CA ALA D 344 -38.86 -13.82 24.46
C ALA D 344 -40.28 -14.34 24.77
N PRO D 345 -41.15 -13.49 25.34
CA PRO D 345 -42.49 -13.91 25.76
C PRO D 345 -43.44 -14.24 24.61
N ILE D 346 -44.30 -15.24 24.79
CA ILE D 346 -45.41 -15.49 23.87
C ILE D 346 -46.80 -15.41 24.55
N ASN D 347 -46.80 -15.18 25.86
CA ASN D 347 -48.06 -15.08 26.59
C ASN D 347 -47.88 -14.28 27.89
N LEU D 348 -48.97 -13.93 28.53
CA LEU D 348 -48.98 -12.96 29.62
C LEU D 348 -48.94 -13.62 31.00
N VAL D 349 -47.79 -14.16 31.36
CA VAL D 349 -47.61 -14.79 32.66
C VAL D 349 -46.36 -14.29 33.35
N TYR D 350 -46.36 -14.36 34.68
CA TYR D 350 -45.14 -14.12 35.45
C TYR D 350 -44.69 -15.42 36.13
N SER D 351 -43.41 -15.49 36.44
CA SER D 351 -42.82 -16.73 36.95
C SER D 351 -41.38 -16.45 37.37
N GLN D 352 -40.99 -16.94 38.54
CA GLN D 352 -39.61 -16.76 38.95
C GLN D 352 -38.69 -17.67 38.13
N ARG D 353 -37.47 -17.17 37.89
CA ARG D 353 -36.40 -17.95 37.27
C ARG D 353 -36.69 -18.31 35.79
N ASN D 354 -37.79 -17.79 35.26
CA ASN D 354 -38.36 -18.30 34.00
C ASN D 354 -38.15 -17.39 32.79
N ARG D 355 -37.19 -17.74 31.94
CA ARG D 355 -36.87 -16.95 30.75
C ARG D 355 -37.83 -17.13 29.56
N SER D 356 -38.87 -17.96 29.73
CA SER D 356 -39.91 -18.11 28.73
C SER D 356 -41.13 -17.26 29.09
N ALA D 357 -41.09 -16.59 30.24
CA ALA D 357 -42.23 -15.80 30.74
C ALA D 357 -42.22 -14.35 30.31
N CYS D 358 -43.36 -13.69 30.52
CA CYS D 358 -43.49 -12.27 30.20
C CYS D 358 -42.86 -11.40 31.27
N VAL D 359 -43.05 -11.80 32.53
CA VAL D 359 -42.38 -11.19 33.67
C VAL D 359 -41.65 -12.30 34.40
N ARG D 360 -40.33 -12.18 34.46
CA ARG D 360 -39.52 -13.11 35.22
C ARG D 360 -39.15 -12.45 36.55
N ILE D 361 -39.17 -13.21 37.63
CA ILE D 361 -38.62 -12.74 38.89
C ILE D 361 -37.24 -13.36 39.07
N PRO D 362 -36.19 -12.52 38.94
CA PRO D 362 -34.83 -13.08 39.07
C PRO D 362 -34.60 -13.58 40.49
N ILE D 363 -33.72 -14.57 40.64
CA ILE D 363 -33.41 -15.12 41.95
C ILE D 363 -32.39 -14.22 42.62
N THR D 364 -32.82 -13.52 43.67
CA THR D 364 -31.98 -12.54 44.35
C THR D 364 -31.76 -12.80 45.85
N GLY D 365 -32.42 -13.81 46.41
CA GLY D 365 -32.24 -14.17 47.83
C GLY D 365 -33.08 -13.29 48.76
N SER D 366 -32.59 -13.07 49.97
CA SER D 366 -33.40 -12.44 51.02
C SER D 366 -33.19 -10.92 51.15
N ASN D 367 -32.24 -10.36 50.40
CA ASN D 367 -31.98 -8.92 50.43
C ASN D 367 -33.12 -8.14 49.78
N PRO D 368 -33.88 -7.38 50.60
CA PRO D 368 -35.04 -6.66 50.10
C PRO D 368 -34.70 -5.62 49.00
N LYS D 369 -33.50 -5.05 49.07
CA LYS D 369 -33.04 -4.05 48.11
C LYS D 369 -32.82 -4.59 46.70
N ALA D 370 -32.62 -5.91 46.59
CA ALA D 370 -32.42 -6.56 45.28
C ALA D 370 -33.72 -7.06 44.63
N LYS D 371 -34.82 -7.07 45.37
CA LYS D 371 -36.07 -7.66 44.88
C LYS D 371 -36.71 -6.79 43.81
N ARG D 372 -36.99 -7.38 42.66
CA ARG D 372 -37.61 -6.68 41.57
C ARG D 372 -38.22 -7.63 40.53
N LEU D 373 -38.99 -7.06 39.61
CA LEU D 373 -39.58 -7.82 38.50
C LEU D 373 -38.83 -7.46 37.22
N GLU D 374 -38.64 -8.46 36.37
CA GLU D 374 -38.08 -8.25 35.03
C GLU D 374 -39.17 -8.40 33.97
N PHE D 375 -39.59 -7.26 33.42
CA PHE D 375 -40.53 -7.22 32.31
C PHE D 375 -39.74 -7.49 31.02
N ARG D 376 -39.97 -8.66 30.43
CA ARG D 376 -39.13 -9.18 29.34
C ARG D 376 -39.66 -8.83 27.95
N SER D 377 -40.90 -8.37 27.92
CA SER D 377 -41.59 -8.07 26.67
C SER D 377 -40.95 -6.92 25.84
N PRO D 378 -40.60 -5.77 26.46
CA PRO D 378 -40.11 -4.62 25.68
C PRO D 378 -38.86 -4.89 24.80
N ASP D 379 -38.73 -4.10 23.74
CA ASP D 379 -37.55 -4.12 22.89
C ASP D 379 -37.00 -2.70 22.72
N SER D 380 -35.88 -2.58 22.02
CA SER D 380 -35.21 -1.29 21.88
C SER D 380 -35.65 -0.49 20.66
N SER D 381 -36.75 -0.90 20.01
CA SER D 381 -37.15 -0.27 18.75
C SER D 381 -37.97 1.03 18.90
N GLY D 382 -38.22 1.47 20.13
CA GLY D 382 -38.98 2.71 20.30
C GLY D 382 -38.30 3.78 21.14
N ASN D 383 -39.03 4.23 22.15
CA ASN D 383 -38.68 5.43 22.87
C ASN D 383 -38.68 5.05 24.35
N PRO D 384 -37.49 5.06 24.97
CA PRO D 384 -37.38 4.63 26.36
C PRO D 384 -38.12 5.57 27.31
N TYR D 385 -38.18 6.86 26.97
CA TYR D 385 -38.93 7.82 27.79
C TYR D 385 -40.40 7.40 27.89
N LEU D 386 -41.00 7.10 26.75
CA LEU D 386 -42.40 6.68 26.68
C LEU D 386 -42.59 5.27 27.20
N ALA D 387 -41.69 4.36 26.84
CA ALA D 387 -41.78 2.97 27.29
C ALA D 387 -41.71 2.86 28.81
N PHE D 388 -40.69 3.47 29.42
CA PHE D 388 -40.57 3.41 30.88
C PHE D 388 -41.81 4.04 31.53
N SER D 389 -42.20 5.21 31.05
CA SER D 389 -43.39 5.92 31.57
C SER D 389 -44.65 5.09 31.46
N ALA D 390 -44.87 4.46 30.29
CA ALA D 390 -46.05 3.64 30.08
C ALA D 390 -46.12 2.45 31.03
N MET D 391 -44.97 1.79 31.23
CA MET D 391 -44.85 0.68 32.19
C MET D 391 -45.21 1.11 33.59
N LEU D 392 -44.66 2.24 34.02
CA LEU D 392 -44.96 2.79 35.35
C LEU D 392 -46.47 3.05 35.50
N MET D 393 -47.07 3.71 34.50
CA MET D 393 -48.51 3.99 34.52
C MET D 393 -49.36 2.72 34.62
N ALA D 394 -48.98 1.67 33.89
CA ALA D 394 -49.69 0.39 34.00
C ALA D 394 -49.54 -0.25 35.39
N GLY D 395 -48.32 -0.19 35.93
CA GLY D 395 -48.02 -0.75 37.24
C GLY D 395 -48.78 -0.02 38.33
N LEU D 396 -48.83 1.31 38.25
CA LEU D 396 -49.54 2.15 39.21
C LEU D 396 -51.05 1.90 39.16
N ASP D 397 -51.59 1.68 37.96
CA ASP D 397 -53.00 1.33 37.83
C ASP D 397 -53.26 -0.02 38.49
N GLY D 398 -52.31 -0.94 38.35
CA GLY D 398 -52.36 -2.23 39.05
C GLY D 398 -52.43 -2.09 40.56
N ILE D 399 -51.56 -1.24 41.12
CA ILE D 399 -51.51 -1.00 42.54
C ILE D 399 -52.78 -0.31 43.04
N LYS D 400 -53.16 0.76 42.36
CA LYS D 400 -54.32 1.57 42.73
C LYS D 400 -55.62 0.77 42.69
N ASN D 401 -55.74 -0.14 41.72
CA ASN D 401 -56.94 -0.98 41.57
C ASN D 401 -56.80 -2.37 42.16
N LYS D 402 -55.66 -2.63 42.80
CA LYS D 402 -55.34 -3.94 43.36
C LYS D 402 -55.60 -5.08 42.37
N ILE D 403 -55.05 -4.94 41.16
CA ILE D 403 -55.26 -5.95 40.12
C ILE D 403 -54.43 -7.19 40.40
N GLU D 404 -55.11 -8.32 40.54
CA GLU D 404 -54.44 -9.58 40.83
C GLU D 404 -54.01 -10.24 39.55
N PRO D 405 -52.69 -10.51 39.39
CA PRO D 405 -52.27 -11.29 38.22
C PRO D 405 -52.79 -12.71 38.32
N GLN D 406 -53.00 -13.37 37.19
CA GLN D 406 -53.29 -14.79 37.28
C GLN D 406 -52.07 -15.56 37.84
N ALA D 407 -52.30 -16.76 38.34
CA ALA D 407 -51.29 -17.50 39.09
C ALA D 407 -50.02 -17.67 38.25
N PRO D 408 -48.86 -17.60 38.89
CA PRO D 408 -47.61 -17.84 38.16
C PRO D 408 -47.60 -19.23 37.54
N VAL D 409 -46.94 -19.38 36.40
CA VAL D 409 -46.79 -20.68 35.75
C VAL D 409 -45.31 -21.03 35.62
N ASP D 410 -44.84 -21.94 36.47
CA ASP D 410 -43.42 -22.34 36.53
C ASP D 410 -43.06 -23.50 35.57
N LYS D 411 -43.28 -23.28 34.28
CA LYS D 411 -43.02 -24.29 33.26
C LYS D 411 -42.41 -23.62 32.03
N ASP D 412 -41.79 -24.41 31.16
CA ASP D 412 -41.43 -23.93 29.83
C ASP D 412 -42.71 -23.51 29.09
N LEU D 413 -42.95 -22.22 28.99
CA LEU D 413 -44.16 -21.73 28.37
C LEU D 413 -44.28 -21.98 26.86
N TYR D 414 -43.16 -22.37 26.21
CA TYR D 414 -43.19 -22.77 24.79
C TYR D 414 -43.69 -24.21 24.59
N GLU D 415 -43.51 -25.06 25.61
CA GLU D 415 -43.91 -26.48 25.57
C GLU D 415 -45.20 -26.76 26.36
N LEU D 416 -46.00 -25.73 26.62
CA LEU D 416 -47.30 -25.94 27.24
C LEU D 416 -48.20 -26.75 26.31
N PRO D 417 -48.84 -27.80 26.85
CA PRO D 417 -49.76 -28.57 26.01
C PRO D 417 -50.91 -27.67 25.58
N PRO D 418 -51.37 -27.83 24.33
CA PRO D 418 -52.38 -26.92 23.74
C PRO D 418 -53.55 -26.71 24.69
N GLU D 419 -53.93 -27.77 25.40
CA GLU D 419 -54.96 -27.71 26.39
C GLU D 419 -54.69 -26.53 27.34
N GLU D 420 -53.58 -26.58 28.08
CA GLU D 420 -53.27 -25.58 29.11
C GLU D 420 -52.86 -24.22 28.54
N ALA D 421 -52.25 -24.22 27.37
CA ALA D 421 -51.90 -22.96 26.69
C ALA D 421 -53.14 -22.14 26.41
N ALA D 422 -54.23 -22.81 26.02
CA ALA D 422 -55.50 -22.16 25.68
C ALA D 422 -56.17 -21.40 26.84
N SER D 423 -55.74 -21.63 28.08
CA SER D 423 -56.31 -20.88 29.19
C SER D 423 -55.48 -19.63 29.50
N ILE D 424 -54.40 -19.43 28.75
CA ILE D 424 -53.51 -18.32 29.05
C ILE D 424 -53.57 -17.28 27.94
N PRO D 425 -53.78 -16.00 28.32
CA PRO D 425 -53.82 -14.94 27.31
C PRO D 425 -52.47 -14.82 26.61
N GLN D 426 -52.53 -14.74 25.28
CA GLN D 426 -51.36 -14.63 24.43
C GLN D 426 -50.89 -13.19 24.34
N THR D 427 -49.62 -13.02 23.99
CA THR D 427 -49.13 -11.72 23.54
C THR D 427 -49.80 -11.41 22.19
N PRO D 428 -50.01 -10.11 21.88
CA PRO D 428 -50.54 -9.69 20.58
C PRO D 428 -49.68 -10.20 19.40
N THR D 429 -50.33 -10.45 18.26
CA THR D 429 -49.71 -11.02 17.07
C THR D 429 -48.97 -9.96 16.26
N GLN D 430 -49.49 -8.75 16.27
CA GLN D 430 -49.05 -7.71 15.36
C GLN D 430 -49.32 -6.29 15.89
N LEU D 431 -48.54 -5.33 15.39
CA LEU D 431 -48.61 -3.93 15.79
C LEU D 431 -50.01 -3.32 15.68
N SER D 432 -50.71 -3.57 14.58
CA SER D 432 -52.03 -3.00 14.34
C SER D 432 -53.02 -3.33 15.45
N ASP D 433 -52.91 -4.55 15.99
CA ASP D 433 -53.76 -4.96 17.11
C ASP D 433 -53.52 -4.13 18.36
N VAL D 434 -52.24 -3.92 18.73
CA VAL D 434 -51.94 -3.14 19.94
C VAL D 434 -52.26 -1.66 19.76
N ILE D 435 -52.15 -1.18 18.52
CA ILE D 435 -52.47 0.19 18.22
C ILE D 435 -53.99 0.38 18.33
N ASP D 436 -54.74 -0.58 17.77
CA ASP D 436 -56.19 -0.61 17.89
C ASP D 436 -56.62 -0.60 19.35
N ARG D 437 -55.98 -1.46 20.15
CA ARG D 437 -56.30 -1.56 21.56
C ARG D 437 -55.94 -0.28 22.33
N LEU D 438 -54.81 0.34 21.98
CA LEU D 438 -54.39 1.59 22.62
C LEU D 438 -55.43 2.69 22.39
N GLU D 439 -55.95 2.72 21.18
CA GLU D 439 -56.97 3.68 20.79
C GLU D 439 -58.27 3.50 21.59
N ALA D 440 -58.62 2.24 21.85
CA ALA D 440 -59.86 1.88 22.52
C ALA D 440 -59.74 2.06 24.03
N ASP D 441 -58.55 1.80 24.56
CA ASP D 441 -58.37 1.81 26.01
C ASP D 441 -57.00 2.34 26.45
N HIS D 442 -56.97 3.61 26.83
CA HIS D 442 -55.72 4.25 27.23
C HIS D 442 -55.85 5.14 28.47
N GLU D 443 -56.93 4.98 29.23
CA GLU D 443 -57.21 5.85 30.37
C GLU D 443 -56.11 5.84 31.46
N TYR D 444 -55.51 4.67 31.71
CA TYR D 444 -54.44 4.52 32.69
C TYR D 444 -53.21 5.36 32.34
N LEU D 445 -52.99 5.60 31.05
CA LEU D 445 -51.90 6.46 30.59
C LEU D 445 -52.17 7.95 30.80
N THR D 446 -53.43 8.35 30.67
CA THR D 446 -53.81 9.75 30.81
C THR D 446 -53.99 10.19 32.27
N GLU D 447 -53.94 9.24 33.21
CA GLU D 447 -54.00 9.59 34.63
C GLU D 447 -52.98 10.68 34.95
N GLY D 448 -53.45 11.72 35.64
CA GLY D 448 -52.60 12.84 36.04
C GLY D 448 -52.06 13.64 34.90
N GLY D 449 -52.61 13.45 33.70
CA GLY D 449 -52.10 14.09 32.49
C GLY D 449 -50.66 13.73 32.08
N VAL D 450 -50.17 12.58 32.57
CA VAL D 450 -48.84 12.07 32.20
C VAL D 450 -48.72 11.89 30.69
N PHE D 451 -49.64 11.11 30.11
CA PHE D 451 -49.82 11.09 28.65
C PHE D 451 -51.06 11.92 28.39
N THR D 452 -51.07 12.69 27.30
CA THR D 452 -52.25 13.43 26.89
C THR D 452 -52.84 12.82 25.62
N ASN D 453 -54.09 13.14 25.32
CA ASN D 453 -54.75 12.61 24.13
C ASN D 453 -54.06 12.95 22.82
N ASP D 454 -53.49 14.16 22.74
CA ASP D 454 -52.80 14.58 21.54
C ASP D 454 -51.55 13.72 21.27
N LEU D 455 -50.85 13.31 22.33
CA LEU D 455 -49.68 12.44 22.17
C LEU D 455 -50.11 11.06 21.67
N ILE D 456 -51.13 10.53 22.32
CA ILE D 456 -51.66 9.19 22.02
C ILE D 456 -52.20 9.13 20.60
N GLU D 457 -52.97 10.15 20.21
CA GLU D 457 -53.53 10.25 18.85
C GLU D 457 -52.45 10.42 17.79
N THR D 458 -51.40 11.19 18.10
CA THR D 458 -50.30 11.37 17.18
C THR D 458 -49.53 10.07 16.98
N TRP D 459 -49.33 9.36 18.10
CA TRP D 459 -48.63 8.08 18.10
C TRP D 459 -49.36 7.06 17.23
N ILE D 460 -50.67 6.94 17.44
CA ILE D 460 -51.51 5.97 16.74
C ILE D 460 -51.48 6.27 15.24
N SER D 461 -51.67 7.54 14.93
CA SER D 461 -51.68 8.02 13.57
C SER D 461 -50.32 7.80 12.87
N PHE D 462 -49.22 8.13 13.56
CA PHE D 462 -47.88 7.94 13.03
C PHE D 462 -47.62 6.46 12.67
N LYS D 463 -47.97 5.55 13.58
CA LYS D 463 -47.70 4.13 13.37
C LYS D 463 -48.51 3.57 12.22
N ARG D 464 -49.77 3.99 12.11
CA ARG D 464 -50.66 3.51 11.05
C ARG D 464 -50.17 3.92 9.68
N GLU D 465 -49.86 5.22 9.54
CA GLU D 465 -49.53 5.82 8.25
C GLU D 465 -48.10 5.56 7.78
N ASN D 466 -47.15 5.50 8.72
CA ASN D 466 -45.72 5.36 8.37
C ASN D 466 -45.16 3.94 8.51
N GLU D 467 -45.89 3.07 9.22
CA GLU D 467 -45.36 1.74 9.52
C GLU D 467 -46.31 0.59 9.12
N ILE D 468 -47.47 0.52 9.76
CA ILE D 468 -48.41 -0.57 9.53
C ILE D 468 -48.84 -0.65 8.06
N GLU D 469 -49.36 0.45 7.54
CA GLU D 469 -49.87 0.47 6.17
C GLU D 469 -48.75 0.24 5.12
N PRO D 470 -47.61 0.94 5.23
CA PRO D 470 -46.52 0.71 4.27
C PRO D 470 -45.99 -0.73 4.19
N VAL D 471 -45.95 -1.43 5.33
CA VAL D 471 -45.58 -2.84 5.33
C VAL D 471 -46.71 -3.72 4.72
N ASN D 472 -47.95 -3.43 5.09
CA ASN D 472 -49.11 -4.22 4.62
C ASN D 472 -49.34 -4.22 3.13
N ILE D 473 -48.97 -3.14 2.45
CA ILE D 473 -49.25 -3.02 1.04
C ILE D 473 -48.12 -3.57 0.18
N ARG D 474 -46.97 -3.85 0.80
CA ARG D 474 -45.81 -4.34 0.09
C ARG D 474 -45.69 -5.87 0.11
N PRO D 475 -45.66 -6.51 -1.07
CA PRO D 475 -45.50 -7.97 -1.11
C PRO D 475 -44.22 -8.42 -0.41
N HIS D 476 -44.37 -9.50 0.35
CA HIS D 476 -43.27 -10.13 1.12
C HIS D 476 -42.61 -11.17 0.21
N PRO D 477 -41.26 -11.26 0.24
CA PRO D 477 -40.55 -12.25 -0.60
C PRO D 477 -41.06 -13.66 -0.41
N TYR D 478 -41.47 -14.00 0.81
CA TYR D 478 -41.96 -15.37 1.05
C TYR D 478 -43.32 -15.69 0.37
N GLU D 479 -44.11 -14.65 0.07
CA GLU D 479 -45.30 -14.79 -0.77
C GLU D 479 -44.96 -15.32 -2.18
N PHE D 480 -43.78 -14.98 -2.68
CA PHE D 480 -43.35 -15.48 -3.97
C PHE D 480 -42.98 -16.96 -3.88
N ALA D 481 -42.31 -17.33 -2.78
CA ALA D 481 -42.04 -18.73 -2.46
C ALA D 481 -43.34 -19.53 -2.39
N LEU D 482 -44.36 -18.95 -1.79
CA LEU D 482 -45.65 -19.62 -1.61
C LEU D 482 -46.56 -19.63 -2.83
N TYR D 483 -46.56 -18.54 -3.60
CA TYR D 483 -47.68 -18.28 -4.51
C TYR D 483 -47.35 -17.99 -5.96
N TYR D 484 -46.06 -17.86 -6.33
CA TYR D 484 -45.72 -17.55 -7.71
C TYR D 484 -46.43 -18.49 -8.69
N ASP D 485 -46.44 -19.78 -8.35
CA ASP D 485 -46.97 -20.82 -9.20
C ASP D 485 -48.43 -21.18 -8.94
N VAL D 486 -49.22 -20.29 -8.33
CA VAL D 486 -50.65 -20.60 -8.07
C VAL D 486 -51.49 -20.83 -9.32
N LYS E 12 -10.66 48.67 9.88
CA LYS E 12 -9.25 48.42 9.45
C LYS E 12 -8.71 49.47 8.47
N THR E 13 -7.40 49.68 8.50
CA THR E 13 -6.72 50.67 7.67
C THR E 13 -5.64 49.97 6.83
N PRO E 14 -5.06 50.69 5.84
CA PRO E 14 -3.94 50.12 5.09
C PRO E 14 -2.81 49.58 5.98
N ASP E 15 -2.41 50.35 6.99
CA ASP E 15 -1.35 49.93 7.91
C ASP E 15 -1.69 48.70 8.76
N ASP E 16 -2.96 48.56 9.13
CA ASP E 16 -3.43 47.35 9.80
C ASP E 16 -3.17 46.09 8.96
N VAL E 17 -3.44 46.19 7.66
CA VAL E 17 -3.26 45.08 6.74
C VAL E 17 -1.78 44.73 6.52
N PHE E 18 -0.95 45.75 6.35
CA PHE E 18 0.50 45.53 6.26
C PHE E 18 1.06 44.85 7.51
N LYS E 19 0.61 45.28 8.69
CA LYS E 19 1.04 44.70 9.96
C LYS E 19 0.61 43.23 10.05
N LEU E 20 -0.65 42.96 9.68
CA LEU E 20 -1.18 41.60 9.65
C LEU E 20 -0.36 40.70 8.73
N ALA E 21 -0.04 41.20 7.54
CA ALA E 21 0.73 40.47 6.55
C ALA E 21 2.14 40.15 7.06
N LYS E 22 2.76 41.12 7.71
CA LYS E 22 4.09 40.97 8.29
C LYS E 22 4.07 40.01 9.49
N ASP E 23 3.09 40.17 10.39
CA ASP E 23 2.99 39.33 11.59
C ASP E 23 2.66 37.86 11.29
N GLU E 24 1.88 37.65 10.24
CA GLU E 24 1.52 36.29 9.81
C GLU E 24 2.54 35.66 8.85
N LYS E 25 3.62 36.39 8.56
CA LYS E 25 4.70 35.94 7.67
C LYS E 25 4.12 35.45 6.33
N VAL E 26 3.24 36.28 5.77
CA VAL E 26 2.53 35.97 4.55
C VAL E 26 3.47 35.92 3.32
N GLU E 27 3.35 34.87 2.50
CA GLU E 27 4.15 34.75 1.29
C GLU E 27 3.43 35.34 0.07
N TYR E 28 2.10 35.24 0.05
CA TYR E 28 1.31 35.67 -1.09
C TYR E 28 0.07 36.43 -0.68
N VAL E 29 -0.33 37.38 -1.50
CA VAL E 29 -1.60 38.07 -1.31
C VAL E 29 -2.51 37.73 -2.47
N ASP E 30 -3.73 37.28 -2.13
CA ASP E 30 -4.71 36.93 -3.14
C ASP E 30 -5.69 38.09 -3.33
N VAL E 31 -5.72 38.61 -4.55
CA VAL E 31 -6.53 39.76 -4.91
C VAL E 31 -7.87 39.24 -5.45
N ARG E 32 -8.95 39.59 -4.76
CA ARG E 32 -10.28 39.07 -5.09
C ARG E 32 -11.28 40.18 -5.41
N PHE E 33 -12.17 39.89 -6.35
CA PHE E 33 -13.33 40.73 -6.64
C PHE E 33 -14.45 39.84 -7.18
N CYS E 34 -15.64 40.41 -7.31
CA CYS E 34 -16.81 39.64 -7.68
C CYS E 34 -17.18 39.87 -9.13
N ASP E 35 -17.39 38.81 -9.90
CA ASP E 35 -18.02 38.98 -11.24
C ASP E 35 -19.53 39.26 -11.11
N LEU E 36 -20.17 39.58 -12.23
CA LEU E 36 -21.57 39.97 -12.15
C LEU E 36 -22.51 38.83 -11.66
N PRO E 37 -22.37 37.61 -12.22
CA PRO E 37 -23.28 36.54 -11.77
C PRO E 37 -23.12 36.15 -10.29
N GLY E 38 -21.92 36.28 -9.74
CA GLY E 38 -21.72 36.11 -8.30
C GLY E 38 -20.58 35.20 -7.86
N ILE E 39 -19.63 34.93 -8.76
CA ILE E 39 -18.48 34.07 -8.46
C ILE E 39 -17.25 34.95 -8.19
N MET E 40 -16.55 34.69 -7.08
CA MET E 40 -15.33 35.44 -6.80
C MET E 40 -14.18 35.08 -7.76
N GLN E 41 -13.46 36.12 -8.18
CA GLN E 41 -12.36 36.00 -9.11
C GLN E 41 -11.08 36.35 -8.34
N HIS E 42 -9.94 35.85 -8.83
CA HIS E 42 -8.70 36.09 -8.11
C HIS E 42 -7.44 35.98 -8.95
N PHE E 43 -6.42 36.72 -8.52
CA PHE E 43 -5.06 36.45 -8.90
C PHE E 43 -4.14 36.69 -7.69
N THR E 44 -2.92 36.18 -7.79
CA THR E 44 -1.99 36.18 -6.68
C THR E 44 -0.81 37.10 -6.97
N ILE E 45 -0.43 37.89 -5.98
CA ILE E 45 0.82 38.66 -6.07
C ILE E 45 1.72 38.24 -4.91
N PRO E 46 3.05 38.27 -5.10
CA PRO E 46 3.94 37.99 -3.94
C PRO E 46 3.81 39.06 -2.85
N ALA E 47 4.12 38.69 -1.61
CA ALA E 47 4.08 39.64 -0.49
C ALA E 47 4.97 40.85 -0.76
N SER E 48 6.12 40.59 -1.38
CA SER E 48 7.04 41.65 -1.80
C SER E 48 6.48 42.64 -2.84
N ALA E 49 5.37 42.32 -3.49
CA ALA E 49 4.69 43.29 -4.38
C ALA E 49 3.51 43.96 -3.70
N PHE E 50 3.21 43.56 -2.47
CA PHE E 50 2.09 44.16 -1.75
C PHE E 50 2.58 45.36 -0.93
N ASP E 51 2.48 46.55 -1.52
CA ASP E 51 2.99 47.80 -0.94
C ASP E 51 1.96 48.92 -1.02
N LYS E 52 2.36 50.15 -0.68
CA LYS E 52 1.47 51.30 -0.73
C LYS E 52 0.88 51.53 -2.12
N SER E 53 1.67 51.23 -3.14
CA SER E 53 1.27 51.39 -4.52
C SER E 53 -0.03 50.63 -4.86
N VAL E 54 -0.21 49.48 -4.23
CA VAL E 54 -1.44 48.70 -4.39
C VAL E 54 -2.65 49.52 -3.92
N PHE E 55 -2.46 50.33 -2.89
CA PHE E 55 -3.51 51.21 -2.38
C PHE E 55 -3.67 52.51 -3.16
N ASP E 56 -2.56 53.08 -3.62
CA ASP E 56 -2.58 54.38 -4.32
C ASP E 56 -2.96 54.25 -5.79
N ASP E 57 -2.34 53.29 -6.48
CA ASP E 57 -2.48 53.13 -7.94
C ASP E 57 -3.41 51.98 -8.34
N GLY E 58 -3.49 50.96 -7.48
CA GLY E 58 -4.35 49.83 -7.76
C GLY E 58 -3.69 48.80 -8.63
N LEU E 59 -4.48 47.83 -9.09
CA LEU E 59 -3.96 46.74 -9.92
C LEU E 59 -4.91 46.53 -11.10
N ALA E 60 -4.36 46.06 -12.22
CA ALA E 60 -5.11 45.88 -13.45
C ALA E 60 -5.55 44.44 -13.70
N PHE E 61 -6.59 44.29 -14.52
CA PHE E 61 -7.01 42.98 -14.99
C PHE E 61 -7.76 43.14 -16.31
N ASP E 62 -8.09 42.01 -16.94
CA ASP E 62 -8.81 41.95 -18.20
C ASP E 62 -10.31 41.88 -17.96
N GLY E 63 -10.96 43.05 -17.98
CA GLY E 63 -12.41 43.15 -17.80
C GLY E 63 -13.22 42.41 -18.86
N SER E 64 -12.61 42.11 -20.01
CA SER E 64 -13.38 41.39 -21.04
C SER E 64 -13.47 39.88 -20.81
N SER E 65 -12.67 39.35 -19.89
CA SER E 65 -12.76 37.92 -19.55
C SER E 65 -13.67 37.65 -18.35
N ILE E 66 -14.21 38.72 -17.77
CA ILE E 66 -15.08 38.61 -16.61
C ILE E 66 -16.53 38.80 -17.04
N ARG E 67 -17.38 37.86 -16.65
CA ARG E 67 -18.78 37.87 -17.09
C ARG E 67 -19.50 39.13 -16.61
N GLY E 68 -20.20 39.78 -17.55
CA GLY E 68 -20.98 40.99 -17.29
C GLY E 68 -20.19 42.27 -17.15
N PHE E 69 -18.90 42.24 -17.48
CA PHE E 69 -18.05 43.41 -17.37
C PHE E 69 -17.84 44.08 -18.73
N GLN E 70 -16.62 44.01 -19.28
CA GLN E 70 -16.23 44.82 -20.44
C GLN E 70 -16.22 44.06 -21.76
N SER E 71 -16.33 44.81 -22.85
CA SER E 71 -16.04 44.27 -24.15
C SER E 71 -14.50 44.25 -24.36
N ILE E 72 -14.06 43.52 -25.37
CA ILE E 72 -12.65 43.29 -25.58
C ILE E 72 -11.84 44.56 -25.92
N HIS E 73 -12.45 45.49 -26.65
CA HIS E 73 -11.75 46.71 -27.03
C HIS E 73 -11.67 47.74 -25.91
N GLU E 74 -12.45 47.52 -24.84
CA GLU E 74 -12.37 48.37 -23.66
C GLU E 74 -12.01 47.54 -22.41
N SER E 75 -11.07 46.61 -22.61
CA SER E 75 -10.81 45.54 -21.65
C SER E 75 -10.22 45.97 -20.30
N ASP E 76 -9.17 46.80 -20.32
CA ASP E 76 -8.45 47.12 -19.08
C ASP E 76 -9.39 47.68 -18.01
N MET E 77 -9.31 47.11 -16.80
CA MET E 77 -10.00 47.63 -15.63
C MET E 77 -9.05 47.69 -14.43
N LEU E 78 -9.45 48.43 -13.41
CA LEU E 78 -8.62 48.68 -12.25
C LEU E 78 -9.26 48.16 -10.97
N LEU E 79 -8.42 47.77 -10.01
CA LEU E 79 -8.86 47.27 -8.71
C LEU E 79 -8.23 48.06 -7.58
N LEU E 80 -9.06 48.44 -6.60
CA LEU E 80 -8.59 49.13 -5.41
C LEU E 80 -9.01 48.37 -4.16
N PRO E 81 -8.09 48.18 -3.20
CA PRO E 81 -8.32 47.27 -2.06
C PRO E 81 -9.35 47.75 -1.05
N ASP E 82 -10.02 46.79 -0.41
CA ASP E 82 -10.86 47.06 0.74
C ASP E 82 -10.26 46.39 1.97
N PRO E 83 -9.50 47.16 2.76
CA PRO E 83 -8.75 46.63 3.92
C PRO E 83 -9.60 45.90 4.98
N GLU E 84 -10.89 46.19 5.06
CA GLU E 84 -11.77 45.52 6.01
C GLU E 84 -11.96 44.03 5.71
N THR E 85 -11.72 43.64 4.47
CA THR E 85 -11.96 42.27 4.04
C THR E 85 -10.74 41.33 4.15
N ALA E 86 -9.61 41.84 4.64
CA ALA E 86 -8.38 41.03 4.74
C ALA E 86 -8.52 39.88 5.72
N ARG E 87 -8.31 38.66 5.24
CA ARG E 87 -8.33 37.45 6.05
C ARG E 87 -7.23 36.50 5.59
N ILE E 88 -6.65 35.75 6.53
CA ILE E 88 -5.70 34.69 6.19
C ILE E 88 -6.45 33.51 5.55
N ASP E 89 -5.90 32.98 4.45
CA ASP E 89 -6.49 31.82 3.78
C ASP E 89 -6.18 30.53 4.54
N PRO E 90 -7.23 29.76 4.91
CA PRO E 90 -7.04 28.51 5.68
C PRO E 90 -6.48 27.34 4.87
N PHE E 91 -6.46 27.46 3.54
CA PHE E 91 -6.22 26.29 2.69
C PHE E 91 -4.82 26.16 2.07
N ARG E 92 -4.25 27.28 1.65
CA ARG E 92 -3.04 27.25 0.86
C ARG E 92 -1.80 26.99 1.72
N ALA E 93 -1.01 26.02 1.28
CA ALA E 93 0.24 25.63 1.95
C ALA E 93 1.22 26.80 2.06
N ALA E 94 1.35 27.58 0.99
CA ALA E 94 2.09 28.84 1.08
C ALA E 94 1.20 29.90 1.75
N LYS E 95 1.63 30.47 2.88
CA LYS E 95 0.78 31.37 3.66
C LYS E 95 0.25 32.53 2.81
N THR E 96 -1.06 32.70 2.79
CA THR E 96 -1.69 33.65 1.89
C THR E 96 -2.69 34.54 2.61
N LEU E 97 -2.68 35.83 2.26
CA LEU E 97 -3.66 36.80 2.72
C LEU E 97 -4.65 37.15 1.60
N ASN E 98 -5.94 36.90 1.83
CA ASN E 98 -7.01 37.23 0.90
C ASN E 98 -7.54 38.62 1.17
N ILE E 99 -7.67 39.43 0.12
CA ILE E 99 -8.28 40.76 0.23
C ILE E 99 -9.26 40.97 -0.91
N ASN E 100 -10.45 41.49 -0.60
CA ASN E 100 -11.41 41.89 -1.63
C ASN E 100 -11.14 43.29 -2.14
N PHE E 101 -11.40 43.50 -3.42
CA PHE E 101 -11.18 44.78 -4.08
C PHE E 101 -12.48 45.35 -4.69
N PHE E 102 -12.49 46.67 -4.88
CA PHE E 102 -13.52 47.32 -5.68
C PHE E 102 -12.98 47.53 -7.11
N VAL E 103 -13.86 47.37 -8.09
CA VAL E 103 -13.51 47.59 -9.50
C VAL E 103 -13.72 49.08 -9.83
N HIS E 104 -12.72 49.68 -10.47
CA HIS E 104 -12.79 51.09 -10.88
C HIS E 104 -12.44 51.28 -12.34
N ASP E 105 -12.96 52.37 -12.92
CA ASP E 105 -12.57 52.81 -14.26
C ASP E 105 -11.10 53.19 -14.26
N PRO E 106 -10.34 52.75 -15.28
CA PRO E 106 -8.89 52.95 -15.23
C PRO E 106 -8.47 54.36 -15.64
N PHE E 107 -9.35 55.11 -16.30
CA PHE E 107 -9.10 56.52 -16.64
C PHE E 107 -9.53 57.50 -15.55
N THR E 108 -10.78 57.39 -15.11
CA THR E 108 -11.35 58.38 -14.20
C THR E 108 -11.20 57.95 -12.75
N LEU E 109 -10.91 56.66 -12.53
CA LEU E 109 -10.92 56.04 -11.19
C LEU E 109 -12.30 56.05 -10.51
N GLU E 110 -13.34 56.31 -11.29
CA GLU E 110 -14.70 56.18 -10.78
C GLU E 110 -15.07 54.72 -10.48
N PRO E 111 -15.83 54.47 -9.39
CA PRO E 111 -16.33 53.13 -9.12
C PRO E 111 -17.11 52.57 -10.32
N TYR E 112 -16.90 51.29 -10.61
CA TYR E 112 -17.55 50.63 -11.74
C TYR E 112 -19.04 50.42 -11.49
N SER E 113 -19.87 50.73 -12.49
CA SER E 113 -21.32 50.58 -12.36
C SER E 113 -21.76 49.12 -12.34
N ARG E 114 -20.88 48.20 -12.75
CA ARG E 114 -21.23 46.79 -12.75
C ARG E 114 -20.38 45.93 -11.78
N ASP E 115 -19.71 46.60 -10.84
CA ASP E 115 -19.08 45.96 -9.71
C ASP E 115 -20.16 45.70 -8.65
N PRO E 116 -20.40 44.41 -8.34
CA PRO E 116 -21.43 44.07 -7.34
C PRO E 116 -21.13 44.66 -5.97
N ARG E 117 -19.85 44.70 -5.61
CA ARG E 117 -19.44 45.31 -4.34
C ARG E 117 -19.75 46.81 -4.28
N ASN E 118 -19.69 47.48 -5.44
CA ASN E 118 -20.09 48.86 -5.55
C ASN E 118 -21.59 49.06 -5.35
N ILE E 119 -22.40 48.14 -5.87
CA ILE E 119 -23.86 48.21 -5.71
C ILE E 119 -24.24 48.16 -4.23
N ALA E 120 -23.62 47.22 -3.51
CA ALA E 120 -23.83 47.10 -2.06
C ALA E 120 -23.40 48.39 -1.32
N ARG E 121 -22.29 48.98 -1.76
CA ARG E 121 -21.79 50.25 -1.22
C ARG E 121 -22.85 51.33 -1.44
N LYS E 122 -23.33 51.43 -2.67
CA LYS E 122 -24.35 52.42 -3.02
C LYS E 122 -25.64 52.24 -2.23
N ALA E 123 -26.08 50.99 -2.08
CA ALA E 123 -27.30 50.66 -1.34
C ALA E 123 -27.23 51.17 0.11
N GLU E 124 -26.09 50.94 0.77
CA GLU E 124 -25.91 51.40 2.14
C GLU E 124 -25.98 52.92 2.27
N ASN E 125 -25.36 53.63 1.32
CA ASN E 125 -25.40 55.09 1.31
C ASN E 125 -26.77 55.64 0.99
N TYR E 126 -27.46 55.01 0.05
CA TYR E 126 -28.82 55.42 -0.28
C TYR E 126 -29.73 55.28 0.94
N LEU E 127 -29.60 54.17 1.66
CA LEU E 127 -30.36 53.97 2.89
C LEU E 127 -30.18 55.17 3.84
N ILE E 128 -28.93 55.54 4.13
CA ILE E 128 -28.65 56.67 5.01
C ILE E 128 -29.34 57.95 4.49
N SER E 129 -29.20 58.22 3.19
CA SER E 129 -29.76 59.40 2.55
C SER E 129 -31.29 59.53 2.62
N THR E 130 -32.02 58.42 2.80
CA THR E 130 -33.48 58.49 2.92
C THR E 130 -33.92 58.97 4.31
N GLY E 131 -33.02 58.89 5.29
CA GLY E 131 -33.37 59.20 6.67
C GLY E 131 -34.22 58.14 7.38
N ILE E 132 -34.60 57.10 6.65
CA ILE E 132 -35.43 56.02 7.22
C ILE E 132 -34.68 55.24 8.30
N ALA E 133 -33.40 54.92 8.03
CA ALA E 133 -32.54 54.20 8.95
C ALA E 133 -31.11 54.46 8.53
N ASP E 134 -30.15 54.07 9.36
CA ASP E 134 -28.74 54.18 8.95
C ASP E 134 -28.08 52.82 8.71
N THR E 135 -28.72 51.73 9.18
CA THR E 135 -28.16 50.40 9.04
C THR E 135 -29.21 49.35 8.68
N ALA E 136 -28.87 48.51 7.68
CA ALA E 136 -29.66 47.35 7.32
C ALA E 136 -28.87 46.09 7.67
N TYR E 137 -29.39 45.31 8.61
CA TYR E 137 -28.75 44.07 9.03
C TYR E 137 -29.31 42.87 8.29
N PHE E 138 -28.38 42.03 7.80
CA PHE E 138 -28.73 40.79 7.10
C PHE E 138 -28.11 39.60 7.82
N GLY E 139 -28.97 38.64 8.17
CA GLY E 139 -28.58 37.35 8.70
C GLY E 139 -28.98 36.34 7.65
N ALA E 140 -28.03 35.52 7.19
CA ALA E 140 -28.33 34.63 6.08
C ALA E 140 -28.16 33.17 6.48
N GLU E 141 -28.96 32.30 5.84
CA GLU E 141 -28.81 30.87 6.02
C GLU E 141 -28.57 30.23 4.66
N ALA E 142 -27.30 30.03 4.31
CA ALA E 142 -26.97 29.41 3.04
C ALA E 142 -26.81 27.90 3.24
N GLU E 143 -27.85 27.16 2.85
CA GLU E 143 -27.80 25.70 2.93
C GLU E 143 -26.99 25.16 1.74
N PHE E 144 -26.45 23.96 1.89
CA PHE E 144 -25.68 23.33 0.81
C PHE E 144 -25.70 21.80 0.93
N TYR E 145 -25.29 21.10 -0.13
CA TYR E 145 -25.17 19.63 -0.09
C TYR E 145 -23.71 19.22 -0.09
N ILE E 146 -23.36 18.27 0.77
CA ILE E 146 -22.01 17.70 0.74
C ILE E 146 -22.06 16.40 -0.02
N PHE E 147 -21.75 16.43 -1.31
CA PHE E 147 -21.82 15.23 -2.15
C PHE E 147 -20.46 14.58 -2.23
N ASP E 148 -20.43 13.33 -2.73
CA ASP E 148 -19.18 12.60 -3.04
C ASP E 148 -18.72 12.78 -4.49
N SER E 149 -19.67 12.90 -5.42
CA SER E 149 -19.34 13.01 -6.83
C SER E 149 -20.45 13.69 -7.62
N VAL E 150 -20.10 14.14 -8.82
CA VAL E 150 -21.05 14.68 -9.77
C VAL E 150 -20.49 14.53 -11.17
N SER E 151 -21.34 14.17 -12.13
CA SER E 151 -20.94 14.22 -13.51
C SER E 151 -22.17 14.53 -14.33
N PHE E 152 -21.95 15.05 -15.53
CA PHE E 152 -23.03 15.49 -16.40
C PHE E 152 -22.45 15.75 -17.76
N ASP E 153 -23.29 15.68 -18.78
CA ASP E 153 -22.92 16.14 -20.12
C ASP E 153 -24.15 16.37 -20.98
N SER E 154 -23.91 16.89 -22.17
CA SER E 154 -24.96 17.32 -23.08
C SER E 154 -24.41 17.13 -24.50
N ARG E 155 -24.98 16.19 -25.24
CA ARG E 155 -24.52 15.83 -26.57
C ARG E 155 -25.70 15.90 -27.54
N ALA E 156 -25.45 15.65 -28.83
CA ALA E 156 -26.52 15.68 -29.83
C ALA E 156 -27.61 14.63 -29.56
N ASN E 157 -27.18 13.44 -29.12
CA ASN E 157 -28.04 12.26 -29.01
C ASN E 157 -28.32 11.85 -27.57
N GLY E 158 -27.95 12.68 -26.61
CA GLY E 158 -28.15 12.33 -25.22
C GLY E 158 -27.54 13.30 -24.23
N SER E 159 -27.96 13.15 -22.97
CA SER E 159 -27.63 14.08 -21.91
C SER E 159 -27.87 13.40 -20.56
N PHE E 160 -27.08 13.77 -19.56
CA PHE E 160 -27.27 13.20 -18.23
C PHE E 160 -26.71 14.09 -17.14
N TYR E 161 -27.22 13.90 -15.93
CA TYR E 161 -26.45 14.26 -14.74
C TYR E 161 -26.60 13.17 -13.70
N GLU E 162 -25.63 13.10 -12.79
CA GLU E 162 -25.76 12.30 -11.61
C GLU E 162 -24.94 12.92 -10.49
N VAL E 163 -25.57 13.06 -9.34
CA VAL E 163 -24.88 13.37 -8.11
C VAL E 163 -24.90 12.12 -7.22
N ASP E 164 -23.87 11.95 -6.41
CA ASP E 164 -23.88 10.84 -5.49
C ASP E 164 -23.33 11.23 -4.11
N ALA E 165 -23.75 10.46 -3.12
CA ALA E 165 -23.41 10.72 -1.72
C ALA E 165 -23.60 9.40 -1.00
N ILE E 166 -22.62 9.02 -0.17
CA ILE E 166 -22.71 7.79 0.59
C ILE E 166 -24.05 7.69 1.38
N SER E 167 -24.46 8.79 1.99
CA SER E 167 -25.67 8.81 2.82
C SER E 167 -26.97 8.92 2.02
N GLY E 168 -26.87 8.99 0.70
CA GLY E 168 -28.06 9.07 -0.14
C GLY E 168 -28.93 7.85 -0.03
N TRP E 169 -30.23 8.08 0.14
CA TRP E 169 -31.20 7.00 0.30
C TRP E 169 -31.27 6.08 -0.92
N TRP E 170 -30.93 6.62 -2.10
CA TRP E 170 -30.90 5.83 -3.34
C TRP E 170 -29.85 4.71 -3.26
N ASN E 171 -28.97 4.78 -2.27
CA ASN E 171 -27.91 3.79 -2.10
C ASN E 171 -28.16 2.72 -1.05
N THR E 172 -29.37 2.63 -0.49
CA THR E 172 -29.64 1.61 0.55
C THR E 172 -29.40 0.17 0.06
N GLY E 173 -29.66 -0.08 -1.22
CA GLY E 173 -29.48 -1.40 -1.83
C GLY E 173 -28.12 -1.70 -2.45
N ALA E 174 -27.18 -0.76 -2.32
CA ALA E 174 -25.83 -0.94 -2.88
C ALA E 174 -25.09 -2.09 -2.22
N ALA E 175 -24.48 -2.94 -3.03
CA ALA E 175 -23.74 -4.10 -2.55
C ALA E 175 -22.50 -3.67 -1.79
N THR E 176 -21.90 -2.57 -2.23
CA THR E 176 -20.71 -2.04 -1.58
C THR E 176 -20.71 -0.52 -1.79
N GLU E 177 -19.86 0.19 -1.04
CA GLU E 177 -19.60 1.59 -1.27
C GLU E 177 -18.67 1.79 -2.48
N ALA E 178 -18.54 3.05 -2.93
CA ALA E 178 -17.75 3.41 -4.13
C ALA E 178 -16.34 2.80 -4.13
N ASP E 179 -15.71 2.73 -2.96
CA ASP E 179 -14.36 2.18 -2.83
C ASP E 179 -14.34 0.65 -2.59
N GLY E 180 -15.48 -0.03 -2.70
CA GLY E 180 -15.54 -1.48 -2.48
C GLY E 180 -15.71 -1.91 -1.02
N SER E 181 -15.72 -0.96 -0.09
CA SER E 181 -15.97 -1.28 1.32
C SER E 181 -17.48 -1.56 1.55
N PRO E 182 -17.81 -2.25 2.65
CA PRO E 182 -19.21 -2.72 2.82
C PRO E 182 -20.24 -1.58 2.97
N ASN E 183 -21.49 -1.86 2.56
CA ASN E 183 -22.62 -0.98 2.86
C ASN E 183 -22.94 -1.16 4.35
N ARG E 184 -22.82 -0.09 5.13
CA ARG E 184 -23.11 -0.22 6.55
C ARG E 184 -24.44 0.43 6.98
N GLY E 185 -25.30 0.78 6.00
CA GLY E 185 -26.60 1.38 6.32
C GLY E 185 -26.47 2.72 7.02
N TYR E 186 -27.48 3.07 7.82
CA TYR E 186 -27.59 4.39 8.43
C TYR E 186 -27.60 5.53 7.40
N LYS E 187 -28.15 5.25 6.20
CA LYS E 187 -28.31 6.28 5.19
C LYS E 187 -29.50 7.14 5.56
N VAL E 188 -29.59 8.32 4.97
CA VAL E 188 -30.60 9.32 5.37
C VAL E 188 -31.82 9.21 4.47
N ARG E 189 -32.99 9.06 5.08
CA ARG E 189 -34.24 8.99 4.33
C ARG E 189 -34.49 10.35 3.66
N HIS E 190 -35.23 10.36 2.56
CA HIS E 190 -35.61 11.61 1.92
C HIS E 190 -36.45 12.41 2.89
N LYS E 191 -36.12 13.70 3.01
CA LYS E 191 -36.76 14.59 3.97
C LYS E 191 -36.48 14.19 5.42
N GLY E 192 -35.52 13.30 5.64
CA GLY E 192 -35.25 12.79 6.97
C GLY E 192 -33.92 13.16 7.61
N GLY E 193 -33.25 14.19 7.08
CA GLY E 193 -31.89 14.54 7.54
C GLY E 193 -31.82 15.53 8.67
N TYR E 194 -32.96 16.12 9.03
CA TYR E 194 -33.00 17.12 10.06
C TYR E 194 -33.64 16.55 11.32
N PHE E 195 -32.84 16.20 12.34
CA PHE E 195 -31.38 16.06 12.28
C PHE E 195 -30.91 15.00 13.29
N PRO E 196 -31.14 13.70 12.97
CA PRO E 196 -30.74 12.61 13.87
C PRO E 196 -29.23 12.60 14.22
N VAL E 197 -28.89 12.01 15.36
CA VAL E 197 -27.50 11.88 15.77
C VAL E 197 -26.70 10.90 14.88
N ALA E 198 -25.37 10.95 15.00
CA ALA E 198 -24.50 9.99 14.32
C ALA E 198 -24.87 8.61 14.86
N PRO E 199 -24.71 7.56 14.05
CA PRO E 199 -24.11 7.52 12.71
C PRO E 199 -25.07 7.85 11.54
N ASN E 200 -26.35 8.12 11.81
CA ASN E 200 -27.29 8.62 10.78
C ASN E 200 -26.75 9.90 10.14
N ASP E 201 -26.24 10.79 10.97
CA ASP E 201 -25.54 11.99 10.54
C ASP E 201 -24.10 11.57 10.31
N GLN E 202 -23.70 11.47 9.03
CA GLN E 202 -22.38 10.97 8.68
C GLN E 202 -21.38 12.10 8.44
N TYR E 203 -21.78 13.35 8.72
CA TYR E 203 -20.96 14.50 8.36
C TYR E 203 -20.56 15.35 9.56
N VAL E 204 -20.65 14.78 10.77
CA VAL E 204 -20.36 15.55 11.98
C VAL E 204 -18.93 16.11 12.03
N ASP E 205 -17.95 15.25 11.77
CA ASP E 205 -16.52 15.64 11.82
C ASP E 205 -16.17 16.65 10.73
N LEU E 206 -16.72 16.46 9.52
CA LEU E 206 -16.50 17.39 8.41
C LEU E 206 -17.12 18.79 8.68
N ARG E 207 -18.34 18.83 9.21
CA ARG E 207 -18.98 20.10 9.55
C ARG E 207 -18.23 20.79 10.70
N ASP E 208 -17.66 20.00 11.62
CA ASP E 208 -16.83 20.55 12.69
C ASP E 208 -15.62 21.26 12.10
N LYS E 209 -15.01 20.63 11.08
CA LYS E 209 -13.87 21.22 10.35
C LYS E 209 -14.25 22.51 9.63
N MET E 210 -15.45 22.53 9.07
CA MET E 210 -15.99 23.70 8.41
C MET E 210 -16.18 24.78 9.46
N LEU E 211 -16.75 24.40 10.61
CA LEU E 211 -16.98 25.36 11.70
C LEU E 211 -15.68 25.98 12.16
N THR E 212 -14.65 25.14 12.29
CA THR E 212 -13.34 25.58 12.80
C THR E 212 -12.65 26.53 11.82
N ASN E 213 -12.68 26.19 10.52
CA ASN E 213 -12.13 27.08 9.49
C ASN E 213 -12.83 28.43 9.48
N LEU E 214 -14.15 28.44 9.67
CA LEU E 214 -14.88 29.71 9.75
C LEU E 214 -14.43 30.56 10.97
N ILE E 215 -14.34 29.92 12.14
CA ILE E 215 -13.95 30.60 13.36
C ILE E 215 -12.55 31.18 13.17
N ASN E 216 -11.65 30.37 12.59
CA ASN E 216 -10.30 30.83 12.31
C ASN E 216 -10.17 31.95 11.28
N SER E 217 -11.22 32.18 10.47
CA SER E 217 -11.26 33.31 9.53
C SER E 217 -12.06 34.46 10.10
N GLY E 218 -12.29 34.45 11.40
CA GLY E 218 -12.93 35.56 12.08
C GLY E 218 -14.45 35.64 12.02
N PHE E 219 -15.12 34.56 11.61
CA PHE E 219 -16.57 34.46 11.70
C PHE E 219 -16.95 34.28 13.16
N ILE E 220 -18.08 34.84 13.55
CA ILE E 220 -18.68 34.54 14.86
C ILE E 220 -19.83 33.57 14.63
N LEU E 221 -19.66 32.37 15.15
CA LEU E 221 -20.49 31.25 14.78
C LEU E 221 -21.71 31.14 15.68
N GLU E 222 -22.81 30.67 15.11
CA GLU E 222 -24.00 30.42 15.91
C GLU E 222 -24.38 28.95 15.98
N LYS E 223 -24.47 28.28 14.83
CA LYS E 223 -24.73 26.86 14.81
C LYS E 223 -24.38 26.16 13.51
N GLY E 224 -24.35 24.83 13.58
CA GLY E 224 -24.17 23.99 12.42
C GLY E 224 -25.01 22.74 12.60
N HIS E 225 -25.59 22.24 11.50
CA HIS E 225 -26.37 21.02 11.55
C HIS E 225 -26.59 20.40 10.18
N HIS E 226 -26.98 19.12 10.21
CA HIS E 226 -27.45 18.44 9.03
C HIS E 226 -28.80 19.06 8.70
N GLU E 227 -29.11 19.17 7.42
CA GLU E 227 -30.43 19.66 7.02
C GLU E 227 -31.30 18.54 6.50
N VAL E 228 -32.52 18.91 6.12
CA VAL E 228 -33.58 17.95 5.76
C VAL E 228 -33.15 16.93 4.66
N GLY E 229 -32.44 17.41 3.64
CA GLY E 229 -32.15 16.58 2.47
C GLY E 229 -31.23 15.39 2.70
N SER E 230 -31.60 14.26 2.10
CA SER E 230 -30.78 13.07 2.05
C SER E 230 -29.49 13.35 1.28
N GLY E 231 -28.44 12.58 1.53
CA GLY E 231 -27.22 12.76 0.76
C GLY E 231 -26.41 13.98 1.15
N GLY E 232 -26.54 14.37 2.41
CA GLY E 232 -25.59 15.28 3.04
C GLY E 232 -25.94 16.75 3.04
N GLN E 233 -27.21 17.10 3.12
CA GLN E 233 -27.55 18.50 3.18
C GLN E 233 -27.07 19.05 4.52
N ALA E 234 -26.66 20.31 4.53
CA ALA E 234 -26.09 20.91 5.72
C ALA E 234 -26.43 22.40 5.81
N GLU E 235 -26.25 22.96 7.01
CA GLU E 235 -26.41 24.38 7.24
C GLU E 235 -25.48 24.82 8.36
N ILE E 236 -24.79 25.94 8.12
CA ILE E 236 -24.04 26.61 9.15
C ILE E 236 -24.49 28.09 9.23
N ASN E 237 -24.63 28.61 10.45
CA ASN E 237 -25.05 29.98 10.68
C ASN E 237 -23.95 30.74 11.37
N TYR E 238 -23.68 31.94 10.88
CA TYR E 238 -22.77 32.84 11.55
C TYR E 238 -23.51 34.15 11.82
N GLN E 239 -22.96 34.98 12.69
CA GLN E 239 -23.59 36.22 13.13
C GLN E 239 -23.89 37.22 11.99
N PHE E 240 -25.07 37.82 12.07
CA PHE E 240 -25.54 38.82 11.11
C PHE E 240 -24.58 40.02 11.04
N ASN E 241 -24.76 40.85 10.03
CA ASN E 241 -23.95 42.04 9.87
C ASN E 241 -24.69 43.05 9.01
N SER E 242 -24.13 44.24 8.87
CA SER E 242 -24.66 45.20 7.92
C SER E 242 -24.44 44.75 6.46
N LEU E 243 -25.31 45.22 5.56
CA LEU E 243 -25.44 44.74 4.19
C LEU E 243 -24.13 44.34 3.47
N LEU E 244 -23.23 45.30 3.26
CA LEU E 244 -22.00 45.04 2.55
C LEU E 244 -21.15 43.99 3.25
N HIS E 245 -20.93 44.15 4.56
CA HIS E 245 -20.14 43.18 5.33
C HIS E 245 -20.79 41.80 5.26
N ALA E 246 -22.12 41.77 5.27
CA ALA E 246 -22.86 40.51 5.22
C ALA E 246 -22.65 39.81 3.89
N ALA E 247 -22.61 40.58 2.81
CA ALA E 247 -22.41 40.00 1.48
C ALA E 247 -20.95 39.53 1.29
N ASP E 248 -20.00 40.27 1.84
CA ASP E 248 -18.62 39.80 1.87
C ASP E 248 -18.44 38.52 2.69
N ASP E 249 -19.10 38.48 3.86
CA ASP E 249 -19.16 37.27 4.69
C ASP E 249 -19.73 36.07 3.90
N MET E 250 -20.81 36.28 3.14
CA MET E 250 -21.40 35.18 2.38
C MET E 250 -20.44 34.59 1.35
N GLN E 251 -19.78 35.44 0.57
CA GLN E 251 -18.82 35.00 -0.42
C GLN E 251 -17.67 34.21 0.21
N LEU E 252 -17.14 34.71 1.33
CA LEU E 252 -16.07 34.01 2.03
C LEU E 252 -16.55 32.66 2.59
N TYR E 253 -17.74 32.67 3.19
CA TYR E 253 -18.38 31.46 3.70
C TYR E 253 -18.48 30.40 2.61
N LYS E 254 -18.99 30.75 1.43
CA LYS E 254 -19.12 29.76 0.35
C LYS E 254 -17.75 29.18 -0.03
N TYR E 255 -16.74 30.05 -0.10
CA TYR E 255 -15.38 29.64 -0.41
C TYR E 255 -14.82 28.66 0.65
N ILE E 256 -15.07 28.97 1.93
CA ILE E 256 -14.57 28.11 3.02
C ILE E 256 -15.30 26.76 3.05
N ILE E 257 -16.60 26.79 2.86
CA ILE E 257 -17.37 25.54 2.83
C ILE E 257 -16.92 24.64 1.67
N LYS E 258 -16.86 25.21 0.47
CA LYS E 258 -16.48 24.48 -0.74
C LYS E 258 -15.09 23.86 -0.64
N ASN E 259 -14.14 24.63 -0.10
CA ASN E 259 -12.77 24.16 -0.04
C ASN E 259 -12.44 23.25 1.13
N THR E 260 -13.16 23.41 2.25
CA THR E 260 -13.04 22.47 3.34
C THR E 260 -13.53 21.10 2.84
N ALA E 261 -14.66 21.11 2.14
CA ALA E 261 -15.17 19.89 1.56
C ALA E 261 -14.15 19.29 0.58
N TRP E 262 -13.61 20.13 -0.31
CA TRP E 262 -12.68 19.69 -1.32
C TRP E 262 -11.43 19.03 -0.72
N GLN E 263 -10.86 19.67 0.31
CA GLN E 263 -9.64 19.18 0.91
C GLN E 263 -9.86 17.89 1.67
N ASN E 264 -11.12 17.61 2.02
CA ASN E 264 -11.49 16.40 2.68
C ASN E 264 -12.20 15.39 1.77
N GLY E 265 -12.00 15.51 0.47
CA GLY E 265 -12.42 14.47 -0.49
C GLY E 265 -13.88 14.52 -0.88
N LYS E 266 -14.54 15.63 -0.59
CA LYS E 266 -15.95 15.76 -0.91
C LYS E 266 -16.14 16.85 -1.96
N THR E 267 -17.39 17.08 -2.35
CA THR E 267 -17.73 18.14 -3.30
C THR E 267 -19.05 18.79 -2.93
N VAL E 268 -19.01 20.10 -2.68
CA VAL E 268 -20.20 20.82 -2.22
C VAL E 268 -20.89 21.55 -3.36
N THR E 269 -22.24 21.53 -3.36
CA THR E 269 -22.97 22.42 -4.23
C THR E 269 -23.95 23.31 -3.44
N PHE E 270 -24.03 24.57 -3.86
CA PHE E 270 -25.01 25.51 -3.33
C PHE E 270 -26.18 25.66 -4.29
N MET E 271 -26.27 24.82 -5.31
CA MET E 271 -27.37 24.99 -6.24
C MET E 271 -28.72 24.77 -5.55
N PRO E 272 -29.76 25.50 -5.99
CA PRO E 272 -31.05 25.48 -5.31
C PRO E 272 -31.75 24.11 -5.21
N LYS E 273 -31.64 23.28 -6.25
CA LYS E 273 -32.40 22.05 -6.31
C LYS E 273 -31.63 20.92 -7.02
N PRO E 274 -30.60 20.36 -6.36
CA PRO E 274 -29.81 19.31 -7.00
C PRO E 274 -30.48 17.94 -6.96
N LEU E 275 -31.42 17.77 -6.03
CA LEU E 275 -32.16 16.51 -5.88
C LEU E 275 -33.65 16.72 -6.16
N PHE E 276 -34.21 15.82 -6.97
CA PHE E 276 -35.63 15.80 -7.27
C PHE E 276 -36.36 15.01 -6.21
N GLY E 277 -37.40 15.61 -5.62
CA GLY E 277 -38.17 14.92 -4.59
C GLY E 277 -37.53 14.97 -3.21
N ASP E 278 -36.63 15.91 -3.00
CA ASP E 278 -36.09 16.17 -1.65
C ASP E 278 -35.85 17.67 -1.52
N ASN E 279 -35.57 18.15 -0.31
CA ASN E 279 -35.44 19.60 -0.09
C ASN E 279 -34.42 20.27 -1.00
N GLY E 280 -34.76 21.47 -1.46
CA GLY E 280 -33.82 22.35 -2.11
C GLY E 280 -32.99 23.09 -1.06
N SER E 281 -32.08 23.94 -1.53
CA SER E 281 -31.19 24.65 -0.65
C SER E 281 -31.52 26.12 -0.82
N GLY E 282 -31.94 26.76 0.26
CA GLY E 282 -32.31 28.17 0.21
C GLY E 282 -31.24 29.06 0.82
N MET E 283 -31.45 30.37 0.67
CA MET E 283 -30.66 31.37 1.35
C MET E 283 -31.63 32.33 2.06
N HIS E 284 -32.24 31.86 3.14
CA HIS E 284 -33.14 32.70 3.90
C HIS E 284 -32.38 33.93 4.35
N CYS E 285 -33.02 35.09 4.24
CA CYS E 285 -32.40 36.35 4.65
C CYS E 285 -33.24 37.03 5.73
N HIS E 286 -32.74 36.97 6.96
CA HIS E 286 -33.32 37.70 8.08
C HIS E 286 -32.88 39.17 7.98
N GLN E 287 -33.83 40.09 8.06
CA GLN E 287 -33.58 41.50 7.75
C GLN E 287 -34.19 42.41 8.80
N SER E 288 -33.43 43.44 9.18
CA SER E 288 -33.94 44.48 10.07
C SER E 288 -33.28 45.83 9.82
N LEU E 289 -34.03 46.90 10.07
CA LEU E 289 -33.51 48.25 9.97
C LEU E 289 -33.31 48.87 11.35
N TRP E 290 -32.17 49.54 11.50
CA TRP E 290 -31.80 50.19 12.75
C TRP E 290 -31.43 51.65 12.49
N LYS E 291 -31.73 52.52 13.44
CA LYS E 291 -31.35 53.92 13.36
C LYS E 291 -30.79 54.45 14.68
N ASP E 292 -29.58 55.03 14.62
CA ASP E 292 -28.88 55.57 15.79
C ASP E 292 -28.76 54.52 16.91
N GLY E 293 -28.41 53.30 16.53
CA GLY E 293 -28.25 52.20 17.51
C GLY E 293 -29.55 51.64 18.11
N ALA E 294 -30.70 51.99 17.55
CA ALA E 294 -31.98 51.46 18.01
C ALA E 294 -32.73 50.71 16.89
N PRO E 295 -33.41 49.60 17.24
CA PRO E 295 -34.18 48.81 16.27
C PRO E 295 -35.48 49.48 15.86
N LEU E 296 -35.88 49.31 14.59
CA LEU E 296 -37.11 49.91 14.04
C LEU E 296 -38.24 48.93 13.74
N MET E 297 -37.97 47.63 13.86
CA MET E 297 -38.91 46.60 13.40
C MET E 297 -40.01 46.25 14.40
N TYR E 298 -39.84 46.66 15.66
CA TYR E 298 -40.68 46.16 16.74
C TYR E 298 -41.80 47.10 17.18
N ASP E 299 -42.99 46.53 17.32
CA ASP E 299 -44.14 47.18 17.92
C ASP E 299 -44.98 46.10 18.58
N GLU E 300 -45.04 46.14 19.91
CA GLU E 300 -45.73 45.14 20.70
C GLU E 300 -47.21 44.98 20.32
N THR E 301 -47.80 46.01 19.72
CA THR E 301 -49.21 45.99 19.36
C THR E 301 -49.50 45.44 17.93
N GLY E 302 -48.47 45.31 17.11
CA GLY E 302 -48.66 44.80 15.75
C GLY E 302 -48.75 43.28 15.72
N TYR E 303 -49.40 42.76 14.69
CA TYR E 303 -49.33 41.32 14.37
C TYR E 303 -47.87 40.84 14.39
N ALA E 304 -47.59 39.75 15.09
CA ALA E 304 -46.23 39.18 15.24
C ALA E 304 -45.17 40.19 15.73
N GLY E 305 -45.61 41.20 16.48
CA GLY E 305 -44.71 42.16 17.07
C GLY E 305 -44.08 43.13 16.09
N LEU E 306 -44.73 43.36 14.96
CA LEU E 306 -44.15 44.13 13.87
C LEU E 306 -44.61 45.60 13.89
N SER E 307 -43.66 46.52 13.69
CA SER E 307 -43.97 47.92 13.48
C SER E 307 -44.50 48.21 12.09
N ASP E 308 -45.02 49.43 11.90
CA ASP E 308 -45.45 49.88 10.59
C ASP E 308 -44.31 49.84 9.56
N THR E 309 -43.13 50.28 9.98
CA THR E 309 -41.93 50.25 9.17
C THR E 309 -41.63 48.83 8.69
N ALA E 310 -41.64 47.88 9.63
CA ALA E 310 -41.46 46.46 9.31
C ALA E 310 -42.53 45.97 8.33
N ARG E 311 -43.80 46.29 8.61
CA ARG E 311 -44.90 45.81 7.80
C ARG E 311 -44.81 46.36 6.37
N HIS E 312 -44.42 47.62 6.25
CA HIS E 312 -44.28 48.24 4.94
C HIS E 312 -43.09 47.71 4.15
N TYR E 313 -42.01 47.38 4.86
CA TYR E 313 -40.85 46.72 4.26
C TYR E 313 -41.31 45.40 3.65
N ILE E 314 -42.09 44.62 4.40
CA ILE E 314 -42.63 43.35 3.91
C ILE E 314 -43.52 43.62 2.70
N GLY E 315 -44.37 44.65 2.81
CA GLY E 315 -45.22 45.07 1.72
C GLY E 315 -44.44 45.28 0.44
N GLY E 316 -43.26 45.90 0.57
CA GLY E 316 -42.33 46.13 -0.55
C GLY E 316 -41.79 44.84 -1.14
N LEU E 317 -41.28 43.96 -0.28
CA LEU E 317 -40.77 42.65 -0.68
C LEU E 317 -41.80 41.87 -1.48
N LEU E 318 -43.01 41.76 -0.94
CA LEU E 318 -44.06 40.95 -1.54
C LEU E 318 -44.60 41.60 -2.82
N HIS E 319 -44.71 42.93 -2.80
CA HIS E 319 -45.22 43.67 -3.95
C HIS E 319 -44.26 43.60 -5.13
N HIS E 320 -42.95 43.72 -4.85
CA HIS E 320 -41.93 43.74 -5.89
C HIS E 320 -41.41 42.37 -6.28
N ALA E 321 -41.80 41.35 -5.51
CA ALA E 321 -41.34 39.97 -5.72
C ALA E 321 -41.28 39.51 -7.18
N PRO E 322 -42.33 39.79 -8.00
CA PRO E 322 -42.29 39.31 -9.38
C PRO E 322 -41.04 39.74 -10.18
N SER E 323 -40.48 40.90 -9.86
CA SER E 323 -39.23 41.35 -10.50
C SER E 323 -37.99 41.19 -9.62
N LEU E 324 -38.18 41.32 -8.31
CA LEU E 324 -37.11 41.14 -7.32
C LEU E 324 -36.47 39.75 -7.40
N LEU E 325 -37.26 38.73 -7.72
CA LEU E 325 -36.72 37.36 -7.77
C LEU E 325 -35.68 37.22 -8.87
N ALA E 326 -35.66 38.16 -9.82
CA ALA E 326 -34.60 38.16 -10.84
C ALA E 326 -33.20 38.30 -10.22
N PHE E 327 -33.13 38.89 -9.02
CA PHE E 327 -31.86 38.98 -8.29
C PHE E 327 -31.72 38.04 -7.10
N THR E 328 -32.84 37.54 -6.56
CA THR E 328 -32.78 36.72 -5.36
C THR E 328 -32.87 35.23 -5.71
N ASN E 329 -33.47 34.95 -6.89
CA ASN E 329 -33.68 33.61 -7.40
C ASN E 329 -33.30 33.59 -8.88
N PRO E 330 -32.01 33.80 -9.18
CA PRO E 330 -31.62 34.26 -10.51
C PRO E 330 -31.29 33.17 -11.54
N THR E 331 -31.51 31.91 -11.21
CA THR E 331 -31.17 30.82 -12.14
C THR E 331 -32.39 30.03 -12.59
N VAL E 332 -32.25 29.26 -13.67
CA VAL E 332 -33.34 28.36 -14.10
C VAL E 332 -33.63 27.33 -12.97
N ASN E 333 -32.57 26.82 -12.35
CA ASN E 333 -32.72 25.85 -11.27
C ASN E 333 -33.45 26.40 -10.02
N SER E 334 -33.33 27.71 -9.79
CA SER E 334 -34.07 28.37 -8.72
C SER E 334 -35.55 27.96 -8.69
N TYR E 335 -36.17 27.90 -9.87
CA TYR E 335 -37.62 27.67 -9.98
C TYR E 335 -38.05 26.22 -9.79
N LYS E 336 -37.07 25.30 -9.78
CA LYS E 336 -37.28 23.90 -9.37
C LYS E 336 -37.40 23.73 -7.87
N ARG E 337 -36.87 24.69 -7.12
CA ARG E 337 -36.99 24.72 -5.66
C ARG E 337 -38.32 25.32 -5.21
N LEU E 338 -38.83 26.30 -5.96
CA LEU E 338 -40.12 26.95 -5.60
C LEU E 338 -41.34 26.09 -6.00
N VAL E 339 -41.42 24.89 -5.41
CA VAL E 339 -42.50 23.93 -5.64
C VAL E 339 -42.98 23.46 -4.27
N PRO E 340 -44.25 23.00 -4.15
CA PRO E 340 -44.78 22.75 -2.81
C PRO E 340 -44.18 21.55 -2.08
N GLY E 341 -44.15 21.63 -0.75
CA GLY E 341 -43.86 20.46 0.07
C GLY E 341 -42.44 20.33 0.60
N TYR E 342 -41.64 21.40 0.48
CA TYR E 342 -40.19 21.34 0.81
C TYR E 342 -39.66 22.53 1.64
N GLU E 343 -40.58 23.21 2.34
CA GLU E 343 -40.26 24.34 3.18
C GLU E 343 -39.68 25.52 2.40
N ALA E 344 -40.01 25.59 1.11
CA ALA E 344 -39.72 26.75 0.29
C ALA E 344 -41.07 27.39 -0.13
N PRO E 345 -41.09 28.71 -0.43
CA PRO E 345 -42.36 29.39 -0.75
C PRO E 345 -42.95 29.01 -2.12
N ILE E 346 -44.27 28.98 -2.21
CA ILE E 346 -44.98 28.85 -3.47
C ILE E 346 -45.93 30.01 -3.73
N ASN E 347 -46.01 30.94 -2.78
CA ASN E 347 -46.86 32.10 -2.95
C ASN E 347 -46.39 33.29 -2.10
N LEU E 348 -47.02 34.45 -2.30
CA LEU E 348 -46.49 35.70 -1.75
C LEU E 348 -47.21 36.12 -0.47
N VAL E 349 -47.01 35.34 0.59
CA VAL E 349 -47.60 35.68 1.88
C VAL E 349 -46.54 35.76 2.97
N TYR E 350 -46.84 36.55 4.01
CA TYR E 350 -46.08 36.52 5.26
C TYR E 350 -46.93 35.94 6.37
N SER E 351 -46.27 35.35 7.36
CA SER E 351 -46.93 34.63 8.42
C SER E 351 -45.91 34.30 9.50
N GLN E 352 -46.27 34.51 10.77
CA GLN E 352 -45.35 34.17 11.85
C GLN E 352 -45.26 32.67 12.01
N ARG E 353 -44.08 32.19 12.38
CA ARG E 353 -43.85 30.77 12.72
C ARG E 353 -43.99 29.81 11.53
N ASN E 354 -44.17 30.36 10.32
CA ASN E 354 -44.67 29.58 9.18
C ASN E 354 -43.63 29.28 8.09
N ARG E 355 -43.13 28.04 8.07
CA ARG E 355 -42.06 27.66 7.13
C ARG E 355 -42.56 27.32 5.70
N SER E 356 -43.87 27.46 5.48
CA SER E 356 -44.44 27.32 4.14
C SER E 356 -44.62 28.69 3.46
N ALA E 357 -44.34 29.77 4.21
CA ALA E 357 -44.62 31.13 3.75
C ALA E 357 -43.43 31.74 3.01
N CYS E 358 -43.69 32.84 2.31
CA CYS E 358 -42.64 33.57 1.63
C CYS E 358 -41.81 34.40 2.62
N VAL E 359 -42.50 35.07 3.55
CA VAL E 359 -41.85 35.78 4.63
C VAL E 359 -42.36 35.18 5.94
N ARG E 360 -41.43 34.60 6.69
CA ARG E 360 -41.74 34.08 8.02
C ARG E 360 -41.27 35.07 9.08
N ILE E 361 -42.08 35.30 10.11
CA ILE E 361 -41.62 36.06 11.26
C ILE E 361 -41.25 35.05 12.33
N PRO E 362 -39.95 34.89 12.61
CA PRO E 362 -39.55 33.94 13.65
C PRO E 362 -40.08 34.38 15.03
N ILE E 363 -40.28 33.42 15.92
CA ILE E 363 -40.77 33.72 17.26
C ILE E 363 -39.59 34.17 18.15
N THR E 364 -39.59 35.45 18.52
CA THR E 364 -38.44 36.04 19.24
C THR E 364 -38.79 36.67 20.59
N GLY E 365 -40.06 36.68 20.95
CA GLY E 365 -40.50 37.27 22.23
C GLY E 365 -40.55 38.79 22.20
N SER E 366 -40.33 39.40 23.38
CA SER E 366 -40.54 40.85 23.53
C SER E 366 -39.29 41.72 23.32
N ASN E 367 -38.14 41.09 23.14
CA ASN E 367 -36.90 41.82 22.90
C ASN E 367 -36.90 42.49 21.52
N PRO E 368 -36.99 43.84 21.50
CA PRO E 368 -37.08 44.57 20.23
C PRO E 368 -35.87 44.32 19.31
N LYS E 369 -34.70 44.09 19.91
CA LYS E 369 -33.45 43.91 19.16
C LYS E 369 -33.45 42.63 18.31
N ALA E 370 -34.28 41.67 18.68
CA ALA E 370 -34.35 40.39 17.98
C ALA E 370 -35.45 40.37 16.92
N LYS E 371 -36.33 41.36 16.92
CA LYS E 371 -37.44 41.39 15.97
C LYS E 371 -36.97 41.59 14.52
N ARG E 372 -37.36 40.67 13.65
CA ARG E 372 -37.00 40.74 12.23
C ARG E 372 -37.89 39.85 11.35
N LEU E 373 -37.79 40.08 10.04
CA LEU E 373 -38.51 39.28 9.06
C LEU E 373 -37.49 38.31 8.39
N GLU E 374 -37.97 37.10 8.10
CA GLU E 374 -37.21 36.12 7.33
C GLU E 374 -37.78 36.00 5.91
N PHE E 375 -37.02 36.52 4.94
CA PHE E 375 -37.36 36.37 3.55
C PHE E 375 -36.83 35.00 3.06
N ARG E 376 -37.74 34.06 2.81
CA ARG E 376 -37.39 32.63 2.62
C ARG E 376 -37.19 32.30 1.15
N SER E 377 -37.66 33.19 0.29
CA SER E 377 -37.59 33.00 -1.15
C SER E 377 -36.16 32.86 -1.73
N PRO E 378 -35.19 33.73 -1.35
CA PRO E 378 -33.87 33.68 -1.99
C PRO E 378 -33.12 32.36 -1.86
N ASP E 379 -32.25 32.09 -2.84
CA ASP E 379 -31.34 30.96 -2.79
C ASP E 379 -29.89 31.44 -3.04
N SER E 380 -28.93 30.51 -2.98
CA SER E 380 -27.52 30.86 -3.06
C SER E 380 -26.96 30.84 -4.50
N SER E 381 -27.83 30.80 -5.50
CA SER E 381 -27.38 30.59 -6.88
C SER E 381 -26.93 31.87 -7.60
N GLY E 382 -27.06 33.01 -6.93
CA GLY E 382 -26.64 34.26 -7.58
C GLY E 382 -25.54 35.04 -6.87
N ASN E 383 -25.84 36.31 -6.64
CA ASN E 383 -24.88 37.28 -6.19
C ASN E 383 -25.42 37.98 -4.94
N PRO E 384 -24.80 37.72 -3.79
CA PRO E 384 -25.33 38.22 -2.52
C PRO E 384 -25.27 39.74 -2.42
N TYR E 385 -24.31 40.35 -3.12
CA TYR E 385 -24.21 41.81 -3.16
C TYR E 385 -25.44 42.39 -3.83
N LEU E 386 -25.84 41.82 -4.97
CA LEU E 386 -27.02 42.27 -5.70
C LEU E 386 -28.33 41.85 -5.04
N ALA E 387 -28.36 40.62 -4.54
CA ALA E 387 -29.54 40.09 -3.87
C ALA E 387 -29.91 40.93 -2.64
N PHE E 388 -28.94 41.14 -1.74
CA PHE E 388 -29.18 41.93 -0.54
C PHE E 388 -29.58 43.34 -0.91
N SER E 389 -28.86 43.93 -1.88
CA SER E 389 -29.19 45.28 -2.32
C SER E 389 -30.62 45.38 -2.89
N ALA E 390 -30.99 44.44 -3.75
CA ALA E 390 -32.32 44.46 -4.35
C ALA E 390 -33.43 44.32 -3.29
N MET E 391 -33.22 43.45 -2.31
CA MET E 391 -34.17 43.28 -1.21
C MET E 391 -34.37 44.59 -0.45
N LEU E 392 -33.25 45.23 -0.11
CA LEU E 392 -33.28 46.53 0.56
C LEU E 392 -34.06 47.56 -0.24
N MET E 393 -33.77 47.67 -1.54
CA MET E 393 -34.47 48.61 -2.42
C MET E 393 -35.99 48.37 -2.47
N ALA E 394 -36.40 47.10 -2.52
CA ALA E 394 -37.81 46.75 -2.50
C ALA E 394 -38.44 47.14 -1.16
N GLY E 395 -37.75 46.84 -0.07
CA GLY E 395 -38.25 47.15 1.25
C GLY E 395 -38.39 48.65 1.46
N LEU E 396 -37.41 49.41 0.99
CA LEU E 396 -37.44 50.87 1.11
C LEU E 396 -38.54 51.51 0.26
N ASP E 397 -38.77 50.95 -0.91
CA ASP E 397 -39.91 51.37 -1.72
C ASP E 397 -41.23 51.12 -0.99
N GLY E 398 -41.31 50.00 -0.29
CA GLY E 398 -42.46 49.69 0.55
C GLY E 398 -42.68 50.71 1.65
N ILE E 399 -41.60 51.08 2.34
CA ILE E 399 -41.68 52.05 3.43
C ILE E 399 -42.06 53.45 2.91
N LYS E 400 -41.36 53.87 1.85
CA LYS E 400 -41.57 55.17 1.23
C LYS E 400 -42.99 55.34 0.65
N ASN E 401 -43.57 54.28 0.10
CA ASN E 401 -44.92 54.33 -0.46
C ASN E 401 -45.99 53.78 0.48
N LYS E 402 -45.59 53.44 1.70
CA LYS E 402 -46.48 52.79 2.67
C LYS E 402 -47.29 51.65 2.04
N ILE E 403 -46.60 50.71 1.40
CA ILE E 403 -47.26 49.57 0.75
C ILE E 403 -47.71 48.57 1.82
N GLU E 404 -49.02 48.34 1.91
CA GLU E 404 -49.59 47.41 2.88
C GLU E 404 -49.59 46.02 2.28
N PRO E 405 -48.92 45.06 2.96
CA PRO E 405 -49.01 43.67 2.52
C PRO E 405 -50.42 43.14 2.73
N GLN E 406 -50.82 42.16 1.93
CA GLN E 406 -52.09 41.52 2.21
C GLN E 406 -52.00 40.78 3.56
N ALA E 407 -53.15 40.53 4.18
CA ALA E 407 -53.23 39.95 5.52
C ALA E 407 -52.40 38.68 5.61
N PRO E 408 -51.76 38.44 6.77
CA PRO E 408 -51.00 37.22 6.97
C PRO E 408 -51.90 35.97 6.89
N VAL E 409 -51.36 34.87 6.38
CA VAL E 409 -52.13 33.63 6.31
C VAL E 409 -51.44 32.54 7.14
N ASP E 410 -52.01 32.27 8.33
CA ASP E 410 -51.41 31.35 9.31
C ASP E 410 -51.87 29.89 9.07
N LYS E 411 -51.58 29.38 7.88
CA LYS E 411 -51.95 28.02 7.45
C LYS E 411 -50.82 27.31 6.71
N ASP E 412 -50.93 25.99 6.60
CA ASP E 412 -50.03 25.20 5.78
C ASP E 412 -50.32 25.48 4.30
N LEU E 413 -49.53 26.36 3.72
CA LEU E 413 -49.76 26.81 2.34
C LEU E 413 -49.66 25.72 1.25
N TYR E 414 -49.09 24.56 1.57
CA TYR E 414 -49.01 23.48 0.60
C TYR E 414 -50.27 22.63 0.60
N GLU E 415 -51.07 22.72 1.66
CA GLU E 415 -52.21 21.82 1.79
C GLU E 415 -53.51 22.48 1.36
N LEU E 416 -53.42 23.69 0.81
CA LEU E 416 -54.62 24.41 0.39
C LEU E 416 -55.28 23.76 -0.83
N PRO E 417 -56.60 23.51 -0.77
CA PRO E 417 -57.28 23.04 -1.98
C PRO E 417 -57.03 24.06 -3.12
N PRO E 418 -56.88 23.57 -4.38
CA PRO E 418 -56.51 24.41 -5.56
C PRO E 418 -57.29 25.75 -5.78
N GLU E 419 -58.60 25.78 -5.49
CA GLU E 419 -59.44 27.00 -5.67
C GLU E 419 -59.06 28.10 -4.68
N GLU E 420 -58.64 27.68 -3.48
CA GLU E 420 -58.22 28.59 -2.41
C GLU E 420 -56.79 29.08 -2.64
N ALA E 421 -55.90 28.18 -3.05
CA ALA E 421 -54.53 28.52 -3.46
C ALA E 421 -54.49 29.60 -4.54
N ALA E 422 -55.43 29.52 -5.49
CA ALA E 422 -55.48 30.47 -6.60
C ALA E 422 -55.85 31.92 -6.19
N SER E 423 -56.33 32.11 -4.95
CA SER E 423 -56.80 33.42 -4.49
C SER E 423 -55.72 34.31 -3.82
N ILE E 424 -54.50 33.80 -3.76
CA ILE E 424 -53.29 34.45 -3.23
C ILE E 424 -52.28 34.48 -4.39
N PRO E 425 -51.54 35.61 -4.56
CA PRO E 425 -50.57 35.67 -5.65
C PRO E 425 -49.47 34.61 -5.48
N GLN E 426 -49.18 33.92 -6.57
CA GLN E 426 -48.20 32.86 -6.59
C GLN E 426 -46.80 33.44 -6.81
N THR E 427 -45.79 32.68 -6.39
CA THR E 427 -44.42 32.92 -6.83
C THR E 427 -44.39 32.63 -8.34
N PRO E 428 -43.46 33.30 -9.06
CA PRO E 428 -43.25 33.05 -10.49
C PRO E 428 -42.82 31.59 -10.76
N THR E 429 -43.21 31.07 -11.92
CA THR E 429 -43.02 29.68 -12.31
C THR E 429 -41.60 29.43 -12.84
N GLN E 430 -41.01 30.44 -13.47
CA GLN E 430 -39.77 30.27 -14.22
C GLN E 430 -39.00 31.57 -14.36
N LEU E 431 -37.70 31.44 -14.60
CA LEU E 431 -36.79 32.56 -14.68
C LEU E 431 -37.19 33.57 -15.74
N SER E 432 -37.65 33.11 -16.89
CA SER E 432 -37.93 34.01 -18.01
C SER E 432 -39.01 35.02 -17.64
N ASP E 433 -39.95 34.58 -16.79
CA ASP E 433 -41.04 35.45 -16.31
C ASP E 433 -40.52 36.57 -15.43
N VAL E 434 -39.63 36.26 -14.49
CA VAL E 434 -39.09 37.31 -13.60
C VAL E 434 -38.14 38.25 -14.34
N ILE E 435 -37.44 37.71 -15.34
CA ILE E 435 -36.57 38.54 -16.17
C ILE E 435 -37.40 39.50 -17.02
N ASP E 436 -38.48 39.00 -17.61
CA ASP E 436 -39.45 39.82 -18.34
C ASP E 436 -40.01 40.93 -17.47
N ARG E 437 -40.42 40.56 -16.26
CA ARG E 437 -40.99 41.52 -15.31
C ARG E 437 -39.96 42.56 -14.85
N LEU E 438 -38.69 42.13 -14.65
CA LEU E 438 -37.62 43.06 -14.27
C LEU E 438 -37.42 44.11 -15.34
N GLU E 439 -37.44 43.67 -16.59
CA GLU E 439 -37.30 44.53 -17.75
C GLU E 439 -38.43 45.57 -17.83
N ALA E 440 -39.65 45.16 -17.50
CA ALA E 440 -40.84 46.00 -17.55
C ALA E 440 -40.91 46.96 -16.37
N ASP E 441 -40.44 46.52 -15.21
CA ASP E 441 -40.62 47.32 -14.01
C ASP E 441 -39.44 47.20 -13.05
N HIS E 442 -38.56 48.20 -13.06
CA HIS E 442 -37.37 48.15 -12.21
C HIS E 442 -37.01 49.51 -11.60
N GLU E 443 -37.97 50.42 -11.58
CA GLU E 443 -37.71 51.80 -11.09
C GLU E 443 -37.26 51.86 -9.63
N TYR E 444 -37.84 51.03 -8.77
CA TYR E 444 -37.44 50.94 -7.36
C TYR E 444 -35.95 50.60 -7.16
N LEU E 445 -35.37 49.87 -8.12
CA LEU E 445 -33.96 49.50 -8.05
C LEU E 445 -33.05 50.66 -8.48
N THR E 446 -33.53 51.48 -9.42
CA THR E 446 -32.75 52.61 -9.91
C THR E 446 -32.82 53.86 -9.03
N GLU E 447 -33.66 53.86 -7.99
CA GLU E 447 -33.72 54.97 -7.04
C GLU E 447 -32.32 55.25 -6.49
N GLY E 448 -31.95 56.53 -6.51
CA GLY E 448 -30.66 56.98 -6.00
C GLY E 448 -29.47 56.45 -6.80
N GLY E 449 -29.73 55.91 -7.99
CA GLY E 449 -28.67 55.36 -8.83
C GLY E 449 -27.99 54.12 -8.23
N VAL E 450 -28.67 53.45 -7.29
CA VAL E 450 -28.14 52.24 -6.65
C VAL E 450 -27.93 51.14 -7.68
N PHE E 451 -28.98 50.77 -8.42
CA PHE E 451 -28.83 50.01 -9.66
C PHE E 451 -28.92 50.99 -10.82
N THR E 452 -28.13 50.77 -11.86
CA THR E 452 -28.23 51.59 -13.06
C THR E 452 -28.77 50.75 -14.21
N ASN E 453 -29.29 51.42 -15.25
CA ASN E 453 -29.88 50.75 -16.40
C ASN E 453 -28.92 49.82 -17.13
N ASP E 454 -27.64 50.21 -17.18
CA ASP E 454 -26.64 49.37 -17.82
C ASP E 454 -26.46 48.04 -17.08
N LEU E 455 -26.47 48.07 -15.76
CA LEU E 455 -26.40 46.84 -14.97
C LEU E 455 -27.64 45.97 -15.24
N ILE E 456 -28.82 46.58 -15.17
CA ILE E 456 -30.08 45.87 -15.32
C ILE E 456 -30.19 45.22 -16.72
N GLU E 457 -29.85 45.99 -17.75
CA GLU E 457 -29.85 45.49 -19.13
C GLU E 457 -28.82 44.40 -19.37
N THR E 458 -27.64 44.52 -18.78
CA THR E 458 -26.62 43.47 -18.88
C THR E 458 -27.10 42.19 -18.21
N TRP E 459 -27.72 42.34 -17.04
CA TRP E 459 -28.25 41.20 -16.29
C TRP E 459 -29.31 40.46 -17.10
N ILE E 460 -30.27 41.21 -17.63
CA ILE E 460 -31.36 40.65 -18.40
C ILE E 460 -30.79 39.91 -19.60
N SER E 461 -29.87 40.58 -20.27
CA SER E 461 -29.26 40.04 -21.48
C SER E 461 -28.44 38.78 -21.22
N PHE E 462 -27.65 38.82 -20.14
CA PHE E 462 -26.87 37.67 -19.73
C PHE E 462 -27.75 36.44 -19.45
N LYS E 463 -28.84 36.63 -18.71
CA LYS E 463 -29.71 35.52 -18.31
C LYS E 463 -30.46 34.88 -19.49
N ARG E 464 -30.84 35.71 -20.46
CA ARG E 464 -31.57 35.23 -21.62
C ARG E 464 -30.64 34.43 -22.52
N GLU E 465 -29.46 34.97 -22.79
CA GLU E 465 -28.56 34.36 -23.75
C GLU E 465 -27.76 33.18 -23.24
N ASN E 466 -27.40 33.21 -21.95
CA ASN E 466 -26.53 32.18 -21.34
C ASN E 466 -27.26 31.13 -20.52
N GLU E 467 -28.52 31.39 -20.16
CA GLU E 467 -29.22 30.50 -19.25
C GLU E 467 -30.60 30.06 -19.77
N ILE E 468 -31.52 31.01 -19.92
CA ILE E 468 -32.89 30.72 -20.34
C ILE E 468 -32.92 30.01 -21.71
N GLU E 469 -32.32 30.61 -22.72
CA GLU E 469 -32.35 30.06 -24.07
C GLU E 469 -31.62 28.70 -24.18
N PRO E 470 -30.39 28.60 -23.63
CA PRO E 470 -29.68 27.33 -23.72
C PRO E 470 -30.42 26.15 -23.08
N VAL E 471 -31.13 26.38 -21.97
CA VAL E 471 -31.96 25.34 -21.36
C VAL E 471 -33.22 25.04 -22.19
N ASN E 472 -33.89 26.08 -22.67
CA ASN E 472 -35.10 25.91 -23.50
C ASN E 472 -34.92 25.14 -24.79
N ILE E 473 -33.76 25.22 -25.41
CA ILE E 473 -33.57 24.56 -26.69
C ILE E 473 -33.11 23.11 -26.56
N ARG E 474 -32.75 22.70 -25.34
CA ARG E 474 -32.20 21.35 -25.10
C ARG E 474 -33.27 20.41 -24.57
N PRO E 475 -33.52 19.31 -25.29
CA PRO E 475 -34.49 18.33 -24.81
C PRO E 475 -34.20 17.80 -23.40
N HIS E 476 -35.25 17.70 -22.60
CA HIS E 476 -35.18 17.22 -21.22
C HIS E 476 -35.31 15.69 -21.25
N PRO E 477 -34.55 14.95 -20.41
CA PRO E 477 -34.67 13.49 -20.37
C PRO E 477 -36.09 12.98 -20.11
N TYR E 478 -36.87 13.71 -19.32
CA TYR E 478 -38.22 13.28 -19.03
C TYR E 478 -39.18 13.42 -20.24
N GLU E 479 -38.77 14.21 -21.23
CA GLU E 479 -39.51 14.30 -22.49
C GLU E 479 -39.44 12.98 -23.25
N PHE E 480 -38.35 12.25 -23.07
CA PHE E 480 -38.19 10.94 -23.68
C PHE E 480 -39.08 9.93 -22.97
N ALA E 481 -39.16 10.06 -21.65
CA ALA E 481 -40.07 9.25 -20.87
C ALA E 481 -41.52 9.50 -21.32
N LEU E 482 -41.85 10.76 -21.58
CA LEU E 482 -43.21 11.11 -22.00
C LEU E 482 -43.53 10.83 -23.46
N TYR E 483 -42.56 11.04 -24.35
CA TYR E 483 -42.88 11.20 -25.77
C TYR E 483 -42.18 10.31 -26.79
N TYR E 484 -41.19 9.49 -26.39
CA TYR E 484 -40.50 8.68 -27.38
C TYR E 484 -41.49 7.88 -28.26
N ASP E 485 -42.51 7.33 -27.64
CA ASP E 485 -43.47 6.46 -28.31
C ASP E 485 -44.75 7.18 -28.81
N VAL E 486 -44.71 8.50 -28.99
CA VAL E 486 -45.90 9.22 -29.51
C VAL E 486 -46.31 8.76 -30.92
N LYS F 12 27.85 40.72 -12.27
CA LYS F 12 28.64 39.62 -11.64
C LYS F 12 29.95 39.39 -12.38
N THR F 13 30.95 38.89 -11.66
CA THR F 13 32.30 38.61 -12.20
C THR F 13 32.62 37.11 -12.04
N PRO F 14 33.72 36.63 -12.67
CA PRO F 14 34.15 35.25 -12.43
C PRO F 14 34.27 34.88 -10.95
N ASP F 15 34.92 35.73 -10.15
CA ASP F 15 35.09 35.49 -8.71
C ASP F 15 33.77 35.44 -7.92
N ASP F 16 32.79 36.26 -8.30
CA ASP F 16 31.43 36.19 -7.72
C ASP F 16 30.81 34.80 -7.87
N VAL F 17 31.01 34.20 -9.05
CA VAL F 17 30.46 32.88 -9.35
C VAL F 17 31.20 31.78 -8.59
N PHE F 18 32.52 31.89 -8.50
CA PHE F 18 33.31 30.95 -7.69
C PHE F 18 32.93 31.00 -6.21
N LYS F 19 32.73 32.20 -5.69
CA LYS F 19 32.28 32.39 -4.31
C LYS F 19 30.90 31.78 -4.08
N LEU F 20 29.98 32.02 -5.01
CA LEU F 20 28.63 31.47 -4.93
C LEU F 20 28.65 29.94 -4.92
N ALA F 21 29.44 29.35 -5.82
CA ALA F 21 29.60 27.90 -5.91
C ALA F 21 30.17 27.28 -4.62
N LYS F 22 31.13 27.97 -4.02
CA LYS F 22 31.75 27.52 -2.79
C LYS F 22 30.81 27.70 -1.59
N ASP F 23 30.15 28.86 -1.48
CA ASP F 23 29.20 29.13 -0.39
C ASP F 23 27.98 28.21 -0.40
N GLU F 24 27.51 27.86 -1.60
CA GLU F 24 26.34 26.99 -1.74
C GLU F 24 26.70 25.51 -1.70
N LYS F 25 27.98 25.21 -1.51
CA LYS F 25 28.50 23.83 -1.49
C LYS F 25 28.01 23.01 -2.69
N VAL F 26 28.16 23.63 -3.87
CA VAL F 26 27.72 23.07 -5.14
C VAL F 26 28.54 21.82 -5.51
N GLU F 27 27.84 20.76 -5.90
CA GLU F 27 28.48 19.53 -6.36
C GLU F 27 28.72 19.53 -7.87
N TYR F 28 27.79 20.13 -8.63
CA TYR F 28 27.87 20.13 -10.10
C TYR F 28 27.56 21.49 -10.70
N VAL F 29 28.21 21.76 -11.82
CA VAL F 29 27.89 22.94 -12.62
C VAL F 29 27.28 22.47 -13.93
N ASP F 30 26.11 23.02 -14.24
CA ASP F 30 25.40 22.72 -15.49
C ASP F 30 25.67 23.82 -16.52
N VAL F 31 26.33 23.43 -17.61
CA VAL F 31 26.76 24.33 -18.67
C VAL F 31 25.68 24.40 -19.73
N ARG F 32 25.09 25.59 -19.92
CA ARG F 32 23.91 25.75 -20.77
C ARG F 32 24.13 26.72 -21.93
N PHE F 33 23.49 26.44 -23.04
CA PHE F 33 23.50 27.34 -24.20
C PHE F 33 22.25 27.08 -25.03
N CYS F 34 21.96 27.97 -25.97
CA CYS F 34 20.71 27.91 -26.72
C CYS F 34 20.90 27.37 -28.13
N ASP F 35 20.13 26.37 -28.52
CA ASP F 35 20.14 25.95 -29.94
C ASP F 35 19.37 26.99 -30.77
N LEU F 36 19.42 26.87 -32.09
CA LEU F 36 18.81 27.86 -32.95
C LEU F 36 17.28 27.97 -32.81
N PRO F 37 16.55 26.82 -32.84
CA PRO F 37 15.09 26.90 -32.69
C PRO F 37 14.62 27.48 -31.33
N GLY F 38 15.42 27.30 -30.28
CA GLY F 38 15.14 27.96 -29.00
C GLY F 38 15.04 27.08 -27.76
N ILE F 39 15.58 25.86 -27.84
CA ILE F 39 15.63 24.96 -26.70
C ILE F 39 17.00 25.04 -26.04
N MET F 40 17.06 25.17 -24.71
CA MET F 40 18.34 25.13 -23.99
C MET F 40 18.97 23.74 -23.98
N GLN F 41 20.29 23.73 -24.15
CA GLN F 41 21.09 22.52 -24.22
C GLN F 41 21.99 22.52 -23.02
N HIS F 42 22.44 21.34 -22.59
CA HIS F 42 23.26 21.29 -21.37
C HIS F 42 24.16 20.05 -21.26
N PHE F 43 25.26 20.22 -20.56
CA PHE F 43 25.98 19.09 -20.00
C PHE F 43 26.46 19.50 -18.63
N THR F 44 26.90 18.52 -17.85
CA THR F 44 27.26 18.73 -16.46
C THR F 44 28.78 18.46 -16.29
N ILE F 45 29.43 19.33 -15.52
CA ILE F 45 30.79 19.10 -15.05
C ILE F 45 30.81 19.10 -13.54
N PRO F 46 31.73 18.34 -12.92
CA PRO F 46 31.84 18.41 -11.45
C PRO F 46 32.31 19.79 -10.99
N ALA F 47 31.96 20.16 -9.75
CA ALA F 47 32.44 21.42 -9.15
C ALA F 47 33.97 21.50 -9.20
N SER F 48 34.63 20.37 -8.94
CA SER F 48 36.08 20.28 -9.00
C SER F 48 36.70 20.57 -10.39
N ALA F 49 35.90 20.57 -11.45
CA ALA F 49 36.37 20.92 -12.79
C ALA F 49 35.98 22.36 -13.17
N PHE F 50 35.29 23.04 -12.27
CA PHE F 50 34.87 24.40 -12.52
C PHE F 50 35.90 25.39 -11.98
N ASP F 51 36.82 25.82 -12.85
CA ASP F 51 37.97 26.63 -12.45
C ASP F 51 38.19 27.77 -13.44
N LYS F 52 39.28 28.52 -13.25
CA LYS F 52 39.63 29.63 -14.13
C LYS F 52 39.72 29.23 -15.61
N SER F 53 40.21 28.02 -15.87
CA SER F 53 40.33 27.47 -17.20
C SER F 53 39.00 27.49 -17.99
N VAL F 54 37.88 27.25 -17.30
CA VAL F 54 36.54 27.33 -17.90
C VAL F 54 36.29 28.73 -18.46
N PHE F 55 36.79 29.76 -17.76
CA PHE F 55 36.71 31.14 -18.25
C PHE F 55 37.76 31.51 -19.31
N ASP F 56 38.98 31.02 -19.16
CA ASP F 56 40.07 31.35 -20.08
C ASP F 56 40.04 30.55 -21.38
N ASP F 57 39.84 29.24 -21.27
CA ASP F 57 39.93 28.33 -22.43
C ASP F 57 38.57 27.89 -22.96
N GLY F 58 37.56 27.87 -22.08
CA GLY F 58 36.22 27.47 -22.47
C GLY F 58 36.02 25.96 -22.47
N LEU F 59 34.89 25.52 -23.02
CA LEU F 59 34.57 24.08 -23.05
C LEU F 59 34.06 23.71 -24.43
N ALA F 60 34.33 22.48 -24.84
CA ALA F 60 33.94 22.02 -26.16
C ALA F 60 32.62 21.25 -26.17
N PHE F 61 31.99 21.21 -27.34
CA PHE F 61 30.83 20.35 -27.59
C PHE F 61 30.74 20.02 -29.07
N ASP F 62 29.77 19.16 -29.43
CA ASP F 62 29.56 18.73 -30.79
C ASP F 62 28.51 19.62 -31.45
N GLY F 63 28.99 20.63 -32.18
CA GLY F 63 28.12 21.54 -32.94
C GLY F 63 27.26 20.87 -34.01
N SER F 64 27.63 19.68 -34.45
CA SER F 64 26.84 18.98 -35.48
C SER F 64 25.57 18.30 -34.93
N SER F 65 25.51 18.08 -33.63
CA SER F 65 24.31 17.50 -33.03
C SER F 65 23.29 18.57 -32.57
N ILE F 66 23.66 19.83 -32.70
CA ILE F 66 22.80 20.92 -32.28
C ILE F 66 22.11 21.53 -33.49
N ARG F 67 20.80 21.69 -33.39
CA ARG F 67 19.98 22.18 -34.51
C ARG F 67 20.35 23.60 -34.95
N GLY F 68 20.63 23.75 -36.25
CA GLY F 68 20.97 25.04 -36.85
C GLY F 68 22.43 25.45 -36.65
N PHE F 69 23.27 24.53 -36.15
CA PHE F 69 24.66 24.87 -35.89
C PHE F 69 25.56 24.35 -37.00
N GLN F 70 26.44 23.40 -36.70
CA GLN F 70 27.49 22.96 -37.63
C GLN F 70 27.16 21.70 -38.42
N SER F 71 27.90 21.51 -39.52
CA SER F 71 27.92 20.23 -40.22
C SER F 71 28.92 19.32 -39.53
N ILE F 72 28.85 18.02 -39.81
CA ILE F 72 29.61 17.01 -39.07
C ILE F 72 31.14 17.14 -39.23
N HIS F 73 31.59 17.60 -40.39
CA HIS F 73 33.02 17.73 -40.64
C HIS F 73 33.62 19.01 -40.05
N GLU F 74 32.75 19.91 -39.57
CA GLU F 74 33.18 21.11 -38.86
C GLU F 74 32.55 21.18 -37.48
N SER F 75 32.51 20.03 -36.82
CA SER F 75 31.68 19.82 -35.64
C SER F 75 32.11 20.59 -34.36
N ASP F 76 33.39 20.50 -33.97
CA ASP F 76 33.85 21.09 -32.71
C ASP F 76 33.45 22.56 -32.58
N MET F 77 32.83 22.91 -31.45
CA MET F 77 32.54 24.30 -31.14
C MET F 77 32.95 24.59 -29.69
N LEU F 78 33.05 25.88 -29.35
CA LEU F 78 33.54 26.29 -28.05
C LEU F 78 32.50 27.07 -27.28
N LEU F 79 32.56 26.98 -25.95
CA LEU F 79 31.65 27.70 -25.07
C LEU F 79 32.41 28.56 -24.06
N LEU F 80 31.98 29.81 -23.90
CA LEU F 80 32.54 30.69 -22.90
C LEU F 80 31.46 31.21 -21.97
N PRO F 81 31.72 31.20 -20.65
CA PRO F 81 30.68 31.46 -19.64
C PRO F 81 30.18 32.90 -19.59
N ASP F 82 28.93 33.05 -19.18
CA ASP F 82 28.35 34.36 -18.89
C ASP F 82 27.97 34.38 -17.41
N PRO F 83 28.87 34.92 -16.55
CA PRO F 83 28.72 34.93 -15.09
C PRO F 83 27.41 35.58 -14.57
N GLU F 84 26.83 36.49 -15.33
CA GLU F 84 25.57 37.12 -14.92
C GLU F 84 24.41 36.13 -14.83
N THR F 85 24.50 35.02 -15.56
CA THR F 85 23.41 34.07 -15.64
C THR F 85 23.45 32.97 -14.57
N ALA F 86 24.46 32.99 -13.70
CA ALA F 86 24.64 31.92 -12.70
C ALA F 86 23.48 31.87 -11.69
N ARG F 87 22.83 30.71 -11.60
CA ARG F 87 21.72 30.48 -10.65
C ARG F 87 21.79 29.06 -10.07
N ILE F 88 21.40 28.90 -8.82
CA ILE F 88 21.25 27.56 -8.24
C ILE F 88 20.03 26.88 -8.84
N ASP F 89 20.20 25.61 -9.22
CA ASP F 89 19.09 24.81 -9.75
C ASP F 89 18.16 24.33 -8.62
N PRO F 90 16.85 24.64 -8.73
CA PRO F 90 15.90 24.29 -7.66
C PRO F 90 15.53 22.81 -7.62
N PHE F 91 15.92 22.05 -8.65
CA PHE F 91 15.36 20.70 -8.85
C PHE F 91 16.28 19.54 -8.53
N ARG F 92 17.57 19.68 -8.81
CA ARG F 92 18.47 18.54 -8.70
C ARG F 92 18.88 18.23 -7.26
N ALA F 93 18.76 16.95 -6.90
CA ALA F 93 19.06 16.49 -5.55
C ALA F 93 20.52 16.75 -5.21
N ALA F 94 21.41 16.55 -6.19
CA ALA F 94 22.80 16.95 -6.04
C ALA F 94 22.89 18.44 -6.37
N LYS F 95 23.36 19.25 -5.41
CA LYS F 95 23.38 20.71 -5.54
C LYS F 95 24.09 21.16 -6.83
N THR F 96 23.38 21.95 -7.64
CA THR F 96 23.83 22.28 -8.97
C THR F 96 23.71 23.77 -9.27
N LEU F 97 24.77 24.30 -9.87
CA LEU F 97 24.80 25.66 -10.33
C LEU F 97 24.67 25.70 -11.86
N ASN F 98 23.62 26.38 -12.35
CA ASN F 98 23.38 26.56 -13.78
C ASN F 98 24.03 27.85 -14.24
N ILE F 99 24.73 27.80 -15.37
CA ILE F 99 25.34 28.97 -16.00
C ILE F 99 25.11 28.88 -17.50
N ASN F 100 24.69 29.99 -18.09
CA ASN F 100 24.58 30.12 -19.55
C ASN F 100 25.91 30.51 -20.18
N PHE F 101 26.18 29.96 -21.37
CA PHE F 101 27.40 30.25 -22.09
C PHE F 101 27.08 30.89 -23.44
N PHE F 102 28.10 31.58 -23.99
CA PHE F 102 28.10 31.99 -25.41
C PHE F 102 28.87 30.97 -26.23
N VAL F 103 28.44 30.77 -27.48
CA VAL F 103 29.09 29.85 -28.39
C VAL F 103 30.12 30.62 -29.20
N HIS F 104 31.32 30.06 -29.34
CA HIS F 104 32.42 30.71 -30.06
C HIS F 104 33.10 29.76 -31.03
N ASP F 105 33.65 30.32 -32.11
CA ASP F 105 34.51 29.58 -33.03
C ASP F 105 35.73 29.04 -32.27
N PRO F 106 36.07 27.76 -32.46
CA PRO F 106 37.15 27.18 -31.67
C PRO F 106 38.56 27.57 -32.15
N PHE F 107 38.69 28.05 -33.39
CA PHE F 107 39.98 28.54 -33.90
C PHE F 107 40.23 30.00 -33.54
N THR F 108 39.29 30.87 -33.92
CA THR F 108 39.47 32.33 -33.80
C THR F 108 38.93 32.90 -32.49
N LEU F 109 38.12 32.10 -31.79
CA LEU F 109 37.38 32.53 -30.59
C LEU F 109 36.39 33.68 -30.87
N GLU F 110 36.09 33.90 -32.14
CA GLU F 110 35.02 34.84 -32.52
C GLU F 110 33.66 34.32 -32.06
N PRO F 111 32.76 35.23 -31.63
CA PRO F 111 31.38 34.84 -31.33
C PRO F 111 30.71 34.22 -32.54
N TYR F 112 29.95 33.15 -32.31
CA TYR F 112 29.28 32.39 -33.37
C TYR F 112 28.12 33.19 -33.94
N SER F 113 27.99 33.17 -35.26
CA SER F 113 26.96 33.94 -35.95
C SER F 113 25.58 33.33 -35.76
N ARG F 114 25.53 32.06 -35.35
CA ARG F 114 24.24 31.40 -35.13
C ARG F 114 23.97 31.07 -33.66
N ASP F 115 24.69 31.73 -32.76
CA ASP F 115 24.39 31.68 -31.35
C ASP F 115 23.30 32.71 -31.06
N PRO F 116 22.10 32.25 -30.65
CA PRO F 116 20.99 33.18 -30.33
C PRO F 116 21.36 34.19 -29.26
N ARG F 117 22.12 33.75 -28.26
CA ARG F 117 22.58 34.68 -27.21
C ARG F 117 23.49 35.78 -27.78
N ASN F 118 24.29 35.45 -28.81
CA ASN F 118 25.10 36.43 -29.52
C ASN F 118 24.26 37.46 -30.27
N ILE F 119 23.15 37.01 -30.88
CA ILE F 119 22.28 37.90 -31.64
C ILE F 119 21.70 38.97 -30.68
N ALA F 120 21.26 38.52 -29.51
CA ALA F 120 20.74 39.42 -28.52
C ALA F 120 21.81 40.41 -28.06
N ARG F 121 23.04 39.94 -27.91
CA ARG F 121 24.20 40.79 -27.58
C ARG F 121 24.38 41.85 -28.67
N LYS F 122 24.40 41.40 -29.93
CA LYS F 122 24.57 42.29 -31.06
C LYS F 122 23.45 43.33 -31.17
N ALA F 123 22.21 42.91 -30.91
CA ALA F 123 21.07 43.82 -30.95
C ALA F 123 21.22 44.94 -29.95
N GLU F 124 21.66 44.60 -28.75
CA GLU F 124 21.83 45.59 -27.71
C GLU F 124 22.89 46.62 -28.08
N ASN F 125 23.99 46.15 -28.66
CA ASN F 125 25.07 47.04 -29.11
C ASN F 125 24.70 47.91 -30.27
N TYR F 126 24.02 47.33 -31.27
CA TYR F 126 23.48 48.11 -32.37
C TYR F 126 22.55 49.24 -31.90
N LEU F 127 21.64 48.95 -30.97
CA LEU F 127 20.76 49.99 -30.41
C LEU F 127 21.59 51.19 -29.92
N ILE F 128 22.59 50.93 -29.09
CA ILE F 128 23.46 51.99 -28.56
C ILE F 128 24.10 52.77 -29.71
N SER F 129 24.64 52.06 -30.70
CA SER F 129 25.30 52.70 -31.85
C SER F 129 24.41 53.60 -32.73
N THR F 130 23.08 53.44 -32.66
CA THR F 130 22.18 54.31 -33.44
C THR F 130 21.97 55.67 -32.76
N GLY F 131 22.32 55.75 -31.48
CA GLY F 131 22.05 56.95 -30.69
C GLY F 131 20.58 57.19 -30.38
N ILE F 132 19.70 56.30 -30.82
CA ILE F 132 18.26 56.44 -30.58
C ILE F 132 17.93 56.23 -29.09
N ALA F 133 18.59 55.24 -28.48
CA ALA F 133 18.40 54.92 -27.06
C ALA F 133 19.58 54.11 -26.64
N ASP F 134 19.71 53.85 -25.34
CA ASP F 134 20.75 52.95 -24.88
C ASP F 134 20.20 51.62 -24.33
N THR F 135 18.91 51.57 -24.02
CA THR F 135 18.27 50.41 -23.41
C THR F 135 16.90 50.10 -24.02
N ALA F 136 16.71 48.83 -24.38
CA ALA F 136 15.40 48.32 -24.76
C ALA F 136 14.88 47.36 -23.67
N TYR F 137 13.80 47.75 -23.00
CA TYR F 137 13.20 46.91 -21.97
C TYR F 137 12.08 46.04 -22.52
N PHE F 138 12.12 44.76 -22.14
CA PHE F 138 11.12 43.76 -22.52
C PHE F 138 10.45 43.16 -21.28
N GLY F 139 9.12 43.28 -21.23
CA GLY F 139 8.29 42.58 -20.27
C GLY F 139 7.49 41.53 -21.03
N ALA F 140 7.56 40.29 -20.60
CA ALA F 140 6.91 39.21 -21.33
C ALA F 140 5.83 38.50 -20.51
N GLU F 141 4.83 37.99 -21.21
CA GLU F 141 3.80 37.19 -20.59
C GLU F 141 3.73 35.86 -21.31
N ALA F 142 4.48 34.87 -20.79
CA ALA F 142 4.47 33.56 -21.41
C ALA F 142 3.41 32.69 -20.75
N GLU F 143 2.26 32.54 -21.42
CA GLU F 143 1.19 31.70 -20.95
C GLU F 143 1.54 30.24 -21.23
N PHE F 144 0.95 29.32 -20.45
CA PHE F 144 1.18 27.87 -20.65
C PHE F 144 -0.03 27.07 -20.16
N TYR F 145 -0.07 25.79 -20.54
CA TYR F 145 -1.10 24.88 -20.03
C TYR F 145 -0.46 23.86 -19.13
N ILE F 146 -1.12 23.62 -17.98
CA ILE F 146 -0.70 22.56 -17.05
C ILE F 146 -1.59 21.35 -17.33
N PHE F 147 -1.09 20.43 -18.15
CA PHE F 147 -1.84 19.21 -18.48
C PHE F 147 -1.49 18.06 -17.53
N ASP F 148 -2.31 17.00 -17.57
CA ASP F 148 -2.01 15.73 -16.88
C ASP F 148 -1.29 14.72 -17.79
N SER F 149 -1.61 14.76 -19.08
CA SER F 149 -1.04 13.79 -20.02
C SER F 149 -1.09 14.28 -21.44
N VAL F 150 -0.31 13.62 -22.29
CA VAL F 150 -0.32 13.87 -23.71
C VAL F 150 0.20 12.60 -24.41
N SER F 151 -0.42 12.27 -25.54
CA SER F 151 0.15 11.26 -26.41
C SER F 151 -0.26 11.56 -27.85
N PHE F 152 0.49 11.00 -28.79
CA PHE F 152 0.34 11.32 -30.19
C PHE F 152 1.18 10.34 -30.99
N ASP F 153 0.82 10.11 -32.25
CA ASP F 153 1.69 9.39 -33.17
C ASP F 153 1.25 9.64 -34.60
N SER F 154 2.02 9.12 -35.53
CA SER F 154 1.85 9.37 -36.94
C SER F 154 2.34 8.12 -37.68
N ARG F 155 1.42 7.39 -38.29
CA ARG F 155 1.71 6.13 -38.95
C ARG F 155 1.19 6.17 -40.38
N ALA F 156 1.41 5.10 -41.14
CA ALA F 156 0.97 5.08 -42.54
C ALA F 156 -0.54 5.18 -42.62
N ASN F 157 -1.23 4.50 -41.71
CA ASN F 157 -2.71 4.31 -41.80
C ASN F 157 -3.50 5.11 -40.74
N GLY F 158 -2.84 6.00 -40.03
CA GLY F 158 -3.51 6.74 -38.99
C GLY F 158 -2.59 7.64 -38.21
N SER F 159 -3.21 8.55 -37.47
CA SER F 159 -2.52 9.55 -36.69
C SER F 159 -3.45 10.09 -35.61
N PHE F 160 -2.89 10.46 -34.46
CA PHE F 160 -3.71 11.02 -33.38
C PHE F 160 -2.90 11.93 -32.44
N TYR F 161 -3.59 12.81 -31.73
CA TYR F 161 -3.05 13.37 -30.51
C TYR F 161 -4.15 13.43 -29.50
N GLU F 162 -3.78 13.45 -28.24
CA GLU F 162 -4.70 13.74 -27.18
C GLU F 162 -3.96 14.37 -26.02
N VAL F 163 -4.45 15.50 -25.55
CA VAL F 163 -3.98 16.06 -24.29
C VAL F 163 -5.12 15.87 -23.28
N ASP F 164 -4.79 15.79 -22.00
CA ASP F 164 -5.82 15.65 -20.99
C ASP F 164 -5.44 16.42 -19.72
N ALA F 165 -6.46 16.75 -18.94
CA ALA F 165 -6.34 17.59 -17.75
C ALA F 165 -7.59 17.36 -16.92
N ILE F 166 -7.42 17.14 -15.63
CA ILE F 166 -8.55 16.90 -14.75
C ILE F 166 -9.63 18.01 -14.89
N SER F 167 -9.20 19.26 -15.02
CA SER F 167 -10.11 20.40 -15.05
C SER F 167 -10.69 20.68 -16.46
N GLY F 168 -10.32 19.86 -17.44
CA GLY F 168 -10.81 20.01 -18.79
C GLY F 168 -12.31 19.79 -18.91
N TRP F 169 -13.00 20.71 -19.59
CA TRP F 169 -14.47 20.66 -19.68
C TRP F 169 -14.97 19.38 -20.39
N TRP F 170 -14.12 18.84 -21.27
CA TRP F 170 -14.42 17.57 -21.95
C TRP F 170 -14.59 16.40 -20.97
N ASN F 171 -14.16 16.60 -19.73
CA ASN F 171 -14.30 15.57 -18.71
C ASN F 171 -15.50 15.68 -17.75
N THR F 172 -16.43 16.60 -17.98
CA THR F 172 -17.55 16.76 -17.05
C THR F 172 -18.38 15.48 -16.87
N GLY F 173 -18.48 14.67 -17.91
CA GLY F 173 -19.27 13.46 -17.88
C GLY F 173 -18.49 12.19 -17.53
N ALA F 174 -17.20 12.33 -17.20
CA ALA F 174 -16.38 11.19 -16.80
C ALA F 174 -16.96 10.50 -15.55
N ALA F 175 -16.99 9.17 -15.57
CA ALA F 175 -17.49 8.38 -14.45
C ALA F 175 -16.52 8.47 -13.25
N THR F 176 -15.24 8.53 -13.54
CA THR F 176 -14.21 8.62 -12.51
C THR F 176 -13.03 9.40 -13.08
N GLU F 177 -12.14 9.85 -12.20
CA GLU F 177 -10.87 10.43 -12.64
C GLU F 177 -9.90 9.34 -13.12
N ALA F 178 -8.79 9.75 -13.75
CA ALA F 178 -7.79 8.83 -14.31
C ALA F 178 -7.33 7.73 -13.35
N ASP F 179 -7.19 8.06 -12.06
CA ASP F 179 -6.79 7.10 -11.03
C ASP F 179 -7.95 6.30 -10.42
N GLY F 180 -9.17 6.46 -10.95
CA GLY F 180 -10.34 5.77 -10.40
C GLY F 180 -11.08 6.48 -9.28
N SER F 181 -10.55 7.61 -8.81
CA SER F 181 -11.27 8.41 -7.80
C SER F 181 -12.50 9.14 -8.42
N PRO F 182 -13.45 9.57 -7.58
CA PRO F 182 -14.69 10.13 -8.11
C PRO F 182 -14.51 11.43 -8.89
N ASN F 183 -15.37 11.65 -9.88
CA ASN F 183 -15.49 12.95 -10.54
C ASN F 183 -16.12 13.91 -9.53
N ARG F 184 -15.43 14.98 -9.15
CA ARG F 184 -15.99 15.92 -8.17
C ARG F 184 -16.48 17.27 -8.75
N GLY F 185 -16.55 17.36 -10.07
CA GLY F 185 -17.00 18.58 -10.76
C GLY F 185 -16.03 19.74 -10.62
N TYR F 186 -16.55 20.98 -10.64
CA TYR F 186 -15.74 22.20 -10.60
C TYR F 186 -14.68 22.25 -11.73
N LYS F 187 -15.05 21.70 -12.88
CA LYS F 187 -14.16 21.72 -14.03
C LYS F 187 -14.32 23.08 -14.70
N VAL F 188 -13.35 23.47 -15.51
CA VAL F 188 -13.33 24.80 -16.08
C VAL F 188 -14.08 24.82 -17.44
N ARG F 189 -15.00 25.76 -17.59
CA ARG F 189 -15.68 25.96 -18.87
C ARG F 189 -14.70 26.46 -19.93
N HIS F 190 -14.93 26.10 -21.19
CA HIS F 190 -14.14 26.68 -22.27
C HIS F 190 -14.26 28.20 -22.25
N LYS F 191 -13.11 28.87 -22.29
CA LYS F 191 -13.00 30.32 -22.19
C LYS F 191 -13.39 30.84 -20.82
N GLY F 192 -13.50 29.96 -19.83
CA GLY F 192 -13.97 30.37 -18.49
C GLY F 192 -12.97 30.23 -17.35
N GLY F 193 -11.68 30.15 -17.66
CA GLY F 193 -10.64 29.92 -16.62
C GLY F 193 -10.08 31.17 -15.96
N TYR F 194 -10.42 32.32 -16.52
CA TYR F 194 -9.91 33.59 -16.03
C TYR F 194 -11.03 34.31 -15.28
N PHE F 195 -11.02 34.31 -13.95
CA PHE F 195 -10.15 33.46 -13.10
C PHE F 195 -10.85 33.17 -11.75
N PRO F 196 -11.85 32.28 -11.77
CA PRO F 196 -12.64 32.01 -10.55
C PRO F 196 -11.78 31.41 -9.43
N VAL F 197 -12.19 31.60 -8.18
CA VAL F 197 -11.48 31.05 -7.04
C VAL F 197 -11.56 29.53 -7.00
N ALA F 198 -10.67 28.91 -6.23
CA ALA F 198 -10.77 27.47 -5.92
C ALA F 198 -12.16 27.20 -5.33
N PRO F 199 -12.71 25.99 -5.55
CA PRO F 199 -12.08 24.85 -6.21
C PRO F 199 -12.17 24.83 -7.75
N ASN F 200 -12.86 25.79 -8.35
CA ASN F 200 -12.84 25.96 -9.83
C ASN F 200 -11.42 26.09 -10.36
N ASP F 201 -10.61 26.88 -9.67
CA ASP F 201 -9.18 26.95 -9.91
C ASP F 201 -8.52 25.79 -9.16
N GLN F 202 -8.08 24.76 -9.89
CA GLN F 202 -7.53 23.54 -9.26
C GLN F 202 -6.00 23.54 -9.21
N TYR F 203 -5.38 24.67 -9.55
CA TYR F 203 -3.92 24.73 -9.69
C TYR F 203 -3.29 25.78 -8.77
N VAL F 204 -4.03 26.23 -7.75
CA VAL F 204 -3.52 27.28 -6.86
C VAL F 204 -2.20 26.90 -6.16
N ASP F 205 -2.19 25.73 -5.51
CA ASP F 205 -0.98 25.22 -4.82
C ASP F 205 0.19 24.99 -5.76
N LEU F 206 -0.08 24.45 -6.95
CA LEU F 206 1.00 24.20 -7.89
C LEU F 206 1.60 25.49 -8.42
N ARG F 207 0.75 26.48 -8.73
CA ARG F 207 1.24 27.77 -9.19
C ARG F 207 2.02 28.48 -8.09
N ASP F 208 1.61 28.27 -6.83
CA ASP F 208 2.32 28.82 -5.68
C ASP F 208 3.74 28.26 -5.65
N LYS F 209 3.87 26.97 -5.96
CA LYS F 209 5.17 26.30 -5.98
C LYS F 209 6.04 26.83 -7.12
N MET F 210 5.41 27.07 -8.27
CA MET F 210 6.09 27.70 -9.40
C MET F 210 6.57 29.09 -9.02
N LEU F 211 5.70 29.87 -8.36
CA LEU F 211 6.04 31.21 -7.92
C LEU F 211 7.23 31.18 -6.96
N THR F 212 7.22 30.25 -6.01
CA THR F 212 8.28 30.13 -5.00
C THR F 212 9.62 29.72 -5.63
N ASN F 213 9.57 28.77 -6.56
CA ASN F 213 10.77 28.34 -7.29
C ASN F 213 11.38 29.49 -8.10
N LEU F 214 10.54 30.32 -8.69
CA LEU F 214 11.01 31.52 -9.40
C LEU F 214 11.66 32.53 -8.45
N ILE F 215 10.97 32.87 -7.36
CA ILE F 215 11.53 33.76 -6.34
C ILE F 215 12.92 33.25 -5.87
N ASN F 216 13.00 31.96 -5.57
CA ASN F 216 14.25 31.37 -5.11
C ASN F 216 15.35 31.33 -6.17
N SER F 217 15.01 31.50 -7.44
CA SER F 217 16.01 31.65 -8.50
C SER F 217 16.28 33.10 -8.85
N GLY F 218 15.88 34.03 -7.98
CA GLY F 218 16.21 35.44 -8.17
C GLY F 218 15.29 36.24 -9.09
N PHE F 219 14.14 35.69 -9.46
CA PHE F 219 13.13 36.44 -10.19
C PHE F 219 12.45 37.41 -9.24
N ILE F 220 12.08 38.57 -9.77
CA ILE F 220 11.24 39.49 -9.03
C ILE F 220 9.83 39.35 -9.61
N LEU F 221 8.91 38.91 -8.76
CA LEU F 221 7.64 38.43 -9.22
C LEU F 221 6.60 39.52 -9.18
N GLU F 222 5.68 39.47 -10.13
CA GLU F 222 4.56 40.41 -10.12
C GLU F 222 3.20 39.77 -9.86
N LYS F 223 2.88 38.72 -10.60
CA LYS F 223 1.64 38.02 -10.36
C LYS F 223 1.58 36.64 -11.01
N GLY F 224 0.63 35.84 -10.54
CA GLY F 224 0.32 34.57 -11.14
C GLY F 224 -1.19 34.38 -11.12
N HIS F 225 -1.71 33.72 -12.15
CA HIS F 225 -3.14 33.42 -12.19
C HIS F 225 -3.48 32.31 -13.19
N HIS F 226 -4.66 31.74 -13.00
CA HIS F 226 -5.25 30.89 -14.02
C HIS F 226 -5.56 31.76 -15.25
N GLU F 227 -5.36 31.18 -16.43
CA GLU F 227 -5.76 31.89 -17.64
C GLU F 227 -7.09 31.38 -18.20
N VAL F 228 -7.50 31.95 -19.34
CA VAL F 228 -8.84 31.76 -19.91
C VAL F 228 -9.14 30.31 -20.24
N GLY F 229 -8.12 29.58 -20.71
CA GLY F 229 -8.32 28.23 -21.23
C GLY F 229 -8.71 27.20 -20.19
N SER F 230 -9.64 26.32 -20.57
CA SER F 230 -10.00 25.14 -19.78
C SER F 230 -8.81 24.16 -19.74
N GLY F 231 -8.75 23.32 -18.72
CA GLY F 231 -7.70 22.32 -18.67
C GLY F 231 -6.36 22.88 -18.24
N GLY F 232 -6.40 23.94 -17.44
CA GLY F 232 -5.24 24.36 -16.66
C GLY F 232 -4.34 25.41 -17.28
N GLN F 233 -4.93 26.36 -17.98
CA GLN F 233 -4.11 27.42 -18.54
C GLN F 233 -3.67 28.37 -17.42
N ALA F 234 -2.45 28.87 -17.54
CA ALA F 234 -1.86 29.65 -16.49
C ALA F 234 -0.98 30.78 -17.04
N GLU F 235 -0.69 31.74 -16.16
CA GLU F 235 0.21 32.82 -16.49
C GLU F 235 0.91 33.29 -15.21
N ILE F 236 2.22 33.49 -15.32
CA ILE F 236 3.00 34.11 -14.25
C ILE F 236 3.82 35.24 -14.85
N ASN F 237 3.84 36.38 -14.16
CA ASN F 237 4.57 37.55 -14.59
C ASN F 237 5.71 37.84 -13.63
N TYR F 238 6.89 38.10 -14.20
CA TYR F 238 8.04 38.60 -13.45
C TYR F 238 8.45 39.96 -14.02
N GLN F 239 9.22 40.72 -13.25
CA GLN F 239 9.69 42.04 -13.65
C GLN F 239 10.44 42.05 -14.98
N PHE F 240 10.18 43.10 -15.76
CA PHE F 240 10.83 43.35 -17.04
C PHE F 240 12.35 43.50 -16.89
N ASN F 241 13.06 43.50 -18.00
CA ASN F 241 14.50 43.71 -17.99
C ASN F 241 14.97 44.12 -19.36
N SER F 242 16.24 44.52 -19.47
CA SER F 242 16.81 44.81 -20.78
C SER F 242 16.86 43.54 -21.65
N LEU F 243 16.81 43.72 -22.97
CA LEU F 243 16.67 42.63 -23.96
C LEU F 243 17.35 41.30 -23.61
N LEU F 244 18.69 41.28 -23.55
CA LEU F 244 19.43 40.05 -23.34
C LEU F 244 19.07 39.40 -22.01
N HIS F 245 19.06 40.19 -20.93
CA HIS F 245 18.67 39.68 -19.62
C HIS F 245 17.25 39.12 -19.68
N ALA F 246 16.35 39.83 -20.35
CA ALA F 246 14.96 39.40 -20.50
C ALA F 246 14.83 38.07 -21.24
N ALA F 247 15.66 37.85 -22.26
CA ALA F 247 15.63 36.59 -23.00
C ALA F 247 16.18 35.42 -22.17
N ASP F 248 17.27 35.66 -21.43
CA ASP F 248 17.80 34.72 -20.46
C ASP F 248 16.78 34.39 -19.35
N ASP F 249 16.07 35.40 -18.85
CA ASP F 249 14.96 35.22 -17.91
C ASP F 249 13.87 34.32 -18.49
N MET F 250 13.46 34.56 -19.73
CA MET F 250 12.44 33.75 -20.38
C MET F 250 12.82 32.24 -20.44
N GLN F 251 14.05 31.94 -20.85
CA GLN F 251 14.52 30.55 -20.94
C GLN F 251 14.54 29.88 -19.58
N LEU F 252 15.05 30.58 -18.56
CA LEU F 252 15.04 30.06 -17.21
C LEU F 252 13.62 29.85 -16.66
N TYR F 253 12.73 30.82 -16.91
CA TYR F 253 11.32 30.72 -16.56
C TYR F 253 10.68 29.45 -17.14
N LYS F 254 10.83 29.21 -18.43
CA LYS F 254 10.22 28.01 -19.05
C LYS F 254 10.75 26.72 -18.42
N TYR F 255 12.06 26.70 -18.15
CA TYR F 255 12.67 25.57 -17.46
C TYR F 255 12.07 25.35 -16.07
N ILE F 256 11.91 26.42 -15.32
CA ILE F 256 11.35 26.32 -13.96
C ILE F 256 9.88 25.91 -13.98
N ILE F 257 9.11 26.45 -14.91
CA ILE F 257 7.69 26.12 -14.99
C ILE F 257 7.55 24.64 -15.35
N LYS F 258 8.28 24.19 -16.38
CA LYS F 258 8.13 22.85 -16.90
C LYS F 258 8.52 21.81 -15.86
N ASN F 259 9.59 22.10 -15.12
CA ASN F 259 10.13 21.16 -14.17
C ASN F 259 9.43 21.16 -12.83
N THR F 260 8.92 22.31 -12.41
CA THR F 260 8.04 22.33 -11.23
C THR F 260 6.82 21.47 -11.48
N ALA F 261 6.24 21.59 -12.68
CA ALA F 261 5.10 20.77 -13.07
C ALA F 261 5.49 19.28 -13.08
N TRP F 262 6.64 18.98 -13.67
CA TRP F 262 7.09 17.62 -13.83
C TRP F 262 7.31 16.94 -12.49
N GLN F 263 7.95 17.66 -11.56
CA GLN F 263 8.22 17.11 -10.22
C GLN F 263 6.95 16.89 -9.42
N ASN F 264 5.88 17.58 -9.80
CA ASN F 264 4.60 17.48 -9.10
C ASN F 264 3.57 16.68 -9.92
N GLY F 265 4.06 15.83 -10.82
CA GLY F 265 3.19 14.87 -11.51
C GLY F 265 2.40 15.39 -12.69
N LYS F 266 2.68 16.62 -13.12
CA LYS F 266 1.98 17.26 -14.26
C LYS F 266 2.88 17.34 -15.48
N THR F 267 2.35 17.93 -16.56
CA THR F 267 3.14 18.15 -17.78
C THR F 267 2.69 19.45 -18.45
N VAL F 268 3.65 20.34 -18.66
CA VAL F 268 3.35 21.68 -19.16
C VAL F 268 3.70 21.79 -20.62
N THR F 269 2.87 22.52 -21.36
CA THR F 269 3.24 22.90 -22.73
C THR F 269 3.07 24.40 -22.95
N PHE F 270 4.06 24.94 -23.65
CA PHE F 270 4.04 26.33 -24.08
C PHE F 270 3.61 26.44 -25.56
N MET F 271 3.08 25.37 -26.14
CA MET F 271 2.69 25.46 -27.55
C MET F 271 1.56 26.48 -27.72
N PRO F 272 1.54 27.16 -28.87
CA PRO F 272 0.59 28.25 -29.08
C PRO F 272 -0.87 27.83 -29.02
N LYS F 273 -1.20 26.64 -29.54
CA LYS F 273 -2.61 26.27 -29.63
C LYS F 273 -2.80 24.77 -29.44
N PRO F 274 -2.74 24.32 -28.17
CA PRO F 274 -2.92 22.86 -27.92
C PRO F 274 -4.40 22.45 -27.90
N LEU F 275 -5.29 23.42 -27.70
CA LEU F 275 -6.70 23.14 -27.64
C LEU F 275 -7.46 23.83 -28.76
N PHE F 276 -8.34 23.07 -29.41
CA PHE F 276 -9.17 23.62 -30.46
C PHE F 276 -10.45 24.17 -29.82
N GLY F 277 -10.76 25.44 -30.10
CA GLY F 277 -11.97 26.07 -29.60
C GLY F 277 -11.78 26.62 -28.21
N ASP F 278 -10.54 26.81 -27.80
CA ASP F 278 -10.27 27.53 -26.54
C ASP F 278 -9.02 28.37 -26.73
N ASN F 279 -8.76 29.28 -25.78
CA ASN F 279 -7.63 30.21 -25.94
C ASN F 279 -6.31 29.53 -26.23
N GLY F 280 -5.53 30.14 -27.11
CA GLY F 280 -4.14 29.75 -27.33
C GLY F 280 -3.28 30.36 -26.23
N SER F 281 -1.98 30.10 -26.31
CA SER F 281 -1.03 30.66 -25.36
C SER F 281 -0.09 31.63 -26.08
N GLY F 282 -0.14 32.89 -25.69
CA GLY F 282 0.71 33.89 -26.30
C GLY F 282 1.93 34.24 -25.46
N MET F 283 2.81 35.02 -26.05
CA MET F 283 3.93 35.63 -25.34
C MET F 283 3.90 37.14 -25.64
N HIS F 284 2.93 37.84 -25.04
CA HIS F 284 2.86 39.28 -25.23
C HIS F 284 4.18 39.88 -24.79
N CYS F 285 4.70 40.82 -25.61
CA CYS F 285 5.94 41.52 -25.29
C CYS F 285 5.69 43.02 -25.12
N HIS F 286 5.72 43.47 -23.86
CA HIS F 286 5.66 44.89 -23.54
C HIS F 286 7.06 45.47 -23.78
N GLN F 287 7.15 46.52 -24.59
CA GLN F 287 8.42 47.08 -25.01
C GLN F 287 8.51 48.59 -24.82
N SER F 288 9.67 49.07 -24.37
CA SER F 288 9.94 50.50 -24.29
C SER F 288 11.43 50.79 -24.48
N LEU F 289 11.74 51.96 -25.05
CA LEU F 289 13.12 52.43 -25.18
C LEU F 289 13.43 53.50 -24.15
N TRP F 290 14.64 53.44 -23.61
CA TRP F 290 15.12 54.40 -22.62
C TRP F 290 16.48 54.95 -23.03
N LYS F 291 16.73 56.22 -22.69
CA LYS F 291 18.05 56.81 -22.91
C LYS F 291 18.53 57.65 -21.73
N ASP F 292 19.73 57.35 -21.25
CA ASP F 292 20.35 58.01 -20.10
C ASP F 292 19.43 58.02 -18.89
N GLY F 293 18.79 56.87 -18.64
CA GLY F 293 17.90 56.72 -17.48
C GLY F 293 16.55 57.40 -17.60
N ALA F 294 16.22 57.90 -18.79
CA ALA F 294 14.91 58.52 -19.04
C ALA F 294 14.09 57.79 -20.13
N PRO F 295 12.76 57.70 -19.93
CA PRO F 295 11.88 57.02 -20.89
C PRO F 295 11.63 57.83 -22.16
N LEU F 296 11.50 57.15 -23.29
CA LEU F 296 11.27 57.81 -24.57
C LEU F 296 9.89 57.59 -25.16
N MET F 297 9.07 56.75 -24.53
CA MET F 297 7.78 56.36 -25.13
C MET F 297 6.61 57.33 -24.89
N TYR F 298 6.79 58.26 -23.96
CA TYR F 298 5.68 59.05 -23.47
C TYR F 298 5.57 60.46 -24.09
N ASP F 299 4.35 60.81 -24.49
CA ASP F 299 4.00 62.19 -24.86
C ASP F 299 2.54 62.37 -24.55
N GLU F 300 2.27 63.22 -23.58
CA GLU F 300 0.92 63.49 -23.08
C GLU F 300 -0.06 63.94 -24.17
N THR F 301 0.47 64.49 -25.26
CA THR F 301 -0.36 65.01 -26.35
C THR F 301 -0.67 63.98 -27.43
N GLY F 302 0.05 62.85 -27.44
CA GLY F 302 -0.17 61.81 -28.45
C GLY F 302 -1.37 60.95 -28.12
N TYR F 303 -1.93 60.28 -29.14
CA TYR F 303 -2.91 59.20 -28.93
C TYR F 303 -2.35 58.18 -27.95
N ALA F 304 -3.16 57.82 -26.95
CA ALA F 304 -2.76 56.87 -25.90
C ALA F 304 -1.43 57.23 -25.19
N GLY F 305 -1.10 58.51 -25.12
CA GLY F 305 0.10 58.97 -24.42
C GLY F 305 1.42 58.63 -25.11
N LEU F 306 1.36 58.38 -26.42
CA LEU F 306 2.52 57.88 -27.16
C LEU F 306 3.33 58.99 -27.83
N SER F 307 4.64 58.95 -27.63
CA SER F 307 5.54 59.85 -28.35
C SER F 307 5.69 59.45 -29.81
N ASP F 308 6.33 60.32 -30.58
CA ASP F 308 6.66 60.04 -31.98
C ASP F 308 7.54 58.80 -32.09
N THR F 309 8.54 58.72 -31.23
CA THR F 309 9.45 57.56 -31.17
C THR F 309 8.69 56.25 -30.98
N ALA F 310 7.79 56.23 -29.99
CA ALA F 310 6.90 55.09 -29.75
C ALA F 310 6.02 54.76 -30.95
N ARG F 311 5.39 55.78 -31.54
CA ARG F 311 4.48 55.58 -32.67
C ARG F 311 5.22 55.00 -33.88
N HIS F 312 6.44 55.49 -34.14
CA HIS F 312 7.25 54.99 -35.24
C HIS F 312 7.75 53.57 -34.98
N TYR F 313 8.07 53.26 -33.72
CA TYR F 313 8.42 51.90 -33.33
C TYR F 313 7.26 50.97 -33.72
N ILE F 314 6.05 51.34 -33.32
CA ILE F 314 4.85 50.59 -33.68
C ILE F 314 4.71 50.49 -35.20
N GLY F 315 4.95 51.60 -35.88
CA GLY F 315 4.94 51.61 -37.34
C GLY F 315 5.84 50.54 -37.92
N GLY F 316 7.00 50.36 -37.30
CA GLY F 316 7.98 49.35 -37.72
C GLY F 316 7.48 47.94 -37.48
N LEU F 317 6.97 47.69 -36.27
CA LEU F 317 6.41 46.38 -35.95
C LEU F 317 5.30 45.99 -36.93
N LEU F 318 4.36 46.89 -37.16
CA LEU F 318 3.23 46.58 -38.02
C LEU F 318 3.61 46.50 -39.50
N HIS F 319 4.56 47.33 -39.93
CA HIS F 319 5.02 47.31 -41.32
C HIS F 319 5.81 46.03 -41.62
N HIS F 320 6.64 45.60 -40.67
CA HIS F 320 7.53 44.46 -40.91
C HIS F 320 6.93 43.11 -40.51
N ALA F 321 5.79 43.18 -39.83
CA ALA F 321 5.05 42.00 -39.36
C ALA F 321 5.00 40.81 -40.35
N PRO F 322 4.72 41.05 -41.64
CA PRO F 322 4.64 39.88 -42.53
C PRO F 322 5.91 39.04 -42.60
N SER F 323 7.07 39.63 -42.31
CA SER F 323 8.32 38.86 -42.21
C SER F 323 8.78 38.64 -40.75
N LEU F 324 8.48 39.60 -39.88
CA LEU F 324 8.86 39.55 -38.47
C LEU F 324 8.27 38.33 -37.72
N LEU F 325 7.05 37.94 -38.11
CA LEU F 325 6.41 36.79 -37.49
C LEU F 325 7.17 35.49 -37.74
N ALA F 326 8.06 35.48 -38.72
CA ALA F 326 8.93 34.32 -38.92
C ALA F 326 9.80 34.04 -37.69
N PHE F 327 10.06 35.07 -36.88
CA PHE F 327 10.79 34.90 -35.62
C PHE F 327 9.90 35.01 -34.36
N THR F 328 8.76 35.68 -34.44
CA THR F 328 7.94 35.86 -33.25
C THR F 328 6.84 34.80 -33.16
N ASN F 329 6.46 34.26 -34.33
CA ASN F 329 5.44 33.23 -34.46
C ASN F 329 5.96 32.12 -35.38
N PRO F 330 6.98 31.39 -34.93
CA PRO F 330 7.85 30.63 -35.84
C PRO F 330 7.46 29.19 -36.13
N THR F 331 6.29 28.76 -35.67
CA THR F 331 5.86 27.37 -35.85
C THR F 331 4.58 27.25 -36.65
N VAL F 332 4.28 26.05 -37.15
CA VAL F 332 3.05 25.84 -37.90
C VAL F 332 1.88 26.03 -36.94
N ASN F 333 2.02 25.54 -35.72
CA ASN F 333 0.98 25.67 -34.70
C ASN F 333 0.69 27.14 -34.33
N SER F 334 1.68 28.02 -34.48
CA SER F 334 1.49 29.48 -34.23
C SER F 334 0.23 30.02 -34.93
N TYR F 335 0.03 29.59 -36.17
CA TYR F 335 -1.02 30.13 -37.02
C TYR F 335 -2.41 29.60 -36.72
N LYS F 336 -2.48 28.54 -35.92
CA LYS F 336 -3.74 28.08 -35.35
C LYS F 336 -4.20 28.97 -34.21
N ARG F 337 -3.28 29.72 -33.62
CA ARG F 337 -3.64 30.68 -32.57
C ARG F 337 -4.13 32.02 -33.15
N LEU F 338 -3.58 32.42 -34.30
CA LEU F 338 -3.98 33.68 -34.94
C LEU F 338 -5.30 33.55 -35.70
N VAL F 339 -6.34 33.19 -34.96
CA VAL F 339 -7.72 33.08 -35.46
C VAL F 339 -8.63 33.94 -34.57
N PRO F 340 -9.79 34.38 -35.09
CA PRO F 340 -10.59 35.33 -34.30
C PRO F 340 -11.29 34.74 -33.06
N GLY F 341 -11.50 35.58 -32.04
CA GLY F 341 -12.32 35.24 -30.89
C GLY F 341 -11.61 34.74 -29.64
N TYR F 342 -10.29 34.86 -29.58
CA TYR F 342 -9.52 34.28 -28.46
C TYR F 342 -8.44 35.21 -27.89
N GLU F 343 -8.63 36.51 -28.08
CA GLU F 343 -7.73 37.54 -27.56
C GLU F 343 -6.33 37.47 -28.14
N ALA F 344 -6.22 36.92 -29.34
CA ALA F 344 -5.01 36.97 -30.10
C ALA F 344 -5.32 37.82 -31.35
N PRO F 345 -4.29 38.43 -31.98
CA PRO F 345 -4.50 39.28 -33.17
C PRO F 345 -4.89 38.54 -34.45
N ILE F 346 -5.71 39.17 -35.28
CA ILE F 346 -6.03 38.66 -36.63
C ILE F 346 -5.70 39.67 -37.72
N ASN F 347 -5.25 40.86 -37.31
CA ASN F 347 -4.90 41.89 -38.26
C ASN F 347 -3.92 42.88 -37.65
N LEU F 348 -3.34 43.73 -38.50
CA LEU F 348 -2.19 44.55 -38.11
C LEU F 348 -2.59 45.97 -37.67
N VAL F 349 -3.18 46.07 -36.48
CA VAL F 349 -3.58 47.37 -35.97
C VAL F 349 -3.11 47.55 -34.54
N TYR F 350 -2.90 48.80 -34.14
CA TYR F 350 -2.70 49.12 -32.73
C TYR F 350 -3.89 49.88 -32.19
N SER F 351 -4.08 49.80 -30.88
CA SER F 351 -5.23 50.40 -30.23
C SER F 351 -5.07 50.29 -28.70
N GLN F 352 -5.37 51.38 -27.99
CA GLN F 352 -5.28 51.33 -26.55
C GLN F 352 -6.40 50.49 -25.94
N ARG F 353 -6.11 49.81 -24.83
CA ARG F 353 -7.10 49.07 -24.05
C ARG F 353 -7.67 47.84 -24.80
N ASN F 354 -7.11 47.53 -25.97
CA ASN F 354 -7.78 46.62 -26.92
C ASN F 354 -7.11 45.23 -27.07
N ARG F 355 -7.72 44.22 -26.44
CA ARG F 355 -7.14 42.87 -26.46
C ARG F 355 -7.45 42.08 -27.76
N SER F 356 -8.12 42.73 -28.70
CA SER F 356 -8.34 42.14 -30.02
C SER F 356 -7.28 42.64 -31.02
N ALA F 357 -6.44 43.58 -30.58
CA ALA F 357 -5.51 44.25 -31.47
C ALA F 357 -4.16 43.53 -31.54
N CYS F 358 -3.37 43.87 -32.56
CA CYS F 358 -2.01 43.35 -32.70
C CYS F 358 -1.03 44.04 -31.71
N VAL F 359 -1.19 45.35 -31.57
CA VAL F 359 -0.48 46.09 -30.54
C VAL F 359 -1.51 46.78 -29.67
N ARG F 360 -1.50 46.44 -28.39
CA ARG F 360 -2.35 47.10 -27.40
C ARG F 360 -1.50 48.08 -26.61
N ILE F 361 -2.05 49.25 -26.36
CA ILE F 361 -1.41 50.17 -25.42
C ILE F 361 -2.16 50.05 -24.12
N PRO F 362 -1.52 49.43 -23.11
CA PRO F 362 -2.19 49.27 -21.80
C PRO F 362 -2.41 50.64 -21.16
N ILE F 363 -3.46 50.75 -20.35
CA ILE F 363 -3.80 51.99 -19.65
C ILE F 363 -2.90 52.16 -18.43
N THR F 364 -2.00 53.13 -18.51
CA THR F 364 -1.00 53.34 -17.44
C THR F 364 -1.01 54.73 -16.79
N GLY F 365 -1.85 55.63 -17.27
CA GLY F 365 -1.95 56.97 -16.70
C GLY F 365 -0.85 57.93 -17.17
N SER F 366 -0.48 58.87 -16.30
CA SER F 366 0.42 59.94 -16.70
C SER F 366 1.90 59.68 -16.40
N ASN F 367 2.20 58.59 -15.71
CA ASN F 367 3.59 58.25 -15.37
C ASN F 367 4.37 57.82 -16.60
N PRO F 368 5.33 58.65 -17.04
CA PRO F 368 6.07 58.38 -18.27
C PRO F 368 6.88 57.08 -18.23
N LYS F 369 7.29 56.66 -17.03
CA LYS F 369 8.09 55.43 -16.87
C LYS F 369 7.28 54.15 -17.14
N ALA F 370 5.96 54.24 -17.06
CA ALA F 370 5.06 53.10 -17.27
C ALA F 370 4.54 53.00 -18.71
N LYS F 371 4.71 54.05 -19.49
CA LYS F 371 4.29 54.03 -20.88
C LYS F 371 5.04 53.02 -21.74
N ARG F 372 4.28 52.17 -22.42
CA ARG F 372 4.86 51.19 -23.33
C ARG F 372 3.79 50.60 -24.26
N LEU F 373 4.26 49.85 -25.25
CA LEU F 373 3.39 49.14 -26.17
C LEU F 373 3.43 47.64 -25.85
N GLU F 374 2.28 46.98 -25.96
CA GLU F 374 2.20 45.53 -25.86
C GLU F 374 2.02 44.88 -27.24
N PHE F 375 3.08 44.22 -27.73
CA PHE F 375 3.01 43.46 -28.96
C PHE F 375 2.40 42.09 -28.62
N ARG F 376 1.17 41.85 -29.06
CA ARG F 376 0.38 40.69 -28.62
C ARG F 376 0.56 39.48 -29.55
N SER F 377 1.14 39.73 -30.72
CA SER F 377 1.27 38.68 -31.73
C SER F 377 2.17 37.49 -31.33
N PRO F 378 3.36 37.74 -30.73
CA PRO F 378 4.31 36.64 -30.48
C PRO F 378 3.77 35.51 -29.58
N ASP F 379 4.36 34.32 -29.73
CA ASP F 379 4.05 33.19 -28.86
C ASP F 379 5.34 32.58 -28.33
N SER F 380 5.23 31.52 -27.53
CA SER F 380 6.40 30.95 -26.85
C SER F 380 7.02 29.79 -27.61
N SER F 381 6.65 29.62 -28.87
CA SER F 381 7.04 28.43 -29.62
C SER F 381 8.43 28.51 -30.27
N GLY F 382 9.12 29.64 -30.11
CA GLY F 382 10.44 29.78 -30.71
C GLY F 382 11.57 30.16 -29.76
N ASN F 383 12.26 31.23 -30.12
CA ASN F 383 13.53 31.60 -29.50
C ASN F 383 13.45 33.05 -29.06
N PRO F 384 13.46 33.27 -27.73
CA PRO F 384 13.23 34.63 -27.22
C PRO F 384 14.39 35.57 -27.55
N TYR F 385 15.61 35.04 -27.61
CA TYR F 385 16.77 35.80 -28.09
C TYR F 385 16.54 36.35 -29.49
N LEU F 386 16.11 35.49 -30.42
CA LEU F 386 15.82 35.94 -31.78
C LEU F 386 14.54 36.80 -31.86
N ALA F 387 13.50 36.39 -31.15
CA ALA F 387 12.23 37.11 -31.18
C ALA F 387 12.38 38.54 -30.65
N PHE F 388 12.99 38.70 -29.47
CA PHE F 388 13.17 40.04 -28.93
C PHE F 388 14.05 40.87 -29.88
N SER F 389 15.15 40.28 -30.35
CA SER F 389 16.05 40.98 -31.27
C SER F 389 15.34 41.42 -32.53
N ALA F 390 14.56 40.53 -33.14
CA ALA F 390 13.86 40.85 -34.38
C ALA F 390 12.84 42.00 -34.17
N MET F 391 12.11 41.96 -33.06
CA MET F 391 11.16 43.03 -32.73
C MET F 391 11.86 44.38 -32.60
N LEU F 392 13.00 44.39 -31.92
CA LEU F 392 13.81 45.58 -31.78
C LEU F 392 14.24 46.11 -33.16
N MET F 393 14.81 45.25 -33.99
CA MET F 393 15.23 45.64 -35.34
C MET F 393 14.10 46.22 -36.17
N ALA F 394 12.92 45.62 -36.09
CA ALA F 394 11.73 46.18 -36.77
C ALA F 394 11.35 47.54 -36.24
N GLY F 395 11.38 47.69 -34.93
CA GLY F 395 11.00 48.96 -34.27
C GLY F 395 12.00 50.07 -34.59
N LEU F 396 13.28 49.70 -34.62
CA LEU F 396 14.33 50.67 -34.96
C LEU F 396 14.25 51.13 -36.43
N ASP F 397 13.92 50.21 -37.34
CA ASP F 397 13.70 50.56 -38.73
C ASP F 397 12.52 51.53 -38.86
N GLY F 398 11.51 51.34 -38.03
CA GLY F 398 10.38 52.26 -37.97
C GLY F 398 10.78 53.67 -37.52
N ILE F 399 11.56 53.77 -36.46
CA ILE F 399 12.03 55.05 -35.96
C ILE F 399 12.92 55.73 -37.01
N LYS F 400 13.90 54.98 -37.52
CA LYS F 400 14.87 55.47 -38.47
C LYS F 400 14.24 55.98 -39.76
N ASN F 401 13.20 55.28 -40.23
CA ASN F 401 12.49 55.67 -41.44
C ASN F 401 11.19 56.44 -41.18
N LYS F 402 10.93 56.76 -39.92
CA LYS F 402 9.71 57.47 -39.51
C LYS F 402 8.45 56.84 -40.12
N ILE F 403 8.33 55.52 -39.97
CA ILE F 403 7.19 54.80 -40.54
C ILE F 403 5.95 55.08 -39.70
N GLU F 404 4.94 55.65 -40.35
CA GLU F 404 3.69 55.98 -39.67
C GLU F 404 2.77 54.77 -39.69
N PRO F 405 2.33 54.30 -38.51
CA PRO F 405 1.33 53.23 -38.51
C PRO F 405 0.02 53.77 -39.04
N GLN F 406 -0.81 52.90 -39.60
CA GLN F 406 -2.16 53.36 -39.93
C GLN F 406 -2.94 53.69 -38.64
N ALA F 407 -4.00 54.48 -38.78
CA ALA F 407 -4.73 55.02 -37.63
C ALA F 407 -5.18 53.89 -36.69
N PRO F 408 -5.12 54.12 -35.37
CA PRO F 408 -5.63 53.14 -34.42
C PRO F 408 -7.11 52.83 -34.66
N VAL F 409 -7.51 51.58 -34.42
CA VAL F 409 -8.91 51.20 -34.56
C VAL F 409 -9.43 50.73 -33.19
N ASP F 410 -10.21 51.58 -32.53
CA ASP F 410 -10.72 51.31 -31.19
C ASP F 410 -12.06 50.57 -31.20
N LYS F 411 -12.07 49.41 -31.86
CA LYS F 411 -13.23 48.55 -31.90
C LYS F 411 -12.84 47.09 -31.69
N ASP F 412 -13.85 46.26 -31.47
CA ASP F 412 -13.68 44.82 -31.46
C ASP F 412 -13.32 44.37 -32.87
N LEU F 413 -12.06 44.02 -33.05
CA LEU F 413 -11.56 43.70 -34.37
C LEU F 413 -12.07 42.37 -34.93
N TYR F 414 -12.73 41.58 -34.09
CA TYR F 414 -13.33 40.33 -34.55
C TYR F 414 -14.74 40.54 -35.08
N GLU F 415 -15.34 41.69 -34.78
CA GLU F 415 -16.74 42.00 -35.12
C GLU F 415 -16.88 43.12 -36.15
N LEU F 416 -15.78 43.43 -36.81
CA LEU F 416 -15.78 44.40 -37.90
C LEU F 416 -16.66 43.93 -39.06
N PRO F 417 -17.46 44.85 -39.64
CA PRO F 417 -18.17 44.51 -40.88
C PRO F 417 -17.15 44.21 -41.99
N PRO F 418 -17.44 43.19 -42.84
CA PRO F 418 -16.55 42.72 -43.92
C PRO F 418 -15.89 43.86 -44.71
N GLU F 419 -16.63 44.96 -44.85
CA GLU F 419 -16.21 46.15 -45.59
C GLU F 419 -14.99 46.85 -44.96
N GLU F 420 -15.12 47.31 -43.71
CA GLU F 420 -13.95 47.90 -43.01
C GLU F 420 -12.80 46.90 -42.77
N ALA F 421 -13.14 45.62 -42.57
CA ALA F 421 -12.15 44.55 -42.31
C ALA F 421 -11.27 44.27 -43.52
N ALA F 422 -11.88 44.36 -44.70
CA ALA F 422 -11.18 44.25 -45.98
C ALA F 422 -10.11 45.33 -46.18
N SER F 423 -10.26 46.49 -45.55
CA SER F 423 -9.26 47.56 -45.71
C SER F 423 -8.07 47.44 -44.76
N ILE F 424 -8.21 46.64 -43.72
CA ILE F 424 -7.13 46.48 -42.76
C ILE F 424 -6.28 45.26 -43.13
N PRO F 425 -4.94 45.42 -43.17
CA PRO F 425 -4.07 44.28 -43.44
C PRO F 425 -4.23 43.17 -42.39
N GLN F 426 -4.34 41.94 -42.87
CA GLN F 426 -4.51 40.77 -42.02
C GLN F 426 -3.18 40.24 -41.52
N THR F 427 -3.22 39.51 -40.42
CA THR F 427 -2.08 38.71 -40.02
C THR F 427 -1.95 37.58 -41.03
N PRO F 428 -0.73 37.07 -41.24
CA PRO F 428 -0.52 35.95 -42.16
C PRO F 428 -1.28 34.70 -41.74
N THR F 429 -1.67 33.89 -42.72
CA THR F 429 -2.50 32.70 -42.53
C THR F 429 -1.69 31.51 -42.03
N GLN F 430 -0.44 31.42 -42.48
CA GLN F 430 0.36 30.22 -42.27
C GLN F 430 1.87 30.51 -42.29
N LEU F 431 2.64 29.63 -41.64
CA LEU F 431 4.09 29.76 -41.53
C LEU F 431 4.84 29.92 -42.86
N SER F 432 4.39 29.19 -43.88
CA SER F 432 5.08 29.17 -45.15
C SER F 432 5.05 30.55 -45.79
N ASP F 433 3.97 31.29 -45.53
CA ASP F 433 3.85 32.67 -46.03
C ASP F 433 4.86 33.64 -45.39
N VAL F 434 5.05 33.55 -44.06
CA VAL F 434 5.97 34.46 -43.38
C VAL F 434 7.41 34.09 -43.66
N ILE F 435 7.64 32.79 -43.89
CA ILE F 435 8.97 32.32 -44.23
C ILE F 435 9.30 32.83 -45.63
N ASP F 436 8.34 32.70 -46.56
CA ASP F 436 8.50 33.25 -47.90
C ASP F 436 8.80 34.73 -47.87
N ARG F 437 8.04 35.47 -47.05
CA ARG F 437 8.24 36.91 -46.92
C ARG F 437 9.60 37.27 -46.27
N LEU F 438 10.02 36.51 -45.27
CA LEU F 438 11.32 36.72 -44.64
C LEU F 438 12.46 36.58 -45.64
N GLU F 439 12.36 35.58 -46.49
CA GLU F 439 13.34 35.33 -47.55
C GLU F 439 13.43 36.50 -48.53
N ALA F 440 12.27 37.08 -48.86
CA ALA F 440 12.17 38.16 -49.84
C ALA F 440 12.61 39.49 -49.26
N ASP F 441 12.37 39.70 -47.98
CA ASP F 441 12.60 41.01 -47.37
C ASP F 441 13.04 40.89 -45.92
N HIS F 442 14.34 41.03 -45.70
CA HIS F 442 14.90 40.89 -44.36
C HIS F 442 16.02 41.88 -44.07
N GLU F 443 16.06 42.96 -44.85
CA GLU F 443 17.16 43.92 -44.75
C GLU F 443 17.22 44.60 -43.38
N TYR F 444 16.06 44.89 -42.79
CA TYR F 444 15.98 45.53 -41.46
C TYR F 444 16.61 44.71 -40.36
N LEU F 445 16.64 43.39 -40.55
CA LEU F 445 17.25 42.46 -39.58
C LEU F 445 18.75 42.43 -39.71
N THR F 446 19.24 42.62 -40.93
CA THR F 446 20.68 42.56 -41.20
C THR F 446 21.43 43.86 -40.89
N GLU F 447 20.68 44.92 -40.57
CA GLU F 447 21.27 46.21 -40.21
C GLU F 447 22.27 46.00 -39.10
N GLY F 448 23.46 46.55 -39.27
CA GLY F 448 24.52 46.46 -38.26
C GLY F 448 25.05 45.05 -38.07
N GLY F 449 24.69 44.14 -38.95
CA GLY F 449 25.09 42.74 -38.81
C GLY F 449 24.49 42.02 -37.61
N VAL F 450 23.37 42.54 -37.08
CA VAL F 450 22.68 41.93 -35.94
C VAL F 450 22.22 40.52 -36.30
N PHE F 451 21.43 40.40 -37.36
CA PHE F 451 21.21 39.10 -38.01
C PHE F 451 22.14 39.05 -39.25
N THR F 452 22.69 37.89 -39.53
CA THR F 452 23.47 37.70 -40.74
C THR F 452 22.69 36.79 -41.72
N ASN F 453 23.08 36.80 -42.99
CA ASN F 453 22.40 36.00 -44.00
C ASN F 453 22.46 34.49 -43.75
N ASP F 454 23.57 34.02 -43.18
CA ASP F 454 23.68 32.61 -42.84
C ASP F 454 22.63 32.19 -41.79
N LEU F 455 22.37 33.03 -40.80
CA LEU F 455 21.35 32.73 -39.80
C LEU F 455 19.96 32.68 -40.44
N ILE F 456 19.66 33.69 -41.24
CA ILE F 456 18.36 33.82 -41.89
C ILE F 456 18.10 32.67 -42.86
N GLU F 457 19.10 32.33 -43.66
CA GLU F 457 19.01 31.20 -44.59
C GLU F 457 18.85 29.87 -43.88
N THR F 458 19.57 29.68 -42.76
CA THR F 458 19.47 28.45 -41.98
C THR F 458 18.07 28.32 -41.37
N TRP F 459 17.55 29.43 -40.87
CA TRP F 459 16.23 29.49 -40.27
C TRP F 459 15.16 29.10 -41.27
N ILE F 460 15.23 29.71 -42.46
CA ILE F 460 14.26 29.49 -43.53
C ILE F 460 14.29 28.02 -43.91
N SER F 461 15.50 27.51 -44.07
CA SER F 461 15.72 26.17 -44.55
C SER F 461 15.23 25.15 -43.52
N PHE F 462 15.57 25.38 -42.25
CA PHE F 462 15.11 24.56 -41.14
C PHE F 462 13.57 24.48 -41.11
N LYS F 463 12.90 25.62 -41.22
CA LYS F 463 11.46 25.63 -41.06
C LYS F 463 10.75 24.91 -42.22
N ARG F 464 11.31 25.04 -43.42
CA ARG F 464 10.74 24.40 -44.61
C ARG F 464 10.86 22.90 -44.54
N GLU F 465 12.06 22.42 -44.20
CA GLU F 465 12.39 21.00 -44.27
C GLU F 465 11.89 20.20 -43.07
N ASN F 466 11.88 20.82 -41.89
CA ASN F 466 11.55 20.11 -40.65
C ASN F 466 10.13 20.38 -40.13
N GLU F 467 9.47 21.40 -40.66
CA GLU F 467 8.17 21.80 -40.12
C GLU F 467 7.10 21.94 -41.20
N ILE F 468 7.31 22.87 -42.14
CA ILE F 468 6.30 23.16 -43.15
C ILE F 468 5.98 21.92 -44.00
N GLU F 469 7.02 21.35 -44.60
CA GLU F 469 6.83 20.23 -45.50
C GLU F 469 6.28 19.00 -44.77
N PRO F 470 6.86 18.62 -43.62
CA PRO F 470 6.35 17.43 -42.91
C PRO F 470 4.86 17.48 -42.52
N VAL F 471 4.38 18.68 -42.16
CA VAL F 471 2.97 18.84 -41.85
C VAL F 471 2.13 18.80 -43.11
N ASN F 472 2.60 19.47 -44.17
CA ASN F 472 1.88 19.51 -45.44
C ASN F 472 1.62 18.18 -46.10
N ILE F 473 2.56 17.25 -45.98
CA ILE F 473 2.44 15.97 -46.64
C ILE F 473 1.61 14.94 -45.86
N ARG F 474 1.33 15.25 -44.59
CA ARG F 474 0.60 14.31 -43.73
C ARG F 474 -0.88 14.62 -43.70
N PRO F 475 -1.72 13.64 -44.08
CA PRO F 475 -3.17 13.87 -44.00
C PRO F 475 -3.62 14.26 -42.58
N HIS F 476 -4.51 15.23 -42.52
CA HIS F 476 -5.12 15.73 -41.30
C HIS F 476 -6.36 14.88 -40.98
N PRO F 477 -6.59 14.54 -39.70
CA PRO F 477 -7.77 13.75 -39.33
C PRO F 477 -9.08 14.33 -39.82
N TYR F 478 -9.18 15.65 -39.87
CA TYR F 478 -10.42 16.28 -40.31
C TYR F 478 -10.69 16.13 -41.80
N GLU F 479 -9.64 15.84 -42.58
CA GLU F 479 -9.81 15.48 -43.99
C GLU F 479 -10.60 14.18 -44.15
N PHE F 480 -10.50 13.30 -43.15
CA PHE F 480 -11.29 12.05 -43.16
C PHE F 480 -12.74 12.33 -42.85
N ALA F 481 -12.96 13.24 -41.90
CA ALA F 481 -14.30 13.74 -41.62
C ALA F 481 -14.94 14.33 -42.86
N LEU F 482 -14.14 15.05 -43.64
CA LEU F 482 -14.64 15.77 -44.80
C LEU F 482 -14.81 14.92 -46.03
N TYR F 483 -13.86 13.99 -46.24
CA TYR F 483 -13.67 13.39 -47.56
C TYR F 483 -13.69 11.88 -47.67
N TYR F 484 -13.79 11.15 -46.56
CA TYR F 484 -13.72 9.69 -46.68
C TYR F 484 -14.76 9.18 -47.70
N ASP F 485 -15.95 9.77 -47.66
CA ASP F 485 -17.07 9.33 -48.48
C ASP F 485 -17.22 10.09 -49.78
N VAL F 486 -16.15 10.69 -50.30
CA VAL F 486 -16.24 11.41 -51.60
C VAL F 486 -16.63 10.53 -52.79
N26 MXI G . 46.67 14.05 -24.40
C8 MXI G . 45.68 13.16 -24.25
N9 MXI G . 45.92 11.83 -24.45
C10 MXI G . 44.94 10.93 -24.30
C11 MXI G . 43.65 11.30 -23.93
C7 MXI G . 44.40 13.57 -23.90
C6 MXI G . 43.36 12.65 -23.73
C5 MXI G . 42.06 13.05 -23.38
N1 MXI G . 40.96 12.26 -23.55
C2 MXI G . 39.96 12.92 -22.95
C22 MXI G . 38.53 12.47 -22.85
C24 MXI G . 38.30 11.26 -23.75
C23 MXI G . 37.62 13.63 -23.26
C25 MXI G . 38.22 12.04 -21.42
C4 MXI G . 41.65 14.20 -22.66
N3 MXI G . 40.33 14.10 -22.41
C12 MXI G . 42.42 15.45 -22.34
C21 MXI G . 43.69 15.37 -21.91
C20 MXI G . 44.45 16.60 -21.60
C15 MXI G . 43.79 17.81 -21.76
C14 MXI G . 42.47 17.80 -22.19
C13 MXI G . 41.84 16.58 -22.46
C19 MXI G . 45.77 16.54 -21.17
C18 MXI G . 46.44 17.73 -20.87
C17 MXI G . 45.79 18.96 -21.02
C16 MXI G . 44.47 19.00 -21.47
O27 MXI G . 46.56 20.25 -20.71
C28 MXI G . 45.71 21.49 -20.96
MG MG H . 29.74 10.85 -27.38
MG MG I . 34.57 11.61 -28.83
MG MG J . 32.49 12.84 -25.81
O3A P3S K . 32.73 12.31 -29.47
PA P3S K . 31.40 12.72 -28.91
O1A P3S K . 30.96 14.08 -29.36
O2A P3S K . 31.27 12.52 -27.43
NE P3S K . 30.31 11.64 -29.56
SD P3S K . 29.31 11.93 -30.67
OE P3S K . 29.98 12.29 -31.87
CE P3S K . 28.25 13.10 -30.20
CG P3S K . 28.45 10.52 -30.96
CB P3S K . 29.32 9.30 -31.29
CA P3S K . 28.47 8.07 -31.71
N P3S K . 27.56 7.67 -30.64
C P3S K . 29.31 6.88 -32.08
OT P3S K . 30.57 6.94 -32.07
O P3S K . 28.74 5.84 -32.41
P PO4 L . 34.90 14.50 -27.48
O1 PO4 L . 35.05 15.85 -28.09
O2 PO4 L . 35.27 13.44 -28.48
O3 PO4 L . 33.45 14.32 -27.10
O4 PO4 L . 35.79 14.42 -26.27
CL CL M . 30.07 -12.08 -39.45
N26 MXI N . 44.82 -30.64 4.02
C8 MXI N . 43.49 -30.56 3.83
N9 MXI N . 42.69 -31.57 4.23
C10 MXI N . 41.35 -31.51 4.06
C11 MXI N . 40.74 -30.41 3.45
C7 MXI N . 42.92 -29.44 3.22
C6 MXI N . 41.54 -29.34 3.02
C5 MXI N . 40.95 -28.22 2.42
N1 MXI N . 39.69 -28.22 1.90
C2 MXI N . 39.43 -26.93 1.59
C22 MXI N . 38.16 -26.42 0.97
C24 MXI N . 37.31 -27.58 0.49
C23 MXI N . 38.52 -25.51 -0.20
C25 MXI N . 37.36 -25.63 2.01
C4 MXI N . 41.41 -26.88 2.42
N3 MXI N . 40.44 -26.11 1.88
C12 MXI N . 42.78 -26.32 2.74
C21 MXI N . 43.44 -26.76 3.83
C20 MXI N . 44.78 -26.24 4.14
C15 MXI N . 45.30 -25.28 3.30
C14 MXI N . 44.55 -24.87 2.20
C13 MXI N . 43.29 -25.44 1.98
C19 MXI N . 45.49 -26.68 5.26
C18 MXI N . 46.75 -26.14 5.52
C17 MXI N . 47.29 -25.18 4.67
C16 MXI N . 46.57 -24.75 3.56
O27 MXI N . 48.67 -24.61 4.98
C28 MXI N . 49.09 -23.59 3.94
MG MG O . 32.30 -25.56 -7.01
MG MG P . 36.13 -28.54 -5.67
MG MG Q . 35.29 -24.84 -4.91
O3A P3S R . 35.64 -27.59 -7.34
PA P3S R . 34.95 -26.32 -7.77
O1A P3S R . 35.79 -25.59 -8.80
O2A P3S R . 34.47 -25.51 -6.62
NE P3S R . 33.55 -26.76 -8.56
SD P3S R . 33.39 -26.72 -10.08
OE P3S R . 34.39 -27.55 -10.70
CE P3S R . 33.50 -25.17 -10.72
CG P3S R . 31.84 -27.28 -10.47
CB P3S R . 31.51 -28.63 -9.81
CA P3S R . 30.19 -29.24 -10.31
N P3S R . 29.07 -28.41 -9.89
C P3S R . 29.92 -30.62 -9.77
OT P3S R . 30.78 -31.22 -9.09
O P3S R . 28.79 -31.12 -10.01
P PO4 S . 38.29 -26.14 -5.24
O1 PO4 S . 39.53 -25.83 -6.04
O2 PO4 S . 37.95 -27.58 -5.53
O3 PO4 S . 37.14 -25.25 -5.69
O4 PO4 S . 38.51 -25.92 -3.75
CL CL T . 17.68 -46.78 -9.50
N26 MXI U . 4.53 -39.21 37.58
C8 MXI U . 3.77 -38.57 36.67
N9 MXI U . 2.42 -38.52 36.80
C10 MXI U . 1.67 -37.89 35.88
C11 MXI U . 2.23 -37.26 34.77
C7 MXI U . 4.37 -37.96 35.56
C6 MXI U . 3.62 -37.29 34.60
C5 MXI U . 4.20 -36.66 33.49
N1 MXI U . 3.52 -36.35 32.35
C2 MXI U . 4.38 -35.61 31.61
C22 MXI U . 4.08 -35.02 30.25
C24 MXI U . 2.78 -35.59 29.71
C23 MXI U . 5.23 -35.38 29.32
C25 MXI U . 3.94 -33.52 30.36
C4 MXI U . 5.50 -36.09 33.37
N3 MXI U . 5.57 -35.44 32.19
C12 MXI U . 6.70 -36.27 34.24
C21 MXI U . 6.57 -36.20 35.58
C20 MXI U . 7.76 -36.39 36.45
C15 MXI U . 8.98 -36.61 35.83
C14 MXI U . 9.01 -36.65 34.44
C13 MXI U . 7.84 -36.46 33.70
C19 MXI U . 7.65 -36.33 37.84
C18 MXI U . 8.80 -36.50 38.62
C17 MXI U . 10.03 -36.73 38.01
C16 MXI U . 10.11 -36.78 36.60
O27 MXI U . 11.27 -36.92 38.87
C28 MXI U . 12.53 -37.13 38.04
MG MG V . 2.54 -36.37 20.46
MG MG W . 2.62 -39.24 24.57
MG MG X . 4.59 -36.22 23.60
O3A P3S Y . 3.34 -39.50 22.74
PA P3S Y . 3.95 -38.68 21.64
O1A P3S Y . 5.25 -39.28 21.13
O2A P3S Y . 3.99 -37.22 22.01
NE P3S Y . 2.88 -38.69 20.37
SD P3S Y . 3.09 -39.51 19.10
OE P3S Y . 3.23 -40.91 19.45
CE P3S Y . 4.47 -39.06 18.28
CG P3S Y . 1.78 -39.32 18.08
CB P3S Y . 0.44 -39.60 18.77
CA P3S Y . -0.78 -39.49 17.80
N P3S Y . -0.90 -38.14 17.24
C P3S Y . -2.10 -39.83 18.45
OT P3S Y . -2.15 -40.18 19.64
O P3S Y . -3.15 -39.74 17.79
P PO4 Z . 5.61 -38.63 25.47
O1 PO4 Z . 6.86 -39.49 25.52
O2 PO4 Z . 4.40 -39.52 25.48
O3 PO4 Z . 5.69 -37.83 24.18
O4 PO4 Z . 5.61 -37.70 26.68
CL CL AA . -22.02 -43.21 16.03
N26 MXI BA . -34.07 -3.14 42.43
C8 MXI BA . -33.88 -2.94 41.12
N9 MXI BA . -34.74 -2.17 40.42
C10 MXI BA . -34.58 -1.95 39.11
C11 MXI BA . -33.52 -2.54 38.42
C7 MXI BA . -32.83 -3.56 40.45
C6 MXI BA . -32.62 -3.37 39.09
C5 MXI BA . -31.56 -3.97 38.39
N1 MXI BA . -31.51 -4.11 37.04
C2 MXI BA . -30.27 -4.56 36.76
C22 MXI BA . -29.74 -4.87 35.39
C24 MXI BA . -30.88 -4.85 34.39
C23 MXI BA . -29.08 -6.25 35.43
C25 MXI BA . -28.72 -3.82 34.97
C4 MXI BA . -30.29 -4.37 38.90
N3 MXI BA . -29.50 -4.73 37.85
C12 MXI BA . -29.84 -4.58 40.32
C21 MXI BA . -30.15 -3.67 41.27
C20 MXI BA . -29.72 -3.86 42.66
C15 MXI BA . -28.98 -4.99 42.94
C14 MXI BA . -28.69 -5.89 41.91
C13 MXI BA . -29.14 -5.61 40.61
C19 MXI BA . -30.04 -2.94 43.66
C18 MXI BA . -29.61 -3.15 44.96
C17 MXI BA . -28.86 -4.30 45.26
C16 MXI BA . -28.54 -5.22 44.25
O27 MXI BA . -28.39 -4.52 46.68
C28 MXI BA . -27.60 -5.80 46.81
MG MG CA . -29.66 -10.86 27.41
MG MG DA . -32.71 -10.13 31.30
MG MG EA . -28.88 -9.89 30.91
O3A P3S FA . -32.13 -11.76 30.38
PA P3S FA . -30.84 -12.24 29.73
O1A P3S FA . -30.36 -13.59 30.24
O2A P3S FA . -29.74 -11.20 29.64
NE P3S FA . -31.23 -12.43 28.11
SD P3S FA . -31.48 -13.78 27.46
OE P3S FA . -32.57 -14.44 28.15
CE P3S FA . -30.12 -14.76 27.53
CG P3S FA . -31.93 -13.58 25.87
CB P3S FA . -33.12 -12.62 25.68
CA P3S FA . -33.63 -12.57 24.23
N P3S FA . -32.60 -12.06 23.32
C P3S FA . -34.87 -11.71 24.07
OT P3S FA . -35.43 -11.17 25.05
O P3S FA . -35.36 -11.53 22.93
P PO4 GA . -30.56 -10.71 33.66
O1 PO4 GA . -30.35 -11.87 34.58
O2 PO4 GA . -31.98 -10.63 33.21
O3 PO4 GA . -29.68 -11.01 32.45
O4 PO4 GA . -30.15 -9.43 34.32
CL CL HA . -49.37 -4.74 11.67
N26 MXI IA . -32.32 41.56 13.94
C8 MXI IA . -31.77 40.78 12.97
N9 MXI IA . -31.55 41.27 11.73
C10 MXI IA . -31.01 40.52 10.76
C11 MXI IA . -30.66 39.20 11.00
C7 MXI IA . -31.43 39.46 13.23
C6 MXI IA . -30.86 38.64 12.25
C5 MXI IA . -30.50 37.30 12.51
N1 MXI IA . -30.31 36.38 11.52
C2 MXI IA . -29.80 35.30 12.15
C22 MXI IA . -29.43 33.99 11.48
C24 MXI IA . -29.93 33.97 10.06
C23 MXI IA . -30.05 32.85 12.27
C25 MXI IA . -27.92 33.84 11.47
C4 MXI IA . -30.09 36.71 13.73
N3 MXI IA . -29.65 35.45 13.47
C12 MXI IA . -30.24 37.21 15.14
C21 MXI IA . -29.93 38.48 15.44
C20 MXI IA . -30.09 39.00 16.81
C15 MXI IA . -30.54 38.10 17.77
C14 MXI IA . -30.82 36.79 17.38
C13 MXI IA . -30.64 36.41 16.05
C19 MXI IA . -29.80 40.31 17.14
C18 MXI IA . -29.95 40.75 18.46
C17 MXI IA . -30.40 39.86 19.43
C16 MXI IA . -30.70 38.53 19.08
O27 MXI IA . -30.56 40.35 20.86
C28 MXI IA . -31.08 39.26 21.79
MG MG JA . -32.35 25.62 7.05
MG MG KA . -34.49 29.88 8.06
MG MG LA . -31.79 27.79 9.78
O3A P3S MA . -35.01 28.08 8.16
PA P3S MA . -34.48 26.71 8.51
O1A P3S MA . -35.28 25.98 9.58
O2A P3S MA . -32.99 26.72 8.78
NE P3S MA . -34.61 25.81 7.11
SD P3S MA . -35.69 24.76 6.86
OE P3S MA . -37.03 25.28 7.02
CE P3S MA . -35.50 23.45 7.88
CG P3S MA . -35.49 24.15 5.31
CB P3S MA . -35.48 25.24 4.23
CA P3S MA . -35.45 24.65 2.80
N P3S MA . -34.22 23.90 2.54
C P3S MA . -35.55 25.72 1.73
OT P3S MA . -35.73 26.92 2.01
O P3S MA . -35.41 25.35 0.54
P PO4 NA . -34.00 29.85 11.26
O1 PO4 NA . -35.01 29.71 12.37
O2 PO4 NA . -34.70 30.40 10.07
O3 PO4 NA . -33.50 28.47 10.95
O4 PO4 NA . -32.87 30.77 11.68
CL CL OA . -37.05 30.04 -18.11
N26 MXI PA . 8.04 50.25 -19.53
C8 MXI PA . 8.01 48.92 -19.75
N9 MXI PA . 8.76 48.36 -20.74
C10 MXI PA . 8.73 47.03 -20.96
C11 MXI PA . 7.92 46.19 -20.20
C7 MXI PA . 7.18 48.11 -18.99
C6 MXI PA . 7.12 46.73 -19.19
C5 MXI PA . 6.31 45.89 -18.42
N1 MXI PA . 5.93 44.64 -18.80
C2 MXI PA . 5.30 44.12 -17.73
C22 MXI PA . 4.71 42.74 -17.66
C24 MXI PA . 4.70 42.09 -19.03
C23 MXI PA . 3.29 42.87 -17.08
C25 MXI PA . 5.55 41.86 -16.75
C4 MXI PA . 5.86 46.09 -17.08
N3 MXI PA . 5.25 44.95 -16.69
C12 MXI PA . 5.87 47.32 -16.23
C21 MXI PA . 6.96 48.12 -16.20
C20 MXI PA . 6.96 49.33 -15.37
C15 MXI PA . 5.84 49.59 -14.62
C14 MXI PA . 4.76 48.72 -14.69
C13 MXI PA . 4.84 47.60 -15.52
C19 MXI PA . 8.07 50.18 -15.34
C18 MXI PA . 8.04 51.30 -14.53
C17 MXI PA . 6.89 51.59 -13.77
C16 MXI PA . 5.79 50.73 -13.81
O27 MXI PA . 6.87 52.83 -12.89
C28 MXI PA . 5.54 53.01 -12.17
MG MG QA . -2.52 36.49 -20.37
MG MG RA . -0.76 40.84 -21.94
MG MG SA . -1.06 39.29 -18.48
O3A P3S TA . -2.69 40.08 -21.71
PA P3S TA . -3.41 39.19 -20.78
O1A P3S TA . -4.68 39.82 -20.22
O2A P3S TA . -2.52 38.58 -19.73
NE P3S TA . -3.83 37.89 -21.74
SD P3S TA . -5.25 37.63 -22.17
OE P3S TA . -5.75 38.72 -22.97
CE P3S TA . -6.30 37.41 -20.88
CG P3S TA . -5.28 36.23 -23.11
CB P3S TA . -4.28 36.23 -24.26
CA P3S TA . -4.41 34.99 -25.17
N P3S TA . -4.17 33.72 -24.47
C P3S TA . -3.44 35.01 -26.33
OT P3S TA . -2.66 35.97 -26.56
O P3S TA . -3.41 33.99 -27.05
P PO4 UA . -1.28 42.51 -19.26
O1 PO4 UA . -2.27 43.59 -18.96
O2 PO4 UA . -1.08 42.49 -20.75
O3 PO4 UA . -1.90 41.22 -18.78
O4 PO4 UA . 0.05 42.74 -18.58
CL CL VA . 2.58 26.30 -43.60
#